data_1FJC
#
_entry.id   1FJC
#
_cell.length_a   1.000
_cell.length_b   1.000
_cell.length_c   1.000
_cell.angle_alpha   90.00
_cell.angle_beta   90.00
_cell.angle_gamma   90.00
#
_symmetry.space_group_name_H-M   'P 1'
#
_entity_poly.entity_id   1
_entity_poly.type   'polypeptide(L)'
_entity_poly.pdbx_seq_one_letter_code
;SHMLEDPCTSKKVRAARTLLAKNLSFNITEDELKEVFEDALEIRLVSQDGKSKGIAYIEFKSEADAEKNLEEKQGAEIDG
RSVSLYYTGEKGGTRG
;
_entity_poly.pdbx_strand_id   A
#
# COMPACT_ATOMS: atom_id res chain seq x y z
N SER A 1 -4.07 -14.02 27.26
CA SER A 1 -2.77 -14.41 26.66
C SER A 1 -2.89 -15.77 25.97
N HIS A 2 -3.79 -16.60 26.43
CA HIS A 2 -3.96 -17.95 25.79
C HIS A 2 -4.20 -17.79 24.29
N MET A 3 -5.18 -17.01 23.92
CA MET A 3 -5.47 -16.82 22.47
C MET A 3 -5.63 -18.17 21.78
N LEU A 4 -5.98 -18.17 20.52
CA LEU A 4 -6.15 -19.47 19.80
C LEU A 4 -4.94 -19.74 18.90
N GLU A 5 -4.34 -18.70 18.37
CA GLU A 5 -3.16 -18.89 17.49
C GLU A 5 -2.61 -17.54 17.04
N ASP A 6 -1.61 -17.04 17.70
CA ASP A 6 -1.03 -15.73 17.31
C ASP A 6 0.13 -15.35 18.24
N PRO A 7 1.15 -16.17 18.21
CA PRO A 7 2.35 -15.94 19.05
C PRO A 7 3.30 -14.94 18.40
N CYS A 8 2.81 -14.10 17.53
CA CYS A 8 3.69 -13.11 16.86
C CYS A 8 3.35 -11.70 17.33
N THR A 9 2.50 -11.58 18.33
CA THR A 9 2.13 -10.23 18.86
C THR A 9 1.25 -9.50 17.85
N SER A 10 0.93 -10.12 16.75
CA SER A 10 0.07 -9.45 15.74
C SER A 10 0.73 -8.15 15.25
N LYS A 11 2.03 -8.10 15.24
CA LYS A 11 2.73 -6.87 14.78
C LYS A 11 2.99 -6.94 13.28
N LYS A 12 3.62 -7.99 12.83
CA LYS A 12 3.90 -8.12 11.36
C LYS A 12 2.67 -8.66 10.65
N VAL A 13 1.57 -8.76 11.34
CA VAL A 13 0.33 -9.27 10.70
C VAL A 13 -0.51 -8.09 10.22
N ARG A 14 -0.31 -6.94 10.79
CA ARG A 14 -1.10 -5.74 10.37
C ARG A 14 -0.57 -5.23 9.03
N ALA A 15 0.72 -5.31 8.81
CA ALA A 15 1.29 -4.82 7.53
C ALA A 15 0.80 -5.67 6.36
N ALA A 16 0.28 -6.83 6.64
CA ALA A 16 -0.22 -7.71 5.54
C ALA A 16 -1.38 -7.05 4.81
N ARG A 17 -2.27 -6.43 5.54
CA ARG A 17 -3.42 -5.75 4.88
C ARG A 17 -3.04 -4.32 4.50
N THR A 18 -1.78 -4.05 4.37
CA THR A 18 -1.35 -2.67 3.99
C THR A 18 -0.21 -2.73 2.97
N LEU A 19 -0.13 -1.74 2.11
CA LEU A 19 0.96 -1.73 1.09
C LEU A 19 1.41 -0.30 0.80
N LEU A 20 2.58 -0.13 0.27
CA LEU A 20 3.08 1.24 -0.03
C LEU A 20 2.89 1.57 -1.52
N ALA A 21 2.40 2.74 -1.82
CA ALA A 21 2.21 3.11 -3.24
C ALA A 21 3.42 3.91 -3.74
N LYS A 22 3.96 3.55 -4.86
CA LYS A 22 5.14 4.29 -5.40
C LYS A 22 4.93 4.67 -6.86
N ASN A 23 5.91 5.26 -7.47
CA ASN A 23 5.77 5.67 -8.90
C ASN A 23 4.66 6.70 -9.05
N LEU A 24 4.23 7.28 -7.96
CA LEU A 24 3.14 8.31 -8.04
C LEU A 24 3.65 9.56 -8.76
N SER A 25 3.22 10.71 -8.34
CA SER A 25 3.68 11.96 -9.00
C SER A 25 3.48 13.17 -8.06
N PHE A 26 4.00 14.30 -8.44
CA PHE A 26 3.83 15.50 -7.56
C PHE A 26 2.39 16.01 -7.63
N ASN A 27 1.60 15.46 -8.51
CA ASN A 27 0.18 15.90 -8.62
C ASN A 27 -0.75 14.93 -7.90
N ILE A 28 -0.59 13.65 -8.14
CA ILE A 28 -1.47 12.66 -7.47
C ILE A 28 -1.47 12.89 -5.95
N THR A 29 -2.34 12.24 -5.25
CA THR A 29 -2.39 12.42 -3.77
C THR A 29 -3.23 11.31 -3.12
N GLU A 30 -3.39 11.36 -1.82
CA GLU A 30 -4.20 10.32 -1.14
C GLU A 30 -5.55 10.18 -1.85
N ASP A 31 -6.05 11.26 -2.39
CA ASP A 31 -7.35 11.19 -3.12
C ASP A 31 -7.23 10.21 -4.28
N GLU A 32 -6.28 10.43 -5.15
CA GLU A 32 -6.11 9.48 -6.30
C GLU A 32 -5.80 8.09 -5.76
N LEU A 33 -5.08 8.01 -4.69
CA LEU A 33 -4.75 6.68 -4.10
C LEU A 33 -6.03 6.10 -3.52
N LYS A 34 -6.84 6.93 -2.92
CA LYS A 34 -8.11 6.43 -2.34
C LYS A 34 -9.09 6.18 -3.47
N GLU A 35 -8.91 6.86 -4.57
CA GLU A 35 -9.80 6.65 -5.73
C GLU A 35 -9.33 5.45 -6.54
N VAL A 36 -8.06 5.13 -6.44
CA VAL A 36 -7.53 3.95 -7.19
C VAL A 36 -7.79 2.69 -6.37
N PHE A 37 -7.58 2.74 -5.09
CA PHE A 37 -7.82 1.56 -4.24
C PHE A 37 -9.32 1.44 -3.93
N GLU A 38 -9.90 2.51 -3.49
CA GLU A 38 -11.36 2.49 -3.16
C GLU A 38 -11.72 1.18 -2.44
N ASP A 39 -10.79 0.58 -1.76
CA ASP A 39 -11.10 -0.70 -1.05
C ASP A 39 -10.19 -0.85 0.17
N ALA A 40 -9.54 0.19 0.59
CA ALA A 40 -8.64 0.08 1.77
C ALA A 40 -9.14 0.99 2.90
N LEU A 41 -8.54 0.91 4.05
CA LEU A 41 -8.98 1.77 5.18
C LEU A 41 -8.54 3.20 4.94
N GLU A 42 -7.33 3.39 4.47
CA GLU A 42 -6.83 4.77 4.22
C GLU A 42 -5.43 4.72 3.60
N ILE A 43 -5.00 5.79 2.99
CA ILE A 43 -3.65 5.81 2.36
C ILE A 43 -2.81 6.94 2.95
N ARG A 44 -1.54 6.73 3.05
CA ARG A 44 -0.64 7.79 3.59
C ARG A 44 0.27 8.31 2.48
N LEU A 45 0.94 9.41 2.69
CA LEU A 45 1.84 9.96 1.63
C LEU A 45 3.30 9.79 2.04
N VAL A 46 4.19 9.87 1.09
CA VAL A 46 5.63 9.71 1.42
C VAL A 46 6.50 10.42 0.37
N SER A 47 7.38 11.29 0.82
CA SER A 47 8.27 12.03 -0.11
C SER A 47 9.72 11.94 0.37
N GLN A 48 10.56 12.83 -0.07
CA GLN A 48 11.99 12.80 0.36
C GLN A 48 12.15 13.51 1.70
N ASP A 49 13.36 13.71 2.13
CA ASP A 49 13.59 14.41 3.44
C ASP A 49 12.66 15.63 3.55
N GLY A 50 12.27 16.18 2.43
CA GLY A 50 11.37 17.37 2.47
C GLY A 50 10.99 17.76 1.03
N LYS A 51 10.49 16.84 0.27
CA LYS A 51 10.11 17.16 -1.14
C LYS A 51 9.34 15.98 -1.73
N SER A 52 8.11 16.19 -2.12
CA SER A 52 7.30 15.08 -2.69
C SER A 52 8.17 14.18 -3.56
N LYS A 53 8.12 12.91 -3.30
CA LYS A 53 8.93 11.95 -4.11
C LYS A 53 7.99 11.06 -4.91
N GLY A 54 6.75 11.00 -4.51
CA GLY A 54 5.77 10.16 -5.24
C GLY A 54 5.52 8.87 -4.47
N ILE A 55 5.73 8.85 -3.17
CA ILE A 55 5.49 7.60 -2.40
C ILE A 55 4.29 7.80 -1.48
N ALA A 56 3.63 6.74 -1.11
CA ALA A 56 2.45 6.87 -0.20
C ALA A 56 2.14 5.52 0.45
N TYR A 57 1.72 5.53 1.69
CA TYR A 57 1.41 4.25 2.36
C TYR A 57 -0.06 3.89 2.13
N ILE A 58 -0.41 2.64 2.24
CA ILE A 58 -1.83 2.25 2.00
C ILE A 58 -2.20 1.09 2.91
N GLU A 59 -3.14 1.28 3.80
CA GLU A 59 -3.55 0.17 4.71
C GLU A 59 -4.98 -0.26 4.39
N PHE A 60 -5.14 -1.44 3.87
CA PHE A 60 -6.51 -1.92 3.52
C PHE A 60 -7.17 -2.57 4.75
N LYS A 61 -8.37 -3.06 4.59
CA LYS A 61 -9.07 -3.70 5.74
C LYS A 61 -8.55 -5.13 5.94
N SER A 62 -7.92 -5.68 4.94
CA SER A 62 -7.39 -7.07 5.07
C SER A 62 -6.36 -7.35 3.97
N GLU A 63 -5.55 -8.36 4.14
CA GLU A 63 -4.53 -8.68 3.10
C GLU A 63 -5.22 -8.88 1.75
N ALA A 64 -6.32 -9.57 1.71
CA ALA A 64 -7.03 -9.78 0.43
C ALA A 64 -7.44 -8.44 -0.16
N ASP A 65 -7.76 -7.49 0.67
CA ASP A 65 -8.15 -6.15 0.16
C ASP A 65 -6.92 -5.45 -0.40
N ALA A 66 -5.90 -5.33 0.41
CA ALA A 66 -4.65 -4.67 -0.08
C ALA A 66 -4.05 -5.50 -1.23
N GLU A 67 -4.23 -6.79 -1.22
CA GLU A 67 -3.68 -7.64 -2.30
C GLU A 67 -4.58 -7.55 -3.54
N LYS A 68 -5.86 -7.74 -3.37
CA LYS A 68 -6.78 -7.66 -4.53
C LYS A 68 -6.65 -6.30 -5.19
N ASN A 69 -6.51 -5.27 -4.40
CA ASN A 69 -6.37 -3.90 -4.98
C ASN A 69 -4.95 -3.73 -5.54
N LEU A 70 -3.96 -4.01 -4.74
CA LEU A 70 -2.55 -3.87 -5.23
C LEU A 70 -2.38 -4.62 -6.55
N GLU A 71 -3.10 -5.70 -6.73
CA GLU A 71 -2.98 -6.47 -8.00
C GLU A 71 -4.04 -6.00 -9.00
N GLU A 72 -5.27 -5.97 -8.59
CA GLU A 72 -6.35 -5.53 -9.52
C GLU A 72 -5.99 -4.20 -10.18
N LYS A 73 -5.25 -3.37 -9.51
CA LYS A 73 -4.88 -2.05 -10.10
C LYS A 73 -3.38 -2.02 -10.43
N GLN A 74 -2.55 -2.13 -9.44
CA GLN A 74 -1.08 -2.11 -9.67
C GLN A 74 -0.73 -1.08 -10.75
N GLY A 75 -0.55 0.15 -10.36
CA GLY A 75 -0.21 1.20 -11.37
C GLY A 75 -1.45 2.03 -11.67
N ALA A 76 -2.46 1.42 -12.23
CA ALA A 76 -3.71 2.16 -12.56
C ALA A 76 -3.41 3.33 -13.50
N GLU A 77 -2.26 3.31 -14.11
CA GLU A 77 -1.86 4.40 -15.06
C GLU A 77 -2.48 5.75 -14.65
N ILE A 78 -1.78 6.51 -13.85
CA ILE A 78 -2.32 7.84 -13.41
C ILE A 78 -1.22 8.88 -13.48
N ASP A 79 -1.59 10.14 -13.49
CA ASP A 79 -0.55 11.19 -13.55
C ASP A 79 0.52 10.83 -14.59
N GLY A 80 0.13 10.22 -15.67
CA GLY A 80 1.10 9.85 -16.71
C GLY A 80 2.04 8.77 -16.18
N ARG A 81 1.71 8.18 -15.07
CA ARG A 81 2.58 7.10 -14.49
C ARG A 81 1.74 6.14 -13.66
N SER A 82 1.94 4.86 -13.82
CA SER A 82 1.15 3.89 -13.02
C SER A 82 1.65 3.84 -11.58
N VAL A 83 0.76 3.99 -10.63
CA VAL A 83 1.18 3.94 -9.21
C VAL A 83 1.69 2.55 -8.85
N SER A 84 2.94 2.44 -8.46
CA SER A 84 3.49 1.10 -8.10
C SER A 84 2.96 0.65 -6.73
N LEU A 85 2.68 -0.60 -6.59
CA LEU A 85 2.16 -1.09 -5.27
C LEU A 85 3.26 -1.87 -4.53
N TYR A 86 3.66 -1.38 -3.39
CA TYR A 86 4.73 -2.09 -2.63
C TYR A 86 4.15 -2.65 -1.33
N TYR A 87 3.78 -3.89 -1.33
CA TYR A 87 3.21 -4.51 -0.10
C TYR A 87 4.13 -4.27 1.08
N THR A 88 3.84 -4.89 2.19
CA THR A 88 4.71 -4.72 3.40
C THR A 88 4.28 -5.67 4.51
N GLY A 89 3.84 -6.84 4.16
CA GLY A 89 3.40 -7.82 5.20
C GLY A 89 4.38 -9.00 5.26
N GLU A 90 5.34 -8.98 4.39
CA GLU A 90 6.34 -10.08 4.38
C GLU A 90 7.39 -9.83 3.29
N LYS A 91 7.66 -8.59 2.98
CA LYS A 91 8.66 -8.27 1.93
C LYS A 91 9.61 -7.17 2.41
N GLY A 92 9.10 -5.98 2.62
CA GLY A 92 9.96 -4.87 3.08
C GLY A 92 10.84 -5.35 4.24
N GLY A 93 11.77 -4.55 4.67
CA GLY A 93 12.66 -4.96 5.79
C GLY A 93 13.52 -3.78 6.23
N THR A 94 13.29 -3.27 7.41
CA THR A 94 14.11 -2.11 7.89
C THR A 94 14.24 -2.16 9.42
N ARG A 95 15.22 -2.87 9.90
CA ARG A 95 15.41 -2.98 11.38
C ARG A 95 15.16 -1.61 12.05
N GLY A 96 14.09 -1.50 12.77
CA GLY A 96 13.78 -0.20 13.45
C GLY A 96 13.06 -0.47 14.77
N SER A 1 -9.32 -18.25 10.82
CA SER A 1 -9.22 -19.74 10.81
C SER A 1 -10.30 -20.34 11.72
N HIS A 2 -10.43 -19.85 12.92
CA HIS A 2 -11.47 -20.39 13.84
C HIS A 2 -11.78 -19.37 14.94
N MET A 3 -10.79 -18.70 15.44
CA MET A 3 -11.02 -17.69 16.52
C MET A 3 -10.01 -16.56 16.42
N LEU A 4 -10.28 -15.44 17.04
CA LEU A 4 -9.32 -14.30 16.98
C LEU A 4 -9.80 -13.16 17.89
N GLU A 5 -8.90 -12.52 18.57
CA GLU A 5 -9.31 -11.39 19.47
C GLU A 5 -8.07 -10.75 20.11
N ASP A 6 -7.39 -9.90 19.39
CA ASP A 6 -6.19 -9.24 19.96
C ASP A 6 -5.18 -10.31 20.43
N PRO A 7 -4.17 -10.51 19.62
CA PRO A 7 -3.13 -11.50 19.94
C PRO A 7 -2.08 -10.93 20.89
N CYS A 8 -2.43 -9.93 21.65
CA CYS A 8 -1.44 -9.32 22.60
C CYS A 8 -0.30 -8.67 21.81
N THR A 9 -0.53 -8.32 20.58
CA THR A 9 0.52 -7.68 19.76
C THR A 9 -0.06 -7.21 18.42
N SER A 10 -0.33 -8.13 17.54
CA SER A 10 -0.90 -7.75 16.22
C SER A 10 -0.04 -6.67 15.56
N LYS A 11 1.24 -6.67 15.83
CA LYS A 11 2.13 -5.64 15.21
C LYS A 11 2.43 -6.01 13.76
N LYS A 12 2.83 -7.23 13.52
CA LYS A 12 3.13 -7.64 12.12
C LYS A 12 1.85 -8.08 11.42
N VAL A 13 0.72 -7.81 12.02
CA VAL A 13 -0.57 -8.19 11.39
C VAL A 13 -1.19 -6.99 10.70
N ARG A 14 -0.82 -5.81 11.11
CA ARG A 14 -1.38 -4.58 10.47
C ARG A 14 -0.62 -4.25 9.18
N ALA A 15 0.64 -4.63 9.12
CA ALA A 15 1.43 -4.34 7.89
C ALA A 15 0.99 -5.25 6.74
N ALA A 16 0.35 -6.35 7.05
CA ALA A 16 -0.12 -7.26 5.97
C ALA A 16 -1.24 -6.62 5.17
N ARG A 17 -2.16 -5.97 5.83
CA ARG A 17 -3.27 -5.32 5.10
C ARG A 17 -2.89 -3.89 4.72
N THR A 18 -1.61 -3.62 4.61
CA THR A 18 -1.17 -2.24 4.25
C THR A 18 0.01 -2.29 3.27
N LEU A 19 0.08 -1.36 2.36
CA LEU A 19 1.21 -1.33 1.39
C LEU A 19 1.63 0.10 1.10
N LEU A 20 2.76 0.29 0.48
CA LEU A 20 3.23 1.68 0.18
C LEU A 20 3.13 1.97 -1.33
N ALA A 21 2.36 2.97 -1.69
CA ALA A 21 2.24 3.31 -3.14
C ALA A 21 3.50 4.05 -3.60
N LYS A 22 3.98 3.76 -4.78
CA LYS A 22 5.21 4.45 -5.27
C LYS A 22 5.03 4.90 -6.71
N ASN A 23 6.06 5.46 -7.29
CA ASN A 23 5.96 5.92 -8.71
C ASN A 23 4.78 6.89 -8.86
N LEU A 24 4.30 7.43 -7.77
CA LEU A 24 3.15 8.38 -7.85
C LEU A 24 3.60 9.70 -8.47
N SER A 25 2.89 10.76 -8.22
CA SER A 25 3.28 12.08 -8.80
C SER A 25 3.37 13.14 -7.70
N PHE A 26 3.54 14.38 -8.08
CA PHE A 26 3.63 15.46 -7.05
C PHE A 26 2.23 16.04 -6.77
N ASN A 27 1.34 15.93 -7.71
CA ASN A 27 -0.03 16.47 -7.51
C ASN A 27 -0.95 15.39 -6.93
N ILE A 28 -0.80 14.17 -7.37
CA ILE A 28 -1.68 13.09 -6.85
C ILE A 28 -1.85 13.22 -5.33
N THR A 29 -2.85 12.59 -4.78
CA THR A 29 -3.07 12.69 -3.31
C THR A 29 -3.91 11.51 -2.79
N GLU A 30 -4.19 11.49 -1.52
CA GLU A 30 -5.01 10.37 -0.96
C GLU A 30 -6.29 10.22 -1.76
N ASP A 31 -6.80 11.30 -2.28
CA ASP A 31 -8.06 11.22 -3.08
C ASP A 31 -7.83 10.28 -4.27
N GLU A 32 -6.78 10.49 -5.00
CA GLU A 32 -6.49 9.61 -6.17
C GLU A 32 -6.11 8.21 -5.67
N LEU A 33 -5.40 8.15 -4.58
CA LEU A 33 -5.02 6.83 -4.03
C LEU A 33 -6.27 6.15 -3.49
N LYS A 34 -7.12 6.92 -2.87
CA LYS A 34 -8.37 6.34 -2.34
C LYS A 34 -9.32 6.08 -3.51
N GLU A 35 -9.11 6.78 -4.58
CA GLU A 35 -9.96 6.59 -5.78
C GLU A 35 -9.43 5.40 -6.58
N VAL A 36 -8.16 5.12 -6.46
CA VAL A 36 -7.59 3.97 -7.20
C VAL A 36 -7.85 2.68 -6.42
N PHE A 37 -7.66 2.73 -5.13
CA PHE A 37 -7.90 1.53 -4.31
C PHE A 37 -9.40 1.32 -4.09
N GLU A 38 -10.10 2.39 -3.82
CA GLU A 38 -11.58 2.30 -3.60
C GLU A 38 -11.93 1.02 -2.83
N ASP A 39 -11.06 0.56 -1.98
CA ASP A 39 -11.35 -0.68 -1.21
C ASP A 39 -10.59 -0.68 0.11
N ALA A 40 -9.40 -0.17 0.12
CA ALA A 40 -8.61 -0.14 1.38
C ALA A 40 -9.32 0.71 2.45
N LEU A 41 -8.64 1.01 3.52
CA LEU A 41 -9.27 1.84 4.59
C LEU A 41 -8.82 3.29 4.45
N GLU A 42 -7.56 3.48 4.24
CA GLU A 42 -7.04 4.89 4.10
C GLU A 42 -5.70 4.90 3.37
N ILE A 43 -5.26 6.04 2.94
CA ILE A 43 -3.96 6.12 2.21
C ILE A 43 -3.12 7.28 2.73
N ARG A 44 -1.83 7.13 2.72
CA ARG A 44 -0.93 8.21 3.19
C ARG A 44 0.08 8.57 2.10
N LEU A 45 0.79 9.65 2.25
CA LEU A 45 1.78 10.04 1.20
C LEU A 45 3.20 9.85 1.71
N VAL A 46 4.16 9.84 0.83
CA VAL A 46 5.57 9.64 1.27
C VAL A 46 6.54 10.24 0.23
N SER A 47 7.49 11.00 0.69
CA SER A 47 8.48 11.63 -0.23
C SER A 47 9.90 11.25 0.19
N GLN A 48 10.84 12.13 0.00
CA GLN A 48 12.25 11.82 0.39
C GLN A 48 12.63 12.58 1.66
N ASP A 49 13.86 13.00 1.78
CA ASP A 49 14.28 13.75 3.00
C ASP A 49 13.43 15.00 3.18
N GLY A 50 12.85 15.49 2.11
CA GLY A 50 12.01 16.72 2.22
C GLY A 50 11.56 17.15 0.83
N LYS A 51 11.11 16.22 0.02
CA LYS A 51 10.66 16.58 -1.35
C LYS A 51 9.80 15.46 -1.92
N SER A 52 8.56 15.72 -2.21
CA SER A 52 7.66 14.66 -2.76
C SER A 52 8.42 13.77 -3.73
N LYS A 53 8.32 12.49 -3.55
CA LYS A 53 9.03 11.54 -4.46
C LYS A 53 8.02 10.68 -5.19
N GLY A 54 6.81 10.63 -4.69
CA GLY A 54 5.76 9.82 -5.35
C GLY A 54 5.48 8.56 -4.52
N ILE A 55 5.75 8.58 -3.24
CA ILE A 55 5.48 7.38 -2.41
C ILE A 55 4.27 7.64 -1.52
N ALA A 56 3.67 6.62 -0.99
CA ALA A 56 2.49 6.83 -0.11
C ALA A 56 2.14 5.54 0.64
N TYR A 57 1.50 5.67 1.77
CA TYR A 57 1.14 4.44 2.54
C TYR A 57 -0.32 4.10 2.28
N ILE A 58 -0.70 2.86 2.43
CA ILE A 58 -2.12 2.49 2.16
C ILE A 58 -2.55 1.32 3.04
N GLU A 59 -3.56 1.51 3.86
CA GLU A 59 -4.02 0.40 4.74
C GLU A 59 -5.35 -0.14 4.22
N PHE A 60 -5.48 -1.43 4.08
CA PHE A 60 -6.76 -1.98 3.57
C PHE A 60 -7.50 -2.73 4.69
N LYS A 61 -8.71 -3.12 4.41
CA LYS A 61 -9.51 -3.86 5.44
C LYS A 61 -8.83 -5.19 5.79
N SER A 62 -7.93 -5.63 4.97
CA SER A 62 -7.23 -6.92 5.26
C SER A 62 -6.22 -7.23 4.16
N GLU A 63 -5.37 -8.20 4.38
CA GLU A 63 -4.36 -8.55 3.34
C GLU A 63 -5.06 -8.85 2.01
N ALA A 64 -6.19 -9.49 2.05
CA ALA A 64 -6.90 -9.81 0.79
C ALA A 64 -7.28 -8.52 0.06
N ASP A 65 -7.69 -7.52 0.79
CA ASP A 65 -8.04 -6.23 0.15
C ASP A 65 -6.78 -5.57 -0.38
N ALA A 66 -5.81 -5.40 0.49
CA ALA A 66 -4.53 -4.77 0.05
C ALA A 66 -3.86 -5.65 -1.00
N GLU A 67 -4.05 -6.95 -0.93
CA GLU A 67 -3.42 -7.86 -1.94
C GLU A 67 -4.14 -7.70 -3.28
N LYS A 68 -5.43 -7.81 -3.29
CA LYS A 68 -6.17 -7.67 -4.57
C LYS A 68 -5.95 -6.27 -5.14
N ASN A 69 -5.85 -5.28 -4.29
CA ASN A 69 -5.61 -3.90 -4.78
C ASN A 69 -4.17 -3.74 -5.23
N LEU A 70 -3.23 -4.12 -4.41
CA LEU A 70 -1.80 -3.99 -4.79
C LEU A 70 -1.49 -4.85 -6.02
N GLU A 71 -2.23 -5.90 -6.22
CA GLU A 71 -1.98 -6.78 -7.39
C GLU A 71 -2.88 -6.35 -8.56
N GLU A 72 -4.01 -5.77 -8.27
CA GLU A 72 -4.92 -5.34 -9.35
C GLU A 72 -4.78 -3.83 -9.61
N LYS A 73 -4.01 -3.15 -8.81
CA LYS A 73 -3.82 -1.69 -9.01
C LYS A 73 -2.37 -1.37 -9.39
N GLN A 74 -1.45 -2.23 -9.02
CA GLN A 74 -0.02 -2.00 -9.35
C GLN A 74 0.12 -1.40 -10.76
N GLY A 75 0.14 -0.10 -10.84
CA GLY A 75 0.27 0.56 -12.16
C GLY A 75 -0.84 1.61 -12.31
N ALA A 76 -2.06 1.17 -12.41
CA ALA A 76 -3.20 2.13 -12.57
C ALA A 76 -2.81 3.31 -13.45
N GLU A 77 -3.08 3.24 -14.72
CA GLU A 77 -2.70 4.37 -15.62
C GLU A 77 -3.34 5.68 -15.14
N ILE A 78 -2.67 6.39 -14.27
CA ILE A 78 -3.23 7.67 -13.76
C ILE A 78 -2.15 8.74 -13.74
N ASP A 79 -2.48 9.94 -13.34
CA ASP A 79 -1.46 11.02 -13.31
C ASP A 79 -0.58 10.94 -14.57
N GLY A 80 -1.14 10.49 -15.66
CA GLY A 80 -0.35 10.38 -16.90
C GLY A 80 0.79 9.40 -16.69
N ARG A 81 0.58 8.37 -15.90
CA ARG A 81 1.67 7.38 -15.66
C ARG A 81 1.16 6.26 -14.76
N SER A 82 1.86 5.16 -14.71
CA SER A 82 1.42 4.03 -13.86
C SER A 82 2.10 4.10 -12.49
N VAL A 83 1.34 3.96 -11.44
CA VAL A 83 1.93 4.00 -10.07
C VAL A 83 2.29 2.59 -9.61
N SER A 84 3.24 2.46 -8.74
CA SER A 84 3.63 1.11 -8.25
C SER A 84 3.21 0.92 -6.80
N LEU A 85 2.92 -0.29 -6.41
CA LEU A 85 2.51 -0.55 -5.00
C LEU A 85 3.59 -1.33 -4.27
N TYR A 86 3.93 -0.91 -3.08
CA TYR A 86 4.99 -1.62 -2.31
C TYR A 86 4.41 -2.16 -1.00
N TYR A 87 4.00 -3.39 -0.99
CA TYR A 87 3.44 -3.98 0.24
C TYR A 87 4.41 -3.77 1.42
N THR A 88 4.15 -4.38 2.53
CA THR A 88 5.06 -4.22 3.69
C THR A 88 4.56 -5.03 4.88
N GLY A 89 3.97 -6.17 4.64
CA GLY A 89 3.47 -7.01 5.77
C GLY A 89 3.86 -8.46 5.57
N GLU A 90 4.64 -8.71 4.58
CA GLU A 90 5.08 -10.11 4.30
C GLU A 90 6.40 -10.09 3.51
N LYS A 91 6.51 -10.90 2.49
CA LYS A 91 7.77 -10.92 1.69
C LYS A 91 7.56 -10.17 0.37
N GLY A 92 6.52 -10.48 -0.33
CA GLY A 92 6.26 -9.79 -1.63
C GLY A 92 7.55 -9.78 -2.46
N GLY A 93 7.53 -9.11 -3.59
CA GLY A 93 8.75 -9.08 -4.44
C GLY A 93 9.06 -10.49 -4.95
N THR A 94 10.28 -10.72 -5.36
CA THR A 94 10.64 -12.07 -5.87
C THR A 94 12.12 -12.37 -5.57
N ARG A 95 12.66 -11.76 -4.55
CA ARG A 95 14.10 -12.01 -4.23
C ARG A 95 14.95 -11.95 -5.50
N GLY A 96 16.14 -12.50 -5.44
CA GLY A 96 17.02 -12.47 -6.64
C GLY A 96 18.37 -13.09 -6.30
N SER A 1 -2.28 -21.75 32.94
CA SER A 1 -2.33 -20.26 32.83
C SER A 1 -0.97 -19.70 32.42
N HIS A 2 -0.95 -18.77 31.51
CA HIS A 2 0.35 -18.18 31.07
C HIS A 2 0.16 -16.71 30.70
N MET A 3 -0.70 -16.43 29.76
CA MET A 3 -0.91 -15.01 29.37
C MET A 3 -2.29 -14.84 28.72
N LEU A 4 -2.47 -13.83 27.91
CA LEU A 4 -3.79 -13.63 27.25
C LEU A 4 -3.96 -14.59 26.07
N GLU A 5 -3.73 -15.86 26.30
CA GLU A 5 -3.88 -16.84 25.19
C GLU A 5 -3.25 -16.30 23.91
N ASP A 6 -4.03 -15.71 23.04
CA ASP A 6 -3.46 -15.16 21.78
C ASP A 6 -2.40 -14.09 22.09
N PRO A 7 -1.17 -14.43 21.82
CA PRO A 7 -0.06 -13.49 22.07
C PRO A 7 -0.02 -12.40 21.00
N CYS A 8 0.98 -11.56 21.01
CA CYS A 8 1.06 -10.48 19.99
C CYS A 8 1.79 -11.01 18.75
N THR A 9 1.88 -12.30 18.61
CA THR A 9 2.56 -12.89 17.44
C THR A 9 2.12 -12.17 16.16
N SER A 10 0.94 -11.60 16.17
CA SER A 10 0.44 -10.89 14.96
C SER A 10 1.12 -9.52 14.82
N LYS A 11 2.42 -9.48 14.91
CA LYS A 11 3.13 -8.17 14.78
C LYS A 11 3.31 -7.84 13.29
N LYS A 12 3.94 -8.72 12.55
CA LYS A 12 4.14 -8.46 11.10
C LYS A 12 2.86 -8.81 10.34
N VAL A 13 1.82 -9.15 11.06
CA VAL A 13 0.53 -9.50 10.40
C VAL A 13 -0.27 -8.21 10.18
N ARG A 14 -0.08 -7.23 11.02
CA ARG A 14 -0.83 -5.95 10.85
C ARG A 14 -0.42 -5.29 9.54
N ALA A 15 0.84 -5.32 9.21
CA ALA A 15 1.30 -4.70 7.94
C ALA A 15 0.76 -5.49 6.74
N ALA A 16 0.37 -6.72 6.96
CA ALA A 16 -0.16 -7.54 5.83
C ALA A 16 -1.39 -6.86 5.21
N ARG A 17 -2.14 -6.16 6.00
CA ARG A 17 -3.35 -5.47 5.45
C ARG A 17 -2.99 -4.05 5.02
N THR A 18 -1.75 -3.82 4.70
CA THR A 18 -1.32 -2.45 4.27
C THR A 18 -0.16 -2.54 3.28
N LEU A 19 0.01 -1.52 2.48
CA LEU A 19 1.13 -1.53 1.49
C LEU A 19 1.65 -0.12 1.27
N LEU A 20 2.67 0.02 0.48
CA LEU A 20 3.23 1.38 0.24
C LEU A 20 3.13 1.76 -1.25
N ALA A 21 2.41 2.81 -1.54
CA ALA A 21 2.28 3.23 -2.98
C ALA A 21 3.60 3.84 -3.45
N LYS A 22 4.04 3.54 -4.63
CA LYS A 22 5.32 4.11 -5.11
C LYS A 22 5.17 4.62 -6.55
N ASN A 23 6.15 5.33 -7.04
CA ASN A 23 6.07 5.86 -8.43
C ASN A 23 4.88 6.81 -8.57
N LEU A 24 4.32 7.24 -7.47
CA LEU A 24 3.16 8.16 -7.55
C LEU A 24 3.55 9.42 -8.34
N SER A 25 2.83 10.50 -8.19
CA SER A 25 3.17 11.74 -8.94
C SER A 25 3.15 12.94 -8.00
N PHE A 26 3.78 14.02 -8.38
CA PHE A 26 3.79 15.23 -7.52
C PHE A 26 2.41 15.87 -7.50
N ASN A 27 1.57 15.52 -8.43
CA ASN A 27 0.20 16.11 -8.48
C ASN A 27 -0.80 15.17 -7.80
N ILE A 28 -0.76 13.91 -8.12
CA ILE A 28 -1.72 12.96 -7.49
C ILE A 28 -1.78 13.20 -5.98
N THR A 29 -2.72 12.59 -5.31
CA THR A 29 -2.84 12.78 -3.83
C THR A 29 -3.68 11.67 -3.21
N GLU A 30 -3.96 11.77 -1.93
CA GLU A 30 -4.78 10.73 -1.27
C GLU A 30 -6.08 10.52 -2.07
N ASP A 31 -6.56 11.56 -2.69
CA ASP A 31 -7.80 11.44 -3.50
C ASP A 31 -7.58 10.41 -4.61
N GLU A 32 -6.57 10.60 -5.40
CA GLU A 32 -6.29 9.64 -6.50
C GLU A 32 -5.98 8.26 -5.90
N LEU A 33 -5.28 8.24 -4.80
CA LEU A 33 -4.97 6.95 -4.14
C LEU A 33 -6.27 6.39 -3.56
N LYS A 34 -7.10 7.26 -3.06
CA LYS A 34 -8.39 6.80 -2.49
C LYS A 34 -9.32 6.40 -3.64
N GLU A 35 -9.04 6.91 -4.80
CA GLU A 35 -9.87 6.56 -5.98
C GLU A 35 -9.40 5.23 -6.56
N VAL A 36 -8.12 4.98 -6.53
CA VAL A 36 -7.60 3.69 -7.05
C VAL A 36 -7.71 2.62 -5.97
N PHE A 37 -7.48 2.99 -4.75
CA PHE A 37 -7.58 2.01 -3.64
C PHE A 37 -8.90 2.18 -2.88
N GLU A 38 -9.99 2.25 -3.60
CA GLU A 38 -11.31 2.44 -2.93
C GLU A 38 -11.67 1.19 -2.10
N ASP A 39 -10.89 0.15 -2.20
CA ASP A 39 -11.19 -1.08 -1.42
C ASP A 39 -10.31 -1.14 -0.16
N ALA A 40 -9.70 -0.04 0.20
CA ALA A 40 -8.84 -0.05 1.42
C ALA A 40 -9.46 0.81 2.51
N LEU A 41 -8.87 0.84 3.68
CA LEU A 41 -9.42 1.66 4.78
C LEU A 41 -8.98 3.11 4.60
N GLU A 42 -7.71 3.32 4.38
CA GLU A 42 -7.20 4.71 4.21
C GLU A 42 -5.89 4.69 3.42
N ILE A 43 -5.43 5.83 3.01
CA ILE A 43 -4.16 5.88 2.23
C ILE A 43 -3.29 7.04 2.72
N ARG A 44 -2.00 6.88 2.62
CA ARG A 44 -1.08 7.95 3.08
C ARG A 44 -0.08 8.29 1.96
N LEU A 45 0.67 9.35 2.12
CA LEU A 45 1.66 9.71 1.07
C LEU A 45 3.07 9.63 1.64
N VAL A 46 4.06 9.63 0.79
CA VAL A 46 5.47 9.55 1.30
C VAL A 46 6.44 10.14 0.28
N SER A 47 7.35 10.95 0.73
CA SER A 47 8.34 11.58 -0.18
C SER A 47 9.77 11.30 0.30
N GLN A 48 10.69 12.18 0.01
CA GLN A 48 12.10 11.95 0.46
C GLN A 48 12.38 12.75 1.73
N ASP A 49 13.63 13.06 1.99
CA ASP A 49 13.96 13.84 3.21
C ASP A 49 13.14 15.12 3.28
N GLY A 50 12.64 15.57 2.15
CA GLY A 50 11.83 16.82 2.14
C GLY A 50 11.44 17.17 0.71
N LYS A 51 10.83 16.26 0.01
CA LYS A 51 10.43 16.54 -1.40
C LYS A 51 9.66 15.35 -1.97
N SER A 52 8.43 15.57 -2.36
CA SER A 52 7.60 14.45 -2.90
C SER A 52 8.46 13.52 -3.75
N LYS A 53 8.35 12.24 -3.52
CA LYS A 53 9.15 11.25 -4.30
C LYS A 53 8.21 10.28 -5.01
N GLY A 54 6.96 10.30 -4.66
CA GLY A 54 5.99 9.38 -5.32
C GLY A 54 5.74 8.17 -4.42
N ILE A 55 5.88 8.30 -3.13
CA ILE A 55 5.62 7.14 -2.25
C ILE A 55 4.34 7.37 -1.44
N ALA A 56 3.78 6.33 -0.87
CA ALA A 56 2.53 6.50 -0.07
C ALA A 56 2.23 5.23 0.74
N TYR A 57 1.42 5.35 1.75
CA TYR A 57 1.08 4.16 2.58
C TYR A 57 -0.39 3.79 2.40
N ILE A 58 -0.67 2.63 1.89
CA ILE A 58 -2.10 2.23 1.68
C ILE A 58 -2.47 1.13 2.68
N GLU A 59 -3.52 1.34 3.44
CA GLU A 59 -3.93 0.30 4.42
C GLU A 59 -5.34 -0.22 4.10
N PHE A 60 -5.45 -1.47 3.75
CA PHE A 60 -6.79 -2.01 3.41
C PHE A 60 -7.41 -2.72 4.61
N LYS A 61 -8.62 -3.19 4.47
CA LYS A 61 -9.29 -3.89 5.60
C LYS A 61 -8.51 -5.16 5.96
N SER A 62 -7.70 -5.65 5.06
CA SER A 62 -6.92 -6.88 5.36
C SER A 62 -5.93 -7.16 4.21
N GLU A 63 -5.15 -8.19 4.34
CA GLU A 63 -4.17 -8.51 3.26
C GLU A 63 -4.91 -8.87 1.97
N ALA A 64 -6.05 -9.48 2.08
CA ALA A 64 -6.81 -9.85 0.85
C ALA A 64 -7.26 -8.58 0.12
N ASP A 65 -7.77 -7.63 0.84
CA ASP A 65 -8.21 -6.37 0.18
C ASP A 65 -6.98 -5.63 -0.36
N ALA A 66 -5.99 -5.46 0.48
CA ALA A 66 -4.75 -4.77 0.02
C ALA A 66 -4.06 -5.59 -1.08
N GLU A 67 -4.12 -6.89 -0.98
CA GLU A 67 -3.47 -7.74 -2.03
C GLU A 67 -4.31 -7.73 -3.31
N LYS A 68 -5.59 -7.92 -3.18
CA LYS A 68 -6.46 -7.93 -4.39
C LYS A 68 -6.38 -6.57 -5.09
N ASN A 69 -6.39 -5.50 -4.33
CA ASN A 69 -6.32 -4.16 -4.95
C ASN A 69 -4.90 -3.91 -5.47
N LEU A 70 -3.92 -4.12 -4.65
CA LEU A 70 -2.51 -3.91 -5.09
C LEU A 70 -2.28 -4.64 -6.41
N GLU A 71 -2.71 -5.87 -6.50
CA GLU A 71 -2.52 -6.64 -7.77
C GLU A 71 -3.60 -6.24 -8.79
N GLU A 72 -4.75 -5.86 -8.32
CA GLU A 72 -5.85 -5.47 -9.25
C GLU A 72 -5.45 -4.24 -10.08
N LYS A 73 -4.73 -3.32 -9.50
CA LYS A 73 -4.33 -2.11 -10.27
C LYS A 73 -2.82 -2.11 -10.52
N GLN A 74 -2.04 -2.04 -9.48
CA GLN A 74 -0.56 -2.03 -9.65
C GLN A 74 -0.16 -1.19 -10.87
N GLY A 75 0.15 0.07 -10.69
CA GLY A 75 0.54 0.91 -11.85
C GLY A 75 -0.57 1.93 -12.12
N ALA A 76 -1.78 1.46 -12.29
CA ALA A 76 -2.93 2.39 -12.56
C ALA A 76 -2.48 3.60 -13.38
N GLU A 77 -2.63 3.55 -14.67
CA GLU A 77 -2.21 4.70 -15.52
C GLU A 77 -3.04 5.94 -15.18
N ILE A 78 -2.52 6.82 -14.36
CA ILE A 78 -3.28 8.05 -14.00
C ILE A 78 -2.34 9.24 -13.95
N ASP A 79 -2.86 10.43 -13.84
CA ASP A 79 -1.97 11.62 -13.79
C ASP A 79 -0.88 11.48 -14.85
N GLY A 80 -1.16 10.76 -15.91
CA GLY A 80 -0.15 10.58 -16.98
C GLY A 80 1.05 9.81 -16.42
N ARG A 81 0.88 9.14 -15.31
CA ARG A 81 2.02 8.38 -14.72
C ARG A 81 1.51 7.05 -14.15
N SER A 82 2.40 6.13 -13.91
CA SER A 82 1.98 4.81 -13.35
C SER A 82 2.32 4.73 -11.87
N VAL A 83 1.37 4.38 -11.05
CA VAL A 83 1.64 4.27 -9.59
C VAL A 83 2.00 2.84 -9.22
N SER A 84 3.07 2.65 -8.51
CA SER A 84 3.48 1.27 -8.13
C SER A 84 2.99 0.95 -6.72
N LEU A 85 2.91 -0.31 -6.38
CA LEU A 85 2.44 -0.68 -5.02
C LEU A 85 3.52 -1.50 -4.31
N TYR A 86 3.84 -1.14 -3.09
CA TYR A 86 4.89 -1.88 -2.34
C TYR A 86 4.32 -2.44 -1.05
N TYR A 87 3.93 -3.69 -1.05
CA TYR A 87 3.35 -4.29 0.17
C TYR A 87 4.27 -4.04 1.37
N THR A 88 3.95 -4.62 2.48
CA THR A 88 4.80 -4.44 3.70
C THR A 88 4.36 -5.40 4.80
N GLY A 89 3.94 -6.58 4.45
CA GLY A 89 3.50 -7.56 5.47
C GLY A 89 4.24 -8.88 5.31
N GLU A 90 5.10 -8.92 4.35
CA GLU A 90 5.89 -10.17 4.09
C GLU A 90 7.19 -9.82 3.35
N LYS A 91 7.13 -8.88 2.45
CA LYS A 91 8.36 -8.50 1.69
C LYS A 91 9.03 -7.29 2.36
N GLY A 92 8.48 -6.12 2.17
CA GLY A 92 9.08 -4.91 2.79
C GLY A 92 10.59 -4.89 2.53
N GLY A 93 11.29 -3.96 3.10
CA GLY A 93 12.77 -3.89 2.89
C GLY A 93 13.22 -2.44 2.97
N THR A 94 12.72 -1.59 2.12
CA THR A 94 13.14 -0.15 2.16
C THR A 94 13.14 0.36 3.61
N ARG A 95 14.05 1.23 3.93
CA ARG A 95 14.12 1.77 5.32
C ARG A 95 12.71 2.03 5.86
N GLY A 96 12.46 1.64 7.09
CA GLY A 96 11.11 1.87 7.68
C GLY A 96 10.09 0.98 6.96
N SER A 1 -3.69 -21.97 -0.84
CA SER A 1 -4.41 -23.27 -0.71
C SER A 1 -4.75 -23.55 0.75
N HIS A 2 -3.89 -23.16 1.65
CA HIS A 2 -4.17 -23.40 3.10
C HIS A 2 -3.89 -22.13 3.91
N MET A 3 -4.92 -21.42 4.29
CA MET A 3 -4.70 -20.17 5.08
C MET A 3 -4.77 -20.47 6.57
N LEU A 4 -5.96 -20.63 7.10
CA LEU A 4 -6.10 -20.93 8.55
C LEU A 4 -5.35 -19.89 9.39
N GLU A 5 -5.75 -18.66 9.31
CA GLU A 5 -5.05 -17.59 10.11
C GLU A 5 -6.05 -16.82 10.97
N ASP A 6 -6.57 -17.44 11.99
CA ASP A 6 -7.56 -16.74 12.87
C ASP A 6 -6.98 -15.41 13.34
N PRO A 7 -7.87 -14.52 13.72
CA PRO A 7 -7.46 -13.18 14.20
C PRO A 7 -7.07 -13.23 15.69
N CYS A 8 -6.67 -14.36 16.18
CA CYS A 8 -6.28 -14.46 17.61
C CYS A 8 -4.99 -13.68 17.87
N THR A 9 -4.37 -13.19 16.82
CA THR A 9 -3.11 -12.42 17.00
C THR A 9 -2.67 -11.85 15.64
N SER A 10 -2.57 -12.69 14.65
CA SER A 10 -2.14 -12.22 13.30
C SER A 10 -0.99 -11.21 13.43
N LYS A 11 0.19 -11.69 13.72
CA LYS A 11 1.35 -10.76 13.86
C LYS A 11 1.80 -10.28 12.47
N LYS A 12 2.24 -11.16 11.63
CA LYS A 12 2.68 -10.73 10.27
C LYS A 12 1.45 -10.54 9.37
N VAL A 13 0.28 -10.67 9.92
CA VAL A 13 -0.95 -10.47 9.11
C VAL A 13 -1.34 -8.99 9.16
N ARG A 14 -1.01 -8.32 10.23
CA ARG A 14 -1.35 -6.88 10.34
C ARG A 14 -0.62 -6.09 9.25
N ALA A 15 0.59 -6.46 8.96
CA ALA A 15 1.36 -5.74 7.91
C ALA A 15 0.92 -6.19 6.51
N ALA A 16 0.19 -7.27 6.44
CA ALA A 16 -0.27 -7.78 5.12
C ALA A 16 -1.34 -6.86 4.54
N ARG A 17 -2.11 -6.22 5.37
CA ARG A 17 -3.17 -5.30 4.86
C ARG A 17 -2.60 -3.89 4.64
N THR A 18 -1.30 -3.78 4.50
CA THR A 18 -0.70 -2.44 4.29
C THR A 18 0.33 -2.49 3.16
N LEU A 19 0.41 -1.44 2.38
CA LEU A 19 1.41 -1.43 1.26
C LEU A 19 1.87 0.00 1.01
N LEU A 20 2.96 0.16 0.30
CA LEU A 20 3.48 1.54 0.02
C LEU A 20 3.43 1.84 -1.47
N ALA A 21 2.58 2.75 -1.88
CA ALA A 21 2.50 3.10 -3.33
C ALA A 21 3.75 3.89 -3.74
N LYS A 22 4.31 3.58 -4.88
CA LYS A 22 5.53 4.33 -5.32
C LYS A 22 5.38 4.77 -6.78
N ASN A 23 6.35 5.48 -7.29
CA ASN A 23 6.28 5.95 -8.70
C ASN A 23 5.08 6.88 -8.88
N LEU A 24 4.51 7.35 -7.81
CA LEU A 24 3.35 8.26 -7.93
C LEU A 24 3.77 9.59 -8.57
N SER A 25 2.99 10.62 -8.40
CA SER A 25 3.35 11.93 -9.01
C SER A 25 3.46 13.00 -7.92
N PHE A 26 3.63 14.23 -8.29
CA PHE A 26 3.74 15.31 -7.27
C PHE A 26 2.34 15.87 -6.94
N ASN A 27 1.44 15.80 -7.87
CA ASN A 27 0.07 16.33 -7.62
C ASN A 27 -0.81 15.24 -7.02
N ILE A 28 -0.51 14.00 -7.28
CA ILE A 28 -1.34 12.89 -6.73
C ILE A 28 -1.69 13.18 -5.27
N THR A 29 -2.75 12.60 -4.78
CA THR A 29 -3.15 12.84 -3.36
C THR A 29 -4.05 11.71 -2.85
N GLU A 30 -4.35 11.71 -1.58
CA GLU A 30 -5.23 10.64 -1.03
C GLU A 30 -6.48 10.50 -1.90
N ASP A 31 -6.90 11.57 -2.51
CA ASP A 31 -8.10 11.51 -3.38
C ASP A 31 -7.86 10.50 -4.50
N GLU A 32 -6.88 10.74 -5.33
CA GLU A 32 -6.58 9.79 -6.44
C GLU A 32 -6.27 8.42 -5.84
N LEU A 33 -5.59 8.40 -4.73
CA LEU A 33 -5.27 7.10 -4.09
C LEU A 33 -6.56 6.51 -3.56
N LYS A 34 -7.49 7.35 -3.19
CA LYS A 34 -8.79 6.86 -2.68
C LYS A 34 -9.63 6.39 -3.86
N GLU A 35 -9.35 6.94 -5.01
CA GLU A 35 -10.09 6.55 -6.23
C GLU A 35 -9.50 5.24 -6.78
N VAL A 36 -8.22 5.05 -6.62
CA VAL A 36 -7.59 3.80 -7.12
C VAL A 36 -7.73 2.72 -6.05
N PHE A 37 -7.57 3.08 -4.81
CA PHE A 37 -7.70 2.08 -3.72
C PHE A 37 -9.11 2.14 -3.13
N GLU A 38 -10.11 1.92 -3.94
CA GLU A 38 -11.51 1.97 -3.43
C GLU A 38 -11.79 0.78 -2.51
N ASP A 39 -10.85 -0.12 -2.38
CA ASP A 39 -11.08 -1.30 -1.50
C ASP A 39 -10.18 -1.21 -0.25
N ALA A 40 -9.58 -0.08 -0.01
CA ALA A 40 -8.70 0.05 1.19
C ALA A 40 -9.35 0.97 2.22
N LEU A 41 -8.76 1.08 3.39
CA LEU A 41 -9.34 1.96 4.44
C LEU A 41 -8.88 3.39 4.21
N GLU A 42 -7.60 3.58 4.04
CA GLU A 42 -7.08 4.96 3.81
C GLU A 42 -5.69 4.90 3.17
N ILE A 43 -5.22 6.01 2.67
CA ILE A 43 -3.88 6.02 2.03
C ILE A 43 -2.99 7.07 2.72
N ARG A 44 -1.70 6.88 2.63
CA ARG A 44 -0.76 7.85 3.27
C ARG A 44 0.20 8.40 2.23
N LEU A 45 0.60 9.64 2.35
CA LEU A 45 1.52 10.23 1.36
C LEU A 45 2.96 10.12 1.86
N VAL A 46 3.91 10.08 0.96
CA VAL A 46 5.33 9.97 1.38
C VAL A 46 6.28 10.52 0.31
N SER A 47 7.19 11.35 0.73
CA SER A 47 8.16 11.95 -0.23
C SER A 47 9.59 11.61 0.16
N GLN A 48 10.54 12.41 -0.22
CA GLN A 48 11.97 12.12 0.14
C GLN A 48 12.38 12.95 1.35
N ASP A 49 13.62 13.35 1.42
CA ASP A 49 14.08 14.15 2.58
C ASP A 49 13.10 15.30 2.85
N GLY A 50 12.70 15.99 1.82
CA GLY A 50 11.75 17.12 2.00
C GLY A 50 11.20 17.55 0.64
N LYS A 51 10.62 16.64 -0.09
CA LYS A 51 10.06 16.99 -1.43
C LYS A 51 9.29 15.79 -1.98
N SER A 52 8.12 16.03 -2.53
CA SER A 52 7.31 14.91 -3.08
C SER A 52 8.20 13.90 -3.79
N LYS A 53 8.03 12.64 -3.47
CA LYS A 53 8.86 11.59 -4.12
C LYS A 53 7.96 10.59 -4.84
N GLY A 54 6.69 10.65 -4.57
CA GLY A 54 5.74 9.71 -5.23
C GLY A 54 5.58 8.46 -4.38
N ILE A 55 5.68 8.58 -3.08
CA ILE A 55 5.51 7.37 -2.22
C ILE A 55 4.27 7.54 -1.34
N ALA A 56 3.61 6.47 -0.99
CA ALA A 56 2.40 6.59 -0.14
C ALA A 56 2.11 5.28 0.57
N TYR A 57 1.62 5.35 1.78
CA TYR A 57 1.30 4.10 2.53
C TYR A 57 -0.20 3.78 2.43
N ILE A 58 -0.54 2.68 1.83
CA ILE A 58 -1.98 2.33 1.69
C ILE A 58 -2.36 1.26 2.73
N GLU A 59 -3.38 1.51 3.50
CA GLU A 59 -3.78 0.50 4.52
C GLU A 59 -5.19 -0.03 4.21
N PHE A 60 -5.27 -1.23 3.71
CA PHE A 60 -6.61 -1.80 3.38
C PHE A 60 -7.23 -2.46 4.60
N LYS A 61 -8.41 -2.97 4.45
CA LYS A 61 -9.10 -3.64 5.60
C LYS A 61 -8.40 -4.96 5.91
N SER A 62 -7.67 -5.49 4.97
CA SER A 62 -6.97 -6.78 5.22
C SER A 62 -5.98 -7.07 4.09
N GLU A 63 -5.33 -8.21 4.14
CA GLU A 63 -4.35 -8.56 3.07
C GLU A 63 -5.07 -8.76 1.74
N ALA A 64 -6.21 -9.40 1.76
CA ALA A 64 -6.96 -9.63 0.50
C ALA A 64 -7.33 -8.30 -0.13
N ASP A 65 -7.71 -7.33 0.68
CA ASP A 65 -8.07 -6.00 0.13
C ASP A 65 -6.80 -5.32 -0.39
N ALA A 66 -5.80 -5.23 0.44
CA ALA A 66 -4.53 -4.59 0.00
C ALA A 66 -3.88 -5.44 -1.10
N GLU A 67 -4.05 -6.73 -1.05
CA GLU A 67 -3.45 -7.60 -2.10
C GLU A 67 -4.30 -7.55 -3.36
N LYS A 68 -5.60 -7.64 -3.23
CA LYS A 68 -6.48 -7.59 -4.43
C LYS A 68 -6.29 -6.25 -5.13
N ASN A 69 -6.23 -5.19 -4.38
CA ASN A 69 -6.04 -3.85 -5.00
C ASN A 69 -4.59 -3.72 -5.48
N LEU A 70 -3.64 -4.04 -4.64
CA LEU A 70 -2.22 -3.93 -5.05
C LEU A 70 -1.98 -4.71 -6.34
N GLU A 71 -2.68 -5.80 -6.52
CA GLU A 71 -2.52 -6.61 -7.75
C GLU A 71 -3.52 -6.15 -8.82
N GLU A 72 -4.75 -5.96 -8.43
CA GLU A 72 -5.78 -5.51 -9.42
C GLU A 72 -5.42 -4.15 -10.01
N LYS A 73 -4.58 -3.40 -9.36
CA LYS A 73 -4.20 -2.07 -9.92
C LYS A 73 -2.73 -2.06 -10.32
N GLN A 74 -1.85 -2.18 -9.35
CA GLN A 74 -0.39 -2.18 -9.66
C GLN A 74 -0.07 -1.22 -10.81
N GLY A 75 0.29 0.00 -10.50
CA GLY A 75 0.60 0.97 -11.59
C GLY A 75 -0.62 1.85 -11.84
N ALA A 76 -1.70 1.28 -12.29
CA ALA A 76 -2.93 2.09 -12.55
C ALA A 76 -2.59 3.30 -13.44
N GLU A 77 -2.94 3.24 -14.69
CA GLU A 77 -2.63 4.37 -15.61
C GLU A 77 -3.37 5.65 -15.19
N ILE A 78 -2.79 6.41 -14.29
CA ILE A 78 -3.43 7.69 -13.85
C ILE A 78 -2.35 8.74 -13.62
N ASP A 79 -2.71 9.93 -13.25
CA ASP A 79 -1.68 10.97 -13.02
C ASP A 79 -0.71 11.00 -14.20
N GLY A 80 -1.17 10.62 -15.36
CA GLY A 80 -0.29 10.61 -16.55
C GLY A 80 0.87 9.63 -16.32
N ARG A 81 0.62 8.57 -15.61
CA ARG A 81 1.71 7.58 -15.36
C ARG A 81 1.19 6.41 -14.52
N SER A 82 2.05 5.52 -14.11
CA SER A 82 1.59 4.36 -13.30
C SER A 82 2.23 4.40 -11.91
N VAL A 83 1.51 4.01 -10.91
CA VAL A 83 2.06 4.02 -9.52
C VAL A 83 2.40 2.60 -9.08
N SER A 84 3.59 2.40 -8.57
CA SER A 84 3.99 1.03 -8.13
C SER A 84 3.45 0.76 -6.73
N LEU A 85 3.15 -0.48 -6.44
CA LEU A 85 2.61 -0.81 -5.09
C LEU A 85 3.62 -1.68 -4.33
N TYR A 86 4.14 -1.18 -3.24
CA TYR A 86 5.12 -1.98 -2.45
C TYR A 86 4.48 -2.44 -1.15
N TYR A 87 4.01 -3.66 -1.11
CA TYR A 87 3.38 -4.17 0.13
C TYR A 87 4.30 -3.92 1.33
N THR A 88 3.95 -4.44 2.46
CA THR A 88 4.80 -4.26 3.67
C THR A 88 4.54 -5.35 4.70
N GLY A 89 4.21 -6.52 4.25
CA GLY A 89 3.94 -7.65 5.20
C GLY A 89 5.18 -8.52 5.32
N GLU A 90 6.21 -8.15 4.65
CA GLU A 90 7.47 -8.95 4.70
C GLU A 90 7.21 -10.39 4.26
N LYS A 91 6.20 -10.61 3.48
CA LYS A 91 5.88 -12.00 3.02
C LYS A 91 6.99 -12.51 2.09
N GLY A 92 7.12 -11.92 0.93
CA GLY A 92 8.17 -12.36 -0.02
C GLY A 92 8.06 -11.57 -1.32
N GLY A 93 9.04 -11.68 -2.17
CA GLY A 93 8.99 -10.93 -3.47
C GLY A 93 8.16 -11.72 -4.48
N THR A 94 8.39 -13.00 -4.58
CA THR A 94 7.60 -13.82 -5.54
C THR A 94 7.26 -15.18 -4.93
N ARG A 95 8.20 -15.80 -4.28
CA ARG A 95 7.93 -17.13 -3.67
C ARG A 95 6.55 -17.15 -3.01
N GLY A 96 5.57 -17.67 -3.71
CA GLY A 96 4.19 -17.72 -3.14
C GLY A 96 3.82 -19.17 -2.81
N SER A 1 -6.97 -33.67 18.18
CA SER A 1 -8.04 -34.60 17.75
C SER A 1 -8.39 -34.37 16.27
N HIS A 2 -9.04 -33.28 15.97
CA HIS A 2 -9.40 -33.01 14.55
C HIS A 2 -8.31 -32.15 13.89
N MET A 3 -8.53 -31.76 12.66
CA MET A 3 -7.51 -30.92 11.96
C MET A 3 -8.03 -29.51 11.76
N LEU A 4 -7.83 -28.64 12.72
CA LEU A 4 -8.32 -27.25 12.59
C LEU A 4 -7.16 -26.31 12.20
N GLU A 5 -7.43 -25.34 11.37
CA GLU A 5 -6.35 -24.40 10.95
C GLU A 5 -6.24 -23.24 11.95
N ASP A 6 -5.61 -23.47 13.06
CA ASP A 6 -5.47 -22.37 14.08
C ASP A 6 -4.93 -21.09 13.41
N PRO A 7 -5.18 -19.99 14.05
CA PRO A 7 -4.73 -18.68 13.52
C PRO A 7 -3.21 -18.53 13.71
N CYS A 8 -2.71 -17.34 13.56
CA CYS A 8 -1.24 -17.12 13.72
C CYS A 8 -0.99 -15.85 14.54
N THR A 9 -1.90 -15.52 15.41
CA THR A 9 -1.73 -14.30 16.26
C THR A 9 -1.95 -13.04 15.42
N SER A 10 -2.24 -13.20 14.16
CA SER A 10 -2.47 -12.01 13.29
C SER A 10 -1.29 -11.03 13.41
N LYS A 11 -0.12 -11.52 13.66
CA LYS A 11 1.07 -10.61 13.78
C LYS A 11 1.55 -10.19 12.39
N LYS A 12 2.07 -11.12 11.63
CA LYS A 12 2.55 -10.77 10.27
C LYS A 12 1.36 -10.71 9.31
N VAL A 13 0.18 -10.88 9.82
CA VAL A 13 -1.03 -10.82 8.96
C VAL A 13 -1.56 -9.39 8.93
N ARG A 14 -1.26 -8.63 9.95
CA ARG A 14 -1.73 -7.21 9.99
C ARG A 14 -1.00 -6.39 8.92
N ALA A 15 0.22 -6.75 8.62
CA ALA A 15 0.98 -6.00 7.59
C ALA A 15 0.60 -6.48 6.18
N ALA A 16 -0.04 -7.62 6.09
CA ALA A 16 -0.44 -8.14 4.75
C ALA A 16 -1.56 -7.28 4.16
N ARG A 17 -2.29 -6.58 4.99
CA ARG A 17 -3.40 -5.73 4.47
C ARG A 17 -2.92 -4.29 4.29
N THR A 18 -1.65 -4.09 4.14
CA THR A 18 -1.12 -2.70 3.96
C THR A 18 0.05 -2.70 2.98
N LEU A 19 0.11 -1.72 2.12
CA LEU A 19 1.23 -1.66 1.13
C LEU A 19 1.68 -0.22 0.91
N LEU A 20 2.92 -0.03 0.55
CA LEU A 20 3.42 1.37 0.33
C LEU A 20 3.34 1.73 -1.16
N ALA A 21 2.70 2.83 -1.49
CA ALA A 21 2.61 3.24 -2.91
C ALA A 21 3.87 3.98 -3.33
N LYS A 22 4.29 3.84 -4.56
CA LYS A 22 5.51 4.54 -5.02
C LYS A 22 5.38 4.91 -6.50
N ASN A 23 6.38 5.56 -7.04
CA ASN A 23 6.32 5.95 -8.48
C ASN A 23 5.14 6.89 -8.74
N LEU A 24 4.58 7.44 -7.71
CA LEU A 24 3.43 8.37 -7.89
C LEU A 24 3.89 9.65 -8.59
N SER A 25 3.14 10.71 -8.48
CA SER A 25 3.54 11.98 -9.15
C SER A 25 3.43 13.14 -8.16
N PHE A 26 3.81 14.33 -8.58
CA PHE A 26 3.73 15.49 -7.66
C PHE A 26 2.30 16.02 -7.62
N ASN A 27 1.48 15.65 -8.57
CA ASN A 27 0.07 16.12 -8.57
C ASN A 27 -0.81 15.12 -7.83
N ILE A 28 -0.59 13.85 -8.01
CA ILE A 28 -1.42 12.83 -7.32
C ILE A 28 -1.55 13.20 -5.84
N THR A 29 -2.36 12.48 -5.11
CA THR A 29 -2.55 12.79 -3.67
C THR A 29 -3.33 11.68 -2.96
N GLU A 30 -3.55 11.81 -1.68
CA GLU A 30 -4.32 10.77 -0.95
C GLU A 30 -5.66 10.55 -1.65
N ASP A 31 -6.29 11.61 -2.07
CA ASP A 31 -7.59 11.47 -2.78
C ASP A 31 -7.42 10.53 -3.96
N GLU A 32 -6.37 10.71 -4.71
CA GLU A 32 -6.11 9.82 -5.87
C GLU A 32 -5.87 8.40 -5.37
N LEU A 33 -5.12 8.28 -4.31
CA LEU A 33 -4.85 6.93 -3.75
C LEU A 33 -6.15 6.41 -3.14
N LYS A 34 -6.96 7.32 -2.66
CA LYS A 34 -8.26 6.90 -2.07
C LYS A 34 -9.21 6.54 -3.19
N GLU A 35 -8.98 7.09 -4.35
CA GLU A 35 -9.84 6.79 -5.52
C GLU A 35 -9.41 5.46 -6.14
N VAL A 36 -8.13 5.19 -6.11
CA VAL A 36 -7.63 3.90 -6.68
C VAL A 36 -7.77 2.82 -5.62
N PHE A 37 -7.48 3.15 -4.39
CA PHE A 37 -7.58 2.16 -3.30
C PHE A 37 -8.83 2.43 -2.45
N GLU A 38 -9.89 2.88 -3.06
CA GLU A 38 -11.13 3.17 -2.28
C GLU A 38 -11.55 1.93 -1.47
N ASP A 39 -11.04 0.78 -1.82
CA ASP A 39 -11.43 -0.45 -1.08
C ASP A 39 -10.52 -0.64 0.14
N ALA A 40 -9.59 0.25 0.34
CA ALA A 40 -8.66 0.11 1.50
C ALA A 40 -9.20 0.91 2.70
N LEU A 41 -8.58 0.77 3.84
CA LEU A 41 -9.05 1.52 5.03
C LEU A 41 -8.62 2.98 4.93
N GLU A 42 -7.37 3.19 4.64
CA GLU A 42 -6.86 4.59 4.53
C GLU A 42 -5.54 4.62 3.75
N ILE A 43 -5.11 5.78 3.37
CA ILE A 43 -3.84 5.88 2.61
C ILE A 43 -3.00 7.06 3.11
N ARG A 44 -1.72 6.90 3.10
CA ARG A 44 -0.82 7.99 3.57
C ARG A 44 0.12 8.43 2.43
N LEU A 45 0.76 9.54 2.57
CA LEU A 45 1.67 10.00 1.48
C LEU A 45 3.13 9.93 1.94
N VAL A 46 4.05 10.01 1.01
CA VAL A 46 5.49 9.94 1.39
C VAL A 46 6.37 10.62 0.33
N SER A 47 7.19 11.52 0.77
CA SER A 47 8.09 12.25 -0.18
C SER A 47 9.55 12.05 0.21
N GLN A 48 10.39 13.01 -0.09
CA GLN A 48 11.84 12.87 0.26
C GLN A 48 12.12 13.57 1.59
N ASP A 49 13.24 14.21 1.70
CA ASP A 49 13.58 14.91 2.98
C ASP A 49 12.67 16.13 3.15
N GLY A 50 11.96 16.52 2.13
CA GLY A 50 11.06 17.69 2.24
C GLY A 50 10.54 18.07 0.84
N LYS A 51 10.18 17.10 0.05
CA LYS A 51 9.68 17.41 -1.32
C LYS A 51 8.94 16.19 -1.87
N SER A 52 7.80 16.38 -2.48
CA SER A 52 7.04 15.24 -3.03
C SER A 52 7.99 14.25 -3.71
N LYS A 53 7.89 13.00 -3.37
CA LYS A 53 8.79 11.99 -3.99
C LYS A 53 7.97 10.99 -4.78
N GLY A 54 6.69 10.92 -4.50
CA GLY A 54 5.81 9.98 -5.24
C GLY A 54 5.59 8.72 -4.41
N ILE A 55 5.72 8.81 -3.11
CA ILE A 55 5.50 7.60 -2.27
C ILE A 55 4.28 7.81 -1.37
N ALA A 56 3.71 6.76 -0.86
CA ALA A 56 2.51 6.92 0.03
C ALA A 56 2.20 5.60 0.73
N TYR A 57 1.66 5.65 1.91
CA TYR A 57 1.34 4.39 2.63
C TYR A 57 -0.10 3.99 2.32
N ILE A 58 -0.38 2.72 2.25
CA ILE A 58 -1.77 2.28 1.94
C ILE A 58 -2.16 1.09 2.82
N GLU A 59 -3.20 1.23 3.61
CA GLU A 59 -3.62 0.11 4.49
C GLU A 59 -5.02 -0.36 4.09
N PHE A 60 -5.14 -1.54 3.56
CA PHE A 60 -6.47 -2.04 3.15
C PHE A 60 -7.16 -2.76 4.31
N LYS A 61 -8.37 -3.19 4.11
CA LYS A 61 -9.10 -3.89 5.20
C LYS A 61 -8.57 -5.31 5.36
N SER A 62 -7.93 -5.83 4.36
CA SER A 62 -7.38 -7.22 4.45
C SER A 62 -6.36 -7.46 3.33
N GLU A 63 -5.54 -8.46 3.48
CA GLU A 63 -4.54 -8.76 2.43
C GLU A 63 -5.23 -8.92 1.07
N ALA A 64 -6.39 -9.53 1.07
CA ALA A 64 -7.12 -9.71 -0.21
C ALA A 64 -7.48 -8.35 -0.80
N ASP A 65 -7.85 -7.42 0.02
CA ASP A 65 -8.19 -6.06 -0.49
C ASP A 65 -6.91 -5.41 -1.02
N ALA A 66 -5.90 -5.34 -0.18
CA ALA A 66 -4.62 -4.74 -0.63
C ALA A 66 -4.02 -5.57 -1.76
N GLU A 67 -4.15 -6.88 -1.68
CA GLU A 67 -3.61 -7.75 -2.75
C GLU A 67 -4.48 -7.65 -4.00
N LYS A 68 -5.77 -7.64 -3.82
CA LYS A 68 -6.68 -7.54 -4.99
C LYS A 68 -6.44 -6.22 -5.72
N ASN A 69 -6.24 -5.16 -4.98
CA ASN A 69 -5.98 -3.84 -5.62
C ASN A 69 -4.58 -3.81 -6.22
N LEU A 70 -3.60 -4.24 -5.47
CA LEU A 70 -2.21 -4.25 -6.01
C LEU A 70 -2.12 -5.10 -7.27
N GLU A 71 -2.84 -6.18 -7.33
CA GLU A 71 -2.79 -7.04 -8.54
C GLU A 71 -3.83 -6.55 -9.57
N GLU A 72 -4.86 -5.90 -9.10
CA GLU A 72 -5.90 -5.40 -10.05
C GLU A 72 -5.36 -4.25 -10.89
N LYS A 73 -4.74 -3.27 -10.28
CA LYS A 73 -4.19 -2.14 -11.06
C LYS A 73 -2.94 -1.56 -10.39
N GLN A 74 -2.29 -2.35 -9.57
CA GLN A 74 -1.07 -1.85 -8.88
C GLN A 74 -1.27 -0.41 -8.40
N GLY A 75 -0.87 0.54 -9.21
CA GLY A 75 -1.03 1.97 -8.79
C GLY A 75 -1.95 2.69 -9.78
N ALA A 76 -2.85 1.98 -10.41
CA ALA A 76 -3.79 2.62 -11.38
C ALA A 76 -3.01 3.40 -12.45
N GLU A 77 -3.13 3.01 -13.69
CA GLU A 77 -2.41 3.74 -14.77
C GLU A 77 -2.84 5.21 -14.79
N ILE A 78 -2.12 6.06 -14.11
CA ILE A 78 -2.48 7.50 -14.09
C ILE A 78 -1.23 8.35 -14.33
N ASP A 79 -1.36 9.64 -14.37
CA ASP A 79 -0.17 10.49 -14.61
C ASP A 79 0.66 9.91 -15.75
N GLY A 80 0.01 9.24 -16.66
CA GLY A 80 0.75 8.65 -17.81
C GLY A 80 1.52 7.40 -17.35
N ARG A 81 1.04 6.74 -16.33
CA ARG A 81 1.74 5.52 -15.84
C ARG A 81 1.08 4.99 -14.57
N SER A 82 1.03 3.70 -14.40
CA SER A 82 0.40 3.13 -13.17
C SER A 82 1.36 3.24 -11.99
N VAL A 83 0.88 3.64 -10.86
CA VAL A 83 1.77 3.76 -9.67
C VAL A 83 2.21 2.38 -9.20
N SER A 84 3.29 2.30 -8.47
CA SER A 84 3.76 0.97 -7.99
C SER A 84 3.37 0.76 -6.52
N LEU A 85 2.86 -0.38 -6.19
CA LEU A 85 2.46 -0.65 -4.78
C LEU A 85 3.49 -1.57 -4.11
N TYR A 86 4.09 -1.11 -3.05
CA TYR A 86 5.08 -1.96 -2.33
C TYR A 86 4.44 -2.56 -1.09
N TYR A 87 4.02 -3.78 -1.16
CA TYR A 87 3.36 -4.41 0.01
C TYR A 87 4.26 -4.28 1.25
N THR A 88 3.89 -4.94 2.31
CA THR A 88 4.70 -4.86 3.55
C THR A 88 4.25 -5.93 4.55
N GLY A 89 3.79 -7.05 4.05
CA GLY A 89 3.33 -8.13 4.97
C GLY A 89 3.92 -9.46 4.55
N GLU A 90 4.75 -9.44 3.56
CA GLU A 90 5.40 -10.69 3.07
C GLU A 90 6.91 -10.52 3.01
N LYS A 91 7.39 -9.69 2.11
CA LYS A 91 8.87 -9.48 2.01
C LYS A 91 9.28 -8.26 2.84
N GLY A 92 8.93 -7.09 2.41
CA GLY A 92 9.32 -5.87 3.18
C GLY A 92 8.84 -6.00 4.62
N GLY A 93 8.89 -4.94 5.38
CA GLY A 93 8.43 -5.01 6.80
C GLY A 93 9.65 -5.15 7.72
N THR A 94 10.23 -4.06 8.12
CA THR A 94 11.42 -4.13 9.01
C THR A 94 10.97 -4.10 10.48
N ARG A 95 9.80 -3.59 10.74
CA ARG A 95 9.31 -3.52 12.14
C ARG A 95 9.69 -4.80 12.91
N GLY A 96 10.20 -4.66 14.10
CA GLY A 96 10.59 -5.86 14.89
C GLY A 96 9.54 -6.11 15.98
N SER A 1 -0.74 -32.72 21.86
CA SER A 1 -0.64 -31.40 22.56
C SER A 1 -0.52 -30.27 21.54
N HIS A 2 -1.43 -30.18 20.61
CA HIS A 2 -1.36 -29.11 19.59
C HIS A 2 -1.99 -27.82 20.14
N MET A 3 -1.45 -27.29 21.20
CA MET A 3 -2.03 -26.04 21.79
C MET A 3 -1.04 -24.88 21.61
N LEU A 4 -0.41 -24.80 20.47
CA LEU A 4 0.58 -23.70 20.25
C LEU A 4 -0.16 -22.42 19.80
N GLU A 5 -0.67 -21.67 20.72
CA GLU A 5 -1.40 -20.42 20.34
C GLU A 5 -0.46 -19.47 19.59
N ASP A 6 -0.61 -18.19 19.79
CA ASP A 6 0.28 -17.22 19.09
C ASP A 6 -0.09 -15.79 19.49
N PRO A 7 0.45 -15.37 20.61
CA PRO A 7 0.17 -14.01 21.13
C PRO A 7 1.09 -12.97 20.46
N CYS A 8 1.58 -13.27 19.29
CA CYS A 8 2.48 -12.30 18.60
C CYS A 8 1.70 -11.04 18.22
N THR A 9 0.41 -11.04 18.39
CA THR A 9 -0.41 -9.84 18.05
C THR A 9 -0.47 -9.65 16.52
N SER A 10 0.12 -10.54 15.79
CA SER A 10 0.10 -10.42 14.29
C SER A 10 0.95 -9.22 13.86
N LYS A 11 2.09 -9.03 14.47
CA LYS A 11 2.95 -7.87 14.08
C LYS A 11 3.28 -7.94 12.59
N LYS A 12 3.77 -9.06 12.14
CA LYS A 12 4.10 -9.19 10.68
C LYS A 12 2.84 -9.56 9.89
N VAL A 13 1.71 -9.51 10.55
CA VAL A 13 0.44 -9.84 9.84
C VAL A 13 -0.22 -8.55 9.34
N ARG A 14 0.08 -7.45 9.98
CA ARG A 14 -0.51 -6.16 9.54
C ARG A 14 0.16 -5.70 8.24
N ALA A 15 1.42 -5.98 8.08
CA ALA A 15 2.12 -5.55 6.83
C ALA A 15 1.50 -6.25 5.61
N ALA A 16 0.75 -7.29 5.82
CA ALA A 16 0.13 -8.00 4.67
C ALA A 16 -1.06 -7.21 4.13
N ARG A 17 -1.93 -6.78 5.01
CA ARG A 17 -3.11 -5.99 4.54
C ARG A 17 -2.74 -4.51 4.44
N THR A 18 -1.47 -4.21 4.35
CA THR A 18 -1.05 -2.79 4.24
C THR A 18 0.11 -2.66 3.25
N LEU A 19 -0.05 -1.84 2.24
CA LEU A 19 1.04 -1.68 1.23
C LEU A 19 1.35 -0.19 1.03
N LEU A 20 2.36 0.11 0.26
CA LEU A 20 2.71 1.54 0.02
C LEU A 20 2.77 1.83 -1.48
N ALA A 21 2.34 2.99 -1.88
CA ALA A 21 2.37 3.34 -3.33
C ALA A 21 3.68 4.05 -3.67
N LYS A 22 4.17 3.89 -4.87
CA LYS A 22 5.44 4.56 -5.24
C LYS A 22 5.41 4.96 -6.72
N ASN A 23 6.48 5.52 -7.21
CA ASN A 23 6.52 5.94 -8.63
C ASN A 23 5.33 6.86 -8.94
N LEU A 24 4.74 7.43 -7.93
CA LEU A 24 3.58 8.34 -8.16
C LEU A 24 4.06 9.61 -8.85
N SER A 25 3.45 10.73 -8.54
CA SER A 25 3.86 12.00 -9.20
C SER A 25 3.68 13.17 -8.22
N PHE A 26 4.12 14.34 -8.60
CA PHE A 26 3.97 15.52 -7.70
C PHE A 26 2.51 15.99 -7.70
N ASN A 27 1.74 15.55 -8.66
CA ASN A 27 0.32 15.98 -8.72
C ASN A 27 -0.56 14.98 -7.95
N ILE A 28 -0.31 13.70 -8.11
CA ILE A 28 -1.11 12.68 -7.39
C ILE A 28 -1.25 13.08 -5.93
N THR A 29 -2.05 12.37 -5.18
CA THR A 29 -2.22 12.72 -3.74
C THR A 29 -3.05 11.64 -3.02
N GLU A 30 -3.16 11.75 -1.72
CA GLU A 30 -3.97 10.74 -0.96
C GLU A 30 -5.36 10.62 -1.59
N ASP A 31 -5.89 11.71 -2.05
CA ASP A 31 -7.23 11.66 -2.69
C ASP A 31 -7.20 10.70 -3.87
N GLU A 32 -6.25 10.88 -4.74
CA GLU A 32 -6.13 9.96 -5.92
C GLU A 32 -5.91 8.54 -5.43
N LEU A 33 -5.09 8.38 -4.42
CA LEU A 33 -4.84 7.02 -3.87
C LEU A 33 -6.11 6.57 -3.16
N LYS A 34 -6.84 7.50 -2.62
CA LYS A 34 -8.10 7.15 -1.93
C LYS A 34 -9.15 6.81 -2.98
N GLU A 35 -8.97 7.32 -4.16
CA GLU A 35 -9.92 7.05 -5.27
C GLU A 35 -9.56 5.73 -5.93
N VAL A 36 -8.30 5.41 -5.97
CA VAL A 36 -7.86 4.12 -6.59
C VAL A 36 -8.02 3.00 -5.56
N PHE A 37 -7.75 3.30 -4.33
CA PHE A 37 -7.88 2.26 -3.27
C PHE A 37 -9.14 2.51 -2.43
N GLU A 38 -10.29 2.40 -3.03
CA GLU A 38 -11.55 2.64 -2.26
C GLU A 38 -11.96 1.38 -1.50
N ASP A 39 -11.05 0.44 -1.35
CA ASP A 39 -11.40 -0.81 -0.61
C ASP A 39 -10.46 -0.99 0.59
N ALA A 40 -9.59 -0.05 0.82
CA ALA A 40 -8.66 -0.17 1.98
C ALA A 40 -9.15 0.68 3.14
N LEU A 41 -8.43 0.68 4.23
CA LEU A 41 -8.84 1.50 5.41
C LEU A 41 -8.49 2.96 5.16
N GLU A 42 -7.27 3.20 4.78
CA GLU A 42 -6.82 4.60 4.53
C GLU A 42 -5.49 4.61 3.77
N ILE A 43 -5.07 5.75 3.33
CA ILE A 43 -3.79 5.84 2.58
C ILE A 43 -2.98 7.04 3.06
N ARG A 44 -1.68 6.94 3.01
CA ARG A 44 -0.83 8.08 3.44
C ARG A 44 0.08 8.53 2.29
N LEU A 45 0.68 9.68 2.40
CA LEU A 45 1.57 10.17 1.31
C LEU A 45 3.03 10.11 1.77
N VAL A 46 3.94 10.02 0.85
CA VAL A 46 5.38 9.96 1.24
C VAL A 46 6.25 10.70 0.23
N SER A 47 7.08 11.58 0.72
CA SER A 47 7.98 12.37 -0.17
C SER A 47 9.43 12.21 0.28
N GLN A 48 10.20 13.27 0.23
CA GLN A 48 11.63 13.17 0.66
C GLN A 48 11.83 13.89 1.99
N ASP A 49 10.93 13.71 2.91
CA ASP A 49 11.07 14.38 4.24
C ASP A 49 10.90 15.90 4.10
N GLY A 50 10.57 16.36 2.93
CA GLY A 50 10.39 17.82 2.73
C GLY A 50 10.30 18.15 1.23
N LYS A 51 9.73 17.27 0.46
CA LYS A 51 9.63 17.51 -1.01
C LYS A 51 8.92 16.32 -1.66
N SER A 52 7.77 16.53 -2.23
CA SER A 52 7.02 15.42 -2.88
C SER A 52 7.98 14.47 -3.58
N LYS A 53 7.86 13.20 -3.32
CA LYS A 53 8.76 12.21 -3.99
C LYS A 53 7.92 11.28 -4.85
N GLY A 54 6.66 11.16 -4.55
CA GLY A 54 5.78 10.27 -5.36
C GLY A 54 5.53 8.97 -4.59
N ILE A 55 5.64 8.99 -3.28
CA ILE A 55 5.39 7.73 -2.52
C ILE A 55 4.18 7.92 -1.60
N ALA A 56 3.61 6.84 -1.12
CA ALA A 56 2.41 6.98 -0.23
C ALA A 56 2.12 5.65 0.47
N TYR A 57 1.63 5.69 1.68
CA TYR A 57 1.32 4.43 2.41
C TYR A 57 -0.14 4.02 2.14
N ILE A 58 -0.45 2.77 2.28
CA ILE A 58 -1.86 2.31 2.02
C ILE A 58 -2.20 1.11 2.89
N GLU A 59 -3.20 1.24 3.73
CA GLU A 59 -3.59 0.09 4.61
C GLU A 59 -4.98 -0.41 4.21
N PHE A 60 -5.14 -1.70 4.08
CA PHE A 60 -6.48 -2.23 3.70
C PHE A 60 -7.12 -2.97 4.87
N LYS A 61 -8.34 -3.36 4.71
CA LYS A 61 -9.04 -4.09 5.82
C LYS A 61 -8.58 -5.55 5.89
N SER A 62 -7.88 -6.01 4.89
CA SER A 62 -7.41 -7.42 4.91
C SER A 62 -6.45 -7.68 3.76
N GLU A 63 -5.63 -8.69 3.87
CA GLU A 63 -4.66 -9.00 2.78
C GLU A 63 -5.41 -9.18 1.46
N ALA A 64 -6.52 -9.87 1.50
CA ALA A 64 -7.30 -10.10 0.24
C ALA A 64 -7.70 -8.75 -0.35
N ASP A 65 -7.98 -7.80 0.49
CA ASP A 65 -8.36 -6.46 -0.03
C ASP A 65 -7.11 -5.77 -0.59
N ALA A 66 -6.10 -5.61 0.22
CA ALA A 66 -4.86 -4.98 -0.26
C ALA A 66 -4.27 -5.82 -1.40
N GLU A 67 -4.54 -7.11 -1.41
CA GLU A 67 -4.00 -7.98 -2.49
C GLU A 67 -4.79 -7.75 -3.78
N LYS A 68 -6.08 -7.92 -3.73
CA LYS A 68 -6.91 -7.70 -4.96
C LYS A 68 -6.67 -6.29 -5.48
N ASN A 69 -6.51 -5.35 -4.59
CA ASN A 69 -6.26 -3.96 -5.02
C ASN A 69 -4.81 -3.80 -5.47
N LEU A 70 -3.88 -4.20 -4.65
CA LEU A 70 -2.45 -4.09 -5.04
C LEU A 70 -2.20 -4.85 -6.35
N GLU A 71 -3.05 -5.80 -6.66
CA GLU A 71 -2.87 -6.57 -7.92
C GLU A 71 -3.59 -5.86 -9.07
N GLU A 72 -4.83 -5.49 -8.86
CA GLU A 72 -5.58 -4.81 -9.94
C GLU A 72 -5.23 -3.32 -9.99
N LYS A 73 -4.71 -2.78 -8.91
CA LYS A 73 -4.36 -1.33 -8.91
C LYS A 73 -2.91 -1.13 -9.36
N GLN A 74 -2.05 -2.10 -9.13
CA GLN A 74 -0.63 -1.97 -9.55
C GLN A 74 -0.52 -1.25 -10.90
N GLY A 75 -0.39 0.05 -10.86
CA GLY A 75 -0.30 0.82 -12.12
C GLY A 75 -1.52 1.75 -12.23
N ALA A 76 -2.68 1.19 -12.36
CA ALA A 76 -3.92 2.02 -12.47
C ALA A 76 -3.68 3.23 -13.38
N GLU A 77 -2.76 3.11 -14.30
CA GLU A 77 -2.47 4.24 -15.24
C GLU A 77 -2.60 5.59 -14.52
N ILE A 78 -1.52 6.11 -14.02
CA ILE A 78 -1.57 7.42 -13.30
C ILE A 78 -0.35 8.25 -13.68
N ASP A 79 -0.38 9.53 -13.42
CA ASP A 79 0.79 10.35 -13.76
C ASP A 79 1.26 10.03 -15.18
N GLY A 80 0.36 9.59 -16.02
CA GLY A 80 0.74 9.25 -17.41
C GLY A 80 1.50 7.92 -17.44
N ARG A 81 1.62 7.27 -16.31
CA ARG A 81 2.35 5.96 -16.27
C ARG A 81 1.70 5.05 -15.23
N SER A 82 2.25 3.88 -15.03
CA SER A 82 1.66 2.94 -14.04
C SER A 82 2.27 3.21 -12.65
N VAL A 83 1.46 3.37 -11.65
CA VAL A 83 1.99 3.63 -10.29
C VAL A 83 2.54 2.34 -9.68
N SER A 84 3.50 2.43 -8.81
CA SER A 84 4.09 1.22 -8.19
C SER A 84 3.43 0.92 -6.84
N LEU A 85 3.20 -0.33 -6.53
CA LEU A 85 2.56 -0.67 -5.23
C LEU A 85 3.48 -1.60 -4.43
N TYR A 86 3.70 -1.28 -3.18
CA TYR A 86 4.58 -2.15 -2.35
C TYR A 86 3.77 -2.83 -1.25
N TYR A 87 3.41 -4.07 -1.45
CA TYR A 87 2.61 -4.79 -0.42
C TYR A 87 3.24 -4.62 0.95
N THR A 88 4.49 -4.36 0.97
CA THR A 88 5.22 -4.17 2.26
C THR A 88 4.73 -5.17 3.31
N GLY A 89 5.06 -6.42 3.15
CA GLY A 89 4.60 -7.43 4.15
C GLY A 89 5.79 -8.20 4.70
N GLU A 90 6.95 -7.89 4.22
CA GLU A 90 8.18 -8.58 4.68
C GLU A 90 8.13 -10.07 4.31
N LYS A 91 7.18 -10.45 3.49
CA LYS A 91 7.08 -11.89 3.09
C LYS A 91 6.84 -11.99 1.58
N GLY A 92 5.91 -11.24 1.06
CA GLY A 92 5.63 -11.31 -0.40
C GLY A 92 5.37 -12.76 -0.81
N GLY A 93 4.93 -12.97 -2.03
CA GLY A 93 4.66 -14.36 -2.48
C GLY A 93 3.51 -14.95 -1.66
N THR A 94 3.64 -16.19 -1.26
CA THR A 94 2.56 -16.83 -0.45
C THR A 94 3.15 -17.85 0.52
N ARG A 95 3.50 -19.01 0.04
CA ARG A 95 4.08 -20.04 0.94
C ARG A 95 3.10 -20.37 2.07
N GLY A 96 2.35 -21.43 1.92
CA GLY A 96 1.38 -21.80 3.00
C GLY A 96 1.43 -23.32 3.22
N SER A 1 -13.56 -6.49 20.74
CA SER A 1 -13.27 -7.62 21.67
C SER A 1 -11.96 -8.31 21.28
N HIS A 2 -11.91 -8.89 20.12
CA HIS A 2 -10.66 -9.58 19.68
C HIS A 2 -10.25 -10.63 20.71
N MET A 3 -10.59 -11.86 20.48
CA MET A 3 -10.21 -12.94 21.45
C MET A 3 -8.74 -13.33 21.27
N LEU A 4 -8.37 -14.49 21.71
CA LEU A 4 -6.95 -14.92 21.56
C LEU A 4 -6.04 -14.03 22.41
N GLU A 5 -4.94 -14.57 22.90
CA GLU A 5 -4.02 -13.76 23.73
C GLU A 5 -2.60 -13.85 23.18
N ASP A 6 -2.39 -14.64 22.16
CA ASP A 6 -1.02 -14.78 21.58
C ASP A 6 -0.43 -13.39 21.33
N PRO A 7 0.82 -13.39 20.93
CA PRO A 7 1.54 -12.12 20.66
C PRO A 7 1.21 -11.59 19.26
N CYS A 8 0.07 -11.94 18.72
CA CYS A 8 -0.30 -11.46 17.36
C CYS A 8 -1.69 -10.81 17.39
N THR A 9 -2.10 -10.33 18.53
CA THR A 9 -3.44 -9.68 18.63
C THR A 9 -3.66 -8.77 17.42
N SER A 10 -2.61 -8.21 16.90
CA SER A 10 -2.75 -7.31 15.71
C SER A 10 -1.43 -6.59 15.44
N LYS A 11 -0.34 -7.31 15.40
CA LYS A 11 0.98 -6.66 15.10
C LYS A 11 1.44 -7.08 13.72
N LYS A 12 1.75 -8.34 13.53
CA LYS A 12 2.18 -8.80 12.18
C LYS A 12 0.97 -9.13 11.33
N VAL A 13 -0.20 -8.82 11.82
CA VAL A 13 -1.44 -9.10 11.05
C VAL A 13 -1.93 -7.80 10.39
N ARG A 14 -1.51 -6.68 10.90
CA ARG A 14 -1.93 -5.38 10.31
C ARG A 14 -1.04 -5.03 9.12
N ALA A 15 0.17 -5.51 9.11
CA ALA A 15 1.09 -5.20 7.99
C ALA A 15 0.62 -5.90 6.71
N ALA A 16 -0.01 -7.04 6.84
CA ALA A 16 -0.50 -7.77 5.64
C ALA A 16 -1.47 -6.92 4.84
N ARG A 17 -2.38 -6.26 5.50
CA ARG A 17 -3.35 -5.40 4.76
C ARG A 17 -2.78 -4.00 4.58
N THR A 18 -1.47 -3.87 4.63
CA THR A 18 -0.85 -2.52 4.46
C THR A 18 0.25 -2.58 3.40
N LEU A 19 0.33 -1.57 2.57
CA LEU A 19 1.38 -1.54 1.51
C LEU A 19 1.83 -0.10 1.25
N LEU A 20 2.97 0.08 0.66
CA LEU A 20 3.45 1.46 0.38
C LEU A 20 3.40 1.76 -1.12
N ALA A 21 2.66 2.77 -1.50
CA ALA A 21 2.57 3.11 -2.95
C ALA A 21 3.86 3.81 -3.38
N LYS A 22 4.34 3.54 -4.57
CA LYS A 22 5.59 4.20 -5.03
C LYS A 22 5.45 4.64 -6.49
N ASN A 23 6.38 5.43 -6.96
CA ASN A 23 6.32 5.89 -8.37
C ASN A 23 5.09 6.79 -8.58
N LEU A 24 4.48 7.22 -7.51
CA LEU A 24 3.28 8.10 -7.64
C LEU A 24 3.66 9.37 -8.42
N SER A 25 2.87 10.40 -8.31
CA SER A 25 3.19 11.66 -9.03
C SER A 25 3.48 12.78 -8.02
N PHE A 26 3.59 13.99 -8.47
CA PHE A 26 3.87 15.11 -7.54
C PHE A 26 2.56 15.79 -7.12
N ASN A 27 1.56 15.73 -7.96
CA ASN A 27 0.26 16.35 -7.62
C ASN A 27 -0.70 15.31 -7.05
N ILE A 28 -0.35 14.05 -7.14
CA ILE A 28 -1.26 12.99 -6.61
C ILE A 28 -1.44 13.14 -5.11
N THR A 29 -2.53 12.67 -4.58
CA THR A 29 -2.78 12.80 -3.12
C THR A 29 -3.71 11.68 -2.64
N GLU A 30 -4.06 11.68 -1.38
CA GLU A 30 -4.97 10.62 -0.86
C GLU A 30 -6.20 10.53 -1.75
N ASP A 31 -6.56 11.61 -2.41
CA ASP A 31 -7.74 11.58 -3.31
C ASP A 31 -7.50 10.58 -4.44
N GLU A 32 -6.49 10.81 -5.23
CA GLU A 32 -6.18 9.86 -6.34
C GLU A 32 -5.89 8.48 -5.77
N LEU A 33 -5.26 8.43 -4.63
CA LEU A 33 -4.95 7.12 -4.00
C LEU A 33 -6.27 6.54 -3.49
N LYS A 34 -7.14 7.39 -3.04
CA LYS A 34 -8.45 6.90 -2.54
C LYS A 34 -9.31 6.50 -3.74
N GLU A 35 -9.00 7.05 -4.87
CA GLU A 35 -9.76 6.71 -6.10
C GLU A 35 -9.22 5.41 -6.67
N VAL A 36 -7.94 5.19 -6.55
CA VAL A 36 -7.34 3.93 -7.06
C VAL A 36 -7.44 2.85 -5.99
N PHE A 37 -7.22 3.21 -4.76
CA PHE A 37 -7.30 2.23 -3.67
C PHE A 37 -8.61 2.41 -2.89
N GLU A 38 -9.72 2.48 -3.58
CA GLU A 38 -11.03 2.66 -2.88
C GLU A 38 -11.39 1.40 -2.10
N ASP A 39 -10.61 0.36 -2.22
CA ASP A 39 -10.94 -0.89 -1.48
C ASP A 39 -10.09 -0.99 -0.20
N ALA A 40 -9.52 0.10 0.23
CA ALA A 40 -8.69 0.07 1.47
C ALA A 40 -9.30 0.98 2.54
N LEU A 41 -8.69 1.02 3.70
CA LEU A 41 -9.23 1.89 4.78
C LEU A 41 -8.79 3.33 4.55
N GLU A 42 -7.52 3.54 4.33
CA GLU A 42 -7.01 4.91 4.10
C GLU A 42 -5.66 4.85 3.37
N ILE A 43 -5.17 5.98 2.95
CA ILE A 43 -3.87 5.99 2.23
C ILE A 43 -2.97 7.11 2.76
N ARG A 44 -1.69 6.90 2.73
CA ARG A 44 -0.74 7.94 3.22
C ARG A 44 0.17 8.38 2.07
N LEU A 45 0.79 9.53 2.20
CA LEU A 45 1.69 10.01 1.12
C LEU A 45 3.13 10.06 1.60
N VAL A 46 4.07 9.81 0.73
CA VAL A 46 5.50 9.84 1.15
C VAL A 46 6.37 10.46 0.05
N SER A 47 7.20 11.40 0.43
CA SER A 47 8.09 12.08 -0.55
C SER A 47 9.56 11.95 -0.10
N GLN A 48 10.32 13.00 -0.22
CA GLN A 48 11.75 12.93 0.19
C GLN A 48 11.99 13.79 1.44
N ASP A 49 11.14 13.68 2.43
CA ASP A 49 11.33 14.49 3.66
C ASP A 49 11.16 15.98 3.35
N GLY A 50 10.72 16.31 2.16
CA GLY A 50 10.55 17.73 1.78
C GLY A 50 10.55 17.87 0.26
N LYS A 51 9.97 16.93 -0.43
CA LYS A 51 9.93 16.99 -1.91
C LYS A 51 9.22 15.76 -2.46
N SER A 52 8.04 15.94 -3.02
CA SER A 52 7.29 14.77 -3.56
C SER A 52 8.23 13.76 -4.22
N LYS A 53 8.10 12.52 -3.85
CA LYS A 53 8.98 11.47 -4.45
C LYS A 53 8.12 10.40 -5.12
N GLY A 54 6.85 10.37 -4.84
CA GLY A 54 5.97 9.36 -5.46
C GLY A 54 5.79 8.16 -4.53
N ILE A 55 5.88 8.37 -3.23
CA ILE A 55 5.70 7.22 -2.30
C ILE A 55 4.44 7.43 -1.46
N ALA A 56 3.91 6.38 -0.91
CA ALA A 56 2.67 6.54 -0.09
C ALA A 56 2.40 5.27 0.72
N TYR A 57 1.59 5.36 1.73
CA TYR A 57 1.28 4.16 2.56
C TYR A 57 -0.20 3.79 2.41
N ILE A 58 -0.49 2.65 1.86
CA ILE A 58 -1.92 2.26 1.69
C ILE A 58 -2.30 1.21 2.74
N GLU A 59 -3.33 1.47 3.51
CA GLU A 59 -3.75 0.49 4.55
C GLU A 59 -5.15 -0.03 4.24
N PHE A 60 -5.25 -1.22 3.72
CA PHE A 60 -6.58 -1.79 3.38
C PHE A 60 -7.24 -2.41 4.60
N LYS A 61 -8.45 -2.90 4.44
CA LYS A 61 -9.16 -3.54 5.58
C LYS A 61 -8.58 -4.92 5.86
N SER A 62 -7.98 -5.53 4.88
CA SER A 62 -7.41 -6.89 5.10
C SER A 62 -6.38 -7.21 4.01
N GLU A 63 -5.56 -8.20 4.22
CA GLU A 63 -4.55 -8.57 3.21
C GLU A 63 -5.23 -8.84 1.86
N ALA A 64 -6.41 -9.41 1.88
CA ALA A 64 -7.11 -9.70 0.61
C ALA A 64 -7.39 -8.39 -0.13
N ASP A 65 -7.81 -7.38 0.59
CA ASP A 65 -8.08 -6.08 -0.08
C ASP A 65 -6.75 -5.48 -0.54
N ALA A 66 -5.82 -5.35 0.37
CA ALA A 66 -4.50 -4.79 -0.01
C ALA A 66 -3.83 -5.69 -1.04
N GLU A 67 -4.09 -6.97 -1.00
CA GLU A 67 -3.48 -7.90 -1.99
C GLU A 67 -4.17 -7.73 -3.35
N LYS A 68 -5.47 -7.70 -3.36
CA LYS A 68 -6.19 -7.54 -4.65
C LYS A 68 -5.80 -6.21 -5.28
N ASN A 69 -5.70 -5.17 -4.48
CA ASN A 69 -5.30 -3.85 -5.03
C ASN A 69 -3.82 -3.86 -5.40
N LEU A 70 -2.99 -4.46 -4.58
CA LEU A 70 -1.54 -4.51 -4.89
C LEU A 70 -1.29 -5.41 -6.11
N GLU A 71 -2.19 -6.32 -6.37
CA GLU A 71 -2.00 -7.22 -7.55
C GLU A 71 -2.89 -6.76 -8.71
N GLU A 72 -3.86 -5.93 -8.44
CA GLU A 72 -4.75 -5.44 -9.52
C GLU A 72 -4.59 -3.93 -9.72
N LYS A 73 -3.96 -3.26 -8.79
CA LYS A 73 -3.77 -1.79 -8.94
C LYS A 73 -2.31 -1.47 -9.23
N GLN A 74 -1.42 -2.37 -8.93
CA GLN A 74 0.03 -2.13 -9.20
C GLN A 74 0.22 -1.54 -10.60
N GLY A 75 0.20 -0.25 -10.71
CA GLY A 75 0.36 0.40 -12.05
C GLY A 75 -0.74 1.44 -12.23
N ALA A 76 -1.95 1.00 -12.45
CA ALA A 76 -3.07 1.95 -12.64
C ALA A 76 -2.64 3.17 -13.47
N GLU A 77 -2.88 3.14 -14.75
CA GLU A 77 -2.48 4.29 -15.62
C GLU A 77 -3.27 5.54 -15.24
N ILE A 78 -2.79 6.30 -14.29
CA ILE A 78 -3.50 7.55 -13.87
C ILE A 78 -2.47 8.62 -13.56
N ASP A 79 -2.90 9.80 -13.20
CA ASP A 79 -1.92 10.87 -12.89
C ASP A 79 -0.90 10.95 -14.02
N GLY A 80 -1.30 10.59 -15.20
CA GLY A 80 -0.37 10.64 -16.36
C GLY A 80 0.78 9.64 -16.15
N ARG A 81 0.50 8.53 -15.52
CA ARG A 81 1.58 7.52 -15.28
C ARG A 81 1.06 6.39 -14.41
N SER A 82 1.83 5.35 -14.23
CA SER A 82 1.38 4.22 -13.39
C SER A 82 1.93 4.36 -11.98
N VAL A 83 1.23 3.84 -11.01
CA VAL A 83 1.70 3.94 -9.60
C VAL A 83 2.21 2.58 -9.13
N SER A 84 3.30 2.56 -8.41
CA SER A 84 3.86 1.26 -7.92
C SER A 84 3.28 0.92 -6.54
N LEU A 85 3.30 -0.33 -6.18
CA LEU A 85 2.76 -0.73 -4.86
C LEU A 85 3.78 -1.56 -4.09
N TYR A 86 4.17 -1.11 -2.93
CA TYR A 86 5.16 -1.89 -2.13
C TYR A 86 4.50 -2.45 -0.89
N TYR A 87 4.03 -3.66 -0.95
CA TYR A 87 3.36 -4.27 0.22
C TYR A 87 4.24 -4.15 1.46
N THR A 88 3.85 -4.76 2.52
CA THR A 88 4.66 -4.69 3.78
C THR A 88 4.08 -5.63 4.84
N GLY A 89 4.65 -6.80 4.98
CA GLY A 89 4.13 -7.77 6.00
C GLY A 89 3.93 -9.14 5.37
N GLU A 90 4.17 -9.24 4.11
CA GLU A 90 4.00 -10.54 3.40
C GLU A 90 4.80 -10.54 2.10
N LYS A 91 4.80 -9.44 1.40
CA LYS A 91 5.57 -9.34 0.12
C LYS A 91 5.54 -10.69 -0.63
N GLY A 92 4.48 -11.43 -0.47
CA GLY A 92 4.37 -12.74 -1.18
C GLY A 92 4.71 -12.56 -2.65
N GLY A 93 4.92 -13.63 -3.36
CA GLY A 93 5.24 -13.52 -4.81
C GLY A 93 6.31 -12.44 -5.01
N THR A 94 7.56 -12.79 -4.87
CA THR A 94 8.64 -11.77 -5.05
C THR A 94 9.42 -12.06 -6.33
N ARG A 95 8.93 -11.62 -7.46
CA ARG A 95 9.64 -11.87 -8.75
C ARG A 95 11.16 -11.73 -8.56
N GLY A 96 11.89 -12.78 -8.79
CA GLY A 96 13.38 -12.71 -8.63
C GLY A 96 14.05 -13.30 -9.86
N SER A 1 3.77 -31.97 23.89
CA SER A 1 3.75 -30.84 24.87
C SER A 1 3.00 -29.65 24.27
N HIS A 2 1.89 -29.28 24.87
CA HIS A 2 1.12 -28.12 24.34
C HIS A 2 1.57 -26.82 25.03
N MET A 3 2.05 -25.89 24.27
CA MET A 3 2.51 -24.60 24.88
C MET A 3 1.59 -23.46 24.47
N LEU A 4 0.95 -22.83 25.41
CA LEU A 4 0.03 -21.70 25.07
C LEU A 4 0.81 -20.39 24.95
N GLU A 5 1.84 -20.38 24.16
CA GLU A 5 2.64 -19.13 24.00
C GLU A 5 1.83 -18.07 23.26
N ASP A 6 0.66 -18.42 22.79
CA ASP A 6 -0.17 -17.43 22.06
C ASP A 6 0.66 -16.73 20.98
N PRO A 7 0.86 -17.43 19.90
CA PRO A 7 1.64 -16.88 18.76
C PRO A 7 0.78 -15.98 17.88
N CYS A 8 -0.26 -15.41 18.41
CA CYS A 8 -1.13 -14.52 17.59
C CYS A 8 -0.64 -13.07 17.67
N THR A 9 0.58 -12.87 18.09
CA THR A 9 1.11 -11.48 18.19
C THR A 9 0.72 -10.68 16.94
N SER A 10 0.53 -11.36 15.85
CA SER A 10 0.13 -10.65 14.60
C SER A 10 0.94 -9.36 14.44
N LYS A 11 2.21 -9.40 14.74
CA LYS A 11 3.04 -8.18 14.61
C LYS A 11 3.36 -7.91 13.13
N LYS A 12 4.04 -8.81 12.49
CA LYS A 12 4.37 -8.61 11.05
C LYS A 12 3.17 -9.01 10.19
N VAL A 13 2.07 -9.31 10.81
CA VAL A 13 0.85 -9.69 10.04
C VAL A 13 0.01 -8.43 9.80
N ARG A 14 0.15 -7.43 10.64
CA ARG A 14 -0.62 -6.19 10.46
C ARG A 14 -0.12 -5.43 9.22
N ALA A 15 1.16 -5.47 8.97
CA ALA A 15 1.71 -4.76 7.78
C ALA A 15 1.22 -5.44 6.50
N ALA A 16 0.58 -6.57 6.62
CA ALA A 16 0.09 -7.29 5.40
C ALA A 16 -1.14 -6.57 4.83
N ARG A 17 -1.96 -6.02 5.69
CA ARG A 17 -3.18 -5.31 5.20
C ARG A 17 -2.83 -3.89 4.76
N THR A 18 -1.55 -3.59 4.67
CA THR A 18 -1.15 -2.22 4.23
C THR A 18 0.01 -2.30 3.24
N LEU A 19 0.17 -1.30 2.42
CA LEU A 19 1.29 -1.31 1.43
C LEU A 19 1.72 0.12 1.13
N LEU A 20 2.85 0.28 0.49
CA LEU A 20 3.34 1.66 0.17
C LEU A 20 3.21 1.96 -1.32
N ALA A 21 2.44 2.94 -1.68
CA ALA A 21 2.29 3.28 -3.12
C ALA A 21 3.54 4.01 -3.61
N LYS A 22 3.99 3.74 -4.81
CA LYS A 22 5.21 4.43 -5.31
C LYS A 22 5.01 4.88 -6.76
N ASN A 23 5.96 5.61 -7.29
CA ASN A 23 5.83 6.08 -8.70
C ASN A 23 4.69 7.09 -8.81
N LEU A 24 4.25 7.63 -7.72
CA LEU A 24 3.14 8.62 -7.77
C LEU A 24 3.62 9.92 -8.42
N SER A 25 2.90 10.99 -8.24
CA SER A 25 3.32 12.28 -8.86
C SER A 25 3.37 13.37 -7.79
N PHE A 26 3.80 14.55 -8.14
CA PHE A 26 3.86 15.65 -7.15
C PHE A 26 2.48 16.27 -6.97
N ASN A 27 1.53 15.87 -7.77
CA ASN A 27 0.15 16.43 -7.66
C ASN A 27 -0.80 15.39 -7.08
N ILE A 28 -0.71 14.16 -7.51
CA ILE A 28 -1.62 13.12 -6.98
C ILE A 28 -1.77 13.26 -5.45
N THR A 29 -2.75 12.63 -4.88
CA THR A 29 -2.94 12.73 -3.40
C THR A 29 -3.81 11.58 -2.88
N GLU A 30 -4.05 11.55 -1.60
CA GLU A 30 -4.90 10.46 -1.05
C GLU A 30 -6.18 10.34 -1.86
N ASP A 31 -6.67 11.45 -2.36
CA ASP A 31 -7.91 11.41 -3.19
C ASP A 31 -7.71 10.43 -4.34
N GLU A 32 -6.78 10.71 -5.21
CA GLU A 32 -6.52 9.80 -6.35
C GLU A 32 -6.21 8.41 -5.81
N LEU A 33 -5.55 8.35 -4.68
CA LEU A 33 -5.23 7.03 -4.08
C LEU A 33 -6.54 6.41 -3.58
N LYS A 34 -7.45 7.24 -3.15
CA LYS A 34 -8.75 6.72 -2.68
C LYS A 34 -9.58 6.29 -3.87
N GLU A 35 -9.32 6.89 -5.00
CA GLU A 35 -10.06 6.54 -6.24
C GLU A 35 -9.48 5.26 -6.82
N VAL A 36 -8.19 5.07 -6.71
CA VAL A 36 -7.57 3.83 -7.24
C VAL A 36 -7.69 2.72 -6.21
N PHE A 37 -7.54 3.04 -4.96
CA PHE A 37 -7.66 2.02 -3.90
C PHE A 37 -9.00 2.14 -3.18
N GLU A 38 -10.08 2.16 -3.91
CA GLU A 38 -11.42 2.28 -3.26
C GLU A 38 -11.70 1.07 -2.36
N ASP A 39 -10.88 0.07 -2.44
CA ASP A 39 -11.10 -1.14 -1.59
C ASP A 39 -10.24 -1.07 -0.32
N ALA A 40 -9.65 0.06 -0.06
CA ALA A 40 -8.81 0.20 1.16
C ALA A 40 -9.48 1.12 2.18
N LEU A 41 -8.99 1.14 3.39
CA LEU A 41 -9.60 2.03 4.43
C LEU A 41 -9.14 3.47 4.21
N GLU A 42 -7.87 3.65 3.97
CA GLU A 42 -7.34 5.02 3.75
C GLU A 42 -5.94 4.97 3.12
N ILE A 43 -5.46 6.08 2.64
CA ILE A 43 -4.11 6.09 2.02
C ILE A 43 -3.32 7.33 2.45
N ARG A 44 -2.02 7.25 2.46
CA ARG A 44 -1.19 8.40 2.85
C ARG A 44 -0.14 8.66 1.77
N LEU A 45 0.52 9.79 1.81
CA LEU A 45 1.55 10.08 0.77
C LEU A 45 2.95 9.95 1.38
N VAL A 46 3.96 9.90 0.56
CA VAL A 46 5.34 9.78 1.10
C VAL A 46 6.36 10.33 0.11
N SER A 47 7.28 11.12 0.60
CA SER A 47 8.32 11.72 -0.28
C SER A 47 9.70 11.17 0.10
N GLN A 48 10.74 11.74 -0.45
CA GLN A 48 12.11 11.25 -0.13
C GLN A 48 12.48 11.65 1.30
N ASP A 49 13.19 12.74 1.48
CA ASP A 49 13.57 13.17 2.85
C ASP A 49 13.09 14.59 3.11
N GLY A 50 12.60 15.25 2.09
CA GLY A 50 12.11 16.65 2.27
C GLY A 50 11.58 17.16 0.92
N LYS A 51 11.02 16.29 0.13
CA LYS A 51 10.47 16.72 -1.18
C LYS A 51 9.69 15.56 -1.81
N SER A 52 8.47 15.81 -2.21
CA SER A 52 7.64 14.73 -2.82
C SER A 52 8.50 13.80 -3.68
N LYS A 53 8.30 12.53 -3.56
CA LYS A 53 9.10 11.55 -4.36
C LYS A 53 8.17 10.64 -5.15
N GLY A 54 6.93 10.55 -4.75
CA GLY A 54 5.98 9.66 -5.47
C GLY A 54 5.68 8.43 -4.63
N ILE A 55 5.82 8.52 -3.34
CA ILE A 55 5.52 7.34 -2.48
C ILE A 55 4.26 7.59 -1.67
N ALA A 56 3.68 6.56 -1.10
CA ALA A 56 2.44 6.75 -0.30
C ALA A 56 2.13 5.50 0.50
N TYR A 57 1.29 5.60 1.49
CA TYR A 57 0.94 4.40 2.31
C TYR A 57 -0.52 4.01 2.07
N ILE A 58 -0.77 2.77 1.74
CA ILE A 58 -2.18 2.35 1.49
C ILE A 58 -2.60 1.32 2.55
N GLU A 59 -3.63 1.60 3.30
CA GLU A 59 -4.10 0.63 4.33
C GLU A 59 -5.45 0.06 3.93
N PHE A 60 -5.58 -1.23 3.86
CA PHE A 60 -6.89 -1.82 3.48
C PHE A 60 -7.56 -2.45 4.69
N LYS A 61 -8.76 -2.93 4.52
CA LYS A 61 -9.49 -3.56 5.66
C LYS A 61 -8.90 -4.93 5.98
N SER A 62 -8.19 -5.51 5.05
CA SER A 62 -7.58 -6.85 5.31
C SER A 62 -6.48 -7.15 4.29
N GLU A 63 -5.58 -8.04 4.62
CA GLU A 63 -4.49 -8.36 3.67
C GLU A 63 -5.06 -8.70 2.29
N ALA A 64 -6.19 -9.35 2.26
CA ALA A 64 -6.81 -9.70 0.94
C ALA A 64 -7.19 -8.42 0.20
N ASP A 65 -7.72 -7.45 0.90
CA ASP A 65 -8.09 -6.18 0.22
C ASP A 65 -6.82 -5.48 -0.24
N ALA A 66 -5.87 -5.31 0.64
CA ALA A 66 -4.60 -4.65 0.26
C ALA A 66 -3.86 -5.51 -0.77
N GLU A 67 -3.89 -6.80 -0.61
CA GLU A 67 -3.20 -7.69 -1.58
C GLU A 67 -3.99 -7.78 -2.88
N LYS A 68 -5.28 -7.96 -2.78
CA LYS A 68 -6.12 -8.05 -4.00
C LYS A 68 -5.98 -6.74 -4.80
N ASN A 69 -5.97 -5.63 -4.12
CA ASN A 69 -5.83 -4.34 -4.83
C ASN A 69 -4.40 -4.20 -5.36
N LEU A 70 -3.44 -4.36 -4.51
CA LEU A 70 -2.01 -4.25 -4.95
C LEU A 70 -1.82 -5.09 -6.21
N GLU A 71 -2.39 -6.25 -6.25
CA GLU A 71 -2.25 -7.12 -7.46
C GLU A 71 -3.31 -6.77 -8.49
N GLU A 72 -4.48 -6.39 -8.05
CA GLU A 72 -5.57 -6.04 -9.00
C GLU A 72 -5.13 -4.91 -9.94
N LYS A 73 -4.40 -3.95 -9.44
CA LYS A 73 -3.95 -2.83 -10.33
C LYS A 73 -2.43 -2.77 -10.42
N GLN A 74 -1.77 -2.50 -9.33
CA GLN A 74 -0.27 -2.41 -9.35
C GLN A 74 0.19 -1.71 -10.63
N GLY A 75 0.38 -0.42 -10.58
CA GLY A 75 0.81 0.31 -11.80
C GLY A 75 -0.24 1.35 -12.16
N ALA A 76 -1.50 0.99 -12.04
CA ALA A 76 -2.64 1.91 -12.34
C ALA A 76 -2.18 3.17 -13.07
N GLU A 77 -2.42 3.25 -14.35
CA GLU A 77 -2.01 4.46 -15.11
C GLU A 77 -2.81 5.67 -14.64
N ILE A 78 -2.24 6.48 -13.78
CA ILE A 78 -2.98 7.67 -13.28
C ILE A 78 -2.03 8.86 -13.16
N ASP A 79 -2.54 10.01 -12.82
CA ASP A 79 -1.66 11.20 -12.68
C ASP A 79 -0.62 11.22 -13.80
N GLY A 80 -1.02 10.94 -15.00
CA GLY A 80 -0.06 10.94 -16.13
C GLY A 80 1.10 10.00 -15.80
N ARG A 81 0.83 8.92 -15.13
CA ARG A 81 1.93 7.97 -14.77
C ARG A 81 1.35 6.71 -14.12
N SER A 82 2.13 5.69 -13.97
CA SER A 82 1.62 4.44 -13.35
C SER A 82 1.89 4.43 -11.84
N VAL A 83 0.88 4.19 -11.06
CA VAL A 83 1.07 4.15 -9.58
C VAL A 83 1.42 2.72 -9.16
N SER A 84 2.58 2.54 -8.57
CA SER A 84 3.00 1.17 -8.15
C SER A 84 2.69 0.94 -6.67
N LEU A 85 2.53 -0.29 -6.27
CA LEU A 85 2.23 -0.59 -4.84
C LEU A 85 3.38 -1.37 -4.21
N TYR A 86 3.88 -0.93 -3.10
CA TYR A 86 5.00 -1.66 -2.43
C TYR A 86 4.49 -2.29 -1.15
N TYR A 87 4.09 -3.52 -1.21
CA TYR A 87 3.57 -4.21 0.01
C TYR A 87 4.52 -4.00 1.19
N THR A 88 4.20 -4.57 2.30
CA THR A 88 5.08 -4.43 3.51
C THR A 88 4.62 -5.37 4.62
N GLY A 89 4.15 -6.54 4.26
CA GLY A 89 3.69 -7.50 5.30
C GLY A 89 4.33 -8.87 5.07
N GLU A 90 5.16 -8.95 4.09
CA GLU A 90 5.84 -10.24 3.77
C GLU A 90 6.84 -10.04 2.64
N LYS A 91 6.39 -9.53 1.52
CA LYS A 91 7.33 -9.31 0.38
C LYS A 91 8.25 -8.12 0.66
N GLY A 92 7.80 -7.20 1.48
CA GLY A 92 8.65 -6.02 1.80
C GLY A 92 10.08 -6.48 2.11
N GLY A 93 11.05 -5.62 1.89
CA GLY A 93 12.46 -6.01 2.17
C GLY A 93 13.37 -5.44 1.09
N THR A 94 13.48 -4.14 1.02
CA THR A 94 14.36 -3.52 -0.02
C THR A 94 15.25 -2.45 0.61
N ARG A 95 14.77 -1.24 0.69
CA ARG A 95 15.58 -0.15 1.29
C ARG A 95 16.35 -0.66 2.52
N GLY A 96 17.65 -0.53 2.51
CA GLY A 96 18.45 -1.01 3.67
C GLY A 96 19.17 0.17 4.32
N SER A 1 3.14 -29.05 -5.13
CA SER A 1 3.74 -28.49 -3.90
C SER A 1 3.59 -26.97 -3.86
N HIS A 2 2.75 -26.47 -2.99
CA HIS A 2 2.55 -25.01 -2.90
C HIS A 2 3.21 -24.45 -1.64
N MET A 3 2.52 -24.42 -0.55
CA MET A 3 3.11 -23.88 0.72
C MET A 3 2.09 -23.95 1.86
N LEU A 4 2.51 -24.32 3.03
CA LEU A 4 1.57 -24.40 4.18
C LEU A 4 2.33 -24.26 5.50
N GLU A 5 2.60 -23.05 5.91
CA GLU A 5 3.34 -22.84 7.19
C GLU A 5 3.01 -21.46 7.77
N ASP A 6 2.37 -21.43 8.91
CA ASP A 6 2.02 -20.11 9.52
C ASP A 6 3.27 -19.24 9.67
N PRO A 7 3.06 -17.96 9.66
CA PRO A 7 4.19 -17.00 9.79
C PRO A 7 4.72 -16.99 11.24
N CYS A 8 5.41 -15.94 11.61
CA CYS A 8 5.94 -15.87 13.00
C CYS A 8 4.80 -16.00 14.01
N THR A 9 3.71 -15.31 13.79
CA THR A 9 2.56 -15.38 14.73
C THR A 9 1.57 -14.24 14.40
N SER A 10 2.07 -13.07 14.15
CA SER A 10 1.17 -11.93 13.83
C SER A 10 1.99 -10.64 13.63
N LYS A 11 3.19 -10.76 13.16
CA LYS A 11 4.03 -9.55 12.93
C LYS A 11 4.02 -9.20 11.44
N LYS A 12 4.49 -10.10 10.62
CA LYS A 12 4.48 -9.81 9.15
C LYS A 12 3.12 -10.17 8.58
N VAL A 13 2.18 -10.47 9.43
CA VAL A 13 0.81 -10.81 8.94
C VAL A 13 -0.09 -9.58 9.00
N ARG A 14 0.19 -8.68 9.91
CA ARG A 14 -0.64 -7.44 10.00
C ARG A 14 -0.27 -6.48 8.88
N ALA A 15 0.95 -6.54 8.41
CA ALA A 15 1.37 -5.63 7.30
C ALA A 15 0.79 -6.12 5.97
N ALA A 16 0.22 -7.30 5.97
CA ALA A 16 -0.36 -7.84 4.71
C ALA A 16 -1.57 -7.01 4.28
N ARG A 17 -2.25 -6.40 5.21
CA ARG A 17 -3.44 -5.58 4.84
C ARG A 17 -3.02 -4.14 4.54
N THR A 18 -1.78 -3.93 4.21
CA THR A 18 -1.32 -2.54 3.90
C THR A 18 -0.13 -2.59 2.93
N LEU A 19 0.01 -1.59 2.10
CA LEU A 19 1.14 -1.57 1.13
C LEU A 19 1.64 -0.14 0.92
N LEU A 20 2.84 0.01 0.42
CA LEU A 20 3.39 1.37 0.19
C LEU A 20 3.33 1.75 -1.30
N ALA A 21 2.74 2.87 -1.62
CA ALA A 21 2.66 3.28 -3.05
C ALA A 21 3.94 4.04 -3.43
N LYS A 22 4.38 3.88 -4.65
CA LYS A 22 5.63 4.60 -5.07
C LYS A 22 5.52 5.05 -6.53
N ASN A 23 6.47 5.79 -7.00
CA ASN A 23 6.42 6.28 -8.40
C ASN A 23 5.29 7.30 -8.59
N LEU A 24 4.76 7.81 -7.51
CA LEU A 24 3.66 8.81 -7.62
C LEU A 24 4.23 10.15 -8.12
N SER A 25 3.39 10.98 -8.69
CA SER A 25 3.87 12.30 -9.19
C SER A 25 3.70 13.35 -8.11
N PHE A 26 3.68 14.61 -8.49
CA PHE A 26 3.52 15.68 -7.49
C PHE A 26 2.05 16.06 -7.34
N ASN A 27 1.26 15.79 -8.34
CA ASN A 27 -0.19 16.13 -8.27
C ASN A 27 -0.96 14.98 -7.60
N ILE A 28 -0.49 13.78 -7.77
CA ILE A 28 -1.19 12.62 -7.14
C ILE A 28 -1.38 12.85 -5.65
N THR A 29 -2.37 12.24 -5.05
CA THR A 29 -2.59 12.44 -3.59
C THR A 29 -3.49 11.34 -3.02
N GLU A 30 -3.72 11.36 -1.74
CA GLU A 30 -4.61 10.32 -1.14
C GLU A 30 -5.94 10.33 -1.89
N ASP A 31 -6.24 11.42 -2.55
CA ASP A 31 -7.51 11.51 -3.33
C ASP A 31 -7.50 10.45 -4.43
N GLU A 32 -6.62 10.57 -5.38
CA GLU A 32 -6.57 9.56 -6.47
C GLU A 32 -6.20 8.21 -5.87
N LEU A 33 -5.43 8.21 -4.82
CA LEU A 33 -5.07 6.92 -4.17
C LEU A 33 -6.31 6.37 -3.49
N LYS A 34 -7.14 7.23 -2.97
CA LYS A 34 -8.38 6.77 -2.33
C LYS A 34 -9.37 6.35 -3.41
N GLU A 35 -9.24 6.94 -4.56
CA GLU A 35 -10.14 6.59 -5.69
C GLU A 35 -9.67 5.28 -6.33
N VAL A 36 -8.39 5.01 -6.30
CA VAL A 36 -7.88 3.75 -6.88
C VAL A 36 -8.00 2.63 -5.84
N PHE A 37 -7.78 2.96 -4.59
CA PHE A 37 -7.89 1.95 -3.52
C PHE A 37 -9.17 2.15 -2.72
N GLU A 38 -10.25 2.45 -3.39
CA GLU A 38 -11.54 2.67 -2.67
C GLU A 38 -11.81 1.52 -1.69
N ASP A 39 -11.19 0.39 -1.90
CA ASP A 39 -11.41 -0.75 -0.98
C ASP A 39 -10.46 -0.67 0.22
N ALA A 40 -9.49 0.20 0.16
CA ALA A 40 -8.53 0.32 1.30
C ALA A 40 -9.13 1.20 2.40
N LEU A 41 -8.64 1.06 3.61
CA LEU A 41 -9.17 1.89 4.73
C LEU A 41 -8.72 3.33 4.54
N GLU A 42 -7.49 3.53 4.15
CA GLU A 42 -6.99 4.91 3.95
C GLU A 42 -5.59 4.89 3.34
N ILE A 43 -5.15 5.99 2.79
CA ILE A 43 -3.80 6.04 2.17
C ILE A 43 -3.05 7.27 2.66
N ARG A 44 -1.75 7.20 2.70
CA ARG A 44 -0.95 8.36 3.18
C ARG A 44 0.04 8.77 2.07
N LEU A 45 0.54 9.98 2.14
CA LEU A 45 1.50 10.43 1.10
C LEU A 45 2.92 10.38 1.65
N VAL A 46 3.90 10.30 0.80
CA VAL A 46 5.30 10.24 1.30
C VAL A 46 6.26 10.85 0.28
N SER A 47 7.08 11.76 0.72
CA SER A 47 8.06 12.42 -0.18
C SER A 47 9.48 12.28 0.36
N GLN A 48 10.34 13.21 0.06
CA GLN A 48 11.75 13.12 0.56
C GLN A 48 11.89 13.88 1.88
N ASP A 49 10.90 13.81 2.72
CA ASP A 49 10.97 14.53 4.02
C ASP A 49 10.91 16.04 3.81
N GLY A 50 10.71 16.47 2.60
CA GLY A 50 10.64 17.95 2.33
C GLY A 50 10.49 18.20 0.83
N LYS A 51 9.82 17.33 0.13
CA LYS A 51 9.64 17.52 -1.33
C LYS A 51 9.00 16.28 -1.94
N SER A 52 7.88 16.44 -2.60
CA SER A 52 7.19 15.27 -3.22
C SER A 52 8.21 14.28 -3.78
N LYS A 53 8.11 13.05 -3.40
CA LYS A 53 9.07 12.02 -3.90
C LYS A 53 8.32 10.98 -4.71
N GLY A 54 7.03 10.90 -4.53
CA GLY A 54 6.23 9.91 -5.28
C GLY A 54 5.95 8.69 -4.41
N ILE A 55 5.94 8.84 -3.11
CA ILE A 55 5.67 7.68 -2.23
C ILE A 55 4.37 7.89 -1.45
N ALA A 56 3.73 6.85 -1.02
CA ALA A 56 2.46 7.01 -0.26
C ALA A 56 2.11 5.73 0.48
N TYR A 57 1.63 5.83 1.70
CA TYR A 57 1.26 4.61 2.46
C TYR A 57 -0.17 4.20 2.13
N ILE A 58 -0.45 2.93 2.12
CA ILE A 58 -1.83 2.48 1.78
C ILE A 58 -2.22 1.30 2.68
N GLU A 59 -3.26 1.45 3.47
CA GLU A 59 -3.68 0.33 4.35
C GLU A 59 -5.09 -0.14 3.98
N PHE A 60 -5.28 -1.43 3.86
CA PHE A 60 -6.63 -1.95 3.50
C PHE A 60 -7.29 -2.64 4.69
N LYS A 61 -8.51 -3.05 4.54
CA LYS A 61 -9.22 -3.73 5.66
C LYS A 61 -8.51 -5.04 6.01
N SER A 62 -7.78 -5.59 5.09
CA SER A 62 -7.07 -6.87 5.37
C SER A 62 -6.10 -7.20 4.23
N GLU A 63 -5.45 -8.33 4.31
CA GLU A 63 -4.49 -8.70 3.23
C GLU A 63 -5.23 -8.92 1.91
N ALA A 64 -6.36 -9.57 1.95
CA ALA A 64 -7.13 -9.82 0.71
C ALA A 64 -7.53 -8.47 0.09
N ASP A 65 -7.84 -7.51 0.91
CA ASP A 65 -8.22 -6.18 0.36
C ASP A 65 -6.98 -5.51 -0.23
N ALA A 66 -5.94 -5.39 0.54
CA ALA A 66 -4.69 -4.76 0.03
C ALA A 66 -4.08 -5.64 -1.07
N GLU A 67 -4.26 -6.93 -0.97
CA GLU A 67 -3.69 -7.84 -2.00
C GLU A 67 -4.56 -7.81 -3.25
N LYS A 68 -5.86 -7.91 -3.10
CA LYS A 68 -6.77 -7.88 -4.27
C LYS A 68 -6.64 -6.54 -4.99
N ASN A 69 -6.59 -5.47 -4.25
CA ASN A 69 -6.46 -4.13 -4.88
C ASN A 69 -5.03 -3.93 -5.39
N LEU A 70 -4.05 -4.20 -4.57
CA LEU A 70 -2.64 -4.03 -5.01
C LEU A 70 -2.39 -4.83 -6.29
N GLU A 71 -2.94 -6.00 -6.38
CA GLU A 71 -2.73 -6.83 -7.60
C GLU A 71 -3.73 -6.41 -8.69
N GLU A 72 -4.95 -6.14 -8.31
CA GLU A 72 -5.97 -5.74 -9.31
C GLU A 72 -5.77 -4.31 -9.79
N LYS A 73 -4.89 -3.57 -9.15
CA LYS A 73 -4.67 -2.16 -9.59
C LYS A 73 -3.25 -2.00 -10.12
N GLN A 74 -2.28 -2.08 -9.24
CA GLN A 74 -0.84 -1.92 -9.65
C GLN A 74 -0.71 -1.07 -10.91
N GLY A 75 -0.47 0.20 -10.77
CA GLY A 75 -0.34 1.08 -11.98
C GLY A 75 -1.55 2.01 -12.06
N ALA A 76 -2.71 1.46 -12.31
CA ALA A 76 -3.94 2.29 -12.39
C ALA A 76 -3.73 3.48 -13.33
N GLU A 77 -2.78 3.38 -14.22
CA GLU A 77 -2.51 4.49 -15.18
C GLU A 77 -2.66 5.85 -14.49
N ILE A 78 -1.66 6.25 -13.74
CA ILE A 78 -1.74 7.57 -13.03
C ILE A 78 -0.40 8.29 -13.13
N ASP A 79 -0.32 9.50 -12.64
CA ASP A 79 0.97 10.24 -12.71
C ASP A 79 1.58 10.09 -14.10
N GLY A 80 0.76 9.92 -15.10
CA GLY A 80 1.29 9.77 -16.48
C GLY A 80 1.96 8.39 -16.63
N ARG A 81 1.53 7.44 -15.84
CA ARG A 81 2.14 6.08 -15.93
C ARG A 81 1.53 5.16 -14.86
N SER A 82 2.07 3.99 -14.69
CA SER A 82 1.50 3.08 -13.66
C SER A 82 2.16 3.31 -12.31
N VAL A 83 1.38 3.57 -11.29
CA VAL A 83 1.98 3.80 -9.94
C VAL A 83 2.56 2.49 -9.42
N SER A 84 3.59 2.55 -8.61
CA SER A 84 4.19 1.30 -8.10
C SER A 84 3.62 0.96 -6.72
N LEU A 85 3.25 -0.28 -6.52
CA LEU A 85 2.69 -0.68 -5.20
C LEU A 85 3.71 -1.53 -4.44
N TYR A 86 4.05 -1.12 -3.25
CA TYR A 86 5.05 -1.89 -2.46
C TYR A 86 4.40 -2.46 -1.21
N TYR A 87 3.94 -3.67 -1.28
CA TYR A 87 3.31 -4.29 -0.09
C TYR A 87 4.23 -4.20 1.12
N THR A 88 3.90 -4.89 2.17
CA THR A 88 4.76 -4.84 3.39
C THR A 88 4.56 -6.10 4.23
N GLY A 89 4.30 -7.21 3.59
CA GLY A 89 4.08 -8.47 4.36
C GLY A 89 5.34 -9.35 4.30
N GLU A 90 6.34 -8.85 3.67
CA GLU A 90 7.61 -9.62 3.55
C GLU A 90 7.37 -10.93 2.80
N LYS A 91 6.46 -10.94 1.87
CA LYS A 91 6.17 -12.18 1.10
C LYS A 91 6.62 -12.01 -0.35
N GLY A 92 5.94 -11.17 -1.10
CA GLY A 92 6.32 -10.97 -2.53
C GLY A 92 7.84 -10.84 -2.63
N GLY A 93 8.37 -10.91 -3.82
CA GLY A 93 9.84 -10.79 -4.00
C GLY A 93 10.15 -10.00 -5.28
N THR A 94 10.30 -10.69 -6.38
CA THR A 94 10.59 -9.98 -7.66
C THR A 94 11.62 -8.88 -7.44
N ARG A 95 12.85 -9.25 -7.15
CA ARG A 95 13.90 -8.22 -6.91
C ARG A 95 13.35 -7.08 -6.05
N GLY A 96 14.00 -5.95 -6.07
CA GLY A 96 13.51 -4.80 -5.26
C GLY A 96 13.82 -5.05 -3.78
N SER A 1 8.15 8.01 10.15
CA SER A 1 7.76 9.23 10.92
C SER A 1 6.24 9.30 11.07
N HIS A 2 5.74 9.13 12.27
CA HIS A 2 4.26 9.18 12.47
C HIS A 2 3.92 10.22 13.54
N MET A 3 2.88 10.98 13.33
CA MET A 3 2.49 12.01 14.34
C MET A 3 1.29 11.52 15.15
N LEU A 4 0.59 10.54 14.67
CA LEU A 4 -0.59 10.02 15.41
C LEU A 4 -0.17 8.94 16.40
N GLU A 5 -0.65 9.01 17.61
CA GLU A 5 -0.26 7.97 18.62
C GLU A 5 -0.66 6.58 18.14
N ASP A 6 0.30 5.74 17.89
CA ASP A 6 -0.03 4.36 17.40
C ASP A 6 -1.01 3.68 18.36
N PRO A 7 -1.71 2.71 17.84
CA PRO A 7 -2.70 1.96 18.66
C PRO A 7 -1.99 1.03 19.64
N CYS A 8 -2.67 0.03 20.12
CA CYS A 8 -2.04 -0.91 21.10
C CYS A 8 -0.70 -1.40 20.55
N THR A 9 -0.65 -1.73 19.28
CA THR A 9 0.61 -2.21 18.67
C THR A 9 0.37 -2.66 17.23
N SER A 10 -0.34 -3.74 17.05
CA SER A 10 -0.62 -4.23 15.67
C SER A 10 0.63 -4.09 14.80
N LYS A 11 1.64 -4.87 15.05
CA LYS A 11 2.88 -4.78 14.22
C LYS A 11 2.76 -5.68 13.00
N LYS A 12 2.77 -6.97 13.19
CA LYS A 12 2.67 -7.89 12.02
C LYS A 12 1.20 -8.05 11.62
N VAL A 13 0.34 -7.29 12.21
CA VAL A 13 -1.11 -7.38 11.84
C VAL A 13 -1.46 -6.20 10.93
N ARG A 14 -0.77 -5.11 11.08
CA ARG A 14 -1.05 -3.93 10.22
C ARG A 14 -0.33 -4.09 8.89
N ALA A 15 0.86 -4.65 8.91
CA ALA A 15 1.61 -4.84 7.65
C ALA A 15 0.85 -5.77 6.70
N ALA A 16 -0.02 -6.59 7.23
CA ALA A 16 -0.78 -7.52 6.36
C ALA A 16 -1.79 -6.75 5.51
N ARG A 17 -2.65 -6.02 6.15
CA ARG A 17 -3.66 -5.23 5.37
C ARG A 17 -3.07 -3.87 5.01
N THR A 18 -1.76 -3.77 4.94
CA THR A 18 -1.15 -2.45 4.61
C THR A 18 -0.04 -2.61 3.57
N LEU A 19 0.17 -1.62 2.75
CA LEU A 19 1.23 -1.69 1.71
C LEU A 19 1.77 -0.28 1.43
N LEU A 20 2.85 -0.19 0.70
CA LEU A 20 3.43 1.15 0.39
C LEU A 20 3.24 1.52 -1.08
N ALA A 21 2.60 2.62 -1.36
CA ALA A 21 2.40 3.04 -2.77
C ALA A 21 3.60 3.88 -3.24
N LYS A 22 4.04 3.68 -4.45
CA LYS A 22 5.21 4.47 -4.93
C LYS A 22 5.09 4.76 -6.43
N ASN A 23 6.09 5.34 -7.02
CA ASN A 23 6.04 5.65 -8.47
C ASN A 23 4.95 6.70 -8.75
N LEU A 24 4.47 7.34 -7.73
CA LEU A 24 3.41 8.38 -7.93
C LEU A 24 4.03 9.65 -8.51
N SER A 25 3.24 10.67 -8.71
CA SER A 25 3.79 11.93 -9.27
C SER A 25 3.48 13.10 -8.33
N PHE A 26 3.87 14.29 -8.69
CA PHE A 26 3.61 15.46 -7.81
C PHE A 26 2.15 15.92 -7.98
N ASN A 27 1.45 15.33 -8.91
CA ASN A 27 0.03 15.73 -9.14
C ASN A 27 -0.92 14.77 -8.41
N ILE A 28 -0.68 13.49 -8.50
CA ILE A 28 -1.57 12.52 -7.81
C ILE A 28 -1.53 12.74 -6.30
N THR A 29 -2.50 12.24 -5.60
CA THR A 29 -2.52 12.43 -4.11
C THR A 29 -3.40 11.35 -3.44
N GLU A 30 -3.57 11.45 -2.16
CA GLU A 30 -4.43 10.44 -1.46
C GLU A 30 -5.77 10.32 -2.19
N ASP A 31 -6.25 11.41 -2.73
CA ASP A 31 -7.54 11.36 -3.47
C ASP A 31 -7.47 10.28 -4.55
N GLU A 32 -6.55 10.42 -5.46
CA GLU A 32 -6.41 9.40 -6.53
C GLU A 32 -6.09 8.04 -5.90
N LEU A 33 -5.35 8.05 -4.83
CA LEU A 33 -5.03 6.78 -4.14
C LEU A 33 -6.29 6.25 -3.49
N LYS A 34 -7.16 7.13 -3.09
CA LYS A 34 -8.44 6.69 -2.48
C LYS A 34 -9.38 6.24 -3.58
N GLU A 35 -9.21 6.77 -4.74
CA GLU A 35 -10.07 6.38 -5.90
C GLU A 35 -9.59 5.03 -6.44
N VAL A 36 -8.30 4.79 -6.38
CA VAL A 36 -7.77 3.49 -6.88
C VAL A 36 -7.80 2.46 -5.76
N PHE A 37 -7.44 2.86 -4.56
CA PHE A 37 -7.44 1.92 -3.43
C PHE A 37 -8.75 2.06 -2.63
N GLU A 38 -9.85 2.28 -3.31
CA GLU A 38 -11.14 2.44 -2.59
C GLU A 38 -11.46 1.20 -1.75
N ASP A 39 -10.75 0.12 -1.96
CA ASP A 39 -11.00 -1.11 -1.16
C ASP A 39 -10.16 -1.10 0.11
N ALA A 40 -9.50 -0.01 0.40
CA ALA A 40 -8.67 0.04 1.63
C ALA A 40 -9.32 0.95 2.68
N LEU A 41 -8.80 0.95 3.87
CA LEU A 41 -9.38 1.81 4.95
C LEU A 41 -8.97 3.26 4.70
N GLU A 42 -7.72 3.46 4.44
CA GLU A 42 -7.21 4.84 4.20
C GLU A 42 -5.83 4.81 3.54
N ILE A 43 -5.36 5.92 3.08
CA ILE A 43 -4.03 5.95 2.42
C ILE A 43 -3.19 7.12 2.94
N ARG A 44 -1.91 6.93 3.02
CA ARG A 44 -1.02 8.02 3.51
C ARG A 44 -0.04 8.43 2.39
N LEU A 45 0.64 9.53 2.55
CA LEU A 45 1.59 9.97 1.50
C LEU A 45 3.02 9.84 1.98
N VAL A 46 3.97 9.86 1.08
CA VAL A 46 5.39 9.73 1.48
C VAL A 46 6.31 10.34 0.42
N SER A 47 7.23 11.16 0.83
CA SER A 47 8.17 11.82 -0.13
C SER A 47 9.61 11.66 0.33
N GLN A 48 10.48 12.50 -0.16
CA GLN A 48 11.92 12.40 0.25
C GLN A 48 12.15 13.19 1.54
N ASP A 49 13.37 13.58 1.81
CA ASP A 49 13.66 14.34 3.05
C ASP A 49 12.68 15.52 3.20
N GLY A 50 12.21 16.05 2.12
CA GLY A 50 11.25 17.19 2.20
C GLY A 50 10.78 17.57 0.80
N LYS A 51 10.20 16.66 0.08
CA LYS A 51 9.73 16.97 -1.30
C LYS A 51 8.99 15.76 -1.88
N SER A 52 7.84 15.98 -2.44
CA SER A 52 7.06 14.87 -3.02
C SER A 52 7.98 13.90 -3.77
N LYS A 53 8.05 12.69 -3.31
CA LYS A 53 8.92 11.68 -3.99
C LYS A 53 8.05 10.71 -4.78
N GLY A 54 6.78 10.67 -4.47
CA GLY A 54 5.87 9.75 -5.19
C GLY A 54 5.60 8.51 -4.33
N ILE A 55 5.71 8.63 -3.04
CA ILE A 55 5.45 7.44 -2.18
C ILE A 55 4.20 7.68 -1.32
N ALA A 56 3.58 6.64 -0.84
CA ALA A 56 2.37 6.83 0.00
C ALA A 56 2.02 5.53 0.72
N TYR A 57 1.46 5.60 1.89
CA TYR A 57 1.11 4.36 2.63
C TYR A 57 -0.34 3.98 2.31
N ILE A 58 -0.64 2.71 2.27
CA ILE A 58 -2.04 2.29 1.95
C ILE A 58 -2.53 1.31 3.01
N GLU A 59 -3.58 1.67 3.72
CA GLU A 59 -4.14 0.76 4.77
C GLU A 59 -5.41 0.07 4.26
N PHE A 60 -5.48 -1.22 4.33
CA PHE A 60 -6.70 -1.91 3.86
C PHE A 60 -7.40 -2.61 5.02
N LYS A 61 -8.54 -3.16 4.75
CA LYS A 61 -9.30 -3.86 5.84
C LYS A 61 -8.77 -5.29 6.02
N SER A 62 -8.10 -5.81 5.03
CA SER A 62 -7.56 -7.20 5.15
C SER A 62 -6.49 -7.44 4.09
N GLU A 63 -5.62 -8.38 4.32
CA GLU A 63 -4.55 -8.67 3.32
C GLU A 63 -5.17 -8.90 1.94
N ALA A 64 -6.32 -9.53 1.89
CA ALA A 64 -6.97 -9.78 0.58
C ALA A 64 -7.32 -8.44 -0.08
N ASP A 65 -7.77 -7.49 0.69
CA ASP A 65 -8.10 -6.16 0.10
C ASP A 65 -6.81 -5.48 -0.32
N ALA A 66 -5.88 -5.35 0.59
CA ALA A 66 -4.58 -4.70 0.25
C ALA A 66 -3.88 -5.51 -0.85
N GLU A 67 -4.09 -6.80 -0.88
CA GLU A 67 -3.44 -7.63 -1.93
C GLU A 67 -4.18 -7.49 -3.26
N LYS A 68 -5.47 -7.66 -3.24
CA LYS A 68 -6.26 -7.53 -4.51
C LYS A 68 -6.06 -6.14 -5.08
N ASN A 69 -5.95 -5.15 -4.24
CA ASN A 69 -5.75 -3.76 -4.73
C ASN A 69 -4.30 -3.57 -5.17
N LEU A 70 -3.37 -3.90 -4.30
CA LEU A 70 -1.93 -3.73 -4.66
C LEU A 70 -1.58 -4.60 -5.87
N GLU A 71 -2.36 -5.61 -6.13
CA GLU A 71 -2.08 -6.49 -7.30
C GLU A 71 -2.87 -6.02 -8.52
N GLU A 72 -4.12 -5.71 -8.34
CA GLU A 72 -4.95 -5.26 -9.49
C GLU A 72 -4.77 -3.76 -9.73
N LYS A 73 -4.21 -3.04 -8.79
CA LYS A 73 -4.02 -1.57 -8.99
C LYS A 73 -2.57 -1.26 -9.36
N GLN A 74 -1.64 -2.08 -8.93
CA GLN A 74 -0.20 -1.84 -9.25
C GLN A 74 -0.05 -1.27 -10.66
N GLY A 75 -0.04 0.02 -10.79
CA GLY A 75 0.10 0.65 -12.13
C GLY A 75 -0.85 1.85 -12.22
N ALA A 76 -2.14 1.60 -12.18
CA ALA A 76 -3.13 2.72 -12.27
C ALA A 76 -2.65 3.80 -13.23
N GLU A 77 -3.06 3.73 -14.47
CA GLU A 77 -2.62 4.76 -15.46
C GLU A 77 -3.15 6.15 -15.04
N ILE A 78 -2.38 6.89 -14.30
CA ILE A 78 -2.85 8.24 -13.86
C ILE A 78 -1.69 9.24 -13.96
N ASP A 79 -1.96 10.49 -13.72
CA ASP A 79 -0.89 11.52 -13.80
C ASP A 79 0.01 11.24 -15.01
N GLY A 80 -0.57 10.80 -16.09
CA GLY A 80 0.25 10.51 -17.30
C GLY A 80 1.30 9.46 -16.95
N ARG A 81 1.00 8.57 -16.04
CA ARG A 81 2.00 7.53 -15.66
C ARG A 81 1.34 6.47 -14.79
N SER A 82 2.07 5.46 -14.38
CA SER A 82 1.48 4.40 -13.54
C SER A 82 2.13 4.38 -12.16
N VAL A 83 1.39 4.04 -11.14
CA VAL A 83 1.96 3.99 -9.77
C VAL A 83 2.32 2.55 -9.40
N SER A 84 3.24 2.38 -8.49
CA SER A 84 3.63 0.98 -8.10
C SER A 84 3.26 0.72 -6.64
N LEU A 85 2.74 -0.43 -6.35
CA LEU A 85 2.35 -0.74 -4.95
C LEU A 85 3.44 -1.60 -4.29
N TYR A 86 3.73 -1.36 -3.03
CA TYR A 86 4.77 -2.16 -2.34
C TYR A 86 4.24 -2.70 -1.03
N TYR A 87 3.77 -3.91 -1.02
CA TYR A 87 3.23 -4.49 0.24
C TYR A 87 4.26 -4.37 1.35
N THR A 88 4.02 -5.02 2.46
CA THR A 88 4.99 -4.95 3.59
C THR A 88 4.57 -5.89 4.71
N GLY A 89 3.93 -6.97 4.37
CA GLY A 89 3.49 -7.94 5.42
C GLY A 89 3.99 -9.35 5.10
N GLU A 90 4.58 -9.49 3.96
CA GLU A 90 5.11 -10.83 3.55
C GLU A 90 5.60 -10.78 2.10
N LYS A 91 6.10 -9.64 1.67
CA LYS A 91 6.59 -9.54 0.26
C LYS A 91 8.08 -9.19 0.24
N GLY A 92 8.58 -8.60 1.29
CA GLY A 92 10.03 -8.24 1.32
C GLY A 92 10.85 -9.41 0.79
N GLY A 93 12.00 -9.13 0.25
CA GLY A 93 12.86 -10.23 -0.28
C GLY A 93 12.90 -10.15 -1.81
N THR A 94 13.92 -10.69 -2.41
CA THR A 94 14.02 -10.64 -3.90
C THR A 94 14.12 -12.06 -4.47
N ARG A 95 14.91 -12.25 -5.49
CA ARG A 95 15.07 -13.60 -6.09
C ARG A 95 15.91 -13.52 -7.36
N GLY A 96 17.00 -14.24 -7.40
CA GLY A 96 17.86 -14.20 -8.61
C GLY A 96 18.01 -15.62 -9.18
N SER A 1 7.12 -22.70 13.32
CA SER A 1 6.41 -23.17 12.09
C SER A 1 5.01 -22.54 12.01
N HIS A 2 4.17 -23.05 11.16
CA HIS A 2 2.80 -22.49 11.03
C HIS A 2 1.84 -23.23 11.97
N MET A 3 0.58 -22.89 11.93
CA MET A 3 -0.41 -23.57 12.81
C MET A 3 -1.82 -23.11 12.48
N LEU A 4 -2.72 -23.17 13.43
CA LEU A 4 -4.11 -22.73 13.16
C LEU A 4 -4.42 -21.44 13.93
N GLU A 5 -4.77 -20.39 13.23
CA GLU A 5 -5.08 -19.11 13.93
C GLU A 5 -3.82 -18.55 14.58
N ASP A 6 -3.07 -17.74 13.88
CA ASP A 6 -1.83 -17.16 14.47
C ASP A 6 -2.11 -16.64 15.88
N PRO A 7 -1.06 -16.26 16.56
CA PRO A 7 -1.19 -15.73 17.93
C PRO A 7 -1.86 -14.34 17.90
N CYS A 8 -1.67 -13.56 18.93
CA CYS A 8 -2.30 -12.21 18.96
C CYS A 8 -1.29 -11.13 18.55
N THR A 9 -0.03 -11.47 18.48
CA THR A 9 0.98 -10.46 18.10
C THR A 9 0.50 -9.67 16.88
N SER A 10 -0.28 -10.29 16.04
CA SER A 10 -0.79 -9.58 14.83
C SER A 10 0.31 -8.72 14.21
N LYS A 11 1.54 -9.14 14.32
CA LYS A 11 2.65 -8.34 13.73
C LYS A 11 2.73 -8.59 12.22
N LYS A 12 2.61 -9.81 11.79
CA LYS A 12 2.67 -10.10 10.33
C LYS A 12 1.27 -10.09 9.74
N VAL A 13 0.31 -9.61 10.50
CA VAL A 13 -1.08 -9.57 9.99
C VAL A 13 -1.44 -8.13 9.61
N ARG A 14 -0.79 -7.18 10.22
CA ARG A 14 -1.08 -5.75 9.90
C ARG A 14 -0.25 -5.32 8.68
N ALA A 15 0.80 -6.04 8.39
CA ALA A 15 1.65 -5.66 7.23
C ALA A 15 1.01 -6.11 5.92
N ALA A 16 0.17 -7.12 5.98
CA ALA A 16 -0.48 -7.60 4.72
C ALA A 16 -1.80 -6.85 4.48
N ARG A 17 -2.10 -5.91 5.32
CA ARG A 17 -3.35 -5.13 5.13
C ARG A 17 -3.00 -3.78 4.51
N THR A 18 -1.74 -3.47 4.47
CA THR A 18 -1.31 -2.16 3.90
C THR A 18 -0.13 -2.34 2.95
N LEU A 19 0.05 -1.41 2.04
CA LEU A 19 1.19 -1.49 1.08
C LEU A 19 1.73 -0.10 0.79
N LEU A 20 2.95 -0.01 0.34
CA LEU A 20 3.54 1.34 0.06
C LEU A 20 3.39 1.70 -1.43
N ALA A 21 2.65 2.73 -1.73
CA ALA A 21 2.50 3.13 -3.16
C ALA A 21 3.75 3.88 -3.62
N LYS A 22 4.32 3.50 -4.72
CA LYS A 22 5.56 4.18 -5.20
C LYS A 22 5.36 4.68 -6.64
N ASN A 23 6.34 5.37 -7.16
CA ASN A 23 6.24 5.88 -8.55
C ASN A 23 5.17 6.99 -8.63
N LEU A 24 4.74 7.49 -7.50
CA LEU A 24 3.71 8.57 -7.52
C LEU A 24 4.32 9.86 -8.06
N SER A 25 3.50 10.79 -8.47
CA SER A 25 4.04 12.07 -9.00
C SER A 25 3.89 13.19 -7.97
N PHE A 26 4.09 14.41 -8.37
CA PHE A 26 3.96 15.53 -7.41
C PHE A 26 2.50 15.98 -7.32
N ASN A 27 1.70 15.63 -8.29
CA ASN A 27 0.27 16.03 -8.27
C ASN A 27 -0.57 14.97 -7.56
N ILE A 28 -0.27 13.71 -7.78
CA ILE A 28 -1.06 12.63 -7.12
C ILE A 28 -1.34 12.99 -5.65
N THR A 29 -2.25 12.31 -5.03
CA THR A 29 -2.57 12.62 -3.60
C THR A 29 -3.40 11.50 -2.98
N GLU A 30 -3.58 11.52 -1.69
CA GLU A 30 -4.39 10.46 -1.03
C GLU A 30 -5.74 10.35 -1.73
N ASP A 31 -6.26 11.44 -2.20
CA ASP A 31 -7.57 11.39 -2.92
C ASP A 31 -7.44 10.47 -4.13
N GLU A 32 -6.45 10.71 -4.95
CA GLU A 32 -6.25 9.86 -6.14
C GLU A 32 -6.02 8.42 -5.69
N LEU A 33 -5.25 8.23 -4.66
CA LEU A 33 -5.01 6.86 -4.15
C LEU A 33 -6.29 6.36 -3.52
N LYS A 34 -7.06 7.26 -2.97
CA LYS A 34 -8.35 6.85 -2.35
C LYS A 34 -9.33 6.50 -3.46
N GLU A 35 -9.12 7.05 -4.62
CA GLU A 35 -10.00 6.75 -5.77
C GLU A 35 -9.54 5.45 -6.44
N VAL A 36 -8.26 5.21 -6.44
CA VAL A 36 -7.73 3.96 -7.05
C VAL A 36 -7.90 2.81 -6.05
N PHE A 37 -7.74 3.10 -4.78
CA PHE A 37 -7.88 2.05 -3.76
C PHE A 37 -9.17 2.26 -2.97
N GLU A 38 -10.27 2.46 -3.64
CA GLU A 38 -11.55 2.68 -2.91
C GLU A 38 -11.90 1.46 -2.06
N ASP A 39 -11.21 0.36 -2.25
CA ASP A 39 -11.51 -0.86 -1.44
C ASP A 39 -10.67 -0.85 -0.16
N ALA A 40 -9.71 0.04 -0.06
CA ALA A 40 -8.87 0.07 1.16
C ALA A 40 -9.43 1.09 2.17
N LEU A 41 -8.85 1.17 3.33
CA LEU A 41 -9.35 2.13 4.35
C LEU A 41 -8.88 3.54 4.02
N GLU A 42 -7.63 3.69 3.68
CA GLU A 42 -7.10 5.05 3.36
C GLU A 42 -5.64 4.98 2.91
N ILE A 43 -5.15 6.02 2.32
CA ILE A 43 -3.74 6.03 1.86
C ILE A 43 -2.99 7.23 2.44
N ARG A 44 -1.70 7.12 2.56
CA ARG A 44 -0.89 8.24 3.12
C ARG A 44 0.13 8.71 2.08
N LEU A 45 0.51 9.96 2.13
CA LEU A 45 1.50 10.47 1.13
C LEU A 45 2.92 10.33 1.67
N VAL A 46 3.89 10.18 0.81
CA VAL A 46 5.28 10.04 1.29
C VAL A 46 6.27 10.59 0.25
N SER A 47 7.19 11.41 0.71
CA SER A 47 8.19 12.01 -0.22
C SER A 47 9.61 11.71 0.29
N GLN A 48 10.55 12.58 -0.01
CA GLN A 48 11.94 12.35 0.45
C GLN A 48 12.21 13.12 1.75
N ASP A 49 13.42 13.60 1.92
CA ASP A 49 13.75 14.36 3.17
C ASP A 49 12.84 15.58 3.29
N GLY A 50 12.35 16.08 2.18
CA GLY A 50 11.47 17.29 2.24
C GLY A 50 11.06 17.68 0.81
N LYS A 51 10.44 16.78 0.11
CA LYS A 51 10.00 17.10 -1.28
C LYS A 51 9.31 15.89 -1.90
N SER A 52 8.19 16.09 -2.55
CA SER A 52 7.46 14.96 -3.17
C SER A 52 8.43 13.93 -3.75
N LYS A 53 8.27 12.70 -3.39
CA LYS A 53 9.18 11.64 -3.91
C LYS A 53 8.38 10.62 -4.71
N GLY A 54 7.08 10.64 -4.56
CA GLY A 54 6.24 9.69 -5.32
C GLY A 54 5.96 8.46 -4.45
N ILE A 55 5.89 8.62 -3.15
CA ILE A 55 5.61 7.43 -2.29
C ILE A 55 4.34 7.69 -1.47
N ALA A 56 3.63 6.65 -1.11
CA ALA A 56 2.39 6.86 -0.31
C ALA A 56 2.00 5.55 0.39
N TYR A 57 1.61 5.64 1.63
CA TYR A 57 1.22 4.42 2.37
C TYR A 57 -0.24 4.06 2.04
N ILE A 58 -0.55 2.80 1.95
CA ILE A 58 -1.95 2.42 1.61
C ILE A 58 -2.40 1.28 2.53
N GLU A 59 -3.41 1.50 3.32
CA GLU A 59 -3.90 0.43 4.24
C GLU A 59 -5.31 0.00 3.85
N PHE A 60 -5.53 -1.29 3.72
CA PHE A 60 -6.88 -1.78 3.33
C PHE A 60 -7.62 -2.31 4.55
N LYS A 61 -8.85 -2.72 4.37
CA LYS A 61 -9.63 -3.26 5.52
C LYS A 61 -9.36 -4.76 5.68
N SER A 62 -8.65 -5.34 4.76
CA SER A 62 -8.36 -6.80 4.86
C SER A 62 -7.20 -7.18 3.94
N GLU A 63 -6.42 -8.16 4.32
CA GLU A 63 -5.28 -8.58 3.47
C GLU A 63 -5.77 -8.84 2.04
N ALA A 64 -6.89 -9.48 1.90
CA ALA A 64 -7.42 -9.75 0.53
C ALA A 64 -7.71 -8.43 -0.18
N ASP A 65 -8.13 -7.44 0.55
CA ASP A 65 -8.40 -6.13 -0.09
C ASP A 65 -7.08 -5.50 -0.53
N ALA A 66 -6.15 -5.38 0.38
CA ALA A 66 -4.83 -4.81 0.02
C ALA A 66 -4.13 -5.70 -1.01
N GLU A 67 -4.28 -7.00 -0.88
CA GLU A 67 -3.62 -7.92 -1.84
C GLU A 67 -4.38 -7.93 -3.18
N LYS A 68 -5.68 -8.03 -3.13
CA LYS A 68 -6.47 -8.03 -4.39
C LYS A 68 -6.24 -6.73 -5.15
N ASN A 69 -6.19 -5.64 -4.44
CA ASN A 69 -5.95 -4.33 -5.12
C ASN A 69 -4.50 -4.22 -5.57
N LEU A 70 -3.58 -4.53 -4.68
CA LEU A 70 -2.14 -4.45 -5.05
C LEU A 70 -1.82 -5.42 -6.18
N GLU A 71 -2.59 -6.46 -6.32
CA GLU A 71 -2.32 -7.46 -7.40
C GLU A 71 -3.29 -7.23 -8.57
N GLU A 72 -4.38 -6.55 -8.34
CA GLU A 72 -5.34 -6.31 -9.45
C GLU A 72 -5.21 -4.89 -10.00
N LYS A 73 -4.43 -4.05 -9.37
CA LYS A 73 -4.28 -2.66 -9.89
C LYS A 73 -2.84 -2.40 -10.28
N GLN A 74 -1.96 -2.35 -9.32
CA GLN A 74 -0.51 -2.10 -9.60
C GLN A 74 -0.35 -1.15 -10.80
N GLY A 75 -0.21 0.12 -10.55
CA GLY A 75 -0.05 1.09 -11.67
C GLY A 75 -1.39 1.78 -11.94
N ALA A 76 -2.40 1.02 -12.30
CA ALA A 76 -3.74 1.62 -12.57
C ALA A 76 -3.61 2.95 -13.33
N GLU A 77 -2.54 3.12 -14.05
CA GLU A 77 -2.33 4.39 -14.83
C GLU A 77 -3.02 5.60 -14.19
N ILE A 78 -2.29 6.36 -13.41
CA ILE A 78 -2.89 7.58 -12.77
C ILE A 78 -1.88 8.71 -12.81
N ASP A 79 -2.28 9.88 -12.43
CA ASP A 79 -1.31 11.01 -12.45
C ASP A 79 -0.54 11.02 -13.76
N GLY A 80 -1.14 10.51 -14.81
CA GLY A 80 -0.44 10.48 -16.13
C GLY A 80 0.62 9.38 -16.14
N ARG A 81 0.65 8.56 -15.12
CA ARG A 81 1.67 7.47 -15.07
C ARG A 81 1.14 6.29 -14.23
N SER A 82 1.83 5.18 -14.25
CA SER A 82 1.35 4.02 -13.45
C SER A 82 1.94 4.08 -12.03
N VAL A 83 1.10 3.95 -11.03
CA VAL A 83 1.62 4.00 -9.64
C VAL A 83 2.14 2.63 -9.20
N SER A 84 3.22 2.59 -8.47
CA SER A 84 3.77 1.28 -8.02
C SER A 84 3.22 0.92 -6.64
N LEU A 85 3.03 -0.36 -6.39
CA LEU A 85 2.50 -0.77 -5.06
C LEU A 85 3.53 -1.64 -4.33
N TYR A 86 4.03 -1.18 -3.22
CA TYR A 86 5.03 -1.98 -2.46
C TYR A 86 4.41 -2.50 -1.17
N TYR A 87 3.87 -3.68 -1.22
CA TYR A 87 3.25 -4.26 0.00
C TYR A 87 4.24 -4.24 1.16
N THR A 88 3.92 -4.91 2.22
CA THR A 88 4.84 -4.93 3.40
C THR A 88 4.59 -6.18 4.25
N GLY A 89 4.25 -7.27 3.62
CA GLY A 89 4.01 -8.52 4.38
C GLY A 89 5.05 -9.55 4.00
N GLU A 90 5.98 -9.76 4.87
CA GLU A 90 7.07 -10.74 4.60
C GLU A 90 7.93 -10.29 3.42
N LYS A 91 7.73 -9.08 2.96
CA LYS A 91 8.54 -8.58 1.81
C LYS A 91 9.46 -7.45 2.26
N GLY A 92 8.90 -6.30 2.57
CA GLY A 92 9.75 -5.16 3.01
C GLY A 92 10.97 -5.04 2.10
N GLY A 93 12.02 -4.44 2.56
CA GLY A 93 13.24 -4.29 1.73
C GLY A 93 13.82 -2.87 1.90
N THR A 94 14.09 -2.48 3.11
CA THR A 94 14.65 -1.12 3.34
C THR A 94 16.19 -1.17 3.28
N ARG A 95 16.76 -0.56 2.28
CA ARG A 95 18.24 -0.55 2.16
C ARG A 95 18.78 -1.98 2.29
N GLY A 96 19.07 -2.62 1.18
CA GLY A 96 19.60 -4.01 1.25
C GLY A 96 18.43 -5.00 1.36
N SER A 1 8.64 -28.85 17.66
CA SER A 1 8.68 -27.52 17.02
C SER A 1 7.78 -26.53 17.79
N HIS A 2 8.34 -25.84 18.75
CA HIS A 2 7.52 -24.88 19.54
C HIS A 2 7.88 -23.45 19.16
N MET A 3 7.29 -22.47 19.81
CA MET A 3 7.61 -21.05 19.48
C MET A 3 7.48 -20.18 20.72
N LEU A 4 7.97 -18.97 20.67
CA LEU A 4 7.88 -18.07 21.85
C LEU A 4 6.50 -17.44 21.94
N GLU A 5 6.31 -16.30 21.32
CA GLU A 5 4.98 -15.64 21.37
C GLU A 5 4.01 -16.34 20.41
N ASP A 6 3.60 -17.53 20.72
CA ASP A 6 2.66 -18.27 19.83
C ASP A 6 1.42 -17.43 19.53
N PRO A 7 0.88 -16.82 20.56
CA PRO A 7 -0.33 -15.98 20.40
C PRO A 7 0.02 -14.59 19.87
N CYS A 8 1.18 -14.43 19.29
CA CYS A 8 1.56 -13.10 18.75
C CYS A 8 2.33 -13.27 17.44
N THR A 9 2.44 -14.47 16.95
CA THR A 9 3.18 -14.71 15.68
C THR A 9 2.68 -13.77 14.58
N SER A 10 1.50 -13.23 14.74
CA SER A 10 0.95 -12.32 13.69
C SER A 10 1.64 -10.96 13.74
N LYS A 11 2.95 -10.94 13.73
CA LYS A 11 3.67 -9.63 13.77
C LYS A 11 3.78 -9.08 12.34
N LYS A 12 4.31 -9.86 11.45
CA LYS A 12 4.42 -9.39 10.04
C LYS A 12 3.08 -9.56 9.33
N VAL A 13 2.08 -9.96 10.06
CA VAL A 13 0.73 -10.16 9.46
C VAL A 13 -0.02 -8.82 9.47
N ARG A 14 0.33 -7.96 10.38
CA ARG A 14 -0.35 -6.63 10.44
C ARG A 14 0.06 -5.78 9.24
N ALA A 15 1.33 -5.71 8.95
CA ALA A 15 1.79 -4.91 7.78
C ALA A 15 1.41 -5.60 6.48
N ALA A 16 0.85 -6.78 6.57
CA ALA A 16 0.46 -7.51 5.34
C ALA A 16 -0.83 -6.91 4.75
N ARG A 17 -1.59 -6.24 5.56
CA ARG A 17 -2.86 -5.64 5.05
C ARG A 17 -2.62 -4.17 4.66
N THR A 18 -1.41 -3.81 4.38
CA THR A 18 -1.11 -2.41 3.99
C THR A 18 0.11 -2.34 3.08
N LEU A 19 0.00 -1.66 1.97
CA LEU A 19 1.16 -1.53 1.05
C LEU A 19 1.44 -0.06 0.75
N LEU A 20 2.66 0.27 0.42
CA LEU A 20 3.01 1.69 0.15
C LEU A 20 2.89 2.01 -1.34
N ALA A 21 2.14 3.02 -1.70
CA ALA A 21 2.00 3.38 -3.13
C ALA A 21 3.24 4.16 -3.58
N LYS A 22 3.79 3.83 -4.71
CA LYS A 22 5.00 4.56 -5.19
C LYS A 22 4.88 4.87 -6.68
N ASN A 23 5.91 5.46 -7.24
CA ASN A 23 5.85 5.79 -8.69
C ASN A 23 4.64 6.69 -8.99
N LEU A 24 4.07 7.27 -7.97
CA LEU A 24 2.89 8.16 -8.19
C LEU A 24 3.32 9.47 -8.85
N SER A 25 2.69 10.55 -8.51
CA SER A 25 3.06 11.86 -9.11
C SER A 25 3.21 12.92 -8.01
N PHE A 26 3.34 14.16 -8.39
CA PHE A 26 3.50 15.24 -7.38
C PHE A 26 2.14 15.87 -7.08
N ASN A 27 1.25 15.88 -8.03
CA ASN A 27 -0.09 16.48 -7.80
C ASN A 27 -1.05 15.45 -7.20
N ILE A 28 -0.82 14.18 -7.46
CA ILE A 28 -1.73 13.13 -6.90
C ILE A 28 -1.83 13.28 -5.38
N THR A 29 -2.92 12.82 -4.81
CA THR A 29 -3.09 12.94 -3.33
C THR A 29 -3.96 11.80 -2.80
N GLU A 30 -4.31 11.84 -1.55
CA GLU A 30 -5.16 10.77 -0.96
C GLU A 30 -6.44 10.61 -1.81
N ASP A 31 -6.93 11.69 -2.35
CA ASP A 31 -8.15 11.60 -3.19
C ASP A 31 -7.92 10.60 -4.32
N GLU A 32 -6.97 10.87 -5.17
CA GLU A 32 -6.69 9.93 -6.29
C GLU A 32 -6.33 8.56 -5.72
N LEU A 33 -5.66 8.54 -4.59
CA LEU A 33 -5.31 7.25 -3.96
C LEU A 33 -6.58 6.61 -3.43
N LYS A 34 -7.52 7.43 -3.05
CA LYS A 34 -8.81 6.88 -2.55
C LYS A 34 -9.64 6.44 -3.74
N GLU A 35 -9.39 7.02 -4.87
CA GLU A 35 -10.13 6.64 -6.10
C GLU A 35 -9.52 5.37 -6.69
N VAL A 36 -8.24 5.20 -6.52
CA VAL A 36 -7.56 3.98 -7.06
C VAL A 36 -7.75 2.84 -6.05
N PHE A 37 -7.72 3.16 -4.79
CA PHE A 37 -7.89 2.11 -3.76
C PHE A 37 -9.19 2.34 -2.98
N GLU A 38 -10.31 2.14 -3.62
CA GLU A 38 -11.62 2.34 -2.92
C GLU A 38 -11.99 1.11 -2.11
N ASP A 39 -11.06 0.22 -1.90
CA ASP A 39 -11.37 -1.02 -1.12
C ASP A 39 -10.43 -1.12 0.09
N ALA A 40 -9.81 -0.04 0.47
CA ALA A 40 -8.88 -0.10 1.63
C ALA A 40 -9.44 0.73 2.80
N LEU A 41 -8.79 0.70 3.93
CA LEU A 41 -9.27 1.48 5.09
C LEU A 41 -8.88 2.94 4.95
N GLU A 42 -7.65 3.21 4.63
CA GLU A 42 -7.20 4.62 4.47
C GLU A 42 -5.90 4.68 3.67
N ILE A 43 -5.57 5.84 3.17
CA ILE A 43 -4.32 5.99 2.38
C ILE A 43 -3.55 7.23 2.82
N ARG A 44 -2.24 7.17 2.76
CA ARG A 44 -1.41 8.33 3.18
C ARG A 44 -0.40 8.63 2.06
N LEU A 45 0.22 9.78 2.10
CA LEU A 45 1.22 10.11 1.03
C LEU A 45 2.64 10.01 1.58
N VAL A 46 3.62 9.98 0.72
CA VAL A 46 5.02 9.87 1.21
C VAL A 46 6.01 10.45 0.18
N SER A 47 6.97 11.17 0.65
CA SER A 47 7.99 11.78 -0.25
C SER A 47 9.36 11.16 -0.01
N GLN A 48 10.39 11.75 -0.55
CA GLN A 48 11.76 11.19 -0.36
C GLN A 48 12.29 11.56 1.02
N ASP A 49 11.98 12.74 1.48
CA ASP A 49 12.45 13.20 2.82
C ASP A 49 12.22 14.70 2.95
N GLY A 50 12.21 15.38 1.84
CA GLY A 50 11.99 16.85 1.87
C GLY A 50 11.42 17.30 0.52
N LYS A 51 10.78 16.40 -0.18
CA LYS A 51 10.20 16.76 -1.51
C LYS A 51 9.35 15.59 -2.01
N SER A 52 8.14 15.86 -2.41
CA SER A 52 7.26 14.77 -2.91
C SER A 52 8.06 13.81 -3.80
N LYS A 53 7.88 12.54 -3.62
CA LYS A 53 8.61 11.55 -4.45
C LYS A 53 7.61 10.62 -5.14
N GLY A 54 6.36 10.74 -4.79
CA GLY A 54 5.33 9.87 -5.41
C GLY A 54 5.11 8.63 -4.54
N ILE A 55 5.34 8.72 -3.26
CA ILE A 55 5.13 7.53 -2.39
C ILE A 55 3.89 7.73 -1.53
N ALA A 56 3.34 6.69 -0.97
CA ALA A 56 2.11 6.85 -0.15
C ALA A 56 1.86 5.60 0.69
N TYR A 57 1.28 5.75 1.85
CA TYR A 57 0.99 4.56 2.71
C TYR A 57 -0.48 4.17 2.54
N ILE A 58 -0.75 2.99 2.05
CA ILE A 58 -2.16 2.58 1.86
C ILE A 58 -2.46 1.32 2.67
N GLU A 59 -3.44 1.37 3.54
CA GLU A 59 -3.78 0.17 4.36
C GLU A 59 -5.19 -0.32 4.02
N PHE A 60 -5.34 -1.59 3.80
CA PHE A 60 -6.69 -2.13 3.46
C PHE A 60 -7.29 -2.88 4.66
N LYS A 61 -8.51 -3.31 4.53
CA LYS A 61 -9.17 -4.04 5.66
C LYS A 61 -8.35 -5.28 6.03
N SER A 62 -7.50 -5.72 5.15
CA SER A 62 -6.68 -6.92 5.46
C SER A 62 -5.75 -7.23 4.28
N GLU A 63 -4.88 -8.20 4.44
CA GLU A 63 -3.95 -8.54 3.33
C GLU A 63 -4.74 -8.93 2.08
N ALA A 64 -5.87 -9.56 2.25
CA ALA A 64 -6.68 -9.96 1.07
C ALA A 64 -7.18 -8.72 0.33
N ASP A 65 -7.67 -7.75 1.05
CA ASP A 65 -8.15 -6.51 0.39
C ASP A 65 -6.95 -5.77 -0.22
N ALA A 66 -5.92 -5.58 0.56
CA ALA A 66 -4.71 -4.88 0.05
C ALA A 66 -4.06 -5.71 -1.07
N GLU A 67 -4.14 -7.01 -1.00
CA GLU A 67 -3.54 -7.85 -2.06
C GLU A 67 -4.34 -7.71 -3.35
N LYS A 68 -5.64 -7.89 -3.27
CA LYS A 68 -6.48 -7.77 -4.49
C LYS A 68 -6.36 -6.34 -5.04
N ASN A 69 -6.30 -5.37 -4.17
CA ASN A 69 -6.18 -3.97 -4.65
C ASN A 69 -4.75 -3.70 -5.10
N LEU A 70 -3.79 -4.00 -4.27
CA LEU A 70 -2.37 -3.77 -4.66
C LEU A 70 -2.09 -4.45 -6.00
N GLU A 71 -2.69 -5.58 -6.23
CA GLU A 71 -2.47 -6.29 -7.52
C GLU A 71 -3.32 -5.65 -8.61
N GLU A 72 -4.54 -5.30 -8.28
CA GLU A 72 -5.43 -4.67 -9.29
C GLU A 72 -4.99 -3.22 -9.54
N LYS A 73 -4.44 -2.57 -8.55
CA LYS A 73 -3.99 -1.17 -8.74
C LYS A 73 -2.54 -1.13 -9.23
N GLN A 74 -1.74 -2.10 -8.83
CA GLN A 74 -0.31 -2.14 -9.26
C GLN A 74 -0.18 -1.65 -10.71
N GLY A 75 0.06 -0.38 -10.88
CA GLY A 75 0.19 0.16 -12.27
C GLY A 75 -0.70 1.40 -12.41
N ALA A 76 -1.99 1.22 -12.28
CA ALA A 76 -2.96 2.36 -12.38
C ALA A 76 -2.39 3.54 -13.18
N GLU A 77 -2.82 3.70 -14.40
CA GLU A 77 -2.31 4.83 -15.23
C GLU A 77 -2.49 6.16 -14.48
N ILE A 78 -1.45 6.65 -13.87
CA ILE A 78 -1.54 7.93 -13.13
C ILE A 78 -0.20 8.64 -13.20
N ASP A 79 -0.08 9.81 -12.63
CA ASP A 79 1.22 10.52 -12.67
C ASP A 79 1.81 10.44 -14.09
N GLY A 80 0.97 10.34 -15.08
CA GLY A 80 1.46 10.26 -16.48
C GLY A 80 2.19 8.93 -16.68
N ARG A 81 2.08 8.04 -15.74
CA ARG A 81 2.75 6.71 -15.88
C ARG A 81 2.00 5.67 -15.04
N SER A 82 2.65 4.61 -14.68
CA SER A 82 1.97 3.57 -13.86
C SER A 82 2.42 3.67 -12.40
N VAL A 83 1.49 3.79 -11.49
CA VAL A 83 1.86 3.88 -10.05
C VAL A 83 2.30 2.50 -9.55
N SER A 84 3.24 2.46 -8.64
CA SER A 84 3.72 1.13 -8.14
C SER A 84 3.24 0.89 -6.71
N LEU A 85 2.98 -0.34 -6.36
CA LEU A 85 2.52 -0.65 -4.98
C LEU A 85 3.64 -1.35 -4.21
N TYR A 86 4.06 -0.78 -3.11
CA TYR A 86 5.15 -1.42 -2.32
C TYR A 86 4.58 -2.04 -1.04
N TYR A 87 4.29 -3.29 -1.07
CA TYR A 87 3.73 -3.96 0.13
C TYR A 87 4.63 -3.70 1.34
N THR A 88 4.38 -4.40 2.41
CA THR A 88 5.21 -4.21 3.64
C THR A 88 4.86 -5.28 4.68
N GLY A 89 5.58 -6.36 4.69
CA GLY A 89 5.29 -7.43 5.68
C GLY A 89 5.03 -8.75 4.97
N GLU A 90 5.09 -8.72 3.68
CA GLU A 90 4.86 -9.95 2.88
C GLU A 90 6.00 -10.15 1.87
N LYS A 91 6.45 -9.09 1.26
CA LYS A 91 7.55 -9.22 0.27
C LYS A 91 8.89 -8.82 0.92
N GLY A 92 8.84 -7.94 1.88
CA GLY A 92 10.12 -7.51 2.55
C GLY A 92 11.19 -7.24 1.49
N GLY A 93 12.43 -7.25 1.89
CA GLY A 93 13.52 -6.99 0.90
C GLY A 93 13.90 -8.30 0.20
N THR A 94 14.37 -8.22 -1.01
CA THR A 94 14.76 -9.47 -1.74
C THR A 94 15.66 -9.11 -2.93
N ARG A 95 15.58 -9.85 -3.99
CA ARG A 95 16.43 -9.57 -5.18
C ARG A 95 16.34 -10.74 -6.18
N GLY A 96 16.43 -10.44 -7.45
CA GLY A 96 16.35 -11.53 -8.46
C GLY A 96 15.66 -11.00 -9.73
N SER A 1 -7.80 6.64 25.14
CA SER A 1 -8.26 5.90 23.92
C SER A 1 -9.07 4.67 24.32
N HIS A 2 -9.22 4.43 25.59
CA HIS A 2 -10.00 3.24 26.04
C HIS A 2 -9.57 1.99 25.26
N MET A 3 -8.69 1.22 25.82
CA MET A 3 -8.21 -0.01 25.12
C MET A 3 -7.74 -1.05 26.13
N LEU A 4 -7.43 -2.24 25.67
CA LEU A 4 -6.96 -3.29 26.61
C LEU A 4 -5.43 -3.39 26.58
N GLU A 5 -4.90 -4.58 26.62
CA GLU A 5 -3.42 -4.72 26.58
C GLU A 5 -2.84 -4.13 25.29
N ASP A 6 -1.86 -4.76 24.71
CA ASP A 6 -1.27 -4.22 23.45
C ASP A 6 -2.38 -3.76 22.51
N PRO A 7 -2.26 -2.54 22.05
CA PRO A 7 -3.27 -1.96 21.13
C PRO A 7 -2.99 -2.39 19.68
N CYS A 8 -2.35 -3.51 19.48
CA CYS A 8 -2.07 -3.97 18.10
C CYS A 8 -2.53 -5.42 17.91
N THR A 9 -1.80 -6.36 18.46
CA THR A 9 -2.19 -7.79 18.32
C THR A 9 -1.98 -8.28 16.88
N SER A 10 -1.47 -7.43 16.04
CA SER A 10 -1.24 -7.84 14.62
C SER A 10 0.05 -7.20 14.08
N LYS A 11 1.12 -7.30 14.82
CA LYS A 11 2.40 -6.70 14.35
C LYS A 11 2.66 -7.10 12.89
N LYS A 12 3.04 -8.32 12.65
CA LYS A 12 3.30 -8.76 11.26
C LYS A 12 1.98 -9.10 10.57
N VAL A 13 0.88 -8.83 11.21
CA VAL A 13 -0.44 -9.12 10.60
C VAL A 13 -1.03 -7.81 10.06
N ARG A 14 -0.58 -6.69 10.58
CA ARG A 14 -1.10 -5.39 10.10
C ARG A 14 -0.38 -5.00 8.81
N ALA A 15 0.84 -5.41 8.65
CA ALA A 15 1.60 -5.06 7.42
C ALA A 15 1.08 -5.89 6.23
N ALA A 16 0.22 -6.85 6.49
CA ALA A 16 -0.31 -7.69 5.38
C ALA A 16 -1.45 -6.96 4.67
N ARG A 17 -2.27 -6.27 5.40
CA ARG A 17 -3.40 -5.53 4.75
C ARG A 17 -2.96 -4.11 4.42
N THR A 18 -1.68 -3.90 4.23
CA THR A 18 -1.20 -2.52 3.91
C THR A 18 -0.01 -2.59 2.95
N LEU A 19 0.17 -1.58 2.14
CA LEU A 19 1.32 -1.57 1.18
C LEU A 19 1.81 -0.14 0.97
N LEU A 20 3.04 0.01 0.57
CA LEU A 20 3.60 1.37 0.34
C LEU A 20 3.46 1.77 -1.13
N ALA A 21 2.79 2.86 -1.40
CA ALA A 21 2.64 3.29 -2.82
C ALA A 21 3.94 3.93 -3.31
N LYS A 22 4.29 3.73 -4.54
CA LYS A 22 5.55 4.34 -5.05
C LYS A 22 5.36 4.89 -6.46
N ASN A 23 6.34 5.56 -6.99
CA ASN A 23 6.22 6.12 -8.36
C ASN A 23 5.14 7.20 -8.41
N LEU A 24 4.68 7.63 -7.28
CA LEU A 24 3.63 8.70 -7.25
C LEU A 24 4.22 10.00 -7.80
N SER A 25 3.42 10.76 -8.51
CA SER A 25 3.94 12.04 -9.08
C SER A 25 3.59 13.20 -8.14
N PHE A 26 3.89 14.40 -8.56
CA PHE A 26 3.58 15.57 -7.72
C PHE A 26 2.13 16.01 -7.91
N ASN A 27 1.47 15.45 -8.89
CA ASN A 27 0.05 15.82 -9.14
C ASN A 27 -0.88 14.89 -8.37
N ILE A 28 -0.58 13.62 -8.36
CA ILE A 28 -1.45 12.66 -7.63
C ILE A 28 -1.75 13.21 -6.22
N THR A 29 -2.57 12.53 -5.48
CA THR A 29 -2.90 13.01 -4.10
C THR A 29 -3.68 11.95 -3.33
N GLU A 30 -4.07 12.25 -2.12
CA GLU A 30 -4.84 11.26 -1.31
C GLU A 30 -6.08 10.80 -2.10
N ASP A 31 -6.71 11.71 -2.78
CA ASP A 31 -7.91 11.34 -3.57
C ASP A 31 -7.53 10.33 -4.65
N GLU A 32 -6.41 10.53 -5.29
CA GLU A 32 -5.97 9.58 -6.34
C GLU A 32 -5.65 8.22 -5.71
N LEU A 33 -4.90 8.24 -4.65
CA LEU A 33 -4.56 6.96 -3.97
C LEU A 33 -5.81 6.44 -3.27
N LYS A 34 -6.65 7.34 -2.82
CA LYS A 34 -7.90 6.90 -2.16
C LYS A 34 -8.92 6.52 -3.22
N GLU A 35 -8.74 7.02 -4.40
CA GLU A 35 -9.66 6.68 -5.51
C GLU A 35 -9.22 5.37 -6.16
N VAL A 36 -7.94 5.10 -6.14
CA VAL A 36 -7.44 3.83 -6.72
C VAL A 36 -7.57 2.71 -5.69
N PHE A 37 -7.26 3.02 -4.46
CA PHE A 37 -7.35 2.00 -3.39
C PHE A 37 -8.72 2.11 -2.70
N GLU A 38 -9.74 2.49 -3.41
CA GLU A 38 -11.08 2.62 -2.81
C GLU A 38 -11.41 1.39 -1.96
N ASP A 39 -10.77 0.28 -2.24
CA ASP A 39 -11.05 -0.96 -1.44
C ASP A 39 -10.17 -0.98 -0.18
N ALA A 40 -9.40 0.04 0.03
CA ALA A 40 -8.52 0.08 1.23
C ALA A 40 -9.21 0.84 2.37
N LEU A 41 -8.52 1.09 3.45
CA LEU A 41 -9.12 1.82 4.58
C LEU A 41 -8.57 3.24 4.64
N GLU A 42 -7.28 3.37 4.62
CA GLU A 42 -6.66 4.72 4.68
C GLU A 42 -5.51 4.85 3.68
N ILE A 43 -5.15 6.06 3.36
CA ILE A 43 -4.04 6.28 2.38
C ILE A 43 -2.99 7.22 2.99
N ARG A 44 -1.75 7.02 2.66
CA ARG A 44 -0.68 7.90 3.20
C ARG A 44 0.27 8.32 2.08
N LEU A 45 0.89 9.46 2.21
CA LEU A 45 1.82 9.93 1.16
C LEU A 45 3.25 10.01 1.71
N VAL A 46 4.23 9.75 0.90
CA VAL A 46 5.63 9.80 1.39
C VAL A 46 6.54 10.48 0.37
N SER A 47 7.24 11.49 0.81
CA SER A 47 8.17 12.25 -0.09
C SER A 47 9.61 12.10 0.39
N GLN A 48 10.48 12.98 -0.03
CA GLN A 48 11.89 12.88 0.39
C GLN A 48 12.10 13.64 1.70
N ASP A 49 11.13 13.61 2.57
CA ASP A 49 11.27 14.34 3.87
C ASP A 49 11.39 15.84 3.61
N GLY A 50 10.86 16.30 2.52
CA GLY A 50 10.94 17.76 2.21
C GLY A 50 10.17 18.09 0.92
N LYS A 51 10.05 17.14 0.02
CA LYS A 51 9.30 17.42 -1.23
C LYS A 51 8.77 16.12 -1.82
N SER A 52 7.61 16.16 -2.43
CA SER A 52 7.03 14.92 -3.01
C SER A 52 8.12 14.06 -3.64
N LYS A 53 8.11 12.79 -3.35
CA LYS A 53 9.15 11.89 -3.91
C LYS A 53 8.46 10.81 -4.75
N GLY A 54 7.25 10.49 -4.41
CA GLY A 54 6.51 9.46 -5.18
C GLY A 54 6.24 8.24 -4.31
N ILE A 55 6.28 8.38 -3.00
CA ILE A 55 6.02 7.19 -2.14
C ILE A 55 4.75 7.42 -1.30
N ALA A 56 4.21 6.38 -0.72
CA ALA A 56 2.97 6.56 0.09
C ALA A 56 2.66 5.27 0.85
N TYR A 57 1.78 5.34 1.82
CA TYR A 57 1.42 4.11 2.59
C TYR A 57 -0.07 3.79 2.37
N ILE A 58 -0.36 2.63 1.87
CA ILE A 58 -1.78 2.26 1.62
C ILE A 58 -2.25 1.21 2.64
N GLU A 59 -3.32 1.45 3.33
CA GLU A 59 -3.81 0.45 4.33
C GLU A 59 -5.17 -0.10 3.90
N PHE A 60 -5.29 -1.39 3.78
CA PHE A 60 -6.60 -1.96 3.37
C PHE A 60 -7.23 -2.75 4.53
N LYS A 61 -8.43 -3.18 4.35
CA LYS A 61 -9.12 -3.96 5.42
C LYS A 61 -8.48 -5.33 5.59
N SER A 62 -7.83 -5.81 4.57
CA SER A 62 -7.18 -7.16 4.67
C SER A 62 -6.17 -7.35 3.53
N GLU A 63 -5.27 -8.27 3.69
CA GLU A 63 -4.26 -8.51 2.63
C GLU A 63 -4.96 -8.75 1.30
N ALA A 64 -6.09 -9.43 1.32
CA ALA A 64 -6.82 -9.68 0.05
C ALA A 64 -7.27 -8.36 -0.56
N ASP A 65 -7.70 -7.43 0.27
CA ASP A 65 -8.12 -6.11 -0.28
C ASP A 65 -6.89 -5.40 -0.83
N ALA A 66 -5.88 -5.26 -0.02
CA ALA A 66 -4.64 -4.59 -0.50
C ALA A 66 -4.02 -5.41 -1.64
N GLU A 67 -4.03 -6.72 -1.50
CA GLU A 67 -3.45 -7.58 -2.57
C GLU A 67 -4.33 -7.53 -3.81
N LYS A 68 -5.63 -7.64 -3.63
CA LYS A 68 -6.54 -7.59 -4.81
C LYS A 68 -6.37 -6.25 -5.52
N ASN A 69 -6.21 -5.19 -4.78
CA ASN A 69 -6.04 -3.85 -5.40
C ASN A 69 -4.67 -3.78 -6.09
N LEU A 70 -3.64 -4.26 -5.44
CA LEU A 70 -2.28 -4.21 -6.06
C LEU A 70 -2.17 -5.24 -7.19
N GLU A 71 -2.92 -6.30 -7.12
CA GLU A 71 -2.86 -7.33 -8.20
C GLU A 71 -3.85 -6.98 -9.30
N GLU A 72 -4.88 -6.24 -8.99
CA GLU A 72 -5.89 -5.88 -10.01
C GLU A 72 -5.94 -4.35 -10.17
N LYS A 73 -5.05 -3.64 -9.53
CA LYS A 73 -5.05 -2.15 -9.65
C LYS A 73 -3.83 -1.56 -8.96
N GLN A 74 -2.65 -2.05 -9.27
CA GLN A 74 -1.39 -1.54 -8.64
C GLN A 74 -1.51 -0.04 -8.31
N GLY A 75 -1.02 0.82 -9.16
CA GLY A 75 -1.12 2.27 -8.87
C GLY A 75 -2.05 2.95 -9.88
N ALA A 76 -2.89 2.19 -10.51
CA ALA A 76 -3.84 2.77 -11.51
C ALA A 76 -3.07 3.60 -12.56
N GLU A 77 -3.08 3.16 -13.79
CA GLU A 77 -2.38 3.92 -14.86
C GLU A 77 -2.85 5.38 -14.87
N ILE A 78 -2.19 6.22 -14.12
CA ILE A 78 -2.59 7.67 -14.09
C ILE A 78 -1.36 8.54 -14.24
N ASP A 79 -1.51 9.84 -14.25
CA ASP A 79 -0.31 10.71 -14.40
C ASP A 79 0.57 10.18 -15.53
N GLY A 80 -0.02 9.50 -16.48
CA GLY A 80 0.77 8.97 -17.61
C GLY A 80 1.46 7.67 -17.20
N ARG A 81 1.00 7.03 -16.15
CA ARG A 81 1.65 5.75 -15.72
C ARG A 81 0.98 5.23 -14.45
N SER A 82 0.93 3.94 -14.28
CA SER A 82 0.29 3.36 -13.07
C SER A 82 1.27 3.44 -11.89
N VAL A 83 0.82 3.85 -10.74
CA VAL A 83 1.74 3.94 -9.57
C VAL A 83 2.16 2.54 -9.13
N SER A 84 3.25 2.42 -8.43
CA SER A 84 3.72 1.08 -7.98
C SER A 84 3.36 0.85 -6.52
N LEU A 85 2.79 -0.28 -6.21
CA LEU A 85 2.43 -0.56 -4.79
C LEU A 85 3.47 -1.47 -4.16
N TYR A 86 4.06 -1.04 -3.07
CA TYR A 86 5.08 -1.88 -2.40
C TYR A 86 4.50 -2.49 -1.13
N TYR A 87 4.04 -3.71 -1.20
CA TYR A 87 3.46 -4.36 -0.02
C TYR A 87 4.42 -4.28 1.16
N THR A 88 4.13 -4.98 2.21
CA THR A 88 5.04 -4.96 3.40
C THR A 88 4.52 -5.92 4.47
N GLY A 89 3.89 -6.99 4.07
CA GLY A 89 3.36 -7.97 5.06
C GLY A 89 3.72 -9.38 4.67
N GLU A 90 4.46 -9.51 3.62
CA GLU A 90 4.88 -10.86 3.13
C GLU A 90 6.12 -10.74 2.26
N LYS A 91 6.83 -9.65 2.35
CA LYS A 91 8.06 -9.48 1.52
C LYS A 91 9.19 -8.88 2.36
N GLY A 92 8.96 -7.73 2.95
CA GLY A 92 10.03 -7.11 3.78
C GLY A 92 10.64 -8.14 4.71
N GLY A 93 11.80 -7.88 5.22
CA GLY A 93 12.46 -8.86 6.14
C GLY A 93 12.71 -10.17 5.38
N THR A 94 13.88 -10.31 4.80
CA THR A 94 14.18 -11.56 4.05
C THR A 94 15.47 -12.20 4.58
N ARG A 95 16.52 -11.42 4.71
CA ARG A 95 17.80 -11.98 5.23
C ARG A 95 18.18 -13.23 4.43
N GLY A 96 18.13 -13.16 3.13
CA GLY A 96 18.50 -14.35 2.30
C GLY A 96 17.36 -14.66 1.32
N SER A 1 4.37 9.91 20.28
CA SER A 1 2.98 9.72 19.77
C SER A 1 2.86 10.23 18.34
N HIS A 2 3.97 10.38 17.66
CA HIS A 2 3.92 10.88 16.26
C HIS A 2 2.88 10.10 15.46
N MET A 3 2.97 8.80 15.44
CA MET A 3 1.98 7.99 14.67
C MET A 3 1.94 6.55 15.21
N LEU A 4 0.78 6.01 15.41
CA LEU A 4 0.69 4.61 15.93
C LEU A 4 1.34 3.64 14.94
N GLU A 5 2.12 2.71 15.42
CA GLU A 5 2.77 1.74 14.51
C GLU A 5 3.44 0.62 15.31
N ASP A 6 2.85 0.22 16.40
CA ASP A 6 3.45 -0.86 17.23
C ASP A 6 3.72 -2.11 16.37
N PRO A 7 4.97 -2.35 16.13
CA PRO A 7 5.38 -3.53 15.30
C PRO A 7 5.41 -4.81 16.15
N CYS A 8 4.63 -4.88 17.17
CA CYS A 8 4.63 -6.11 18.03
C CYS A 8 3.21 -6.68 18.14
N THR A 9 2.33 -5.99 18.80
CA THR A 9 0.95 -6.49 18.93
C THR A 9 0.45 -7.05 17.60
N SER A 10 0.93 -6.50 16.51
CA SER A 10 0.50 -6.99 15.18
C SER A 10 1.50 -6.55 14.11
N LYS A 11 2.71 -7.03 14.18
CA LYS A 11 3.72 -6.65 13.16
C LYS A 11 3.36 -7.23 11.80
N LYS A 12 3.29 -8.53 11.71
CA LYS A 12 2.92 -9.16 10.40
C LYS A 12 1.40 -9.20 10.25
N VAL A 13 0.70 -8.51 11.10
CA VAL A 13 -0.78 -8.49 11.01
C VAL A 13 -1.25 -7.14 10.43
N ARG A 14 -0.52 -6.10 10.71
CA ARG A 14 -0.91 -4.77 10.17
C ARG A 14 -0.27 -4.57 8.80
N ALA A 15 0.75 -5.32 8.49
CA ALA A 15 1.44 -5.17 7.18
C ALA A 15 0.72 -6.01 6.11
N ALA A 16 0.01 -7.03 6.52
CA ALA A 16 -0.69 -7.88 5.52
C ALA A 16 -1.86 -7.11 4.89
N ARG A 17 -2.61 -6.43 5.69
CA ARG A 17 -3.75 -5.65 5.14
C ARG A 17 -3.29 -4.24 4.77
N THR A 18 -2.01 -4.08 4.50
CA THR A 18 -1.50 -2.73 4.14
C THR A 18 -0.34 -2.83 3.16
N LEU A 19 -0.10 -1.79 2.39
CA LEU A 19 1.02 -1.80 1.42
C LEU A 19 1.57 -0.38 1.23
N LEU A 20 2.53 -0.22 0.36
CA LEU A 20 3.10 1.14 0.14
C LEU A 20 3.05 1.51 -1.35
N ALA A 21 2.48 2.64 -1.66
CA ALA A 21 2.41 3.06 -3.09
C ALA A 21 3.65 3.87 -3.46
N LYS A 22 4.32 3.51 -4.51
CA LYS A 22 5.55 4.27 -4.90
C LYS A 22 5.49 4.65 -6.39
N ASN A 23 6.51 5.31 -6.87
CA ASN A 23 6.52 5.72 -8.30
C ASN A 23 5.36 6.68 -8.59
N LEU A 24 4.76 7.21 -7.57
CA LEU A 24 3.62 8.16 -7.78
C LEU A 24 4.13 9.43 -8.48
N SER A 25 3.39 10.49 -8.39
CA SER A 25 3.83 11.76 -9.03
C SER A 25 3.52 12.95 -8.11
N PHE A 26 4.10 14.09 -8.38
CA PHE A 26 3.84 15.28 -7.54
C PHE A 26 2.39 15.74 -7.73
N ASN A 27 1.69 15.16 -8.66
CA ASN A 27 0.28 15.57 -8.91
C ASN A 27 -0.69 14.62 -8.21
N ILE A 28 -0.47 13.34 -8.32
CA ILE A 28 -1.39 12.37 -7.65
C ILE A 28 -1.44 12.64 -6.16
N THR A 29 -2.46 12.16 -5.49
CA THR A 29 -2.57 12.39 -4.02
C THR A 29 -3.48 11.34 -3.38
N GLU A 30 -3.80 11.51 -2.12
CA GLU A 30 -4.69 10.53 -1.44
C GLU A 30 -6.00 10.38 -2.25
N ASP A 31 -6.39 11.42 -2.94
CA ASP A 31 -7.64 11.33 -3.74
C ASP A 31 -7.48 10.22 -4.79
N GLU A 32 -6.44 10.29 -5.58
CA GLU A 32 -6.23 9.24 -6.61
C GLU A 32 -5.96 7.90 -5.92
N LEU A 33 -5.24 7.93 -4.84
CA LEU A 33 -4.96 6.67 -4.10
C LEU A 33 -6.25 6.20 -3.47
N LYS A 34 -7.09 7.13 -3.10
CA LYS A 34 -8.39 6.75 -2.49
C LYS A 34 -9.35 6.32 -3.59
N GLU A 35 -9.10 6.79 -4.78
CA GLU A 35 -9.97 6.41 -5.93
C GLU A 35 -9.57 5.04 -6.45
N VAL A 36 -8.29 4.73 -6.40
CA VAL A 36 -7.83 3.40 -6.87
C VAL A 36 -7.98 2.39 -5.73
N PHE A 37 -7.67 2.80 -4.54
CA PHE A 37 -7.78 1.89 -3.38
C PHE A 37 -9.15 2.04 -2.71
N GLU A 38 -10.15 2.40 -3.47
CA GLU A 38 -11.52 2.57 -2.88
C GLU A 38 -11.87 1.38 -1.99
N ASP A 39 -11.24 0.25 -2.19
CA ASP A 39 -11.55 -0.94 -1.36
C ASP A 39 -10.73 -0.92 -0.07
N ALA A 40 -9.79 -0.01 0.03
CA ALA A 40 -8.96 0.06 1.26
C ALA A 40 -9.59 1.00 2.29
N LEU A 41 -9.05 1.05 3.48
CA LEU A 41 -9.63 1.95 4.51
C LEU A 41 -9.14 3.38 4.27
N GLU A 42 -7.86 3.55 4.10
CA GLU A 42 -7.32 4.92 3.87
C GLU A 42 -5.88 4.83 3.32
N ILE A 43 -5.39 5.91 2.79
CA ILE A 43 -4.01 5.91 2.24
C ILE A 43 -3.22 7.10 2.78
N ARG A 44 -1.92 6.97 2.89
CA ARG A 44 -1.10 8.08 3.39
C ARG A 44 -0.09 8.49 2.31
N LEU A 45 0.50 9.64 2.43
CA LEU A 45 1.47 10.08 1.40
C LEU A 45 2.90 9.95 1.95
N VAL A 46 3.87 9.88 1.08
CA VAL A 46 5.27 9.74 1.57
C VAL A 46 6.25 10.38 0.58
N SER A 47 7.11 11.23 1.08
CA SER A 47 8.11 11.92 0.22
C SER A 47 9.51 11.69 0.75
N GLN A 48 10.41 12.61 0.50
CA GLN A 48 11.81 12.43 0.99
C GLN A 48 12.57 13.77 0.95
N ASP A 49 13.58 13.92 1.76
CA ASP A 49 14.36 15.19 1.76
C ASP A 49 13.42 16.38 1.90
N GLY A 50 12.26 16.19 2.47
CA GLY A 50 11.30 17.31 2.63
C GLY A 50 10.79 17.74 1.27
N LYS A 51 10.27 16.81 0.51
CA LYS A 51 9.74 17.14 -0.84
C LYS A 51 9.08 15.90 -1.45
N SER A 52 7.84 16.02 -1.84
CA SER A 52 7.13 14.86 -2.43
C SER A 52 8.07 14.00 -3.26
N LYS A 53 8.06 12.72 -3.03
CA LYS A 53 8.95 11.81 -3.80
C LYS A 53 8.10 10.85 -4.62
N GLY A 54 6.85 10.75 -4.29
CA GLY A 54 5.95 9.84 -5.05
C GLY A 54 5.66 8.57 -4.22
N ILE A 55 5.75 8.65 -2.92
CA ILE A 55 5.47 7.44 -2.11
C ILE A 55 4.18 7.65 -1.31
N ALA A 56 3.52 6.59 -0.93
CA ALA A 56 2.24 6.75 -0.17
C ALA A 56 1.89 5.43 0.54
N TYR A 57 1.40 5.50 1.75
CA TYR A 57 1.04 4.26 2.47
C TYR A 57 -0.40 3.86 2.16
N ILE A 58 -0.70 2.59 2.18
CA ILE A 58 -2.10 2.15 1.87
C ILE A 58 -2.55 1.10 2.90
N GLU A 59 -3.63 1.37 3.58
CA GLU A 59 -4.12 0.39 4.60
C GLU A 59 -5.52 -0.10 4.22
N PHE A 60 -5.64 -1.33 3.80
CA PHE A 60 -6.98 -1.85 3.41
C PHE A 60 -7.68 -2.49 4.60
N LYS A 61 -8.88 -2.97 4.40
CA LYS A 61 -9.63 -3.61 5.51
C LYS A 61 -9.06 -5.00 5.81
N SER A 62 -8.22 -5.49 4.93
CA SER A 62 -7.62 -6.84 5.15
C SER A 62 -6.63 -7.17 4.03
N GLU A 63 -5.76 -8.11 4.25
CA GLU A 63 -4.77 -8.47 3.19
C GLU A 63 -5.50 -8.76 1.88
N ALA A 64 -6.65 -9.35 1.94
CA ALA A 64 -7.41 -9.65 0.69
C ALA A 64 -7.80 -8.36 0.00
N ASP A 65 -8.20 -7.37 0.75
CA ASP A 65 -8.58 -6.07 0.13
C ASP A 65 -7.32 -5.40 -0.44
N ALA A 66 -6.30 -5.28 0.36
CA ALA A 66 -5.04 -4.66 -0.12
C ALA A 66 -4.42 -5.52 -1.22
N GLU A 67 -4.60 -6.81 -1.15
CA GLU A 67 -4.02 -7.70 -2.20
C GLU A 67 -4.88 -7.64 -3.46
N LYS A 68 -6.17 -7.75 -3.32
CA LYS A 68 -7.06 -7.70 -4.51
C LYS A 68 -6.92 -6.35 -5.20
N ASN A 69 -6.86 -5.29 -4.44
CA ASN A 69 -6.71 -3.94 -5.05
C ASN A 69 -5.28 -3.75 -5.55
N LEU A 70 -4.31 -4.03 -4.72
CA LEU A 70 -2.88 -3.86 -5.15
C LEU A 70 -2.64 -4.61 -6.45
N GLU A 71 -3.14 -5.81 -6.56
CA GLU A 71 -2.95 -6.59 -7.81
C GLU A 71 -3.94 -6.14 -8.88
N GLU A 72 -5.14 -5.82 -8.49
CA GLU A 72 -6.16 -5.38 -9.47
C GLU A 72 -5.71 -4.08 -10.15
N LYS A 73 -4.92 -3.28 -9.49
CA LYS A 73 -4.48 -2.00 -10.11
C LYS A 73 -2.97 -2.01 -10.32
N GLN A 74 -2.22 -2.03 -9.24
CA GLN A 74 -0.73 -2.04 -9.37
C GLN A 74 -0.28 -1.12 -10.51
N GLY A 75 0.03 0.11 -10.22
CA GLY A 75 0.46 1.04 -11.30
C GLY A 75 -0.67 2.03 -11.60
N ALA A 76 -1.85 1.54 -11.84
CA ALA A 76 -3.00 2.44 -12.14
C ALA A 76 -2.55 3.62 -13.00
N GLU A 77 -2.72 3.53 -14.29
CA GLU A 77 -2.29 4.66 -15.18
C GLU A 77 -2.90 5.98 -14.69
N ILE A 78 -2.20 6.68 -13.83
CA ILE A 78 -2.73 7.98 -13.32
C ILE A 78 -1.60 9.00 -13.28
N ASP A 79 -1.89 10.22 -12.94
CA ASP A 79 -0.82 11.24 -12.90
C ASP A 79 0.13 11.09 -14.09
N GLY A 80 -0.38 10.55 -15.18
CA GLY A 80 0.47 10.35 -16.38
C GLY A 80 1.56 9.31 -16.09
N ARG A 81 1.39 8.52 -15.06
CA ARG A 81 2.43 7.50 -14.73
C ARG A 81 1.79 6.32 -13.99
N SER A 82 2.55 5.29 -13.72
CA SER A 82 2.00 4.12 -13.00
C SER A 82 2.50 4.12 -11.55
N VAL A 83 1.61 3.94 -10.61
CA VAL A 83 2.03 3.91 -9.19
C VAL A 83 2.38 2.49 -8.75
N SER A 84 3.55 2.29 -8.22
CA SER A 84 3.94 0.91 -7.79
C SER A 84 3.37 0.61 -6.40
N LEU A 85 3.08 -0.63 -6.14
CA LEU A 85 2.51 -0.99 -4.80
C LEU A 85 3.46 -1.95 -4.07
N TYR A 86 3.93 -1.56 -2.92
CA TYR A 86 4.84 -2.44 -2.16
C TYR A 86 4.20 -2.85 -0.83
N TYR A 87 3.72 -4.06 -0.73
CA TYR A 87 3.10 -4.52 0.52
C TYR A 87 3.97 -4.14 1.72
N THR A 88 3.50 -4.38 2.90
CA THR A 88 4.30 -4.03 4.11
C THR A 88 4.87 -5.32 4.73
N GLY A 89 5.08 -6.31 3.92
CA GLY A 89 5.64 -7.58 4.44
C GLY A 89 6.81 -7.98 3.56
N GLU A 90 7.98 -7.81 4.05
CA GLU A 90 9.20 -8.16 3.28
C GLU A 90 9.20 -9.65 2.93
N LYS A 91 8.39 -10.05 2.00
CA LYS A 91 8.33 -11.49 1.61
C LYS A 91 8.77 -11.66 0.15
N GLY A 92 7.87 -11.44 -0.78
CA GLY A 92 8.23 -11.59 -2.22
C GLY A 92 9.12 -10.42 -2.65
N GLY A 93 9.85 -10.58 -3.72
CA GLY A 93 10.74 -9.48 -4.19
C GLY A 93 12.12 -10.05 -4.52
N THR A 94 12.86 -10.47 -3.52
CA THR A 94 14.22 -11.02 -3.79
C THR A 94 14.12 -12.48 -4.25
N ARG A 95 13.07 -13.15 -3.86
CA ARG A 95 12.91 -14.58 -4.26
C ARG A 95 13.36 -14.79 -5.71
N GLY A 96 14.01 -15.88 -5.99
CA GLY A 96 14.48 -16.14 -7.39
C GLY A 96 14.72 -17.63 -7.57
N SER A 1 -12.28 -23.20 22.46
CA SER A 1 -11.42 -23.87 23.48
C SER A 1 -9.97 -23.37 23.36
N HIS A 2 -9.36 -23.57 22.24
CA HIS A 2 -7.95 -23.10 22.06
C HIS A 2 -7.90 -21.59 21.94
N MET A 3 -8.10 -20.89 23.03
CA MET A 3 -8.07 -19.39 22.97
C MET A 3 -7.25 -18.85 24.14
N LEU A 4 -6.22 -19.53 24.54
CA LEU A 4 -5.38 -19.06 25.67
C LEU A 4 -3.90 -19.22 25.34
N GLU A 5 -3.51 -18.87 24.14
CA GLU A 5 -2.07 -19.02 23.76
C GLU A 5 -1.82 -18.35 22.40
N ASP A 6 -0.78 -17.57 22.30
CA ASP A 6 -0.48 -16.89 21.01
C ASP A 6 0.73 -15.96 21.16
N PRO A 7 1.89 -16.55 21.09
CA PRO A 7 3.14 -15.78 21.23
C PRO A 7 3.55 -15.12 19.91
N CYS A 8 2.60 -14.88 19.04
CA CYS A 8 2.93 -14.25 17.73
C CYS A 8 2.81 -12.73 17.84
N THR A 9 1.73 -12.25 18.39
CA THR A 9 1.53 -10.77 18.53
C THR A 9 1.26 -10.14 17.16
N SER A 10 1.21 -10.93 16.12
CA SER A 10 0.94 -10.37 14.77
C SER A 10 1.71 -9.05 14.57
N LYS A 11 3.00 -9.13 14.47
CA LYS A 11 3.80 -7.88 14.27
C LYS A 11 3.94 -7.57 12.78
N LYS A 12 4.74 -8.34 12.08
CA LYS A 12 4.90 -8.08 10.61
C LYS A 12 3.66 -8.56 9.86
N VAL A 13 2.70 -9.09 10.57
CA VAL A 13 1.47 -9.57 9.91
C VAL A 13 0.49 -8.40 9.75
N ARG A 14 0.63 -7.39 10.58
CA ARG A 14 -0.27 -6.22 10.46
C ARG A 14 -0.03 -5.49 9.14
N ALA A 15 1.21 -5.37 8.73
CA ALA A 15 1.48 -4.67 7.45
C ALA A 15 1.04 -5.55 6.28
N ALA A 16 0.92 -6.83 6.50
CA ALA A 16 0.48 -7.75 5.41
C ALA A 16 -0.79 -7.22 4.77
N ARG A 17 -1.75 -6.84 5.56
CA ARG A 17 -3.02 -6.30 4.98
C ARG A 17 -2.78 -4.90 4.41
N THR A 18 -1.58 -4.41 4.51
CA THR A 18 -1.28 -3.05 3.97
C THR A 18 -0.20 -3.13 2.90
N LEU A 19 -0.03 -2.08 2.14
CA LEU A 19 1.01 -2.08 1.07
C LEU A 19 1.56 -0.66 0.88
N LEU A 20 2.58 -0.51 0.11
CA LEU A 20 3.17 0.85 -0.08
C LEU A 20 3.18 1.23 -1.57
N ALA A 21 2.55 2.33 -1.91
CA ALA A 21 2.52 2.76 -3.34
C ALA A 21 3.83 3.49 -3.67
N LYS A 22 4.31 3.35 -4.87
CA LYS A 22 5.59 4.04 -5.24
C LYS A 22 5.51 4.57 -6.68
N ASN A 23 6.52 5.28 -7.11
CA ASN A 23 6.52 5.80 -8.50
C ASN A 23 5.33 6.74 -8.70
N LEU A 24 4.68 7.14 -7.65
CA LEU A 24 3.51 8.05 -7.80
C LEU A 24 3.95 9.36 -8.46
N SER A 25 3.19 10.41 -8.30
CA SER A 25 3.58 11.71 -8.92
C SER A 25 3.51 12.85 -7.89
N PHE A 26 4.00 14.00 -8.24
CA PHE A 26 3.97 15.15 -7.30
C PHE A 26 2.57 15.76 -7.27
N ASN A 27 1.74 15.40 -8.21
CA ASN A 27 0.36 15.95 -8.24
C ASN A 27 -0.62 15.01 -7.54
N ILE A 28 -0.52 13.73 -7.80
CA ILE A 28 -1.45 12.77 -7.14
C ILE A 28 -1.52 13.06 -5.64
N THR A 29 -2.43 12.42 -4.95
CA THR A 29 -2.55 12.66 -3.48
C THR A 29 -3.45 11.57 -2.85
N GLU A 30 -3.61 11.61 -1.56
CA GLU A 30 -4.48 10.60 -0.89
C GLU A 30 -5.81 10.53 -1.62
N ASP A 31 -6.24 11.62 -2.21
CA ASP A 31 -7.52 11.62 -2.95
C ASP A 31 -7.45 10.62 -4.11
N GLU A 32 -6.53 10.82 -5.01
CA GLU A 32 -6.38 9.87 -6.14
C GLU A 32 -6.13 8.47 -5.60
N LEU A 33 -5.41 8.39 -4.51
CA LEU A 33 -5.13 7.06 -3.91
C LEU A 33 -6.42 6.55 -3.27
N LYS A 34 -7.19 7.45 -2.73
CA LYS A 34 -8.48 7.02 -2.12
C LYS A 34 -9.46 6.67 -3.23
N GLU A 35 -9.22 7.19 -4.40
CA GLU A 35 -10.11 6.89 -5.55
C GLU A 35 -9.67 5.59 -6.20
N VAL A 36 -8.38 5.32 -6.20
CA VAL A 36 -7.89 4.06 -6.80
C VAL A 36 -7.98 2.93 -5.77
N PHE A 37 -7.74 3.25 -4.53
CA PHE A 37 -7.82 2.21 -3.47
C PHE A 37 -9.15 2.30 -2.75
N GLU A 38 -10.24 2.23 -3.46
CA GLU A 38 -11.57 2.32 -2.81
C GLU A 38 -11.91 1.00 -2.09
N ASP A 39 -11.01 0.06 -2.12
CA ASP A 39 -11.29 -1.24 -1.44
C ASP A 39 -10.40 -1.40 -0.21
N ALA A 40 -9.65 -0.38 0.13
CA ALA A 40 -8.76 -0.48 1.32
C ALA A 40 -9.32 0.37 2.47
N LEU A 41 -8.56 0.52 3.52
CA LEU A 41 -9.04 1.34 4.67
C LEU A 41 -8.61 2.79 4.47
N GLU A 42 -7.42 2.99 3.99
CA GLU A 42 -6.93 4.39 3.77
C GLU A 42 -5.54 4.37 3.15
N ILE A 43 -5.10 5.50 2.66
CA ILE A 43 -3.75 5.56 2.03
C ILE A 43 -2.93 6.70 2.65
N ARG A 44 -1.63 6.58 2.64
CA ARG A 44 -0.78 7.65 3.22
C ARG A 44 0.24 8.12 2.17
N LEU A 45 0.70 9.33 2.28
CA LEU A 45 1.69 9.85 1.30
C LEU A 45 3.11 9.66 1.84
N VAL A 46 4.07 9.54 0.96
CA VAL A 46 5.47 9.35 1.44
C VAL A 46 6.48 9.91 0.42
N SER A 47 7.43 10.67 0.91
CA SER A 47 8.45 11.27 0.01
C SER A 47 9.86 10.94 0.51
N GLN A 48 10.79 11.83 0.33
CA GLN A 48 12.19 11.57 0.79
C GLN A 48 12.47 12.37 2.07
N ASP A 49 13.71 12.64 2.34
CA ASP A 49 14.07 13.42 3.56
C ASP A 49 13.21 14.69 3.64
N GLY A 50 12.73 15.16 2.53
CA GLY A 50 11.89 16.40 2.54
C GLY A 50 11.56 16.81 1.11
N LYS A 51 10.94 15.94 0.36
CA LYS A 51 10.58 16.27 -1.05
C LYS A 51 9.78 15.13 -1.66
N SER A 52 8.54 15.38 -2.00
CA SER A 52 7.69 14.30 -2.60
C SER A 52 8.52 13.37 -3.47
N LYS A 53 8.40 12.10 -3.26
CA LYS A 53 9.17 11.11 -4.06
C LYS A 53 8.21 10.20 -4.82
N GLY A 54 6.94 10.26 -4.47
CA GLY A 54 5.95 9.39 -5.16
C GLY A 54 5.71 8.13 -4.35
N ILE A 55 5.84 8.19 -3.05
CA ILE A 55 5.60 6.97 -2.23
C ILE A 55 4.34 7.17 -1.37
N ALA A 56 3.71 6.10 -0.97
CA ALA A 56 2.49 6.23 -0.14
C ALA A 56 2.13 4.89 0.51
N TYR A 57 1.54 4.93 1.68
CA TYR A 57 1.17 3.66 2.36
C TYR A 57 -0.31 3.36 2.13
N ILE A 58 -0.64 2.15 1.77
CA ILE A 58 -2.06 1.80 1.53
C ILE A 58 -2.48 0.64 2.45
N GLU A 59 -3.41 0.87 3.32
CA GLU A 59 -3.86 -0.23 4.24
C GLU A 59 -5.24 -0.72 3.85
N PHE A 60 -5.41 -1.99 3.63
CA PHE A 60 -6.75 -2.50 3.25
C PHE A 60 -7.38 -3.25 4.42
N LYS A 61 -8.61 -3.64 4.26
CA LYS A 61 -9.31 -4.38 5.35
C LYS A 61 -8.51 -5.62 5.73
N SER A 62 -7.60 -6.04 4.89
CA SER A 62 -6.79 -7.24 5.21
C SER A 62 -5.85 -7.57 4.04
N GLU A 63 -5.12 -8.65 4.14
CA GLU A 63 -4.19 -9.02 3.03
C GLU A 63 -4.97 -9.34 1.76
N ALA A 64 -6.07 -10.03 1.88
CA ALA A 64 -6.86 -10.37 0.67
C ALA A 64 -7.37 -9.09 0.00
N ASP A 65 -7.76 -8.12 0.79
CA ASP A 65 -8.23 -6.84 0.20
C ASP A 65 -7.05 -6.10 -0.42
N ALA A 66 -6.00 -5.91 0.34
CA ALA A 66 -4.81 -5.22 -0.20
C ALA A 66 -4.18 -6.04 -1.33
N GLU A 67 -4.28 -7.33 -1.26
CA GLU A 67 -3.69 -8.18 -2.33
C GLU A 67 -4.56 -8.10 -3.59
N LYS A 68 -5.84 -8.32 -3.46
CA LYS A 68 -6.74 -8.27 -4.63
C LYS A 68 -6.67 -6.87 -5.25
N ASN A 69 -6.65 -5.85 -4.43
CA ASN A 69 -6.59 -4.47 -4.97
C ASN A 69 -5.18 -4.18 -5.49
N LEU A 70 -4.18 -4.44 -4.68
CA LEU A 70 -2.79 -4.18 -5.12
C LEU A 70 -2.54 -4.82 -6.48
N GLU A 71 -2.99 -6.03 -6.67
CA GLU A 71 -2.80 -6.70 -7.98
C GLU A 71 -3.86 -6.25 -8.99
N GLU A 72 -5.04 -5.98 -8.52
CA GLU A 72 -6.13 -5.54 -9.44
C GLU A 72 -5.83 -4.15 -10.00
N LYS A 73 -5.01 -3.38 -9.34
CA LYS A 73 -4.70 -2.02 -9.85
C LYS A 73 -3.22 -1.92 -10.21
N GLN A 74 -2.36 -1.99 -9.23
CA GLN A 74 -0.89 -1.90 -9.49
C GLN A 74 -0.61 -0.92 -10.65
N GLY A 75 -0.40 0.33 -10.34
CA GLY A 75 -0.13 1.32 -11.43
C GLY A 75 -1.36 2.22 -11.60
N ALA A 76 -2.47 1.66 -12.03
CA ALA A 76 -3.70 2.47 -12.23
C ALA A 76 -3.45 3.60 -13.22
N GLU A 77 -2.38 3.51 -13.96
CA GLU A 77 -2.05 4.56 -14.98
C GLU A 77 -2.54 5.94 -14.54
N ILE A 78 -1.81 6.62 -13.72
CA ILE A 78 -2.26 7.98 -13.27
C ILE A 78 -1.15 9.00 -13.52
N ASP A 79 -1.48 10.26 -13.47
CA ASP A 79 -0.43 11.31 -13.69
C ASP A 79 0.47 10.90 -14.85
N GLY A 80 -0.09 10.34 -15.89
CA GLY A 80 0.74 9.93 -17.05
C GLY A 80 1.72 8.84 -16.62
N ARG A 81 1.35 8.03 -15.66
CA ARG A 81 2.26 6.96 -15.19
C ARG A 81 1.52 6.03 -14.21
N SER A 82 1.82 4.77 -14.22
CA SER A 82 1.13 3.83 -13.30
C SER A 82 1.77 3.89 -11.91
N VAL A 83 0.99 4.06 -10.88
CA VAL A 83 1.54 4.12 -9.50
C VAL A 83 2.06 2.74 -9.09
N SER A 84 3.27 2.65 -8.61
CA SER A 84 3.82 1.34 -8.19
C SER A 84 3.18 0.91 -6.87
N LEU A 85 2.92 -0.36 -6.72
CA LEU A 85 2.30 -0.83 -5.45
C LEU A 85 3.21 -1.86 -4.77
N TYR A 86 3.59 -1.60 -3.55
CA TYR A 86 4.47 -2.57 -2.82
C TYR A 86 3.70 -3.21 -1.68
N TYR A 87 3.26 -4.42 -1.88
CA TYR A 87 2.48 -5.11 -0.81
C TYR A 87 3.13 -4.92 0.56
N THR A 88 2.49 -5.40 1.58
CA THR A 88 3.03 -5.30 2.96
C THR A 88 3.78 -3.98 3.14
N GLY A 89 3.09 -2.97 3.57
CA GLY A 89 3.75 -1.65 3.77
C GLY A 89 5.10 -1.84 4.44
N GLU A 90 5.25 -2.91 5.14
CA GLU A 90 6.54 -3.19 5.84
C GLU A 90 7.63 -3.56 4.84
N LYS A 91 7.40 -4.51 3.98
CA LYS A 91 8.46 -4.91 3.01
C LYS A 91 7.85 -5.34 1.67
N GLY A 92 7.12 -4.48 1.01
CA GLY A 92 6.51 -4.85 -0.29
C GLY A 92 7.60 -5.36 -1.24
N GLY A 93 7.24 -5.79 -2.40
CA GLY A 93 8.25 -6.30 -3.37
C GLY A 93 7.59 -7.23 -4.38
N THR A 94 8.34 -7.76 -5.31
CA THR A 94 7.74 -8.67 -6.32
C THR A 94 7.42 -10.02 -5.69
N ARG A 95 6.40 -10.68 -6.15
CA ARG A 95 6.04 -12.01 -5.58
C ARG A 95 6.14 -11.97 -4.05
N GLY A 96 6.23 -13.11 -3.42
CA GLY A 96 6.32 -13.12 -1.93
C GLY A 96 7.71 -12.65 -1.51
N SER A 1 -4.91 -20.31 29.21
CA SER A 1 -5.55 -19.96 30.52
C SER A 1 -4.85 -18.74 31.14
N HIS A 2 -5.26 -17.56 30.75
CA HIS A 2 -4.63 -16.34 31.30
C HIS A 2 -3.10 -16.41 31.15
N MET A 3 -2.43 -16.99 32.09
CA MET A 3 -0.94 -17.09 32.00
C MET A 3 -0.34 -15.75 31.56
N LEU A 4 -1.00 -14.67 31.90
CA LEU A 4 -0.47 -13.33 31.50
C LEU A 4 -0.03 -13.34 30.04
N GLU A 5 -0.90 -12.92 29.15
CA GLU A 5 -0.55 -12.90 27.70
C GLU A 5 -1.38 -11.87 26.97
N ASP A 6 -1.11 -11.65 25.71
CA ASP A 6 -1.90 -10.65 24.93
C ASP A 6 -1.34 -10.52 23.51
N PRO A 7 -1.90 -11.30 22.62
CA PRO A 7 -1.45 -11.28 21.21
C PRO A 7 -2.12 -10.14 20.43
N CYS A 8 -2.51 -9.09 21.11
CA CYS A 8 -3.16 -7.95 20.40
C CYS A 8 -2.10 -6.99 19.85
N THR A 9 -0.86 -7.28 20.08
CA THR A 9 0.22 -6.39 19.57
C THR A 9 -0.07 -6.00 18.13
N SER A 10 -0.49 -6.94 17.35
CA SER A 10 -0.81 -6.66 15.92
C SER A 10 0.34 -5.89 15.26
N LYS A 11 1.52 -6.43 15.29
CA LYS A 11 2.68 -5.72 14.66
C LYS A 11 2.85 -6.18 13.21
N LYS A 12 3.07 -7.44 12.99
CA LYS A 12 3.22 -7.95 11.60
C LYS A 12 1.85 -8.20 10.98
N VAL A 13 0.82 -7.77 11.65
CA VAL A 13 -0.56 -7.97 11.10
C VAL A 13 -1.03 -6.68 10.43
N ARG A 14 -0.47 -5.57 10.81
CA ARG A 14 -0.86 -4.27 10.20
C ARG A 14 -0.15 -4.10 8.85
N ALA A 15 1.06 -4.56 8.74
CA ALA A 15 1.80 -4.42 7.46
C ALA A 15 1.20 -5.35 6.40
N ALA A 16 0.59 -6.42 6.80
CA ALA A 16 0.00 -7.37 5.82
C ALA A 16 -1.16 -6.71 5.07
N ARG A 17 -2.02 -6.05 5.77
CA ARG A 17 -3.16 -5.37 5.10
C ARG A 17 -2.75 -3.94 4.70
N THR A 18 -1.47 -3.71 4.54
CA THR A 18 -1.01 -2.35 4.16
C THR A 18 0.10 -2.42 3.10
N LEU A 19 0.22 -1.41 2.29
CA LEU A 19 1.29 -1.42 1.24
C LEU A 19 1.77 0.01 0.97
N LEU A 20 2.92 0.15 0.39
CA LEU A 20 3.46 1.51 0.11
C LEU A 20 3.31 1.84 -1.38
N ALA A 21 2.65 2.93 -1.69
CA ALA A 21 2.48 3.31 -3.12
C ALA A 21 3.68 4.13 -3.58
N LYS A 22 4.21 3.84 -4.73
CA LYS A 22 5.39 4.62 -5.23
C LYS A 22 5.20 5.03 -6.69
N ASN A 23 6.17 5.69 -7.24
CA ASN A 23 6.07 6.13 -8.67
C ASN A 23 4.79 6.94 -8.88
N LEU A 24 4.40 7.72 -7.91
CA LEU A 24 3.15 8.54 -8.07
C LEU A 24 3.50 9.90 -8.70
N SER A 25 2.65 10.87 -8.54
CA SER A 25 2.92 12.20 -9.12
C SER A 25 3.39 13.17 -8.02
N PHE A 26 3.39 14.44 -8.31
CA PHE A 26 3.83 15.43 -7.28
C PHE A 26 2.62 16.14 -6.68
N ASN A 27 1.46 15.91 -7.22
CA ASN A 27 0.25 16.57 -6.67
C ASN A 27 -0.77 15.53 -6.20
N ILE A 28 -0.71 14.34 -6.72
CA ILE A 28 -1.66 13.28 -6.30
C ILE A 28 -1.73 13.20 -4.78
N THR A 29 -2.90 13.07 -4.24
CA THR A 29 -3.04 12.99 -2.75
C THR A 29 -3.82 11.73 -2.35
N GLU A 30 -4.11 11.60 -1.08
CA GLU A 30 -4.90 10.42 -0.63
C GLU A 30 -6.19 10.38 -1.45
N ASP A 31 -6.56 11.49 -2.02
CA ASP A 31 -7.80 11.52 -2.85
C ASP A 31 -7.61 10.57 -4.04
N GLU A 32 -6.56 10.75 -4.79
CA GLU A 32 -6.36 9.83 -5.95
C GLU A 32 -6.02 8.45 -5.41
N LEU A 33 -5.26 8.40 -4.35
CA LEU A 33 -4.92 7.08 -3.76
C LEU A 33 -6.19 6.49 -3.19
N LYS A 34 -7.11 7.33 -2.83
CA LYS A 34 -8.40 6.83 -2.29
C LYS A 34 -9.30 6.43 -3.45
N GLU A 35 -9.11 7.07 -4.56
CA GLU A 35 -9.91 6.74 -5.77
C GLU A 35 -9.41 5.43 -6.37
N VAL A 36 -8.13 5.17 -6.23
CA VAL A 36 -7.57 3.91 -6.76
C VAL A 36 -7.70 2.81 -5.72
N PHE A 37 -7.38 3.12 -4.49
CA PHE A 37 -7.49 2.09 -3.41
C PHE A 37 -8.84 2.20 -2.71
N GLU A 38 -9.89 2.40 -3.46
CA GLU A 38 -11.25 2.52 -2.84
C GLU A 38 -11.60 1.25 -2.06
N ASP A 39 -10.85 0.20 -2.25
CA ASP A 39 -11.15 -1.07 -1.53
C ASP A 39 -10.36 -1.14 -0.22
N ALA A 40 -9.51 -0.18 0.03
CA ALA A 40 -8.73 -0.20 1.31
C ALA A 40 -9.39 0.70 2.36
N LEU A 41 -8.67 1.06 3.38
CA LEU A 41 -9.24 1.93 4.44
C LEU A 41 -8.84 3.37 4.18
N GLU A 42 -7.61 3.59 3.81
CA GLU A 42 -7.14 4.97 3.56
C GLU A 42 -5.69 4.96 3.08
N ILE A 43 -5.21 6.06 2.57
CA ILE A 43 -3.80 6.10 2.08
C ILE A 43 -3.08 7.34 2.60
N ARG A 44 -1.80 7.25 2.74
CA ARG A 44 -0.99 8.41 3.22
C ARG A 44 -0.04 8.85 2.10
N LEU A 45 0.52 10.03 2.20
CA LEU A 45 1.44 10.49 1.12
C LEU A 45 2.88 10.44 1.61
N VAL A 46 3.82 10.42 0.71
CA VAL A 46 5.24 10.36 1.12
C VAL A 46 6.14 10.94 0.01
N SER A 47 7.07 11.77 0.40
CA SER A 47 8.00 12.39 -0.59
C SER A 47 9.45 12.06 -0.23
N GLN A 48 10.34 13.00 -0.42
CA GLN A 48 11.77 12.74 -0.09
C GLN A 48 12.17 13.47 1.19
N ASP A 49 11.33 13.44 2.19
CA ASP A 49 11.64 14.13 3.47
C ASP A 49 11.68 15.65 3.26
N GLY A 50 11.29 16.11 2.11
CA GLY A 50 11.30 17.58 1.84
C GLY A 50 11.12 17.84 0.34
N LYS A 51 10.34 17.03 -0.32
CA LYS A 51 10.13 17.24 -1.78
C LYS A 51 9.28 16.08 -2.34
N SER A 52 8.18 16.40 -2.97
CA SER A 52 7.31 15.33 -3.54
C SER A 52 8.16 14.23 -4.17
N LYS A 53 7.90 13.00 -3.82
CA LYS A 53 8.70 11.88 -4.40
C LYS A 53 7.75 10.88 -5.05
N GLY A 54 6.46 11.08 -4.91
CA GLY A 54 5.49 10.15 -5.53
C GLY A 54 5.29 8.92 -4.64
N ILE A 55 5.49 9.06 -3.35
CA ILE A 55 5.29 7.88 -2.45
C ILE A 55 4.03 8.06 -1.62
N ALA A 56 3.40 7.00 -1.22
CA ALA A 56 2.16 7.12 -0.41
C ALA A 56 1.89 5.82 0.35
N TYR A 57 1.48 5.91 1.58
CA TYR A 57 1.20 4.68 2.36
C TYR A 57 -0.25 4.23 2.12
N ILE A 58 -0.49 2.94 2.06
CA ILE A 58 -1.88 2.46 1.81
C ILE A 58 -2.29 1.43 2.87
N GLU A 59 -3.48 1.53 3.38
CA GLU A 59 -3.95 0.56 4.41
C GLU A 59 -5.30 -0.02 3.98
N PHE A 60 -5.38 -1.31 3.76
CA PHE A 60 -6.69 -1.90 3.36
C PHE A 60 -7.37 -2.57 4.54
N LYS A 61 -8.58 -3.01 4.34
CA LYS A 61 -9.33 -3.68 5.44
C LYS A 61 -8.67 -5.03 5.79
N SER A 62 -7.97 -5.61 4.86
CA SER A 62 -7.31 -6.92 5.14
C SER A 62 -6.25 -7.22 4.07
N GLU A 63 -5.40 -8.17 4.33
CA GLU A 63 -4.34 -8.50 3.33
C GLU A 63 -4.97 -8.81 1.98
N ALA A 64 -6.09 -9.49 1.97
CA ALA A 64 -6.75 -9.82 0.68
C ALA A 64 -7.16 -8.52 -0.03
N ASP A 65 -7.59 -7.54 0.71
CA ASP A 65 -7.98 -6.25 0.07
C ASP A 65 -6.72 -5.56 -0.45
N ALA A 66 -5.75 -5.37 0.42
CA ALA A 66 -4.49 -4.72 -0.02
C ALA A 66 -3.79 -5.58 -1.08
N GLU A 67 -3.91 -6.88 -0.97
CA GLU A 67 -3.25 -7.77 -1.97
C GLU A 67 -4.06 -7.80 -3.27
N LYS A 68 -5.35 -7.99 -3.17
CA LYS A 68 -6.19 -8.02 -4.39
C LYS A 68 -6.04 -6.69 -5.14
N ASN A 69 -6.07 -5.60 -4.42
CA ASN A 69 -5.93 -4.28 -5.08
C ASN A 69 -4.48 -4.09 -5.53
N LEU A 70 -3.54 -4.40 -4.67
CA LEU A 70 -2.11 -4.24 -5.04
C LEU A 70 -1.82 -4.97 -6.35
N GLU A 71 -2.39 -6.12 -6.54
CA GLU A 71 -2.15 -6.89 -7.79
C GLU A 71 -3.19 -6.51 -8.85
N GLU A 72 -4.44 -6.43 -8.48
CA GLU A 72 -5.49 -6.08 -9.46
C GLU A 72 -5.23 -4.71 -10.08
N LYS A 73 -4.49 -3.86 -9.42
CA LYS A 73 -4.21 -2.52 -10.00
C LYS A 73 -2.73 -2.38 -10.33
N GLN A 74 -1.90 -2.37 -9.32
CA GLN A 74 -0.43 -2.24 -9.55
C GLN A 74 -0.15 -1.27 -10.71
N GLY A 75 0.05 -0.01 -10.43
CA GLY A 75 0.32 0.96 -11.53
C GLY A 75 -0.88 1.88 -11.72
N ALA A 76 -1.96 1.38 -12.26
CA ALA A 76 -3.15 2.24 -12.47
C ALA A 76 -2.79 3.44 -13.37
N GLU A 77 -3.44 3.57 -14.49
CA GLU A 77 -3.13 4.71 -15.41
C GLU A 77 -3.32 6.04 -14.69
N ILE A 78 -2.33 6.48 -13.96
CA ILE A 78 -2.46 7.78 -13.24
C ILE A 78 -1.16 8.56 -13.34
N ASP A 79 -1.16 9.80 -12.92
CA ASP A 79 0.08 10.62 -12.99
C ASP A 79 0.81 10.36 -14.30
N GLY A 80 0.09 10.13 -15.36
CA GLY A 80 0.74 9.87 -16.67
C GLY A 80 1.64 8.65 -16.56
N ARG A 81 1.29 7.71 -15.70
CA ARG A 81 2.14 6.49 -15.54
C ARG A 81 1.49 5.54 -14.54
N SER A 82 2.11 4.41 -14.30
CA SER A 82 1.53 3.43 -13.34
C SER A 82 2.20 3.55 -11.97
N VAL A 83 1.43 3.68 -10.93
CA VAL A 83 2.02 3.80 -9.56
C VAL A 83 2.54 2.43 -9.10
N SER A 84 3.68 2.39 -8.48
CA SER A 84 4.22 1.09 -8.00
C SER A 84 3.69 0.78 -6.61
N LEU A 85 3.22 -0.42 -6.39
CA LEU A 85 2.68 -0.78 -5.06
C LEU A 85 3.71 -1.61 -4.28
N TYR A 86 4.13 -1.11 -3.14
CA TYR A 86 5.13 -1.86 -2.34
C TYR A 86 4.51 -2.36 -1.03
N TYR A 87 4.01 -3.55 -1.03
CA TYR A 87 3.39 -4.09 0.21
C TYR A 87 4.36 -3.95 1.38
N THR A 88 4.05 -4.56 2.50
CA THR A 88 4.94 -4.47 3.68
C THR A 88 4.64 -5.59 4.66
N GLY A 89 4.20 -6.72 4.17
CA GLY A 89 3.90 -7.86 5.08
C GLY A 89 4.85 -9.02 4.81
N GLU A 90 5.74 -8.82 3.89
CA GLU A 90 6.72 -9.89 3.55
C GLU A 90 5.99 -11.12 2.99
N LYS A 91 5.32 -10.97 1.88
CA LYS A 91 4.59 -12.13 1.30
C LYS A 91 5.43 -12.78 0.19
N GLY A 92 6.27 -12.01 -0.45
CA GLY A 92 7.11 -12.56 -1.53
C GLY A 92 7.95 -11.45 -2.17
N GLY A 93 9.00 -11.80 -2.86
CA GLY A 93 9.85 -10.77 -3.50
C GLY A 93 11.20 -10.70 -2.78
N THR A 94 11.20 -10.75 -1.48
CA THR A 94 12.47 -10.69 -0.73
C THR A 94 12.97 -12.11 -0.40
N ARG A 95 13.92 -12.23 0.49
CA ARG A 95 14.44 -13.57 0.85
C ARG A 95 13.31 -14.60 0.93
N GLY A 96 13.53 -15.78 0.43
CA GLY A 96 12.47 -16.81 0.48
C GLY A 96 13.10 -18.21 0.42
N SER A 1 0.14 -14.04 -7.12
CA SER A 1 1.51 -13.85 -7.69
C SER A 1 2.41 -15.02 -7.28
N HIS A 2 2.17 -15.58 -6.13
CA HIS A 2 3.01 -16.72 -5.66
C HIS A 2 2.18 -17.70 -4.83
N MET A 3 2.58 -18.94 -4.78
CA MET A 3 1.81 -19.93 -3.99
C MET A 3 2.66 -20.45 -2.82
N LEU A 4 2.17 -21.44 -2.12
CA LEU A 4 2.96 -22.00 -0.97
C LEU A 4 3.56 -20.85 -0.15
N GLU A 5 2.86 -20.39 0.85
CA GLU A 5 3.40 -19.27 1.68
C GLU A 5 3.69 -19.78 3.10
N ASP A 6 3.80 -18.88 4.04
CA ASP A 6 4.09 -19.31 5.45
C ASP A 6 3.14 -20.43 5.87
N PRO A 7 3.31 -20.87 7.09
CA PRO A 7 2.46 -21.96 7.64
C PRO A 7 1.13 -21.40 8.15
N CYS A 8 0.63 -20.35 7.56
CA CYS A 8 -0.66 -19.77 8.02
C CYS A 8 -0.50 -19.09 9.38
N THR A 9 0.72 -18.93 9.83
CA THR A 9 0.96 -18.28 11.14
C THR A 9 0.06 -17.05 11.27
N SER A 10 -0.29 -16.45 10.17
CA SER A 10 -1.17 -15.25 10.21
C SER A 10 -0.42 -14.07 10.84
N LYS A 11 0.88 -14.07 10.72
CA LYS A 11 1.67 -12.95 11.30
C LYS A 11 2.02 -11.94 10.22
N LYS A 12 2.64 -12.39 9.15
CA LYS A 12 2.98 -11.45 8.05
C LYS A 12 1.75 -11.19 7.19
N VAL A 13 0.64 -11.75 7.56
CA VAL A 13 -0.60 -11.54 6.78
C VAL A 13 -1.23 -10.21 7.20
N ARG A 14 -0.99 -9.80 8.42
CA ARG A 14 -1.55 -8.50 8.90
C ARG A 14 -0.79 -7.36 8.24
N ALA A 15 0.50 -7.29 8.44
CA ALA A 15 1.30 -6.20 7.83
C ALA A 15 0.92 -6.02 6.35
N ALA A 16 0.39 -7.05 5.75
CA ALA A 16 0.02 -6.96 4.31
C ALA A 16 -1.12 -5.96 4.12
N ARG A 17 -1.96 -5.79 5.12
CA ARG A 17 -3.08 -4.83 4.98
C ARG A 17 -2.55 -3.46 4.55
N THR A 18 -1.28 -3.22 4.74
CA THR A 18 -0.70 -1.91 4.34
C THR A 18 -0.12 -2.00 2.93
N LEU A 19 -0.24 -0.95 2.16
CA LEU A 19 0.30 -0.98 0.77
C LEU A 19 1.21 0.23 0.53
N LEU A 20 2.46 0.00 0.27
CA LEU A 20 3.39 1.15 0.03
C LEU A 20 3.25 1.64 -1.40
N ALA A 21 2.52 2.70 -1.62
CA ALA A 21 2.37 3.23 -3.01
C ALA A 21 3.64 3.96 -3.42
N LYS A 22 4.27 3.51 -4.47
CA LYS A 22 5.53 4.18 -4.91
C LYS A 22 5.42 4.63 -6.38
N ASN A 23 6.41 5.31 -6.86
CA ASN A 23 6.37 5.77 -8.28
C ASN A 23 5.21 6.75 -8.48
N LEU A 24 4.64 7.24 -7.42
CA LEU A 24 3.50 8.19 -7.55
C LEU A 24 3.95 9.43 -8.33
N SER A 25 3.20 10.50 -8.25
CA SER A 25 3.59 11.74 -8.97
C SER A 25 3.58 12.93 -8.02
N PHE A 26 3.93 14.10 -8.51
CA PHE A 26 3.94 15.29 -7.64
C PHE A 26 2.53 15.89 -7.54
N ASN A 27 1.63 15.45 -8.37
CA ASN A 27 0.24 15.98 -8.34
C ASN A 27 -0.70 14.98 -7.66
N ILE A 28 -0.47 13.71 -7.86
CA ILE A 28 -1.35 12.69 -7.25
C ILE A 28 -1.70 13.08 -5.81
N THR A 29 -2.71 12.49 -5.24
CA THR A 29 -3.09 12.84 -3.85
C THR A 29 -4.00 11.76 -3.24
N GLU A 30 -4.37 11.91 -2.00
CA GLU A 30 -5.25 10.91 -1.35
C GLU A 30 -6.51 10.69 -2.19
N ASP A 31 -6.95 11.71 -2.88
CA ASP A 31 -8.16 11.55 -3.73
C ASP A 31 -7.90 10.51 -4.83
N GLU A 32 -6.80 10.63 -5.51
CA GLU A 32 -6.49 9.65 -6.59
C GLU A 32 -6.19 8.29 -5.97
N LEU A 33 -5.47 8.27 -4.87
CA LEU A 33 -5.16 6.99 -4.21
C LEU A 33 -6.43 6.45 -3.58
N LYS A 34 -7.22 7.32 -3.02
CA LYS A 34 -8.49 6.88 -2.40
C LYS A 34 -9.48 6.52 -3.51
N GLU A 35 -9.26 7.08 -4.66
CA GLU A 35 -10.16 6.78 -5.81
C GLU A 35 -9.74 5.46 -6.44
N VAL A 36 -8.48 5.17 -6.44
CA VAL A 36 -8.00 3.88 -7.01
C VAL A 36 -8.03 2.79 -5.93
N PHE A 37 -7.61 3.14 -4.74
CA PHE A 37 -7.61 2.15 -3.64
C PHE A 37 -8.96 2.14 -2.92
N GLU A 38 -10.03 2.26 -3.66
CA GLU A 38 -11.38 2.27 -3.02
C GLU A 38 -11.56 1.05 -2.12
N ASP A 39 -10.74 0.04 -2.29
CA ASP A 39 -10.88 -1.18 -1.44
C ASP A 39 -9.98 -1.05 -0.20
N ALA A 40 -9.48 0.13 0.06
CA ALA A 40 -8.60 0.31 1.25
C ALA A 40 -9.33 1.14 2.33
N LEU A 41 -8.84 1.11 3.54
CA LEU A 41 -9.50 1.90 4.62
C LEU A 41 -9.02 3.35 4.57
N GLU A 42 -7.75 3.55 4.42
CA GLU A 42 -7.20 4.94 4.37
C GLU A 42 -5.91 4.98 3.56
N ILE A 43 -5.47 6.16 3.22
CA ILE A 43 -4.21 6.27 2.43
C ILE A 43 -3.33 7.40 2.97
N ARG A 44 -2.05 7.32 2.74
CA ARG A 44 -1.13 8.37 3.23
C ARG A 44 -0.11 8.71 2.14
N LEU A 45 0.59 9.80 2.28
CA LEU A 45 1.59 10.18 1.23
C LEU A 45 3.01 10.09 1.80
N VAL A 46 3.99 10.05 0.94
CA VAL A 46 5.40 9.96 1.43
C VAL A 46 6.37 10.49 0.37
N SER A 47 7.19 11.42 0.76
CA SER A 47 8.18 12.01 -0.19
C SER A 47 9.59 11.94 0.41
N GLN A 48 10.53 12.64 -0.17
CA GLN A 48 11.92 12.62 0.37
C GLN A 48 12.01 13.44 1.66
N ASP A 49 13.18 13.60 2.19
CA ASP A 49 13.32 14.39 3.44
C ASP A 49 12.51 15.68 3.35
N GLY A 50 12.26 16.15 2.16
CA GLY A 50 11.46 17.40 2.01
C GLY A 50 11.20 17.65 0.52
N LYS A 51 10.64 16.67 -0.16
CA LYS A 51 10.36 16.86 -1.61
C LYS A 51 9.62 15.63 -2.14
N SER A 52 8.46 15.83 -2.70
CA SER A 52 7.66 14.67 -3.23
C SER A 52 8.59 13.61 -3.83
N LYS A 53 8.40 12.39 -3.44
CA LYS A 53 9.27 11.29 -3.97
C LYS A 53 8.39 10.27 -4.69
N GLY A 54 7.11 10.32 -4.47
CA GLY A 54 6.20 9.36 -5.15
C GLY A 54 5.92 8.17 -4.23
N ILE A 55 5.98 8.35 -2.94
CA ILE A 55 5.70 7.21 -2.02
C ILE A 55 4.40 7.48 -1.26
N ALA A 56 3.67 6.46 -0.88
CA ALA A 56 2.41 6.69 -0.14
C ALA A 56 2.15 5.53 0.82
N TYR A 57 1.49 5.80 1.92
CA TYR A 57 1.20 4.71 2.90
C TYR A 57 -0.27 4.32 2.79
N ILE A 58 -0.54 3.22 2.15
CA ILE A 58 -1.96 2.77 1.99
C ILE A 58 -2.29 1.72 3.04
N GLU A 59 -3.39 1.85 3.73
CA GLU A 59 -3.76 0.85 4.75
C GLU A 59 -5.08 0.17 4.38
N PHE A 60 -5.01 -0.96 3.72
CA PHE A 60 -6.25 -1.66 3.32
C PHE A 60 -6.91 -2.34 4.52
N LYS A 61 -8.00 -3.01 4.29
CA LYS A 61 -8.71 -3.70 5.40
C LYS A 61 -7.99 -5.01 5.75
N SER A 62 -7.21 -5.52 4.85
CA SER A 62 -6.49 -6.79 5.13
C SER A 62 -5.54 -7.13 3.96
N GLU A 63 -4.67 -8.08 4.15
CA GLU A 63 -3.73 -8.44 3.06
C GLU A 63 -4.49 -8.67 1.76
N ALA A 64 -5.66 -9.24 1.83
CA ALA A 64 -6.44 -9.49 0.59
C ALA A 64 -6.80 -8.16 -0.07
N ASP A 65 -7.19 -7.19 0.72
CA ASP A 65 -7.53 -5.87 0.13
C ASP A 65 -6.26 -5.25 -0.44
N ALA A 66 -5.23 -5.16 0.36
CA ALA A 66 -3.95 -4.59 -0.14
C ALA A 66 -3.39 -5.47 -1.25
N GLU A 67 -3.45 -6.77 -1.09
CA GLU A 67 -2.93 -7.67 -2.15
C GLU A 67 -3.84 -7.63 -3.38
N LYS A 68 -5.13 -7.74 -3.17
CA LYS A 68 -6.06 -7.70 -4.33
C LYS A 68 -5.86 -6.39 -5.08
N ASN A 69 -5.65 -5.32 -4.36
CA ASN A 69 -5.42 -4.01 -5.03
C ASN A 69 -3.99 -3.98 -5.59
N LEU A 70 -3.02 -4.26 -4.78
CA LEU A 70 -1.61 -4.25 -5.26
C LEU A 70 -1.47 -5.17 -6.47
N GLU A 71 -2.37 -6.11 -6.62
CA GLU A 71 -2.28 -7.05 -7.78
C GLU A 71 -3.10 -6.50 -8.95
N GLU A 72 -4.31 -6.07 -8.69
CA GLU A 72 -5.17 -5.55 -9.78
C GLU A 72 -5.06 -4.02 -9.89
N LYS A 73 -4.19 -3.42 -9.12
CA LYS A 73 -4.06 -1.94 -9.19
C LYS A 73 -2.61 -1.54 -9.47
N GLN A 74 -1.67 -2.45 -9.29
CA GLN A 74 -0.23 -2.14 -9.56
C GLN A 74 -0.09 -1.23 -10.78
N GLY A 75 -0.10 0.05 -10.57
CA GLY A 75 0.03 0.99 -11.72
C GLY A 75 -1.30 1.72 -11.93
N ALA A 76 -2.32 0.98 -12.30
CA ALA A 76 -3.66 1.60 -12.51
C ALA A 76 -3.54 2.83 -13.43
N GLU A 77 -2.48 2.91 -14.18
CA GLU A 77 -2.29 4.06 -15.11
C GLU A 77 -2.93 5.34 -14.55
N ILE A 78 -2.23 6.06 -13.72
CA ILE A 78 -2.81 7.30 -13.14
C ILE A 78 -1.78 8.43 -13.17
N ASP A 79 -2.19 9.64 -12.86
CA ASP A 79 -1.22 10.77 -12.85
C ASP A 79 -0.29 10.66 -14.06
N GLY A 80 -0.79 10.22 -15.17
CA GLY A 80 0.08 10.09 -16.38
C GLY A 80 1.22 9.11 -16.10
N ARG A 81 0.97 8.12 -15.27
CA ARG A 81 2.05 7.14 -14.96
C ARG A 81 1.48 6.03 -14.08
N SER A 82 2.02 4.84 -14.17
CA SER A 82 1.51 3.72 -13.33
C SER A 82 2.07 3.83 -11.91
N VAL A 83 1.22 3.78 -10.92
CA VAL A 83 1.70 3.86 -9.51
C VAL A 83 2.06 2.46 -8.99
N SER A 84 3.09 2.36 -8.21
CA SER A 84 3.49 1.02 -7.68
C SER A 84 2.81 0.75 -6.33
N LEU A 85 2.62 -0.50 -6.01
CA LEU A 85 1.96 -0.85 -4.71
C LEU A 85 2.75 -1.96 -4.02
N TYR A 86 3.43 -1.64 -2.96
CA TYR A 86 4.23 -2.68 -2.25
C TYR A 86 3.81 -2.79 -0.78
N TYR A 87 2.87 -3.63 -0.48
CA TYR A 87 2.43 -3.78 0.91
C TYR A 87 3.57 -4.31 1.79
N THR A 88 3.30 -4.54 3.05
CA THR A 88 4.37 -5.03 3.96
C THR A 88 3.94 -6.32 4.65
N GLY A 89 3.30 -7.21 3.94
CA GLY A 89 2.85 -8.49 4.57
C GLY A 89 3.26 -9.67 3.71
N GLU A 90 3.95 -9.39 2.66
CA GLU A 90 4.41 -10.48 1.74
C GLU A 90 5.80 -10.16 1.18
N LYS A 91 5.87 -9.31 0.20
CA LYS A 91 7.20 -8.96 -0.39
C LYS A 91 7.87 -7.86 0.45
N GLY A 92 7.12 -6.85 0.82
CA GLY A 92 7.71 -5.75 1.63
C GLY A 92 8.42 -6.34 2.86
N GLY A 93 8.85 -5.49 3.75
CA GLY A 93 9.55 -6.00 4.97
C GLY A 93 8.52 -6.46 6.00
N THR A 94 8.79 -6.26 7.26
CA THR A 94 7.82 -6.68 8.31
C THR A 94 7.46 -5.49 9.20
N ARG A 95 6.18 -5.26 9.40
CA ARG A 95 5.75 -4.12 10.25
C ARG A 95 6.57 -2.87 9.92
N GLY A 96 6.10 -2.06 9.02
CA GLY A 96 6.85 -0.83 8.65
C GLY A 96 6.02 0.01 7.68
N SER A 1 15.62 -32.24 6.44
CA SER A 1 16.45 -31.05 6.77
C SER A 1 15.67 -29.77 6.49
N HIS A 2 15.08 -29.19 7.50
CA HIS A 2 14.30 -27.93 7.30
C HIS A 2 13.69 -27.46 8.62
N MET A 3 14.49 -26.89 9.49
CA MET A 3 13.94 -26.41 10.79
C MET A 3 12.61 -25.70 10.57
N LEU A 4 11.63 -25.97 11.40
CA LEU A 4 10.31 -25.30 11.23
C LEU A 4 9.83 -24.74 12.57
N GLU A 5 10.46 -23.70 13.05
CA GLU A 5 10.04 -23.10 14.35
C GLU A 5 9.18 -21.86 14.09
N ASP A 6 8.01 -21.79 14.68
CA ASP A 6 7.14 -20.60 14.47
C ASP A 6 7.97 -19.32 14.46
N PRO A 7 8.23 -18.83 13.28
CA PRO A 7 9.03 -17.60 13.13
C PRO A 7 8.15 -16.37 13.39
N CYS A 8 8.64 -15.21 13.03
CA CYS A 8 7.84 -13.97 13.23
C CYS A 8 6.75 -13.86 12.16
N THR A 9 6.66 -14.83 11.31
CA THR A 9 5.64 -14.81 10.23
C THR A 9 4.31 -14.26 10.76
N SER A 10 4.07 -14.42 12.03
CA SER A 10 2.78 -13.92 12.60
C SER A 10 2.86 -12.42 12.89
N LYS A 11 3.89 -11.79 12.42
CA LYS A 11 4.03 -10.33 12.62
C LYS A 11 3.82 -9.64 11.29
N LYS A 12 4.46 -10.12 10.26
CA LYS A 12 4.26 -9.52 8.92
C LYS A 12 2.93 -10.04 8.35
N VAL A 13 2.27 -10.88 9.10
CA VAL A 13 0.97 -11.42 8.63
C VAL A 13 -0.06 -10.30 8.59
N ARG A 14 -0.06 -9.47 9.60
CA ARG A 14 -1.03 -8.34 9.63
C ARG A 14 -0.64 -7.31 8.56
N ALA A 15 0.58 -6.87 8.56
CA ALA A 15 1.02 -5.89 7.54
C ALA A 15 0.74 -6.44 6.13
N ALA A 16 0.55 -7.73 6.04
CA ALA A 16 0.28 -8.34 4.70
C ALA A 16 -0.83 -7.55 3.99
N ARG A 17 -1.80 -7.09 4.72
CA ARG A 17 -2.89 -6.31 4.08
C ARG A 17 -2.52 -4.83 4.01
N THR A 18 -1.24 -4.53 4.07
CA THR A 18 -0.81 -3.10 4.01
C THR A 18 0.41 -2.95 3.09
N LEU A 19 0.27 -2.22 2.02
CA LEU A 19 1.42 -2.04 1.08
C LEU A 19 1.74 -0.55 0.93
N LEU A 20 2.68 -0.22 0.09
CA LEU A 20 3.04 1.22 -0.10
C LEU A 20 2.99 1.58 -1.58
N ALA A 21 2.43 2.71 -1.91
CA ALA A 21 2.36 3.12 -3.34
C ALA A 21 3.64 3.83 -3.74
N LYS A 22 4.18 3.51 -4.89
CA LYS A 22 5.44 4.17 -5.34
C LYS A 22 5.33 4.58 -6.81
N ASN A 23 6.39 5.09 -7.37
CA ASN A 23 6.34 5.53 -8.80
C ASN A 23 5.24 6.57 -9.00
N LEU A 24 4.75 7.15 -7.92
CA LEU A 24 3.68 8.17 -8.04
C LEU A 24 4.23 9.43 -8.71
N SER A 25 3.56 10.54 -8.52
CA SER A 25 4.04 11.80 -9.14
C SER A 25 3.90 12.96 -8.14
N PHE A 26 4.37 14.12 -8.49
CA PHE A 26 4.26 15.29 -7.57
C PHE A 26 2.83 15.83 -7.57
N ASN A 27 2.00 15.32 -8.44
CA ASN A 27 0.59 15.82 -8.50
C ASN A 27 -0.35 14.86 -7.76
N ILE A 28 -0.23 13.58 -8.00
CA ILE A 28 -1.12 12.62 -7.30
C ILE A 28 -1.02 12.79 -5.79
N THR A 29 -2.00 12.32 -5.07
CA THR A 29 -1.97 12.46 -3.57
C THR A 29 -2.91 11.45 -2.92
N GLU A 30 -3.04 11.50 -1.63
CA GLU A 30 -3.94 10.55 -0.92
C GLU A 30 -5.31 10.56 -1.60
N ASP A 31 -5.71 11.69 -2.11
CA ASP A 31 -7.03 11.78 -2.81
C ASP A 31 -7.07 10.75 -3.93
N GLU A 32 -6.13 10.84 -4.85
CA GLU A 32 -6.11 9.86 -5.97
C GLU A 32 -5.91 8.45 -5.40
N LEU A 33 -5.14 8.33 -4.36
CA LEU A 33 -4.93 7.00 -3.74
C LEU A 33 -6.24 6.57 -3.11
N LYS A 34 -6.96 7.52 -2.57
CA LYS A 34 -8.26 7.18 -1.95
C LYS A 34 -9.25 6.80 -3.04
N GLU A 35 -9.06 7.37 -4.20
CA GLU A 35 -9.96 7.05 -5.34
C GLU A 35 -9.56 5.70 -5.92
N VAL A 36 -8.29 5.37 -5.84
CA VAL A 36 -7.83 4.06 -6.37
C VAL A 36 -8.09 2.99 -5.31
N PHE A 37 -7.80 3.30 -4.08
CA PHE A 37 -8.01 2.33 -2.99
C PHE A 37 -9.27 2.68 -2.20
N GLU A 38 -10.41 2.68 -2.84
CA GLU A 38 -11.68 3.01 -2.12
C GLU A 38 -12.16 1.81 -1.30
N ASP A 39 -11.38 0.75 -1.27
CA ASP A 39 -11.80 -0.45 -0.49
C ASP A 39 -10.80 -0.73 0.63
N ALA A 40 -9.70 -0.01 0.65
CA ALA A 40 -8.68 -0.25 1.72
C ALA A 40 -9.03 0.56 2.97
N LEU A 41 -8.29 0.38 4.03
CA LEU A 41 -8.59 1.14 5.28
C LEU A 41 -8.19 2.61 5.08
N GLU A 42 -7.04 2.83 4.52
CA GLU A 42 -6.58 4.23 4.31
C GLU A 42 -5.23 4.25 3.60
N ILE A 43 -4.80 5.41 3.18
CA ILE A 43 -3.49 5.51 2.47
C ILE A 43 -2.66 6.64 3.08
N ARG A 44 -1.36 6.51 3.05
CA ARG A 44 -0.48 7.58 3.60
C ARG A 44 0.44 8.13 2.51
N LEU A 45 0.92 9.33 2.67
CA LEU A 45 1.83 9.92 1.65
C LEU A 45 3.28 9.80 2.10
N VAL A 46 4.19 9.73 1.17
CA VAL A 46 5.63 9.62 1.55
C VAL A 46 6.52 10.30 0.50
N SER A 47 7.40 11.15 0.96
CA SER A 47 8.32 11.87 0.04
C SER A 47 9.77 11.64 0.44
N GLN A 48 10.60 12.64 0.30
CA GLN A 48 12.03 12.48 0.68
C GLN A 48 12.30 13.17 2.02
N ASP A 49 11.40 13.05 2.95
CA ASP A 49 11.60 13.69 4.28
C ASP A 49 11.55 15.22 4.15
N GLY A 50 11.22 15.71 2.98
CA GLY A 50 11.15 17.18 2.79
C GLY A 50 10.99 17.50 1.30
N LYS A 51 10.28 16.69 0.58
CA LYS A 51 10.09 16.94 -0.87
C LYS A 51 9.34 15.78 -1.51
N SER A 52 8.18 16.04 -2.06
CA SER A 52 7.39 14.94 -2.70
C SER A 52 8.31 13.95 -3.41
N LYS A 53 8.16 12.70 -3.12
CA LYS A 53 9.02 11.67 -3.77
C LYS A 53 8.14 10.72 -4.58
N GLY A 54 6.86 10.74 -4.32
CA GLY A 54 5.93 9.85 -5.07
C GLY A 54 5.74 8.55 -4.31
N ILE A 55 5.88 8.55 -3.01
CA ILE A 55 5.70 7.28 -2.25
C ILE A 55 4.51 7.43 -1.30
N ALA A 56 3.90 6.34 -0.92
CA ALA A 56 2.74 6.44 0.01
C ALA A 56 2.44 5.10 0.65
N TYR A 57 1.87 5.09 1.82
CA TYR A 57 1.54 3.79 2.48
C TYR A 57 0.07 3.47 2.26
N ILE A 58 -0.27 2.21 2.20
CA ILE A 58 -1.71 1.85 1.96
C ILE A 58 -2.10 0.63 2.79
N GLU A 59 -3.05 0.78 3.66
CA GLU A 59 -3.51 -0.37 4.50
C GLU A 59 -4.88 -0.84 4.03
N PHE A 60 -4.95 -1.93 3.32
CA PHE A 60 -6.28 -2.41 2.85
C PHE A 60 -7.03 -3.12 3.97
N LYS A 61 -8.23 -3.54 3.70
CA LYS A 61 -9.02 -4.24 4.76
C LYS A 61 -8.63 -5.72 4.81
N SER A 62 -8.03 -6.21 3.76
CA SER A 62 -7.62 -7.65 3.75
C SER A 62 -6.61 -7.90 2.64
N GLU A 63 -5.82 -8.92 2.77
CA GLU A 63 -4.81 -9.23 1.71
C GLU A 63 -5.49 -9.25 0.35
N ALA A 64 -6.68 -9.78 0.28
CA ALA A 64 -7.40 -9.82 -1.02
C ALA A 64 -7.65 -8.41 -1.53
N ASP A 65 -8.00 -7.51 -0.65
CA ASP A 65 -8.23 -6.11 -1.07
C ASP A 65 -6.90 -5.52 -1.53
N ALA A 66 -5.91 -5.59 -0.71
CA ALA A 66 -4.57 -5.06 -1.09
C ALA A 66 -4.03 -5.86 -2.28
N GLU A 67 -4.20 -7.15 -2.27
CA GLU A 67 -3.70 -7.98 -3.40
C GLU A 67 -4.56 -7.76 -4.64
N LYS A 68 -5.85 -7.68 -4.47
CA LYS A 68 -6.74 -7.47 -5.65
C LYS A 68 -6.40 -6.12 -6.29
N ASN A 69 -6.21 -5.11 -5.48
CA ASN A 69 -5.86 -3.78 -6.04
C ASN A 69 -4.45 -3.82 -6.64
N LEU A 70 -3.52 -4.42 -5.94
CA LEU A 70 -2.13 -4.51 -6.48
C LEU A 70 -2.08 -5.41 -7.71
N GLU A 71 -3.03 -6.29 -7.85
CA GLU A 71 -3.03 -7.19 -9.03
C GLU A 71 -4.07 -6.75 -10.05
N GLU A 72 -5.05 -5.99 -9.64
CA GLU A 72 -6.10 -5.54 -10.59
C GLU A 72 -5.73 -4.19 -11.21
N LYS A 73 -5.18 -3.29 -10.44
CA LYS A 73 -4.82 -1.95 -11.01
C LYS A 73 -3.50 -1.45 -10.40
N GLN A 74 -2.82 -2.28 -9.67
CA GLN A 74 -1.53 -1.86 -9.05
C GLN A 74 -1.66 -0.44 -8.48
N GLY A 75 -1.31 0.55 -9.25
CA GLY A 75 -1.42 1.94 -8.74
C GLY A 75 -2.35 2.76 -9.65
N ALA A 76 -3.32 2.11 -10.24
CA ALA A 76 -4.28 2.84 -11.13
C ALA A 76 -3.53 3.58 -12.24
N GLU A 77 -3.77 3.22 -13.48
CA GLU A 77 -3.08 3.91 -14.60
C GLU A 77 -3.39 5.41 -14.58
N ILE A 78 -2.56 6.20 -13.96
CA ILE A 78 -2.82 7.67 -13.90
C ILE A 78 -1.54 8.42 -14.26
N ASP A 79 -1.58 9.73 -14.29
CA ASP A 79 -0.36 10.50 -14.63
C ASP A 79 0.35 9.85 -15.83
N GLY A 80 -0.40 9.23 -16.69
CA GLY A 80 0.21 8.57 -17.88
C GLY A 80 0.97 7.31 -17.43
N ARG A 81 0.51 6.67 -16.38
CA ARG A 81 1.20 5.44 -15.90
C ARG A 81 0.57 4.95 -14.60
N SER A 82 0.45 3.65 -14.43
CA SER A 82 -0.16 3.12 -13.18
C SER A 82 0.84 3.19 -12.04
N VAL A 83 0.43 3.65 -10.89
CA VAL A 83 1.39 3.73 -9.75
C VAL A 83 1.80 2.32 -9.31
N SER A 84 2.89 2.20 -8.62
CA SER A 84 3.35 0.85 -8.18
C SER A 84 3.02 0.62 -6.70
N LEU A 85 2.43 -0.50 -6.40
CA LEU A 85 2.08 -0.81 -4.98
C LEU A 85 3.19 -1.64 -4.35
N TYR A 86 3.41 -1.50 -3.07
CA TYR A 86 4.49 -2.29 -2.41
C TYR A 86 3.94 -3.09 -1.23
N TYR A 87 3.79 -4.36 -1.39
CA TYR A 87 3.27 -5.21 -0.28
C TYR A 87 4.21 -5.18 0.92
N THR A 88 5.36 -4.64 0.72
CA THR A 88 6.37 -4.55 1.81
C THR A 88 5.88 -3.64 2.93
N GLY A 89 4.72 -3.91 3.46
CA GLY A 89 4.21 -3.06 4.58
C GLY A 89 4.86 -3.48 5.89
N GLU A 90 5.70 -4.44 5.82
CA GLU A 90 6.41 -4.94 7.02
C GLU A 90 7.44 -5.99 6.64
N LYS A 91 7.16 -6.77 5.62
CA LYS A 91 8.13 -7.82 5.20
C LYS A 91 8.36 -7.74 3.67
N GLY A 92 7.30 -7.77 2.91
CA GLY A 92 7.46 -7.70 1.43
C GLY A 92 8.57 -8.65 0.99
N GLY A 93 9.12 -8.44 -0.18
CA GLY A 93 10.21 -9.32 -0.66
C GLY A 93 11.56 -8.67 -0.39
N THR A 94 11.57 -7.40 -0.07
CA THR A 94 12.85 -6.71 0.22
C THR A 94 12.87 -6.19 1.65
N ARG A 95 13.89 -5.47 2.03
CA ARG A 95 13.98 -4.92 3.40
C ARG A 95 15.34 -4.26 3.62
N GLY A 96 15.46 -3.47 4.66
CA GLY A 96 16.75 -2.79 4.93
C GLY A 96 16.58 -1.76 6.05
N SER A 1 4.36 -23.70 28.32
CA SER A 1 3.12 -24.33 27.78
C SER A 1 2.92 -23.94 26.32
N HIS A 2 3.78 -24.38 25.44
CA HIS A 2 3.63 -24.03 23.99
C HIS A 2 2.37 -24.68 23.42
N MET A 3 1.26 -23.99 23.45
CA MET A 3 0.01 -24.57 22.91
C MET A 3 -0.86 -23.46 22.30
N LEU A 4 -1.34 -23.66 21.10
CA LEU A 4 -2.19 -22.63 20.46
C LEU A 4 -1.40 -21.34 20.26
N GLU A 5 -0.24 -21.42 19.67
CA GLU A 5 0.58 -20.19 19.44
C GLU A 5 0.96 -20.07 17.96
N ASP A 6 0.72 -18.95 17.36
CA ASP A 6 1.06 -18.77 15.93
C ASP A 6 0.56 -17.42 15.42
N PRO A 7 -0.70 -17.15 15.65
CA PRO A 7 -1.30 -15.88 15.19
C PRO A 7 -1.02 -14.74 16.18
N CYS A 8 0.06 -14.82 16.90
CA CYS A 8 0.39 -13.73 17.87
C CYS A 8 1.72 -13.07 17.50
N THR A 9 2.69 -13.85 17.11
CA THR A 9 3.99 -13.28 16.73
C THR A 9 3.91 -12.59 15.36
N SER A 10 2.75 -12.62 14.75
CA SER A 10 2.59 -11.97 13.42
C SER A 10 2.52 -10.45 13.57
N LYS A 11 3.48 -9.87 14.22
CA LYS A 11 3.46 -8.38 14.39
C LYS A 11 3.67 -7.70 13.04
N LYS A 12 4.67 -8.11 12.30
CA LYS A 12 4.90 -7.49 10.97
C LYS A 12 3.95 -8.08 9.94
N VAL A 13 3.04 -8.92 10.37
CA VAL A 13 2.07 -9.53 9.42
C VAL A 13 0.92 -8.55 9.21
N ARG A 14 0.65 -7.73 10.19
CA ARG A 14 -0.46 -6.74 10.06
C ARG A 14 -0.19 -5.84 8.85
N ALA A 15 1.06 -5.52 8.59
CA ALA A 15 1.38 -4.65 7.43
C ALA A 15 0.89 -5.29 6.13
N ALA A 16 0.54 -6.56 6.17
CA ALA A 16 0.05 -7.24 4.94
C ALA A 16 -1.17 -6.52 4.36
N ARG A 17 -1.98 -5.95 5.20
CA ARG A 17 -3.19 -5.24 4.70
C ARG A 17 -2.84 -3.79 4.35
N THR A 18 -1.59 -3.51 4.12
CA THR A 18 -1.19 -2.10 3.78
C THR A 18 0.07 -2.12 2.91
N LEU A 19 0.09 -1.38 1.84
CA LEU A 19 1.31 -1.37 0.97
C LEU A 19 1.87 0.05 0.91
N LEU A 20 2.97 0.23 0.25
CA LEU A 20 3.58 1.59 0.13
C LEU A 20 3.52 2.07 -1.32
N ALA A 21 2.68 3.02 -1.62
CA ALA A 21 2.61 3.52 -3.02
C ALA A 21 3.94 4.16 -3.42
N LYS A 22 4.33 4.03 -4.66
CA LYS A 22 5.62 4.62 -5.10
C LYS A 22 5.50 5.14 -6.54
N ASN A 23 6.50 5.83 -7.01
CA ASN A 23 6.44 6.37 -8.39
C ASN A 23 5.24 7.31 -8.55
N LEU A 24 4.64 7.71 -7.46
CA LEU A 24 3.47 8.63 -7.55
C LEU A 24 3.87 9.92 -8.28
N SER A 25 3.11 10.96 -8.14
CA SER A 25 3.46 12.25 -8.82
C SER A 25 3.30 13.41 -7.84
N PHE A 26 3.84 14.55 -8.18
CA PHE A 26 3.73 15.73 -7.28
C PHE A 26 2.30 16.28 -7.32
N ASN A 27 1.50 15.79 -8.23
CA ASN A 27 0.10 16.28 -8.33
C ASN A 27 -0.88 15.29 -7.69
N ILE A 28 -0.68 14.02 -7.91
CA ILE A 28 -1.60 13.01 -7.31
C ILE A 28 -1.93 13.38 -5.85
N THR A 29 -2.96 12.81 -5.31
CA THR A 29 -3.33 13.14 -3.90
C THR A 29 -4.15 12.01 -3.28
N GLU A 30 -4.35 12.06 -1.99
CA GLU A 30 -5.16 10.99 -1.33
C GLU A 30 -6.45 10.79 -2.11
N ASP A 31 -6.95 11.84 -2.72
CA ASP A 31 -8.21 11.70 -3.50
C ASP A 31 -8.03 10.64 -4.57
N GLU A 32 -7.08 10.83 -5.45
CA GLU A 32 -6.84 9.82 -6.51
C GLU A 32 -6.48 8.49 -5.85
N LEU A 33 -5.74 8.55 -4.78
CA LEU A 33 -5.38 7.30 -4.06
C LEU A 33 -6.65 6.72 -3.46
N LYS A 34 -7.57 7.57 -3.11
CA LYS A 34 -8.85 7.09 -2.54
C LYS A 34 -9.73 6.57 -3.67
N GLU A 35 -9.49 7.06 -4.85
CA GLU A 35 -10.28 6.60 -6.02
C GLU A 35 -9.76 5.25 -6.48
N VAL A 36 -8.46 5.05 -6.39
CA VAL A 36 -7.89 3.74 -6.80
C VAL A 36 -8.07 2.74 -5.67
N PHE A 37 -7.98 3.20 -4.45
CA PHE A 37 -8.14 2.29 -3.30
C PHE A 37 -9.54 2.43 -2.69
N GLU A 38 -10.57 2.17 -3.45
CA GLU A 38 -11.95 2.30 -2.92
C GLU A 38 -12.29 1.08 -2.04
N ASP A 39 -11.35 0.20 -1.83
CA ASP A 39 -11.63 -1.00 -1.01
C ASP A 39 -10.73 -1.00 0.24
N ALA A 40 -9.76 -0.14 0.29
CA ALA A 40 -8.86 -0.09 1.47
C ALA A 40 -9.41 0.88 2.53
N LEU A 41 -8.75 0.95 3.66
CA LEU A 41 -9.23 1.88 4.72
C LEU A 41 -8.89 3.31 4.35
N GLU A 42 -7.69 3.54 3.92
CA GLU A 42 -7.28 4.92 3.55
C GLU A 42 -5.86 4.93 3.00
N ILE A 43 -5.45 6.00 2.38
CA ILE A 43 -4.08 6.06 1.81
C ILE A 43 -3.28 7.18 2.47
N ARG A 44 -1.98 7.04 2.50
CA ARG A 44 -1.12 8.09 3.11
C ARG A 44 -0.09 8.55 2.08
N LEU A 45 0.61 9.62 2.33
CA LEU A 45 1.61 10.10 1.35
C LEU A 45 3.03 9.94 1.90
N VAL A 46 4.01 9.93 1.05
CA VAL A 46 5.41 9.78 1.54
C VAL A 46 6.39 10.41 0.53
N SER A 47 7.30 11.20 1.03
CA SER A 47 8.29 11.87 0.14
C SER A 47 9.71 11.64 0.67
N GLN A 48 10.62 12.52 0.36
CA GLN A 48 12.02 12.33 0.84
C GLN A 48 12.78 13.66 0.79
N ASP A 49 13.89 13.75 1.46
CA ASP A 49 14.67 15.02 1.45
C ASP A 49 13.76 16.22 1.67
N GLY A 50 12.63 16.00 2.30
CA GLY A 50 11.68 17.12 2.55
C GLY A 50 11.11 17.60 1.21
N LYS A 51 10.59 16.69 0.43
CA LYS A 51 10.01 17.08 -0.88
C LYS A 51 9.32 15.87 -1.51
N SER A 52 8.08 16.02 -1.92
CA SER A 52 7.34 14.88 -2.53
C SER A 52 8.28 14.00 -3.35
N LYS A 53 8.29 12.73 -3.08
CA LYS A 53 9.17 11.80 -3.84
C LYS A 53 8.32 10.83 -4.65
N GLY A 54 7.05 10.79 -4.37
CA GLY A 54 6.16 9.88 -5.12
C GLY A 54 5.88 8.63 -4.28
N ILE A 55 5.86 8.74 -2.97
CA ILE A 55 5.58 7.54 -2.15
C ILE A 55 4.30 7.75 -1.33
N ALA A 56 3.67 6.69 -0.91
CA ALA A 56 2.43 6.84 -0.11
C ALA A 56 2.15 5.56 0.67
N TYR A 57 1.40 5.64 1.74
CA TYR A 57 1.10 4.43 2.54
C TYR A 57 -0.36 4.03 2.36
N ILE A 58 -0.61 2.89 1.79
CA ILE A 58 -2.02 2.44 1.58
C ILE A 58 -2.37 1.38 2.63
N GLU A 59 -3.39 1.62 3.41
CA GLU A 59 -3.77 0.61 4.44
C GLU A 59 -5.15 0.04 4.13
N PHE A 60 -5.21 -1.15 3.60
CA PHE A 60 -6.53 -1.76 3.27
C PHE A 60 -7.24 -2.22 4.53
N LYS A 61 -8.39 -2.82 4.36
CA LYS A 61 -9.15 -3.32 5.55
C LYS A 61 -8.81 -4.80 5.77
N SER A 62 -8.18 -5.42 4.81
CA SER A 62 -7.81 -6.85 4.96
C SER A 62 -6.63 -7.19 4.04
N GLU A 63 -5.77 -8.08 4.47
CA GLU A 63 -4.60 -8.44 3.63
C GLU A 63 -5.05 -8.81 2.22
N ALA A 64 -6.09 -9.60 2.10
CA ALA A 64 -6.59 -9.98 0.76
C ALA A 64 -7.00 -8.73 -0.01
N ASP A 65 -7.51 -7.74 0.67
CA ASP A 65 -7.91 -6.49 -0.03
C ASP A 65 -6.65 -5.77 -0.51
N ALA A 66 -5.74 -5.51 0.39
CA ALA A 66 -4.48 -4.82 -0.02
C ALA A 66 -3.72 -5.71 -0.99
N GLU A 67 -3.71 -7.00 -0.77
CA GLU A 67 -2.99 -7.92 -1.68
C GLU A 67 -3.72 -8.00 -3.03
N LYS A 68 -5.02 -8.00 -3.00
CA LYS A 68 -5.79 -8.05 -4.27
C LYS A 68 -5.48 -6.79 -5.09
N ASN A 69 -5.56 -5.65 -4.46
CA ASN A 69 -5.25 -4.39 -5.18
C ASN A 69 -3.79 -4.40 -5.61
N LEU A 70 -2.92 -4.90 -4.78
CA LEU A 70 -1.47 -4.95 -5.14
C LEU A 70 -1.28 -5.83 -6.37
N GLU A 71 -2.01 -6.90 -6.47
CA GLU A 71 -1.86 -7.81 -7.64
C GLU A 71 -2.98 -7.56 -8.67
N GLU A 72 -3.89 -6.67 -8.38
CA GLU A 72 -4.99 -6.42 -9.34
C GLU A 72 -4.87 -5.02 -9.97
N LYS A 73 -4.08 -4.16 -9.40
CA LYS A 73 -3.93 -2.79 -9.98
C LYS A 73 -2.47 -2.49 -10.28
N GLN A 74 -1.67 -2.37 -9.24
CA GLN A 74 -0.22 -2.07 -9.44
C GLN A 74 -0.01 -1.13 -10.62
N GLY A 75 0.06 0.15 -10.38
CA GLY A 75 0.27 1.11 -11.51
C GLY A 75 -0.99 1.97 -11.70
N ALA A 76 -1.96 1.47 -12.41
CA ALA A 76 -3.20 2.27 -12.63
C ALA A 76 -2.88 3.50 -13.50
N GLU A 77 -3.46 3.58 -14.67
CA GLU A 77 -3.18 4.75 -15.56
C GLU A 77 -3.58 6.06 -14.85
N ILE A 78 -2.74 6.53 -13.97
CA ILE A 78 -3.07 7.79 -13.25
C ILE A 78 -1.80 8.65 -13.11
N ASP A 79 -1.90 9.77 -12.45
CA ASP A 79 -0.70 10.65 -12.28
C ASP A 79 0.16 10.63 -13.55
N GLY A 80 -0.45 10.46 -14.69
CA GLY A 80 0.31 10.45 -15.96
C GLY A 80 1.18 9.19 -16.04
N ARG A 81 0.81 8.14 -15.36
CA ARG A 81 1.62 6.89 -15.41
C ARG A 81 1.06 5.87 -14.42
N SER A 82 1.71 4.74 -14.28
CA SER A 82 1.22 3.71 -13.32
C SER A 82 1.93 3.87 -11.98
N VAL A 83 1.19 3.91 -10.91
CA VAL A 83 1.82 4.05 -9.56
C VAL A 83 2.40 2.70 -9.11
N SER A 84 3.55 2.72 -8.50
CA SER A 84 4.17 1.45 -8.05
C SER A 84 3.72 1.11 -6.63
N LEU A 85 3.33 -0.11 -6.39
CA LEU A 85 2.88 -0.49 -5.02
C LEU A 85 3.98 -1.26 -4.30
N TYR A 86 4.40 -0.79 -3.16
CA TYR A 86 5.47 -1.51 -2.42
C TYR A 86 4.88 -2.15 -1.16
N TYR A 87 4.43 -3.36 -1.28
CA TYR A 87 3.85 -4.06 -0.10
C TYR A 87 4.75 -3.91 1.12
N THR A 88 4.37 -4.49 2.21
CA THR A 88 5.20 -4.39 3.44
C THR A 88 4.74 -5.42 4.48
N GLY A 89 4.39 -6.60 4.05
CA GLY A 89 3.93 -7.65 5.01
C GLY A 89 4.59 -8.98 4.68
N GLU A 90 5.51 -8.95 3.78
CA GLU A 90 6.22 -10.20 3.38
C GLU A 90 5.27 -11.13 2.61
N LYS A 91 4.97 -10.80 1.38
CA LYS A 91 4.06 -11.65 0.58
C LYS A 91 4.84 -12.78 -0.10
N GLY A 92 5.75 -12.44 -0.96
CA GLY A 92 6.55 -13.49 -1.65
C GLY A 92 7.57 -12.82 -2.57
N GLY A 93 8.44 -13.60 -3.15
CA GLY A 93 9.48 -13.02 -4.06
C GLY A 93 10.68 -13.96 -4.13
N THR A 94 10.49 -15.14 -4.65
CA THR A 94 11.63 -16.10 -4.75
C THR A 94 12.06 -16.27 -6.20
N ARG A 95 12.33 -15.18 -6.88
CA ARG A 95 12.75 -15.28 -8.32
C ARG A 95 11.88 -16.30 -9.05
N GLY A 96 12.32 -16.77 -10.19
CA GLY A 96 11.52 -17.75 -10.95
C GLY A 96 10.62 -17.03 -11.94
N SER A 1 5.31 -25.95 25.64
CA SER A 1 4.13 -25.58 26.48
C SER A 1 2.83 -25.82 25.71
N HIS A 2 2.28 -27.00 25.82
CA HIS A 2 1.00 -27.28 25.09
C HIS A 2 1.14 -26.91 23.62
N MET A 3 0.05 -26.69 22.95
CA MET A 3 0.11 -26.30 21.50
C MET A 3 -0.76 -25.08 21.24
N LEU A 4 -0.95 -24.73 19.99
CA LEU A 4 -1.81 -23.55 19.67
C LEU A 4 -1.16 -22.28 20.23
N GLU A 5 -1.24 -22.08 21.52
CA GLU A 5 -0.64 -20.85 22.12
C GLU A 5 -1.15 -19.60 21.41
N ASP A 6 -0.77 -18.45 21.88
CA ASP A 6 -1.24 -17.18 21.23
C ASP A 6 -0.95 -17.24 19.72
N PRO A 7 -1.58 -16.34 19.01
CA PRO A 7 -1.41 -16.26 17.54
C PRO A 7 -0.14 -15.49 17.17
N CYS A 8 0.84 -15.49 18.02
CA CYS A 8 2.10 -14.75 17.70
C CYS A 8 1.84 -13.24 17.68
N THR A 9 0.68 -12.83 18.13
CA THR A 9 0.36 -11.37 18.14
C THR A 9 0.14 -10.85 16.71
N SER A 10 0.23 -11.70 15.73
CA SER A 10 0.02 -11.26 14.33
C SER A 10 0.71 -9.92 14.09
N LYS A 11 1.91 -9.76 14.59
CA LYS A 11 2.63 -8.47 14.40
C LYS A 11 3.01 -8.29 12.92
N LYS A 12 3.68 -9.25 12.34
CA LYS A 12 4.06 -9.12 10.92
C LYS A 12 2.91 -9.58 10.03
N VAL A 13 1.76 -9.77 10.59
CA VAL A 13 0.58 -10.19 9.79
C VAL A 13 -0.31 -8.98 9.48
N ARG A 14 -0.30 -8.01 10.34
CA ARG A 14 -1.13 -6.80 10.10
C ARG A 14 -0.44 -5.90 9.08
N ALA A 15 0.86 -6.01 8.96
CA ALA A 15 1.59 -5.17 7.98
C ALA A 15 1.20 -5.55 6.56
N ALA A 16 0.75 -6.76 6.36
CA ALA A 16 0.37 -7.19 4.99
C ALA A 16 -0.96 -6.57 4.57
N ARG A 17 -1.53 -5.73 5.40
CA ARG A 17 -2.80 -5.07 5.05
C ARG A 17 -2.49 -3.70 4.46
N THR A 18 -1.28 -3.24 4.66
CA THR A 18 -0.89 -1.90 4.14
C THR A 18 0.31 -2.02 3.18
N LEU A 19 0.24 -1.33 2.07
CA LEU A 19 1.37 -1.38 1.10
C LEU A 19 1.86 0.04 0.80
N LEU A 20 3.13 0.22 0.61
CA LEU A 20 3.66 1.59 0.32
C LEU A 20 3.53 1.92 -1.17
N ALA A 21 2.71 2.86 -1.51
CA ALA A 21 2.56 3.24 -2.95
C ALA A 21 3.75 4.08 -3.40
N LYS A 22 4.29 3.80 -4.55
CA LYS A 22 5.47 4.59 -5.02
C LYS A 22 5.34 4.90 -6.51
N ASN A 23 6.32 5.57 -7.07
CA ASN A 23 6.26 5.91 -8.52
C ASN A 23 5.12 6.89 -8.79
N LEU A 24 4.60 7.50 -7.76
CA LEU A 24 3.49 8.48 -7.97
C LEU A 24 4.02 9.76 -8.60
N SER A 25 3.30 10.84 -8.48
CA SER A 25 3.77 12.12 -9.08
C SER A 25 3.57 13.27 -8.08
N PHE A 26 3.97 14.46 -8.45
CA PHE A 26 3.81 15.61 -7.52
C PHE A 26 2.37 16.12 -7.55
N ASN A 27 1.57 15.59 -8.45
CA ASN A 27 0.16 16.04 -8.54
C ASN A 27 -0.77 15.06 -7.84
N ILE A 28 -0.63 13.79 -8.11
CA ILE A 28 -1.52 12.78 -7.46
C ILE A 28 -1.49 12.95 -5.93
N THR A 29 -2.45 12.40 -5.25
CA THR A 29 -2.49 12.53 -3.76
C THR A 29 -3.35 11.43 -3.14
N GLU A 30 -3.54 11.47 -1.85
CA GLU A 30 -4.38 10.43 -1.18
C GLU A 30 -5.72 10.33 -1.90
N ASP A 31 -6.24 11.44 -2.37
CA ASP A 31 -7.54 11.41 -3.08
C ASP A 31 -7.46 10.42 -4.25
N GLU A 32 -6.50 10.61 -5.11
CA GLU A 32 -6.35 9.68 -6.27
C GLU A 32 -5.96 8.30 -5.77
N LEU A 33 -5.27 8.23 -4.66
CA LEU A 33 -4.89 6.91 -4.10
C LEU A 33 -6.15 6.27 -3.52
N LYS A 34 -6.91 7.04 -2.79
CA LYS A 34 -8.16 6.49 -2.21
C LYS A 34 -9.16 6.25 -3.34
N GLU A 35 -8.96 6.93 -4.43
CA GLU A 35 -9.86 6.77 -5.60
C GLU A 35 -9.38 5.58 -6.44
N VAL A 36 -8.11 5.29 -6.40
CA VAL A 36 -7.57 4.15 -7.18
C VAL A 36 -7.86 2.86 -6.41
N PHE A 37 -7.72 2.91 -5.12
CA PHE A 37 -7.98 1.70 -4.30
C PHE A 37 -9.44 1.68 -3.84
N GLU A 38 -9.93 2.80 -3.39
CA GLU A 38 -11.34 2.87 -2.93
C GLU A 38 -11.74 1.59 -2.20
N ASP A 39 -10.81 0.94 -1.55
CA ASP A 39 -11.15 -0.31 -0.81
C ASP A 39 -10.17 -0.54 0.34
N ALA A 40 -9.49 0.49 0.76
CA ALA A 40 -8.52 0.32 1.88
C ALA A 40 -8.90 1.22 3.05
N LEU A 41 -8.16 1.16 4.13
CA LEU A 41 -8.49 2.02 5.30
C LEU A 41 -8.15 3.48 5.00
N GLU A 42 -7.01 3.70 4.40
CA GLU A 42 -6.60 5.10 4.08
C GLU A 42 -5.25 5.13 3.36
N ILE A 43 -4.89 6.26 2.82
CA ILE A 43 -3.58 6.38 2.11
C ILE A 43 -2.68 7.38 2.84
N ARG A 44 -1.40 7.13 2.87
CA ARG A 44 -0.48 8.07 3.55
C ARG A 44 0.62 8.55 2.59
N LEU A 45 0.31 9.54 1.79
CA LEU A 45 1.32 10.05 0.82
C LEU A 45 2.63 10.36 1.54
N VAL A 46 3.74 10.19 0.87
CA VAL A 46 5.04 10.47 1.54
C VAL A 46 6.08 10.97 0.53
N SER A 47 6.99 11.78 1.01
CA SER A 47 8.06 12.34 0.13
C SER A 47 9.44 12.02 0.70
N GLN A 48 10.44 12.76 0.31
CA GLN A 48 11.82 12.50 0.83
C GLN A 48 12.05 13.29 2.12
N ASP A 49 11.01 13.49 2.89
CA ASP A 49 11.17 14.24 4.17
C ASP A 49 11.41 15.73 3.90
N GLY A 50 11.42 16.13 2.66
CA GLY A 50 11.66 17.56 2.34
C GLY A 50 11.37 17.84 0.86
N LYS A 51 10.55 17.04 0.24
CA LYS A 51 10.24 17.26 -1.20
C LYS A 51 9.43 16.07 -1.74
N SER A 52 8.19 16.30 -2.10
CA SER A 52 7.33 15.20 -2.61
C SER A 52 8.16 14.19 -3.40
N LYS A 53 8.00 12.94 -3.10
CA LYS A 53 8.77 11.89 -3.83
C LYS A 53 7.81 10.97 -4.57
N GLY A 54 6.55 11.04 -4.25
CA GLY A 54 5.55 10.19 -4.94
C GLY A 54 5.35 8.90 -4.15
N ILE A 55 5.53 8.91 -2.86
CA ILE A 55 5.33 7.67 -2.09
C ILE A 55 4.03 7.78 -1.28
N ALA A 56 3.50 6.68 -0.80
CA ALA A 56 2.22 6.78 -0.04
C ALA A 56 1.97 5.48 0.74
N TYR A 57 1.77 5.58 2.03
CA TYR A 57 1.50 4.35 2.83
C TYR A 57 0.01 4.01 2.72
N ILE A 58 -0.33 3.05 1.93
CA ILE A 58 -1.77 2.68 1.77
C ILE A 58 -2.14 1.51 2.67
N GLU A 59 -2.99 1.75 3.63
CA GLU A 59 -3.42 0.64 4.55
C GLU A 59 -4.77 0.11 4.10
N PHE A 60 -4.86 -1.15 3.76
CA PHE A 60 -6.17 -1.70 3.31
C PHE A 60 -6.90 -2.35 4.47
N LYS A 61 -8.10 -2.79 4.24
CA LYS A 61 -8.89 -3.44 5.32
C LYS A 61 -8.45 -4.90 5.49
N SER A 62 -7.63 -5.39 4.61
CA SER A 62 -7.16 -6.80 4.73
C SER A 62 -6.18 -7.14 3.61
N GLU A 63 -5.38 -8.15 3.81
CA GLU A 63 -4.40 -8.54 2.75
C GLU A 63 -5.12 -8.74 1.42
N ALA A 64 -6.31 -9.30 1.46
CA ALA A 64 -7.06 -9.53 0.20
C ALA A 64 -7.35 -8.18 -0.47
N ASP A 65 -7.67 -7.18 0.31
CA ASP A 65 -7.94 -5.84 -0.28
C ASP A 65 -6.64 -5.29 -0.83
N ALA A 66 -5.64 -5.20 0.01
CA ALA A 66 -4.32 -4.69 -0.46
C ALA A 66 -3.78 -5.61 -1.56
N GLU A 67 -3.98 -6.89 -1.42
CA GLU A 67 -3.49 -7.83 -2.47
C GLU A 67 -4.37 -7.74 -3.71
N LYS A 68 -5.67 -7.65 -3.52
CA LYS A 68 -6.57 -7.55 -4.69
C LYS A 68 -6.24 -6.28 -5.47
N ASN A 69 -5.90 -5.23 -4.79
CA ASN A 69 -5.55 -3.96 -5.49
C ASN A 69 -4.17 -4.09 -6.12
N LEU A 70 -3.18 -4.46 -5.33
CA LEU A 70 -1.80 -4.61 -5.88
C LEU A 70 -1.85 -5.46 -7.16
N GLU A 71 -2.57 -6.54 -7.12
CA GLU A 71 -2.68 -7.41 -8.32
C GLU A 71 -3.66 -6.79 -9.32
N GLU A 72 -4.72 -6.21 -8.83
CA GLU A 72 -5.71 -5.58 -9.75
C GLU A 72 -5.00 -4.64 -10.72
N LYS A 73 -4.14 -3.79 -10.22
CA LYS A 73 -3.42 -2.86 -11.13
C LYS A 73 -2.42 -2.00 -10.34
N GLN A 74 -1.87 -2.54 -9.29
CA GLN A 74 -0.88 -1.77 -8.47
C GLN A 74 -1.34 -0.31 -8.32
N GLY A 75 -0.92 0.55 -9.20
CA GLY A 75 -1.33 1.98 -9.12
C GLY A 75 -2.28 2.30 -10.28
N ALA A 76 -3.29 1.50 -10.46
CA ALA A 76 -4.27 1.75 -11.56
C ALA A 76 -3.55 2.26 -12.81
N GLU A 77 -3.64 3.51 -13.03
CA GLU A 77 -2.99 4.15 -14.22
C GLU A 77 -3.32 5.64 -14.22
N ILE A 78 -2.44 6.45 -13.68
CA ILE A 78 -2.71 7.91 -13.64
C ILE A 78 -1.44 8.69 -13.95
N ASP A 79 -1.51 9.99 -13.96
CA ASP A 79 -0.30 10.81 -14.26
C ASP A 79 0.43 10.18 -15.45
N GLY A 80 -0.29 9.58 -16.36
CA GLY A 80 0.35 8.96 -17.54
C GLY A 80 1.17 7.75 -17.10
N ARG A 81 0.75 7.08 -16.06
CA ARG A 81 1.51 5.88 -15.59
C ARG A 81 0.85 5.30 -14.33
N SER A 82 0.88 4.00 -14.19
CA SER A 82 0.26 3.37 -13.00
C SER A 82 1.21 3.48 -11.80
N VAL A 83 0.69 3.75 -10.64
CA VAL A 83 1.57 3.87 -9.45
C VAL A 83 1.99 2.47 -8.96
N SER A 84 3.13 2.39 -8.31
CA SER A 84 3.60 1.07 -7.81
C SER A 84 3.17 0.87 -6.36
N LEU A 85 2.85 -0.35 -5.99
CA LEU A 85 2.43 -0.60 -4.59
C LEU A 85 3.45 -1.49 -3.87
N TYR A 86 4.19 -0.92 -2.94
CA TYR A 86 5.19 -1.74 -2.21
C TYR A 86 4.58 -2.30 -0.93
N TYR A 87 4.06 -3.49 -1.00
CA TYR A 87 3.43 -4.09 0.20
C TYR A 87 4.40 -4.04 1.39
N THR A 88 4.07 -4.72 2.45
CA THR A 88 4.96 -4.71 3.64
C THR A 88 4.45 -5.69 4.70
N GLY A 89 5.00 -6.86 4.75
CA GLY A 89 4.54 -7.86 5.76
C GLY A 89 4.48 -9.24 5.16
N GLU A 90 4.64 -9.32 3.87
CA GLU A 90 4.60 -10.63 3.17
C GLU A 90 5.99 -10.95 2.61
N LYS A 91 6.05 -11.46 1.40
CA LYS A 91 7.36 -11.79 0.80
C LYS A 91 7.61 -10.92 -0.43
N GLY A 92 6.59 -10.36 -1.00
CA GLY A 92 6.77 -9.50 -2.20
C GLY A 92 7.91 -8.52 -1.96
N GLY A 93 8.53 -8.04 -3.00
CA GLY A 93 9.67 -7.08 -2.83
C GLY A 93 10.56 -7.13 -4.06
N THR A 94 10.89 -5.98 -4.61
CA THR A 94 11.77 -5.92 -5.83
C THR A 94 11.57 -7.15 -6.71
N ARG A 95 10.36 -7.63 -6.83
CA ARG A 95 10.11 -8.83 -7.68
C ARG A 95 11.15 -9.91 -7.40
N GLY A 96 10.89 -10.77 -6.45
CA GLY A 96 11.86 -11.85 -6.13
C GLY A 96 12.66 -11.45 -4.88
N SER A 1 -1.93 -17.34 0.93
CA SER A 1 -1.12 -17.63 -0.29
C SER A 1 -0.92 -19.13 -0.44
N HIS A 2 -0.28 -19.76 0.51
CA HIS A 2 -0.04 -21.23 0.42
C HIS A 2 -0.94 -21.97 1.41
N MET A 3 -2.21 -22.08 1.11
CA MET A 3 -3.19 -22.78 2.00
C MET A 3 -2.70 -22.82 3.46
N LEU A 4 -3.16 -21.92 4.27
CA LEU A 4 -2.72 -21.90 5.71
C LEU A 4 -3.92 -22.07 6.64
N GLU A 5 -4.21 -23.27 7.05
CA GLU A 5 -5.36 -23.49 7.96
C GLU A 5 -4.96 -23.19 9.41
N ASP A 6 -5.65 -22.29 10.05
CA ASP A 6 -5.31 -21.95 11.46
C ASP A 6 -6.45 -21.16 12.11
N PRO A 7 -6.25 -20.80 13.34
CA PRO A 7 -7.27 -20.02 14.08
C PRO A 7 -7.35 -18.59 13.49
N CYS A 8 -7.75 -17.63 14.27
CA CYS A 8 -7.85 -16.24 13.74
C CYS A 8 -6.57 -15.90 12.98
N THR A 9 -5.44 -16.13 13.58
CA THR A 9 -4.15 -15.83 12.90
C THR A 9 -4.04 -14.33 12.57
N SER A 10 -4.93 -13.54 13.07
CA SER A 10 -4.88 -12.07 12.78
C SER A 10 -3.71 -11.40 13.50
N LYS A 11 -2.52 -11.93 13.35
CA LYS A 11 -1.34 -11.32 14.01
C LYS A 11 -0.42 -10.75 12.93
N LYS A 12 0.17 -11.61 12.15
CA LYS A 12 1.05 -11.11 11.04
C LYS A 12 0.18 -10.63 9.89
N VAL A 13 -1.11 -10.73 10.05
CA VAL A 13 -2.04 -10.27 8.98
C VAL A 13 -2.16 -8.75 9.06
N ARG A 14 -2.01 -8.20 10.23
CA ARG A 14 -2.09 -6.72 10.37
C ARG A 14 -1.08 -6.06 9.44
N ALA A 15 0.10 -6.62 9.33
CA ALA A 15 1.12 -6.02 8.43
C ALA A 15 0.99 -6.63 7.04
N ALA A 16 -0.18 -7.09 6.69
CA ALA A 16 -0.37 -7.69 5.33
C ALA A 16 -1.47 -6.93 4.58
N ARG A 17 -2.37 -6.30 5.28
CA ARG A 17 -3.45 -5.54 4.61
C ARG A 17 -2.96 -4.12 4.28
N THR A 18 -1.73 -3.82 4.58
CA THR A 18 -1.20 -2.46 4.28
C THR A 18 -0.05 -2.54 3.27
N LEU A 19 0.12 -1.52 2.48
CA LEU A 19 1.23 -1.52 1.48
C LEU A 19 1.75 -0.09 1.26
N LEU A 20 2.88 0.04 0.63
CA LEU A 20 3.45 1.40 0.39
C LEU A 20 3.34 1.78 -1.09
N ALA A 21 2.62 2.82 -1.39
CA ALA A 21 2.49 3.25 -2.82
C ALA A 21 3.78 3.94 -3.26
N LYS A 22 4.21 3.72 -4.47
CA LYS A 22 5.47 4.36 -4.95
C LYS A 22 5.36 4.73 -6.42
N ASN A 23 6.39 5.31 -6.97
CA ASN A 23 6.36 5.70 -8.41
C ASN A 23 5.20 6.67 -8.67
N LEU A 24 4.63 7.22 -7.63
CA LEU A 24 3.49 8.17 -7.82
C LEU A 24 3.99 9.42 -8.56
N SER A 25 3.28 10.51 -8.44
CA SER A 25 3.71 11.75 -9.14
C SER A 25 3.55 12.95 -8.21
N PHE A 26 4.11 14.08 -8.57
CA PHE A 26 3.99 15.28 -7.71
C PHE A 26 2.56 15.83 -7.76
N ASN A 27 1.73 15.28 -8.62
CA ASN A 27 0.34 15.77 -8.72
C ASN A 27 -0.62 14.83 -7.97
N ILE A 28 -0.53 13.55 -8.22
CA ILE A 28 -1.45 12.61 -7.53
C ILE A 28 -1.49 12.89 -6.03
N THR A 29 -2.48 12.38 -5.35
CA THR A 29 -2.58 12.63 -3.87
C THR A 29 -3.46 11.58 -3.21
N GLU A 30 -3.74 11.73 -1.95
CA GLU A 30 -4.61 10.75 -1.25
C GLU A 30 -5.92 10.56 -2.02
N ASP A 31 -6.39 11.62 -2.63
CA ASP A 31 -7.65 11.51 -3.42
C ASP A 31 -7.49 10.43 -4.49
N GLU A 32 -6.46 10.51 -5.28
CA GLU A 32 -6.24 9.48 -6.32
C GLU A 32 -5.92 8.13 -5.67
N LEU A 33 -5.23 8.16 -4.56
CA LEU A 33 -4.90 6.90 -3.85
C LEU A 33 -6.19 6.36 -3.24
N LYS A 34 -7.04 7.24 -2.81
CA LYS A 34 -8.32 6.79 -2.22
C LYS A 34 -9.28 6.40 -3.34
N GLU A 35 -9.06 6.95 -4.50
CA GLU A 35 -9.92 6.61 -5.66
C GLU A 35 -9.47 5.28 -6.25
N VAL A 36 -8.19 5.00 -6.17
CA VAL A 36 -7.68 3.71 -6.72
C VAL A 36 -7.85 2.63 -5.67
N PHE A 37 -7.59 2.95 -4.43
CA PHE A 37 -7.73 1.97 -3.35
C PHE A 37 -9.02 2.23 -2.55
N GLU A 38 -10.05 2.66 -3.21
CA GLU A 38 -11.32 2.93 -2.49
C GLU A 38 -11.75 1.72 -1.65
N ASP A 39 -11.22 0.57 -1.95
CA ASP A 39 -11.59 -0.65 -1.16
C ASP A 39 -10.72 -0.76 0.09
N ALA A 40 -9.76 0.12 0.24
CA ALA A 40 -8.88 0.05 1.44
C ALA A 40 -9.50 0.83 2.61
N LEU A 41 -8.78 0.98 3.69
CA LEU A 41 -9.32 1.72 4.85
C LEU A 41 -8.84 3.17 4.82
N GLU A 42 -7.57 3.36 4.58
CA GLU A 42 -7.02 4.75 4.54
C GLU A 42 -5.72 4.79 3.76
N ILE A 43 -5.27 5.96 3.41
CA ILE A 43 -4.00 6.07 2.63
C ILE A 43 -3.18 7.27 3.10
N ARG A 44 -1.88 7.15 3.08
CA ARG A 44 -1.02 8.28 3.52
C ARG A 44 -0.04 8.65 2.40
N LEU A 45 0.52 9.82 2.45
CA LEU A 45 1.48 10.24 1.38
C LEU A 45 2.91 10.14 1.92
N VAL A 46 3.87 10.12 1.03
CA VAL A 46 5.28 10.01 1.49
C VAL A 46 6.24 10.61 0.45
N SER A 47 7.11 11.47 0.90
CA SER A 47 8.09 12.12 -0.02
C SER A 47 9.49 12.05 0.57
N GLN A 48 10.41 12.83 0.05
CA GLN A 48 11.79 12.80 0.58
C GLN A 48 11.88 13.61 1.88
N ASP A 49 13.06 13.77 2.42
CA ASP A 49 13.19 14.53 3.69
C ASP A 49 12.32 15.80 3.64
N GLY A 50 12.06 16.30 2.47
CA GLY A 50 11.22 17.52 2.36
C GLY A 50 10.94 17.83 0.88
N LYS A 51 10.40 16.87 0.16
CA LYS A 51 10.11 17.10 -1.28
C LYS A 51 9.35 15.90 -1.83
N SER A 52 8.15 16.12 -2.32
CA SER A 52 7.34 15.00 -2.87
C SER A 52 8.24 14.01 -3.61
N LYS A 53 8.14 12.76 -3.26
CA LYS A 53 8.99 11.73 -3.94
C LYS A 53 8.09 10.76 -4.70
N GLY A 54 6.82 10.76 -4.41
CA GLY A 54 5.89 9.86 -5.12
C GLY A 54 5.62 8.62 -4.27
N ILE A 55 5.71 8.72 -2.97
CA ILE A 55 5.44 7.53 -2.13
C ILE A 55 4.20 7.77 -1.27
N ALA A 56 3.57 6.73 -0.80
CA ALA A 56 2.35 6.92 0.05
C ALA A 56 1.99 5.63 0.77
N TYR A 57 1.52 5.72 1.98
CA TYR A 57 1.13 4.49 2.73
C TYR A 57 -0.31 4.13 2.41
N ILE A 58 -0.61 2.87 2.33
CA ILE A 58 -2.01 2.46 2.01
C ILE A 58 -2.44 1.26 2.86
N GLU A 59 -3.42 1.43 3.70
CA GLU A 59 -3.88 0.30 4.56
C GLU A 59 -5.23 -0.20 4.07
N PHE A 60 -5.33 -1.45 3.69
CA PHE A 60 -6.64 -1.96 3.21
C PHE A 60 -7.34 -2.74 4.33
N LYS A 61 -8.54 -3.17 4.07
CA LYS A 61 -9.29 -3.94 5.11
C LYS A 61 -8.65 -5.31 5.33
N SER A 62 -7.70 -5.66 4.51
CA SER A 62 -7.03 -6.99 4.68
C SER A 62 -6.08 -7.24 3.51
N GLU A 63 -5.18 -8.18 3.67
CA GLU A 63 -4.22 -8.47 2.57
C GLU A 63 -4.99 -8.73 1.27
N ALA A 64 -6.16 -9.30 1.36
CA ALA A 64 -6.94 -9.58 0.14
C ALA A 64 -7.33 -8.26 -0.53
N ASP A 65 -7.77 -7.30 0.24
CA ASP A 65 -8.14 -6.00 -0.36
C ASP A 65 -6.88 -5.32 -0.89
N ALA A 66 -5.87 -5.22 -0.08
CA ALA A 66 -4.60 -4.60 -0.54
C ALA A 66 -4.01 -5.42 -1.68
N GLU A 67 -4.12 -6.73 -1.60
CA GLU A 67 -3.57 -7.59 -2.67
C GLU A 67 -4.47 -7.51 -3.91
N LYS A 68 -5.76 -7.51 -3.71
CA LYS A 68 -6.69 -7.42 -4.87
C LYS A 68 -6.46 -6.10 -5.60
N ASN A 69 -6.24 -5.05 -4.87
CA ASN A 69 -5.98 -3.73 -5.52
C ASN A 69 -4.60 -3.72 -6.16
N LEU A 70 -3.60 -4.13 -5.42
CA LEU A 70 -2.22 -4.17 -5.98
C LEU A 70 -2.20 -4.94 -7.30
N GLU A 71 -2.85 -6.06 -7.33
CA GLU A 71 -2.89 -6.87 -8.58
C GLU A 71 -3.95 -6.29 -9.52
N GLU A 72 -5.05 -5.84 -8.99
CA GLU A 72 -6.12 -5.27 -9.85
C GLU A 72 -5.54 -4.20 -10.76
N LYS A 73 -4.82 -3.26 -10.22
CA LYS A 73 -4.23 -2.18 -11.06
C LYS A 73 -2.99 -1.60 -10.39
N GLN A 74 -2.30 -2.39 -9.61
CA GLN A 74 -1.08 -1.90 -8.91
C GLN A 74 -1.31 -0.49 -8.38
N GLY A 75 -0.96 0.50 -9.13
CA GLY A 75 -1.17 1.90 -8.67
C GLY A 75 -2.05 2.67 -9.65
N ALA A 76 -2.94 1.97 -10.32
CA ALA A 76 -3.86 2.64 -11.29
C ALA A 76 -3.06 3.44 -12.33
N GLU A 77 -3.18 3.09 -13.58
CA GLU A 77 -2.45 3.84 -14.65
C GLU A 77 -2.78 5.33 -14.59
N ILE A 78 -2.00 6.08 -13.85
CA ILE A 78 -2.26 7.55 -13.76
C ILE A 78 -0.94 8.31 -13.94
N ASP A 79 -0.97 9.61 -13.86
CA ASP A 79 0.29 10.39 -14.04
C ASP A 79 1.09 9.82 -15.21
N GLY A 80 0.41 9.25 -16.17
CA GLY A 80 1.12 8.68 -17.36
C GLY A 80 1.73 7.33 -17.01
N ARG A 81 1.18 6.64 -16.03
CA ARG A 81 1.74 5.30 -15.66
C ARG A 81 1.07 4.80 -14.38
N SER A 82 0.91 3.51 -14.25
CA SER A 82 0.26 2.97 -13.02
C SER A 82 1.22 3.09 -11.83
N VAL A 83 0.74 3.61 -10.73
CA VAL A 83 1.64 3.76 -9.55
C VAL A 83 2.06 2.38 -9.06
N SER A 84 3.16 2.30 -8.35
CA SER A 84 3.64 0.96 -7.88
C SER A 84 3.28 0.76 -6.41
N LEU A 85 2.71 -0.37 -6.08
CA LEU A 85 2.35 -0.65 -4.66
C LEU A 85 3.42 -1.51 -4.01
N TYR A 86 3.97 -1.08 -2.90
CA TYR A 86 5.01 -1.88 -2.21
C TYR A 86 4.45 -2.47 -0.93
N TYR A 87 4.09 -3.72 -0.94
CA TYR A 87 3.53 -4.33 0.28
C TYR A 87 4.45 -4.08 1.47
N THR A 88 4.16 -4.70 2.57
CA THR A 88 4.99 -4.50 3.79
C THR A 88 5.76 -5.78 4.13
N GLY A 89 5.50 -6.37 5.25
CA GLY A 89 6.23 -7.60 5.66
C GLY A 89 5.93 -8.75 4.71
N GLU A 90 4.98 -8.55 3.87
CA GLU A 90 4.62 -9.62 2.88
C GLU A 90 5.68 -9.73 1.79
N LYS A 91 6.26 -8.62 1.40
CA LYS A 91 7.31 -8.66 0.35
C LYS A 91 8.65 -8.18 0.91
N GLY A 92 8.62 -7.36 1.91
CA GLY A 92 9.89 -6.85 2.51
C GLY A 92 10.88 -8.02 2.67
N GLY A 93 12.12 -7.72 2.92
CA GLY A 93 13.13 -8.80 3.09
C GLY A 93 13.21 -9.19 4.58
N THR A 94 14.34 -9.67 5.01
CA THR A 94 14.48 -10.06 6.44
C THR A 94 15.46 -9.14 7.16
N ARG A 95 16.62 -8.93 6.58
CA ARG A 95 17.63 -8.03 7.22
C ARG A 95 18.99 -8.20 6.54
N GLY A 96 19.05 -8.06 5.25
CA GLY A 96 20.35 -8.22 4.54
C GLY A 96 20.17 -7.86 3.06
N SER A 1 -15.85 -15.73 10.00
CA SER A 1 -15.05 -15.53 11.26
C SER A 1 -15.87 -15.96 12.47
N HIS A 2 -16.52 -17.09 12.39
CA HIS A 2 -17.33 -17.57 13.55
C HIS A 2 -16.68 -18.79 14.19
N MET A 3 -15.39 -18.96 13.99
CA MET A 3 -14.70 -20.13 14.59
C MET A 3 -13.24 -19.79 14.90
N LEU A 4 -12.36 -20.74 14.77
CA LEU A 4 -10.92 -20.45 15.06
C LEU A 4 -10.41 -19.33 14.15
N GLU A 5 -9.57 -18.47 14.67
CA GLU A 5 -9.05 -17.35 13.83
C GLU A 5 -7.59 -17.07 14.20
N ASP A 6 -6.95 -16.17 13.50
CA ASP A 6 -5.52 -15.85 13.81
C ASP A 6 -5.37 -15.54 15.30
N PRO A 7 -4.16 -15.63 15.76
CA PRO A 7 -3.86 -15.35 17.19
C PRO A 7 -3.94 -13.84 17.46
N CYS A 8 -3.69 -13.44 18.68
CA CYS A 8 -3.74 -11.98 19.00
C CYS A 8 -2.45 -11.29 18.58
N THR A 9 -1.36 -12.00 18.55
CA THR A 9 -0.07 -11.39 18.15
C THR A 9 -0.26 -10.56 16.87
N SER A 10 -1.06 -11.05 15.97
CA SER A 10 -1.29 -10.30 14.70
C SER A 10 0.01 -9.67 14.20
N LYS A 11 0.98 -10.47 13.89
CA LYS A 11 2.27 -9.92 13.40
C LYS A 11 2.24 -9.80 11.87
N LYS A 12 2.27 -10.91 11.18
CA LYS A 12 2.24 -10.85 9.68
C LYS A 12 0.83 -10.53 9.19
N VAL A 13 -0.08 -10.32 10.10
CA VAL A 13 -1.48 -9.99 9.69
C VAL A 13 -1.65 -8.48 9.62
N ARG A 14 -0.80 -7.74 10.30
CA ARG A 14 -0.90 -6.26 10.27
C ARG A 14 -0.20 -5.71 9.02
N ALA A 15 0.93 -6.25 8.67
CA ALA A 15 1.65 -5.76 7.48
C ALA A 15 1.08 -6.40 6.20
N ALA A 16 0.05 -7.18 6.34
CA ALA A 16 -0.54 -7.84 5.14
C ALA A 16 -1.64 -6.95 4.54
N ARG A 17 -2.32 -6.20 5.36
CA ARG A 17 -3.40 -5.32 4.83
C ARG A 17 -2.84 -3.91 4.59
N THR A 18 -1.56 -3.80 4.37
CA THR A 18 -0.97 -2.45 4.12
C THR A 18 0.17 -2.53 3.10
N LEU A 19 0.25 -1.57 2.22
CA LEU A 19 1.34 -1.58 1.20
C LEU A 19 1.82 -0.15 0.93
N LEU A 20 3.05 0.00 0.52
CA LEU A 20 3.57 1.37 0.24
C LEU A 20 3.50 1.69 -1.25
N ALA A 21 2.80 2.74 -1.62
CA ALA A 21 2.72 3.11 -3.06
C ALA A 21 4.01 3.81 -3.49
N LYS A 22 4.44 3.59 -4.70
CA LYS A 22 5.69 4.25 -5.17
C LYS A 22 5.56 4.69 -6.62
N ASN A 23 6.50 5.44 -7.11
CA ASN A 23 6.44 5.91 -8.53
C ASN A 23 5.30 6.94 -8.69
N LEU A 24 4.79 7.44 -7.60
CA LEU A 24 3.70 8.44 -7.70
C LEU A 24 4.18 9.68 -8.47
N SER A 25 3.49 10.77 -8.33
CA SER A 25 3.92 12.00 -9.05
C SER A 25 3.54 13.24 -8.23
N PHE A 26 4.06 14.38 -8.58
CA PHE A 26 3.73 15.61 -7.83
C PHE A 26 2.27 16.02 -8.11
N ASN A 27 1.66 15.38 -9.08
CA ASN A 27 0.25 15.72 -9.41
C ASN A 27 -0.71 14.77 -8.66
N ILE A 28 -0.31 13.54 -8.49
CA ILE A 28 -1.19 12.56 -7.78
C ILE A 28 -1.29 12.95 -6.29
N THR A 29 -2.16 12.30 -5.56
CA THR A 29 -2.29 12.65 -4.11
C THR A 29 -3.10 11.56 -3.37
N GLU A 30 -3.25 11.71 -2.08
CA GLU A 30 -4.02 10.70 -1.31
C GLU A 30 -5.40 10.53 -1.93
N ASP A 31 -6.03 11.62 -2.29
CA ASP A 31 -7.37 11.52 -2.91
C ASP A 31 -7.31 10.54 -4.08
N GLU A 32 -6.33 10.67 -4.91
CA GLU A 32 -6.19 9.74 -6.06
C GLU A 32 -5.89 8.33 -5.54
N LEU A 33 -5.10 8.24 -4.51
CA LEU A 33 -4.80 6.90 -3.93
C LEU A 33 -6.06 6.39 -3.26
N LYS A 34 -6.84 7.29 -2.74
CA LYS A 34 -8.12 6.88 -2.09
C LYS A 34 -9.14 6.58 -3.17
N GLU A 35 -8.95 7.14 -4.33
CA GLU A 35 -9.87 6.90 -5.46
C GLU A 35 -9.51 5.59 -6.16
N VAL A 36 -8.25 5.25 -6.14
CA VAL A 36 -7.82 3.97 -6.78
C VAL A 36 -8.02 2.83 -5.80
N PHE A 37 -7.69 3.05 -4.55
CA PHE A 37 -7.86 1.99 -3.53
C PHE A 37 -9.22 2.11 -2.86
N GLU A 38 -10.27 2.28 -3.63
CA GLU A 38 -11.63 2.41 -3.04
C GLU A 38 -11.91 1.24 -2.09
N ASP A 39 -11.18 0.17 -2.22
CA ASP A 39 -11.41 -1.00 -1.33
C ASP A 39 -10.53 -0.90 -0.08
N ALA A 40 -9.49 -0.13 -0.13
CA ALA A 40 -8.60 0.00 1.06
C ALA A 40 -9.25 0.90 2.11
N LEU A 41 -8.68 0.95 3.30
CA LEU A 41 -9.25 1.82 4.37
C LEU A 41 -8.78 3.25 4.19
N GLU A 42 -7.50 3.44 4.05
CA GLU A 42 -6.95 4.82 3.87
C GLU A 42 -5.55 4.76 3.27
N ILE A 43 -5.06 5.88 2.81
CA ILE A 43 -3.71 5.91 2.20
C ILE A 43 -2.93 7.12 2.71
N ARG A 44 -1.62 7.02 2.78
CA ARG A 44 -0.81 8.15 3.25
C ARG A 44 0.20 8.53 2.16
N LEU A 45 0.75 9.71 2.21
CA LEU A 45 1.73 10.12 1.17
C LEU A 45 3.14 10.06 1.72
N VAL A 46 4.11 9.87 0.88
CA VAL A 46 5.51 9.80 1.38
C VAL A 46 6.48 10.46 0.37
N SER A 47 7.24 11.42 0.84
CA SER A 47 8.20 12.13 -0.05
C SER A 47 9.60 12.12 0.58
N GLN A 48 10.29 13.22 0.52
CA GLN A 48 11.67 13.26 1.12
C GLN A 48 12.05 14.70 1.50
N ASP A 49 12.77 14.85 2.57
CA ASP A 49 13.19 16.22 3.01
C ASP A 49 12.04 17.22 2.87
N GLY A 50 10.83 16.74 2.93
CA GLY A 50 9.66 17.66 2.80
C GLY A 50 9.48 18.04 1.33
N LYS A 51 9.58 17.08 0.45
CA LYS A 51 9.42 17.38 -1.00
C LYS A 51 8.91 16.12 -1.71
N SER A 52 7.69 16.15 -2.16
CA SER A 52 7.09 14.97 -2.86
C SER A 52 8.17 14.12 -3.53
N LYS A 53 8.22 12.87 -3.19
CA LYS A 53 9.23 11.96 -3.80
C LYS A 53 8.52 10.95 -4.70
N GLY A 54 7.28 10.67 -4.39
CA GLY A 54 6.52 9.70 -5.23
C GLY A 54 6.17 8.46 -4.40
N ILE A 55 6.18 8.55 -3.10
CA ILE A 55 5.84 7.35 -2.28
C ILE A 55 4.58 7.62 -1.45
N ALA A 56 3.92 6.58 -1.00
CA ALA A 56 2.68 6.79 -0.18
C ALA A 56 2.32 5.51 0.56
N TYR A 57 1.76 5.63 1.74
CA TYR A 57 1.38 4.39 2.51
C TYR A 57 -0.06 4.02 2.18
N ILE A 58 -0.36 2.75 2.17
CA ILE A 58 -1.75 2.33 1.84
C ILE A 58 -2.19 1.17 2.75
N GLU A 59 -3.25 1.36 3.48
CA GLU A 59 -3.73 0.26 4.39
C GLU A 59 -5.12 -0.20 3.93
N PHE A 60 -5.30 -1.48 3.72
CA PHE A 60 -6.62 -1.98 3.28
C PHE A 60 -7.36 -2.65 4.44
N LYS A 61 -8.58 -3.06 4.20
CA LYS A 61 -9.38 -3.73 5.28
C LYS A 61 -8.83 -5.13 5.55
N SER A 62 -7.95 -5.61 4.70
CA SER A 62 -7.40 -6.97 4.90
C SER A 62 -6.43 -7.32 3.77
N GLU A 63 -5.62 -8.33 3.96
CA GLU A 63 -4.66 -8.72 2.90
C GLU A 63 -5.40 -8.96 1.58
N ALA A 64 -6.59 -9.48 1.65
CA ALA A 64 -7.36 -9.73 0.39
C ALA A 64 -7.64 -8.40 -0.32
N ASP A 65 -7.99 -7.39 0.42
CA ASP A 65 -8.26 -6.07 -0.20
C ASP A 65 -6.94 -5.50 -0.71
N ALA A 66 -5.96 -5.43 0.13
CA ALA A 66 -4.64 -4.90 -0.30
C ALA A 66 -4.05 -5.80 -1.38
N GLU A 67 -4.33 -7.07 -1.33
CA GLU A 67 -3.79 -8.01 -2.36
C GLU A 67 -4.56 -7.82 -3.67
N LYS A 68 -5.86 -7.74 -3.60
CA LYS A 68 -6.66 -7.56 -4.85
C LYS A 68 -6.31 -6.22 -5.49
N ASN A 69 -6.12 -5.20 -4.70
CA ASN A 69 -5.78 -3.87 -5.27
C ASN A 69 -4.33 -3.88 -5.76
N LEU A 70 -3.42 -4.39 -4.98
CA LEU A 70 -1.99 -4.42 -5.41
C LEU A 70 -1.78 -5.45 -6.51
N GLU A 71 -2.68 -6.40 -6.65
CA GLU A 71 -2.52 -7.42 -7.72
C GLU A 71 -3.24 -6.97 -8.99
N GLU A 72 -4.37 -6.32 -8.85
CA GLU A 72 -5.11 -5.86 -10.04
C GLU A 72 -5.50 -4.39 -9.90
N LYS A 73 -4.73 -3.61 -9.17
CA LYS A 73 -5.08 -2.17 -9.01
C LYS A 73 -3.92 -1.38 -8.39
N GLN A 74 -2.71 -1.84 -8.59
CA GLN A 74 -1.53 -1.11 -8.01
C GLN A 74 -1.64 0.40 -8.29
N GLY A 75 -0.90 0.91 -9.24
CA GLY A 75 -0.97 2.36 -9.54
C GLY A 75 -1.84 2.60 -10.78
N ALA A 76 -2.83 1.77 -10.95
CA ALA A 76 -3.78 1.87 -12.12
C ALA A 76 -3.43 2.99 -13.12
N GLU A 77 -2.29 2.92 -13.76
CA GLU A 77 -1.92 3.98 -14.75
C GLU A 77 -2.46 5.35 -14.32
N ILE A 78 -1.74 6.07 -13.53
CA ILE A 78 -2.25 7.40 -13.08
C ILE A 78 -1.13 8.44 -13.11
N ASP A 79 -1.43 9.66 -12.76
CA ASP A 79 -0.38 10.73 -12.79
C ASP A 79 0.48 10.59 -14.04
N GLY A 80 -0.10 10.14 -15.12
CA GLY A 80 0.67 9.99 -16.38
C GLY A 80 1.55 8.74 -16.32
N ARG A 81 1.17 7.77 -15.54
CA ARG A 81 1.99 6.52 -15.44
C ARG A 81 1.46 5.61 -14.34
N SER A 82 1.44 4.33 -14.56
CA SER A 82 0.93 3.40 -13.52
C SER A 82 1.84 3.42 -12.29
N VAL A 83 1.27 3.69 -11.15
CA VAL A 83 2.09 3.73 -9.91
C VAL A 83 2.33 2.30 -9.41
N SER A 84 3.36 2.10 -8.63
CA SER A 84 3.65 0.73 -8.13
C SER A 84 3.31 0.61 -6.64
N LEU A 85 2.74 -0.50 -6.26
CA LEU A 85 2.37 -0.69 -4.82
C LEU A 85 3.40 -1.62 -4.15
N TYR A 86 4.03 -1.15 -3.10
CA TYR A 86 5.03 -2.00 -2.39
C TYR A 86 4.42 -2.57 -1.11
N TYR A 87 3.91 -3.77 -1.18
CA TYR A 87 3.29 -4.38 0.02
C TYR A 87 4.25 -4.29 1.22
N THR A 88 3.91 -4.94 2.29
CA THR A 88 4.80 -4.91 3.49
C THR A 88 4.51 -6.11 4.40
N GLY A 89 4.16 -7.22 3.82
CA GLY A 89 3.87 -8.42 4.65
C GLY A 89 4.79 -9.56 4.22
N GLU A 90 5.77 -9.81 5.01
CA GLU A 90 6.74 -10.90 4.69
C GLU A 90 7.05 -10.92 3.19
N LYS A 91 7.20 -9.76 2.59
CA LYS A 91 7.52 -9.69 1.15
C LYS A 91 6.83 -10.82 0.37
N GLY A 92 5.69 -11.24 0.83
CA GLY A 92 4.96 -12.33 0.14
C GLY A 92 4.93 -12.06 -1.37
N GLY A 93 4.64 -13.06 -2.15
CA GLY A 93 4.62 -12.86 -3.63
C GLY A 93 4.61 -14.21 -4.33
N THR A 94 3.89 -15.16 -3.81
CA THR A 94 3.84 -16.50 -4.46
C THR A 94 2.38 -16.90 -4.73
N ARG A 95 1.70 -16.15 -5.55
CA ARG A 95 0.28 -16.49 -5.86
C ARG A 95 -0.54 -16.56 -4.57
N GLY A 96 -1.84 -16.50 -4.66
CA GLY A 96 -2.69 -16.58 -3.45
C GLY A 96 -3.82 -15.54 -3.55
N SER A 1 -15.77 -14.48 8.02
CA SER A 1 -14.97 -14.67 6.78
C SER A 1 -13.66 -15.38 7.09
N HIS A 2 -12.73 -15.39 6.16
CA HIS A 2 -11.43 -16.07 6.41
C HIS A 2 -10.41 -15.08 6.97
N MET A 3 -10.82 -13.86 7.19
CA MET A 3 -9.86 -12.84 7.73
C MET A 3 -9.57 -13.13 9.21
N LEU A 4 -8.33 -12.97 9.61
CA LEU A 4 -7.99 -13.24 11.04
C LEU A 4 -8.60 -12.17 11.94
N GLU A 5 -8.65 -12.43 13.22
CA GLU A 5 -9.23 -11.43 14.16
C GLU A 5 -8.24 -11.12 15.30
N ASP A 6 -8.00 -9.87 15.57
CA ASP A 6 -7.06 -9.50 16.66
C ASP A 6 -6.88 -7.98 16.72
N PRO A 7 -7.81 -7.35 17.36
CA PRO A 7 -7.79 -5.87 17.50
C PRO A 7 -6.87 -5.43 18.64
N CYS A 8 -5.91 -6.25 19.00
CA CYS A 8 -4.99 -5.87 20.11
C CYS A 8 -3.55 -5.80 19.61
N THR A 9 -2.88 -6.91 19.55
CA THR A 9 -1.48 -6.90 19.07
C THR A 9 -1.42 -6.40 17.63
N SER A 10 -2.14 -7.03 16.75
CA SER A 10 -2.15 -6.60 15.33
C SER A 10 -0.74 -6.22 14.88
N LYS A 11 0.22 -7.07 15.14
CA LYS A 11 1.62 -6.76 14.72
C LYS A 11 1.89 -7.31 13.32
N LYS A 12 2.09 -8.59 13.20
CA LYS A 12 2.35 -9.17 11.85
C LYS A 12 1.02 -9.37 11.12
N VAL A 13 -0.05 -8.91 11.69
CA VAL A 13 -1.37 -9.05 11.03
C VAL A 13 -1.75 -7.73 10.38
N ARG A 14 -1.18 -6.65 10.86
CA ARG A 14 -1.50 -5.31 10.27
C ARG A 14 -0.66 -5.08 9.01
N ALA A 15 0.52 -5.64 8.96
CA ALA A 15 1.39 -5.46 7.76
C ALA A 15 0.82 -6.23 6.57
N ALA A 16 -0.06 -7.17 6.82
CA ALA A 16 -0.64 -7.96 5.70
C ALA A 16 -1.64 -7.12 4.92
N ARG A 17 -2.52 -6.46 5.60
CA ARG A 17 -3.53 -5.61 4.90
C ARG A 17 -2.96 -4.21 4.68
N THR A 18 -1.66 -4.08 4.67
CA THR A 18 -1.05 -2.73 4.46
C THR A 18 0.03 -2.80 3.38
N LEU A 19 0.09 -1.79 2.54
CA LEU A 19 1.12 -1.78 1.47
C LEU A 19 1.58 -0.34 1.20
N LEU A 20 2.76 -0.18 0.66
CA LEU A 20 3.26 1.20 0.38
C LEU A 20 3.16 1.53 -1.11
N ALA A 21 2.59 2.65 -1.45
CA ALA A 21 2.48 3.03 -2.88
C ALA A 21 3.73 3.79 -3.29
N LYS A 22 4.29 3.49 -4.43
CA LYS A 22 5.52 4.20 -4.86
C LYS A 22 5.35 4.79 -6.26
N ASN A 23 6.32 5.54 -6.70
CA ASN A 23 6.24 6.15 -8.06
C ASN A 23 5.00 7.05 -8.18
N LEU A 24 4.42 7.44 -7.08
CA LEU A 24 3.21 8.32 -7.16
C LEU A 24 3.60 9.70 -7.70
N SER A 25 3.03 10.08 -8.81
CA SER A 25 3.37 11.41 -9.38
C SER A 25 3.34 12.49 -8.29
N PHE A 26 4.36 13.28 -8.21
CA PHE A 26 4.39 14.34 -7.17
C PHE A 26 3.06 15.10 -7.13
N ASN A 27 2.35 15.12 -8.22
CA ASN A 27 1.04 15.83 -8.25
C ASN A 27 -0.05 14.94 -7.64
N ILE A 28 0.15 13.65 -7.65
CA ILE A 28 -0.89 12.75 -7.08
C ILE A 28 -0.88 12.85 -5.54
N THR A 29 -1.91 12.36 -4.91
CA THR A 29 -1.95 12.44 -3.41
C THR A 29 -2.88 11.37 -2.83
N GLU A 30 -3.10 11.41 -1.55
CA GLU A 30 -4.00 10.39 -0.91
C GLU A 30 -5.33 10.36 -1.66
N ASP A 31 -5.77 11.50 -2.13
CA ASP A 31 -7.06 11.54 -2.87
C ASP A 31 -7.01 10.53 -4.01
N GLU A 32 -6.03 10.66 -4.87
CA GLU A 32 -5.91 9.68 -6.00
C GLU A 32 -5.64 8.29 -5.44
N LEU A 33 -4.91 8.20 -4.37
CA LEU A 33 -4.64 6.88 -3.77
C LEU A 33 -5.93 6.36 -3.15
N LYS A 34 -6.77 7.24 -2.72
CA LYS A 34 -8.06 6.80 -2.13
C LYS A 34 -9.04 6.50 -3.26
N GLU A 35 -8.84 7.12 -4.38
CA GLU A 35 -9.73 6.87 -5.55
C GLU A 35 -9.31 5.58 -6.24
N VAL A 36 -8.04 5.26 -6.20
CA VAL A 36 -7.57 4.00 -6.84
C VAL A 36 -7.73 2.85 -5.85
N PHE A 37 -7.42 3.08 -4.60
CA PHE A 37 -7.54 2.02 -3.59
C PHE A 37 -8.85 2.19 -2.80
N GLU A 38 -9.94 2.39 -3.49
CA GLU A 38 -11.25 2.57 -2.78
C GLU A 38 -11.56 1.33 -1.94
N ASP A 39 -10.86 0.25 -2.16
CA ASP A 39 -11.12 -0.99 -1.36
C ASP A 39 -10.28 -0.98 -0.09
N ALA A 40 -9.51 0.06 0.13
CA ALA A 40 -8.67 0.12 1.35
C ALA A 40 -9.35 0.97 2.42
N LEU A 41 -8.81 1.00 3.61
CA LEU A 41 -9.42 1.82 4.69
C LEU A 41 -8.85 3.22 4.68
N GLU A 42 -7.55 3.33 4.58
CA GLU A 42 -6.91 4.68 4.56
C GLU A 42 -5.56 4.62 3.85
N ILE A 43 -5.04 5.74 3.44
CA ILE A 43 -3.73 5.75 2.75
C ILE A 43 -2.89 6.94 3.21
N ARG A 44 -1.60 6.76 3.27
CA ARG A 44 -0.72 7.88 3.70
C ARG A 44 0.19 8.27 2.53
N LEU A 45 0.87 9.38 2.63
CA LEU A 45 1.76 9.81 1.51
C LEU A 45 3.21 9.81 1.98
N VAL A 46 4.14 9.89 1.06
CA VAL A 46 5.57 9.91 1.47
C VAL A 46 6.42 10.60 0.42
N SER A 47 7.20 11.56 0.86
CA SER A 47 8.08 12.33 -0.08
C SER A 47 9.54 12.18 0.35
N GLN A 48 10.37 13.08 -0.10
CA GLN A 48 11.82 13.00 0.28
C GLN A 48 12.23 14.30 0.98
N ASP A 49 11.60 15.39 0.65
CA ASP A 49 11.94 16.69 1.29
C ASP A 49 11.02 17.80 0.79
N GLY A 50 9.85 17.47 0.31
CA GLY A 50 8.93 18.51 -0.19
C GLY A 50 7.95 17.86 -1.15
N LYS A 51 7.46 16.70 -0.80
CA LYS A 51 6.50 16.00 -1.70
C LYS A 51 7.17 15.75 -3.05
N SER A 52 7.99 14.73 -3.16
CA SER A 52 8.66 14.46 -4.44
C SER A 52 9.17 13.01 -4.51
N LYS A 53 8.70 12.13 -3.66
CA LYS A 53 9.17 10.74 -3.73
C LYS A 53 8.03 9.87 -4.27
N GLY A 54 6.91 10.48 -4.54
CA GLY A 54 5.76 9.70 -5.06
C GLY A 54 5.54 8.48 -4.17
N ILE A 55 5.86 8.57 -2.91
CA ILE A 55 5.64 7.39 -2.04
C ILE A 55 4.38 7.58 -1.20
N ALA A 56 3.80 6.52 -0.71
CA ALA A 56 2.56 6.66 0.11
C ALA A 56 2.24 5.35 0.83
N TYR A 57 1.69 5.42 2.00
CA TYR A 57 1.34 4.17 2.72
C TYR A 57 -0.11 3.80 2.44
N ILE A 58 -0.47 2.55 2.53
CA ILE A 58 -1.86 2.15 2.24
C ILE A 58 -2.28 0.98 3.13
N GLU A 59 -3.36 1.13 3.85
CA GLU A 59 -3.82 0.03 4.74
C GLU A 59 -5.24 -0.40 4.35
N PHE A 60 -5.40 -1.62 3.90
CA PHE A 60 -6.76 -2.08 3.51
C PHE A 60 -7.44 -2.79 4.68
N LYS A 61 -8.67 -3.20 4.50
CA LYS A 61 -9.40 -3.90 5.59
C LYS A 61 -8.86 -5.31 5.79
N SER A 62 -8.18 -5.84 4.81
CA SER A 62 -7.62 -7.21 4.94
C SER A 62 -6.58 -7.46 3.85
N GLU A 63 -5.73 -8.43 4.05
CA GLU A 63 -4.69 -8.73 3.03
C GLU A 63 -5.34 -8.96 1.67
N ALA A 64 -6.51 -9.54 1.65
CA ALA A 64 -7.20 -9.78 0.35
C ALA A 64 -7.50 -8.45 -0.33
N ASP A 65 -7.96 -7.49 0.42
CA ASP A 65 -8.26 -6.16 -0.18
C ASP A 65 -6.95 -5.50 -0.60
N ALA A 66 -6.02 -5.41 0.32
CA ALA A 66 -4.71 -4.80 -0.02
C ALA A 66 -4.02 -5.63 -1.10
N GLU A 67 -4.22 -6.91 -1.09
CA GLU A 67 -3.58 -7.77 -2.12
C GLU A 67 -4.29 -7.61 -3.47
N LYS A 68 -5.58 -7.70 -3.47
CA LYS A 68 -6.34 -7.53 -4.74
C LYS A 68 -6.03 -6.15 -5.33
N ASN A 69 -5.91 -5.17 -4.48
CA ASN A 69 -5.60 -3.80 -4.98
C ASN A 69 -4.12 -3.70 -5.33
N LEU A 70 -3.26 -4.17 -4.47
CA LEU A 70 -1.79 -4.11 -4.76
C LEU A 70 -1.46 -4.90 -6.03
N GLU A 71 -2.28 -5.87 -6.35
CA GLU A 71 -2.01 -6.67 -7.58
C GLU A 71 -2.89 -6.19 -8.74
N GLU A 72 -4.11 -5.82 -8.45
CA GLU A 72 -5.02 -5.36 -9.52
C GLU A 72 -4.94 -3.83 -9.69
N LYS A 73 -4.11 -3.18 -8.92
CA LYS A 73 -4.01 -1.69 -9.05
C LYS A 73 -2.55 -1.27 -9.28
N GLN A 74 -1.60 -2.05 -8.83
CA GLN A 74 -0.17 -1.71 -9.02
C GLN A 74 0.05 -1.14 -10.42
N GLY A 75 -0.01 0.15 -10.55
CA GLY A 75 0.19 0.79 -11.88
C GLY A 75 -0.76 1.97 -12.02
N ALA A 76 -2.04 1.71 -12.05
CA ALA A 76 -3.04 2.83 -12.18
C ALA A 76 -2.53 3.92 -13.13
N GLU A 77 -2.88 3.85 -14.38
CA GLU A 77 -2.41 4.88 -15.34
C GLU A 77 -2.98 6.26 -14.95
N ILE A 78 -2.23 7.03 -14.21
CA ILE A 78 -2.73 8.38 -13.80
C ILE A 78 -1.60 9.39 -13.88
N ASP A 79 -1.90 10.65 -13.73
CA ASP A 79 -0.82 11.68 -13.79
C ASP A 79 0.13 11.36 -14.94
N GLY A 80 -0.36 10.70 -15.95
CA GLY A 80 0.51 10.35 -17.11
C GLY A 80 1.59 9.37 -16.66
N ARG A 81 1.38 8.69 -15.57
CA ARG A 81 2.40 7.71 -15.09
C ARG A 81 1.72 6.58 -14.32
N SER A 82 2.38 5.46 -14.18
CA SER A 82 1.79 4.32 -13.44
C SER A 82 2.37 4.24 -12.03
N VAL A 83 1.53 4.18 -11.04
CA VAL A 83 2.03 4.10 -9.64
C VAL A 83 2.31 2.64 -9.25
N SER A 84 3.27 2.41 -8.41
CA SER A 84 3.59 1.01 -8.00
C SER A 84 3.03 0.73 -6.61
N LEU A 85 3.02 -0.52 -6.21
CA LEU A 85 2.49 -0.86 -4.86
C LEU A 85 3.46 -1.79 -4.13
N TYR A 86 3.92 -1.39 -2.97
CA TYR A 86 4.87 -2.25 -2.20
C TYR A 86 4.20 -2.76 -0.93
N TYR A 87 3.70 -3.96 -0.96
CA TYR A 87 3.04 -4.52 0.24
C TYR A 87 3.96 -4.40 1.46
N THR A 88 3.59 -5.01 2.54
CA THR A 88 4.43 -4.94 3.77
C THR A 88 3.98 -5.98 4.80
N GLY A 89 3.44 -7.07 4.33
CA GLY A 89 2.98 -8.13 5.27
C GLY A 89 3.15 -9.51 4.64
N GLU A 90 3.89 -9.56 3.59
CA GLU A 90 4.12 -10.86 2.89
C GLU A 90 5.45 -10.83 2.12
N LYS A 91 5.82 -9.70 1.60
CA LYS A 91 7.10 -9.58 0.85
C LYS A 91 7.38 -10.87 0.06
N GLY A 92 6.34 -11.53 -0.38
CA GLY A 92 6.53 -12.77 -1.16
C GLY A 92 7.18 -13.83 -0.28
N GLY A 93 7.15 -15.07 -0.69
CA GLY A 93 7.77 -16.15 0.12
C GLY A 93 6.71 -17.18 0.51
N THR A 94 5.57 -17.14 -0.14
CA THR A 94 4.47 -18.11 0.18
C THR A 94 4.42 -18.39 1.68
N ARG A 95 4.24 -17.37 2.47
CA ARG A 95 4.18 -17.57 3.95
C ARG A 95 5.49 -18.18 4.45
N GLY A 96 6.61 -17.66 4.01
CA GLY A 96 7.91 -18.21 4.47
C GLY A 96 8.58 -17.21 5.42
N SER A 1 2.26 -29.93 16.85
CA SER A 1 1.43 -28.70 16.71
C SER A 1 1.45 -27.91 18.01
N HIS A 2 2.05 -26.74 17.99
CA HIS A 2 2.11 -25.91 19.22
C HIS A 2 1.70 -24.47 18.92
N MET A 3 0.53 -24.07 19.36
CA MET A 3 0.07 -22.68 19.09
C MET A 3 -0.31 -21.98 20.40
N LEU A 4 0.23 -22.43 21.50
CA LEU A 4 -0.10 -21.79 22.81
C LEU A 4 1.13 -21.08 23.37
N GLU A 5 2.27 -21.70 23.29
CA GLU A 5 3.50 -21.06 23.83
C GLU A 5 3.79 -19.75 23.09
N ASP A 6 3.91 -19.79 21.79
CA ASP A 6 4.18 -18.55 21.02
C ASP A 6 3.20 -17.44 21.44
N PRO A 7 3.73 -16.25 21.50
CA PRO A 7 2.91 -15.08 21.90
C PRO A 7 1.94 -14.70 20.77
N CYS A 8 1.46 -13.49 20.77
CA CYS A 8 0.52 -13.07 19.70
C CYS A 8 1.18 -13.23 18.33
N THR A 9 2.35 -12.68 18.14
CA THR A 9 3.05 -12.83 16.83
C THR A 9 2.33 -12.01 15.76
N SER A 10 1.29 -11.30 16.11
CA SER A 10 0.57 -10.49 15.11
C SER A 10 1.19 -9.09 14.98
N LYS A 11 2.46 -8.98 15.25
CA LYS A 11 3.13 -7.65 15.14
C LYS A 11 3.35 -7.30 13.67
N LYS A 12 4.20 -8.01 12.99
CA LYS A 12 4.44 -7.73 11.56
C LYS A 12 3.23 -8.13 10.73
N VAL A 13 2.27 -8.73 11.36
CA VAL A 13 1.04 -9.16 10.64
C VAL A 13 0.17 -7.93 10.35
N ARG A 14 0.27 -6.92 11.18
CA ARG A 14 -0.54 -5.69 10.96
C ARG A 14 -0.19 -5.10 9.59
N ALA A 15 1.06 -5.08 9.24
CA ALA A 15 1.47 -4.51 7.93
C ALA A 15 0.90 -5.36 6.78
N ALA A 16 0.39 -6.51 7.10
CA ALA A 16 -0.18 -7.39 6.04
C ALA A 16 -1.41 -6.73 5.41
N ARG A 17 -2.09 -5.90 6.14
CA ARG A 17 -3.30 -5.22 5.58
C ARG A 17 -2.92 -3.85 5.04
N THR A 18 -1.68 -3.68 4.64
CA THR A 18 -1.25 -2.37 4.10
C THR A 18 -0.07 -2.55 3.13
N LEU A 19 0.17 -1.57 2.28
CA LEU A 19 1.30 -1.66 1.32
C LEU A 19 1.92 -0.28 1.12
N LEU A 20 2.85 -0.16 0.21
CA LEU A 20 3.49 1.16 -0.04
C LEU A 20 3.39 1.56 -1.51
N ALA A 21 2.58 2.52 -1.83
CA ALA A 21 2.47 2.95 -3.25
C ALA A 21 3.63 3.89 -3.58
N LYS A 22 4.30 3.66 -4.68
CA LYS A 22 5.45 4.55 -5.02
C LYS A 22 5.44 4.90 -6.50
N ASN A 23 6.42 5.63 -6.96
CA ASN A 23 6.47 6.02 -8.40
C ASN A 23 5.34 7.00 -8.72
N LEU A 24 4.67 7.49 -7.72
CA LEU A 24 3.56 8.46 -7.98
C LEU A 24 4.13 9.74 -8.58
N SER A 25 3.39 10.82 -8.49
CA SER A 25 3.90 12.10 -9.05
C SER A 25 3.41 13.27 -8.19
N PHE A 26 3.95 14.44 -8.42
CA PHE A 26 3.52 15.62 -7.61
C PHE A 26 2.08 15.98 -7.96
N ASN A 27 1.52 15.35 -8.96
CA ASN A 27 0.12 15.66 -9.34
C ASN A 27 -0.86 14.73 -8.62
N ILE A 28 -0.53 13.47 -8.52
CA ILE A 28 -1.44 12.53 -7.82
C ILE A 28 -1.40 12.77 -6.31
N THR A 29 -2.39 12.30 -5.60
CA THR A 29 -2.41 12.50 -4.12
C THR A 29 -3.29 11.46 -3.43
N GLU A 30 -3.49 11.60 -2.15
CA GLU A 30 -4.34 10.62 -1.42
C GLU A 30 -5.68 10.48 -2.13
N ASP A 31 -6.16 11.54 -2.73
CA ASP A 31 -7.45 11.47 -3.45
C ASP A 31 -7.37 10.36 -4.51
N GLU A 32 -6.42 10.45 -5.39
CA GLU A 32 -6.27 9.41 -6.44
C GLU A 32 -5.95 8.06 -5.77
N LEU A 33 -5.21 8.09 -4.70
CA LEU A 33 -4.88 6.83 -3.99
C LEU A 33 -6.16 6.32 -3.34
N LYS A 34 -6.97 7.21 -2.86
CA LYS A 34 -8.25 6.79 -2.23
C LYS A 34 -9.23 6.38 -3.32
N GLU A 35 -9.02 6.89 -4.50
CA GLU A 35 -9.92 6.54 -5.63
C GLU A 35 -9.51 5.18 -6.20
N VAL A 36 -8.24 4.89 -6.18
CA VAL A 36 -7.78 3.57 -6.71
C VAL A 36 -7.86 2.53 -5.59
N PHE A 37 -7.51 2.91 -4.39
CA PHE A 37 -7.55 1.96 -3.26
C PHE A 37 -8.84 2.16 -2.45
N GLU A 38 -9.94 2.46 -3.11
CA GLU A 38 -11.21 2.66 -2.39
C GLU A 38 -11.59 1.41 -1.60
N ASP A 39 -10.96 0.30 -1.89
CA ASP A 39 -11.28 -0.96 -1.15
C ASP A 39 -10.39 -1.08 0.08
N ALA A 40 -9.72 -0.02 0.46
CA ALA A 40 -8.84 -0.08 1.65
C ALA A 40 -9.39 0.79 2.77
N LEU A 41 -8.72 0.83 3.89
CA LEU A 41 -9.21 1.66 5.02
C LEU A 41 -8.80 3.12 4.81
N GLU A 42 -7.53 3.33 4.61
CA GLU A 42 -7.02 4.71 4.40
C GLU A 42 -5.69 4.68 3.66
N ILE A 43 -5.22 5.83 3.23
CA ILE A 43 -3.94 5.87 2.50
C ILE A 43 -3.07 7.02 2.99
N ARG A 44 -1.80 6.78 3.08
CA ARG A 44 -0.85 7.83 3.52
C ARG A 44 0.19 8.01 2.43
N LEU A 45 1.09 8.94 2.56
CA LEU A 45 2.10 9.12 1.49
C LEU A 45 3.42 9.61 2.05
N VAL A 46 4.49 9.34 1.34
CA VAL A 46 5.83 9.77 1.81
C VAL A 46 6.59 10.50 0.70
N SER A 47 7.53 11.33 1.11
CA SER A 47 8.34 12.10 0.13
C SER A 47 9.83 11.96 0.46
N GLN A 48 10.60 13.00 0.25
CA GLN A 48 12.05 12.92 0.55
C GLN A 48 12.38 13.76 1.80
N ASP A 49 13.63 14.07 2.01
CA ASP A 49 14.01 14.88 3.20
C ASP A 49 13.04 16.05 3.37
N GLY A 50 12.42 16.48 2.30
CA GLY A 50 11.47 17.62 2.41
C GLY A 50 10.94 17.97 1.01
N LYS A 51 10.34 17.03 0.33
CA LYS A 51 9.81 17.31 -1.03
C LYS A 51 9.06 16.08 -1.54
N SER A 52 7.79 16.23 -1.82
CA SER A 52 6.97 15.08 -2.30
C SER A 52 7.82 14.16 -3.19
N LYS A 53 7.78 12.89 -2.93
CA LYS A 53 8.58 11.94 -3.75
C LYS A 53 7.63 11.03 -4.52
N GLY A 54 6.41 10.91 -4.06
CA GLY A 54 5.43 10.07 -4.76
C GLY A 54 5.19 8.77 -3.98
N ILE A 55 5.43 8.75 -2.70
CA ILE A 55 5.19 7.49 -1.94
C ILE A 55 3.79 7.54 -1.32
N ALA A 56 3.12 6.42 -1.24
CA ALA A 56 1.74 6.43 -0.67
C ALA A 56 1.49 5.15 0.15
N TYR A 57 1.39 5.26 1.44
CA TYR A 57 1.13 4.06 2.28
C TYR A 57 -0.34 3.68 2.17
N ILE A 58 -0.64 2.51 1.68
CA ILE A 58 -2.06 2.09 1.55
C ILE A 58 -2.40 1.03 2.59
N GLU A 59 -3.36 1.30 3.45
CA GLU A 59 -3.72 0.29 4.49
C GLU A 59 -5.14 -0.21 4.22
N PHE A 60 -5.27 -1.40 3.70
CA PHE A 60 -6.62 -1.94 3.40
C PHE A 60 -7.21 -2.62 4.64
N LYS A 61 -8.41 -3.10 4.54
CA LYS A 61 -9.08 -3.78 5.68
C LYS A 61 -8.43 -5.15 5.93
N SER A 62 -7.80 -5.71 4.93
CA SER A 62 -7.17 -7.03 5.10
C SER A 62 -6.14 -7.27 4.00
N GLU A 63 -5.20 -8.16 4.22
CA GLU A 63 -4.18 -8.44 3.18
C GLU A 63 -4.85 -8.73 1.84
N ALA A 64 -5.98 -9.39 1.86
CA ALA A 64 -6.68 -9.71 0.60
C ALA A 64 -7.12 -8.42 -0.09
N ASP A 65 -7.61 -7.48 0.67
CA ASP A 65 -8.04 -6.19 0.06
C ASP A 65 -6.81 -5.46 -0.46
N ALA A 66 -5.81 -5.31 0.38
CA ALA A 66 -4.57 -4.62 -0.06
C ALA A 66 -3.88 -5.43 -1.15
N GLU A 67 -3.93 -6.73 -1.07
CA GLU A 67 -3.27 -7.58 -2.10
C GLU A 67 -4.11 -7.58 -3.38
N LYS A 68 -5.40 -7.71 -3.25
CA LYS A 68 -6.28 -7.71 -4.45
C LYS A 68 -6.11 -6.38 -5.17
N ASN A 69 -6.19 -5.30 -4.44
CA ASN A 69 -6.03 -3.96 -5.08
C ASN A 69 -4.60 -3.81 -5.58
N LEU A 70 -3.64 -4.23 -4.79
CA LEU A 70 -2.22 -4.13 -5.21
C LEU A 70 -2.04 -4.79 -6.58
N GLU A 71 -2.62 -5.94 -6.75
CA GLU A 71 -2.49 -6.65 -8.06
C GLU A 71 -3.59 -6.20 -9.02
N GLU A 72 -4.81 -6.15 -8.54
CA GLU A 72 -5.94 -5.75 -9.42
C GLU A 72 -5.71 -4.33 -9.97
N LYS A 73 -4.88 -3.55 -9.35
CA LYS A 73 -4.63 -2.17 -9.85
C LYS A 73 -3.18 -2.03 -10.31
N GLN A 74 -2.26 -2.09 -9.39
CA GLN A 74 -0.81 -1.96 -9.73
C GLN A 74 -0.62 -0.96 -10.88
N GLY A 75 -0.35 0.28 -10.58
CA GLY A 75 -0.15 1.28 -11.67
C GLY A 75 -1.35 2.23 -11.70
N ALA A 76 -2.52 1.69 -11.89
CA ALA A 76 -3.75 2.55 -11.93
C ALA A 76 -3.62 3.63 -12.99
N GLU A 77 -2.69 3.46 -13.90
CA GLU A 77 -2.47 4.46 -15.00
C GLU A 77 -2.87 5.88 -14.55
N ILE A 78 -2.00 6.56 -13.86
CA ILE A 78 -2.34 7.94 -13.42
C ILE A 78 -1.16 8.88 -13.69
N ASP A 79 -1.38 10.16 -13.60
CA ASP A 79 -0.28 11.13 -13.85
C ASP A 79 0.55 10.68 -15.06
N GLY A 80 -0.09 10.18 -16.08
CA GLY A 80 0.64 9.72 -17.29
C GLY A 80 1.64 8.63 -16.89
N ARG A 81 1.34 7.87 -15.87
CA ARG A 81 2.27 6.79 -15.44
C ARG A 81 1.59 5.88 -14.41
N SER A 82 1.88 4.61 -14.45
CA SER A 82 1.23 3.68 -13.48
C SER A 82 1.98 3.71 -12.14
N VAL A 83 1.27 3.91 -11.07
CA VAL A 83 1.94 3.94 -9.73
C VAL A 83 2.39 2.53 -9.33
N SER A 84 3.47 2.43 -8.61
CA SER A 84 3.97 1.09 -8.19
C SER A 84 3.56 0.81 -6.75
N LEU A 85 3.09 -0.38 -6.48
CA LEU A 85 2.68 -0.71 -5.09
C LEU A 85 3.75 -1.56 -4.41
N TYR A 86 4.07 -1.26 -3.17
CA TYR A 86 5.11 -2.04 -2.45
C TYR A 86 4.53 -2.60 -1.15
N TYR A 87 4.11 -3.82 -1.17
CA TYR A 87 3.53 -4.42 0.07
C TYR A 87 4.47 -4.18 1.25
N THR A 88 4.12 -4.70 2.39
CA THR A 88 4.98 -4.52 3.58
C THR A 88 4.45 -5.34 4.76
N GLY A 89 3.87 -6.47 4.49
CA GLY A 89 3.32 -7.31 5.59
C GLY A 89 3.47 -8.79 5.24
N GLU A 90 4.23 -9.08 4.24
CA GLU A 90 4.44 -10.49 3.82
C GLU A 90 5.68 -10.60 2.93
N LYS A 91 5.55 -10.30 1.67
CA LYS A 91 6.73 -10.40 0.76
C LYS A 91 7.13 -9.01 0.27
N GLY A 92 7.15 -8.03 1.13
CA GLY A 92 7.52 -6.65 0.72
C GLY A 92 8.75 -6.72 -0.20
N GLY A 93 8.98 -5.69 -0.98
CA GLY A 93 10.17 -5.70 -1.88
C GLY A 93 11.43 -5.96 -1.08
N THR A 94 12.28 -6.85 -1.53
CA THR A 94 13.53 -7.15 -0.80
C THR A 94 14.61 -7.66 -1.75
N ARG A 95 15.85 -7.37 -1.47
CA ARG A 95 16.95 -7.82 -2.36
C ARG A 95 16.69 -9.24 -2.87
N GLY A 96 16.97 -9.51 -4.11
CA GLY A 96 16.73 -10.87 -4.66
C GLY A 96 15.35 -10.93 -5.33
N SER A 1 10.31 -26.85 19.49
CA SER A 1 11.56 -26.59 20.28
C SER A 1 11.19 -25.97 21.63
N HIS A 2 12.16 -25.77 22.48
CA HIS A 2 11.88 -25.18 23.82
C HIS A 2 11.23 -23.80 23.65
N MET A 3 11.25 -23.00 24.68
CA MET A 3 10.63 -21.64 24.59
C MET A 3 11.22 -20.88 23.39
N LEU A 4 10.49 -20.78 22.33
CA LEU A 4 10.99 -20.04 21.13
C LEU A 4 9.94 -20.04 20.02
N GLU A 5 8.85 -19.35 20.23
CA GLU A 5 7.78 -19.32 19.19
C GLU A 5 7.81 -17.97 18.46
N ASP A 6 7.26 -17.93 17.27
CA ASP A 6 7.25 -16.65 16.50
C ASP A 6 6.65 -15.53 17.35
N PRO A 7 6.46 -14.40 16.73
CA PRO A 7 5.90 -13.21 17.43
C PRO A 7 4.36 -13.30 17.51
N CYS A 8 3.83 -14.48 17.64
CA CYS A 8 2.35 -14.65 17.73
C CYS A 8 1.71 -14.43 16.36
N THR A 9 2.53 -14.33 15.34
CA THR A 9 1.97 -14.12 13.96
C THR A 9 1.43 -12.70 13.81
N SER A 10 1.51 -11.90 14.84
CA SER A 10 0.99 -10.50 14.74
C SER A 10 2.08 -9.57 14.23
N LYS A 11 3.06 -10.11 13.57
CA LYS A 11 4.15 -9.25 13.03
C LYS A 11 3.93 -9.03 11.53
N LYS A 12 3.86 -10.10 10.78
CA LYS A 12 3.61 -9.95 9.32
C LYS A 12 2.10 -9.86 9.07
N VAL A 13 1.34 -9.73 10.12
CA VAL A 13 -0.14 -9.61 9.96
C VAL A 13 -0.55 -8.14 9.99
N ARG A 14 0.21 -7.33 10.67
CA ARG A 14 -0.13 -5.88 10.75
C ARG A 14 0.37 -5.16 9.48
N ALA A 15 1.47 -5.60 8.95
CA ALA A 15 2.01 -4.94 7.72
C ALA A 15 1.22 -5.41 6.50
N ALA A 16 0.61 -6.56 6.59
CA ALA A 16 -0.18 -7.08 5.43
C ALA A 16 -1.23 -6.05 4.99
N ARG A 17 -1.83 -5.37 5.92
CA ARG A 17 -2.85 -4.35 5.56
C ARG A 17 -2.19 -3.02 5.19
N THR A 18 -0.90 -3.03 4.96
CA THR A 18 -0.20 -1.77 4.60
C THR A 18 0.41 -1.87 3.20
N LEU A 19 0.15 -0.91 2.36
CA LEU A 19 0.72 -0.95 0.98
C LEU A 19 1.49 0.34 0.70
N LEU A 20 2.74 0.22 0.36
CA LEU A 20 3.55 1.44 0.09
C LEU A 20 3.34 1.89 -1.36
N ALA A 21 2.65 2.97 -1.57
CA ALA A 21 2.43 3.45 -2.97
C ALA A 21 3.64 4.28 -3.40
N LYS A 22 4.28 3.91 -4.48
CA LYS A 22 5.47 4.68 -4.93
C LYS A 22 5.36 5.02 -6.42
N ASN A 23 6.38 5.60 -6.98
CA ASN A 23 6.36 5.97 -8.43
C ASN A 23 5.21 6.94 -8.71
N LEU A 24 4.63 7.50 -7.67
CA LEU A 24 3.51 8.45 -7.89
C LEU A 24 4.02 9.71 -8.61
N SER A 25 3.29 10.79 -8.52
CA SER A 25 3.74 12.03 -9.19
C SER A 25 3.40 13.25 -8.34
N PHE A 26 3.99 14.38 -8.63
CA PHE A 26 3.69 15.60 -7.84
C PHE A 26 2.25 16.05 -8.06
N ASN A 27 1.56 15.42 -8.97
CA ASN A 27 0.15 15.80 -9.25
C ASN A 27 -0.80 14.91 -8.45
N ILE A 28 -0.52 13.64 -8.37
CA ILE A 28 -1.42 12.72 -7.61
C ILE A 28 -1.36 13.03 -6.11
N THR A 29 -2.30 12.53 -5.36
CA THR A 29 -2.29 12.79 -3.89
C THR A 29 -3.18 11.77 -3.16
N GLU A 30 -3.39 11.97 -1.89
CA GLU A 30 -4.25 11.03 -1.13
C GLU A 30 -5.63 10.91 -1.79
N ASP A 31 -6.17 12.01 -2.22
CA ASP A 31 -7.50 11.97 -2.88
C ASP A 31 -7.48 10.94 -4.02
N GLU A 32 -6.58 11.10 -4.93
CA GLU A 32 -6.48 10.13 -6.06
C GLU A 32 -6.10 8.75 -5.52
N LEU A 33 -5.38 8.71 -4.44
CA LEU A 33 -4.99 7.40 -3.86
C LEU A 33 -6.22 6.78 -3.22
N LYS A 34 -7.03 7.58 -2.60
CA LYS A 34 -8.26 7.04 -1.97
C LYS A 34 -9.26 6.69 -3.06
N GLU A 35 -9.18 7.39 -4.15
CA GLU A 35 -10.10 7.12 -5.29
C GLU A 35 -9.51 6.00 -6.14
N VAL A 36 -8.22 5.78 -6.03
CA VAL A 36 -7.57 4.70 -6.82
C VAL A 36 -7.73 3.38 -6.07
N PHE A 37 -7.58 3.40 -4.78
CA PHE A 37 -7.72 2.16 -3.99
C PHE A 37 -9.19 1.94 -3.60
N GLU A 38 -9.82 2.98 -3.13
CA GLU A 38 -11.26 2.87 -2.72
C GLU A 38 -11.54 1.51 -2.09
N ASP A 39 -10.57 0.91 -1.46
CA ASP A 39 -10.81 -0.42 -0.82
C ASP A 39 -9.81 -0.63 0.32
N ALA A 40 -9.27 0.43 0.85
CA ALA A 40 -8.30 0.28 1.97
C ALA A 40 -8.77 1.08 3.19
N LEU A 41 -8.10 0.93 4.30
CA LEU A 41 -8.51 1.69 5.51
C LEU A 41 -8.19 3.16 5.33
N GLU A 42 -7.07 3.45 4.73
CA GLU A 42 -6.68 4.87 4.52
C GLU A 42 -5.36 4.96 3.76
N ILE A 43 -5.01 6.12 3.29
CA ILE A 43 -3.73 6.28 2.55
C ILE A 43 -2.92 7.44 3.11
N ARG A 44 -1.62 7.38 3.00
CA ARG A 44 -0.77 8.48 3.51
C ARG A 44 0.18 8.97 2.41
N LEU A 45 0.52 10.23 2.44
CA LEU A 45 1.43 10.77 1.40
C LEU A 45 2.87 10.73 1.91
N VAL A 46 3.80 10.38 1.07
CA VAL A 46 5.21 10.32 1.52
C VAL A 46 6.14 10.98 0.49
N SER A 47 6.91 11.93 0.94
CA SER A 47 7.86 12.66 0.04
C SER A 47 9.30 12.48 0.55
N GLN A 48 10.19 13.33 0.12
CA GLN A 48 11.60 13.23 0.56
C GLN A 48 11.79 14.00 1.87
N ASP A 49 10.82 13.96 2.74
CA ASP A 49 10.95 14.70 4.03
C ASP A 49 11.07 16.20 3.77
N GLY A 50 10.56 16.67 2.67
CA GLY A 50 10.65 18.13 2.36
C GLY A 50 9.99 18.44 1.02
N LYS A 51 9.90 17.49 0.13
CA LYS A 51 9.27 17.76 -1.19
C LYS A 51 8.62 16.50 -1.74
N SER A 52 7.47 16.62 -2.33
CA SER A 52 6.77 15.42 -2.89
C SER A 52 7.80 14.48 -3.53
N LYS A 53 7.74 13.23 -3.17
CA LYS A 53 8.68 12.24 -3.76
C LYS A 53 7.89 11.22 -4.57
N GLY A 54 6.62 11.13 -4.31
CA GLY A 54 5.77 10.17 -5.06
C GLY A 54 5.55 8.91 -4.23
N ILE A 55 5.67 8.98 -2.93
CA ILE A 55 5.45 7.76 -2.11
C ILE A 55 4.24 7.95 -1.21
N ALA A 56 3.64 6.88 -0.74
CA ALA A 56 2.45 7.04 0.14
C ALA A 56 2.18 5.75 0.92
N TYR A 57 1.68 5.87 2.12
CA TYR A 57 1.39 4.65 2.92
C TYR A 57 -0.08 4.28 2.77
N ILE A 58 -0.37 3.14 2.21
CA ILE A 58 -1.79 2.73 2.01
C ILE A 58 -2.17 1.62 3.00
N GLU A 59 -2.99 1.91 3.97
CA GLU A 59 -3.39 0.87 4.95
C GLU A 59 -4.65 0.15 4.46
N PHE A 60 -4.49 -0.90 3.71
CA PHE A 60 -5.69 -1.65 3.21
C PHE A 60 -6.33 -2.42 4.35
N LYS A 61 -7.42 -3.09 4.07
CA LYS A 61 -8.10 -3.88 5.12
C LYS A 61 -7.28 -5.14 5.42
N SER A 62 -6.35 -5.45 4.57
CA SER A 62 -5.51 -6.67 4.79
C SER A 62 -4.63 -6.92 3.56
N GLU A 63 -3.61 -7.72 3.71
CA GLU A 63 -2.73 -8.01 2.53
C GLU A 63 -3.57 -8.47 1.35
N ALA A 64 -4.66 -9.16 1.62
CA ALA A 64 -5.52 -9.63 0.51
C ALA A 64 -6.12 -8.44 -0.21
N ASP A 65 -6.57 -7.45 0.51
CA ASP A 65 -7.14 -6.25 -0.14
C ASP A 65 -6.02 -5.50 -0.86
N ALA A 66 -4.97 -5.18 -0.16
CA ALA A 66 -3.83 -4.49 -0.81
C ALA A 66 -3.32 -5.34 -1.97
N GLU A 67 -3.29 -6.64 -1.78
CA GLU A 67 -2.82 -7.53 -2.89
C GLU A 67 -3.83 -7.51 -4.03
N LYS A 68 -5.11 -7.50 -3.71
CA LYS A 68 -6.13 -7.47 -4.80
C LYS A 68 -5.96 -6.20 -5.61
N ASN A 69 -5.78 -5.09 -4.95
CA ASN A 69 -5.59 -3.81 -5.70
C ASN A 69 -4.28 -3.88 -6.48
N LEU A 70 -3.24 -4.38 -5.86
CA LEU A 70 -1.94 -4.49 -6.56
C LEU A 70 -2.11 -5.27 -7.86
N GLU A 71 -2.74 -6.40 -7.80
CA GLU A 71 -2.96 -7.19 -9.04
C GLU A 71 -4.06 -6.55 -9.87
N GLU A 72 -5.02 -5.95 -9.22
CA GLU A 72 -6.13 -5.29 -9.96
C GLU A 72 -5.57 -4.28 -10.96
N LYS A 73 -4.69 -3.42 -10.52
CA LYS A 73 -4.11 -2.42 -11.46
C LYS A 73 -2.89 -1.74 -10.82
N GLN A 74 -2.03 -2.51 -10.20
CA GLN A 74 -0.82 -1.92 -9.54
C GLN A 74 -1.20 -0.60 -8.87
N GLY A 75 -1.01 0.49 -9.54
CA GLY A 75 -1.37 1.81 -8.93
C GLY A 75 -2.40 2.52 -9.82
N ALA A 76 -3.51 1.87 -10.08
CA ALA A 76 -4.58 2.48 -10.92
C ALA A 76 -4.03 3.19 -12.17
N GLU A 77 -2.93 2.72 -12.69
CA GLU A 77 -2.37 3.37 -13.92
C GLU A 77 -2.54 4.88 -13.87
N ILE A 78 -1.58 5.60 -13.34
CA ILE A 78 -1.72 7.08 -13.27
C ILE A 78 -0.45 7.75 -13.80
N ASP A 79 -0.51 9.03 -14.02
CA ASP A 79 0.70 9.75 -14.54
C ASP A 79 1.38 8.90 -15.62
N GLY A 80 0.60 8.29 -16.48
CA GLY A 80 1.19 7.46 -17.56
C GLY A 80 1.91 6.26 -16.95
N ARG A 81 1.45 5.79 -15.81
CA ARG A 81 2.09 4.62 -15.17
C ARG A 81 1.38 4.26 -13.87
N SER A 82 1.00 3.03 -13.70
CA SER A 82 0.30 2.62 -12.45
C SER A 82 1.19 2.87 -11.24
N VAL A 83 0.69 3.52 -10.23
CA VAL A 83 1.53 3.78 -9.03
C VAL A 83 2.01 2.44 -8.45
N SER A 84 3.24 2.37 -8.01
CA SER A 84 3.74 1.09 -7.45
C SER A 84 3.14 0.80 -6.08
N LEU A 85 2.51 -0.33 -5.94
CA LEU A 85 1.91 -0.71 -4.62
C LEU A 85 2.75 -1.80 -3.99
N TYR A 86 3.49 -1.49 -2.95
CA TYR A 86 4.34 -2.54 -2.32
C TYR A 86 3.93 -2.81 -0.87
N TYR A 87 3.11 -3.80 -0.65
CA TYR A 87 2.69 -4.11 0.71
C TYR A 87 3.85 -4.72 1.52
N THR A 88 3.63 -4.96 2.78
CA THR A 88 4.71 -5.54 3.62
C THR A 88 4.17 -6.72 4.44
N GLY A 89 3.26 -7.47 3.88
CA GLY A 89 2.70 -8.63 4.63
C GLY A 89 3.56 -9.86 4.39
N GLU A 90 4.66 -9.67 3.76
CA GLU A 90 5.59 -10.82 3.47
C GLU A 90 4.99 -11.73 2.40
N LYS A 91 4.66 -11.18 1.26
CA LYS A 91 4.07 -12.02 0.17
C LYS A 91 4.72 -11.68 -1.17
N GLY A 92 4.51 -10.49 -1.66
CA GLY A 92 5.12 -10.08 -2.95
C GLY A 92 4.98 -11.23 -3.96
N GLY A 93 5.82 -11.26 -4.97
CA GLY A 93 5.74 -12.35 -5.98
C GLY A 93 7.13 -12.88 -6.26
N THR A 94 7.91 -13.13 -5.23
CA THR A 94 9.29 -13.66 -5.45
C THR A 94 9.22 -15.07 -6.06
N ARG A 95 10.29 -15.52 -6.65
CA ARG A 95 10.31 -16.87 -7.26
C ARG A 95 9.56 -17.87 -6.38
N GLY A 96 8.31 -18.12 -6.68
CA GLY A 96 7.52 -19.08 -5.87
C GLY A 96 7.44 -20.42 -6.58
N SER A 1 1.68 -19.86 34.44
CA SER A 1 0.43 -20.39 33.81
C SER A 1 0.78 -21.49 32.80
N HIS A 2 0.10 -22.61 32.88
CA HIS A 2 0.40 -23.71 31.92
C HIS A 2 0.40 -23.19 30.49
N MET A 3 1.54 -23.22 29.84
CA MET A 3 1.63 -22.72 28.44
C MET A 3 0.45 -23.27 27.61
N LEU A 4 -0.25 -22.41 26.95
CA LEU A 4 -1.42 -22.88 26.13
C LEU A 4 -2.01 -21.71 25.34
N GLU A 5 -2.54 -20.73 26.02
CA GLU A 5 -3.15 -19.57 25.30
C GLU A 5 -2.05 -18.68 24.72
N ASP A 6 -1.67 -18.90 23.50
CA ASP A 6 -0.60 -18.07 22.87
C ASP A 6 -0.98 -16.59 22.93
N PRO A 7 0.01 -15.75 22.79
CA PRO A 7 -0.22 -14.29 22.83
C PRO A 7 -0.89 -13.83 21.53
N CYS A 8 -0.81 -12.56 21.23
CA CYS A 8 -1.44 -12.05 19.98
C CYS A 8 -0.73 -12.64 18.75
N THR A 9 0.54 -12.40 18.60
CA THR A 9 1.29 -12.95 17.44
C THR A 9 0.87 -12.23 16.15
N SER A 10 0.00 -11.26 16.24
CA SER A 10 -0.45 -10.53 15.02
C SER A 10 0.37 -9.25 14.84
N LYS A 11 1.60 -9.26 15.29
CA LYS A 11 2.45 -8.05 15.13
C LYS A 11 2.77 -7.81 13.66
N LYS A 12 3.41 -8.75 13.01
CA LYS A 12 3.72 -8.57 11.57
C LYS A 12 2.48 -8.86 10.72
N VAL A 13 1.39 -9.13 11.37
CA VAL A 13 0.13 -9.41 10.62
C VAL A 13 -0.56 -8.08 10.31
N ARG A 14 -0.31 -7.07 11.10
CA ARG A 14 -0.94 -5.74 10.86
C ARG A 14 -0.39 -5.14 9.56
N ALA A 15 0.91 -5.15 9.39
CA ALA A 15 1.50 -4.57 8.15
C ALA A 15 0.93 -5.26 6.92
N ALA A 16 0.32 -6.41 7.09
CA ALA A 16 -0.26 -7.13 5.93
C ALA A 16 -1.25 -6.24 5.17
N ARG A 17 -2.03 -5.48 5.88
CA ARG A 17 -3.01 -4.57 5.22
C ARG A 17 -2.35 -3.23 4.90
N THR A 18 -1.05 -3.20 4.81
CA THR A 18 -0.35 -1.93 4.51
C THR A 18 0.30 -1.98 3.12
N LEU A 19 -0.31 -1.34 2.15
CA LEU A 19 0.27 -1.35 0.77
C LEU A 19 1.16 -0.12 0.57
N LEU A 20 2.38 -0.33 0.15
CA LEU A 20 3.29 0.83 -0.07
C LEU A 20 3.11 1.38 -1.49
N ALA A 21 2.44 2.50 -1.62
CA ALA A 21 2.26 3.08 -2.98
C ALA A 21 3.52 3.84 -3.39
N LYS A 22 3.99 3.66 -4.58
CA LYS A 22 5.22 4.38 -5.02
C LYS A 22 5.03 4.97 -6.41
N ASN A 23 6.04 5.60 -6.94
CA ASN A 23 5.93 6.21 -8.29
C ASN A 23 4.79 7.22 -8.32
N LEU A 24 4.32 7.63 -7.18
CA LEU A 24 3.20 8.62 -7.14
C LEU A 24 3.72 10.01 -7.52
N SER A 25 3.23 10.57 -8.59
CA SER A 25 3.70 11.92 -9.00
C SER A 25 3.78 12.83 -7.78
N PHE A 26 4.82 13.62 -7.67
CA PHE A 26 4.95 14.52 -6.52
C PHE A 26 3.67 15.34 -6.33
N ASN A 27 2.92 15.53 -7.38
CA ASN A 27 1.66 16.30 -7.26
C ASN A 27 0.52 15.41 -6.79
N ILE A 28 0.52 14.16 -7.15
CA ILE A 28 -0.58 13.24 -6.70
C ILE A 28 -0.81 13.40 -5.21
N THR A 29 -1.87 12.83 -4.68
CA THR A 29 -2.12 12.96 -3.22
C THR A 29 -3.06 11.85 -2.73
N GLU A 30 -3.33 11.84 -1.44
CA GLU A 30 -4.24 10.80 -0.88
C GLU A 30 -5.56 10.79 -1.63
N ASP A 31 -5.96 11.93 -2.15
CA ASP A 31 -7.24 11.99 -2.90
C ASP A 31 -7.16 11.05 -4.11
N GLU A 32 -6.09 11.13 -4.86
CA GLU A 32 -5.94 10.24 -6.03
C GLU A 32 -5.67 8.81 -5.55
N LEU A 33 -4.95 8.67 -4.48
CA LEU A 33 -4.67 7.31 -3.95
C LEU A 33 -5.95 6.76 -3.36
N LYS A 34 -6.69 7.60 -2.67
CA LYS A 34 -7.97 7.13 -2.09
C LYS A 34 -8.99 6.97 -3.20
N GLU A 35 -8.81 7.69 -4.26
CA GLU A 35 -9.73 7.60 -5.41
C GLU A 35 -9.34 6.41 -6.29
N VAL A 36 -8.09 6.01 -6.24
CA VAL A 36 -7.64 4.86 -7.06
C VAL A 36 -7.93 3.56 -6.32
N PHE A 37 -7.71 3.54 -5.03
CA PHE A 37 -7.97 2.30 -4.26
C PHE A 37 -9.46 2.20 -3.92
N GLU A 38 -10.01 3.25 -3.41
CA GLU A 38 -11.47 3.24 -3.05
C GLU A 38 -11.84 1.91 -2.38
N ASP A 39 -10.92 1.30 -1.67
CA ASP A 39 -11.23 0.01 -1.01
C ASP A 39 -10.24 -0.26 0.12
N ALA A 40 -9.60 0.76 0.62
CA ALA A 40 -8.62 0.55 1.74
C ALA A 40 -9.06 1.32 2.98
N LEU A 41 -8.42 1.08 4.10
CA LEU A 41 -8.80 1.80 5.35
C LEU A 41 -8.39 3.27 5.24
N GLU A 42 -7.26 3.52 4.65
CA GLU A 42 -6.79 4.92 4.52
C GLU A 42 -5.47 4.95 3.75
N ILE A 43 -5.03 6.12 3.35
CA ILE A 43 -3.76 6.20 2.59
C ILE A 43 -2.83 7.27 3.16
N ARG A 44 -1.56 6.98 3.20
CA ARG A 44 -0.58 7.97 3.72
C ARG A 44 0.39 8.34 2.59
N LEU A 45 1.11 9.41 2.71
CA LEU A 45 2.03 9.79 1.62
C LEU A 45 3.49 9.70 2.08
N VAL A 46 4.40 9.71 1.15
CA VAL A 46 5.83 9.63 1.51
C VAL A 46 6.69 10.25 0.41
N SER A 47 7.45 11.25 0.76
CA SER A 47 8.31 11.95 -0.23
C SER A 47 9.71 12.15 0.34
N GLN A 48 10.56 12.83 -0.39
CA GLN A 48 11.94 13.07 0.10
C GLN A 48 11.95 14.34 0.97
N ASP A 49 11.05 15.25 0.73
CA ASP A 49 10.99 16.49 1.54
C ASP A 49 9.57 17.07 1.52
N GLY A 50 8.60 16.28 1.14
CA GLY A 50 7.20 16.80 1.11
C GLY A 50 6.48 16.25 -0.12
N LYS A 51 7.21 15.88 -1.14
CA LYS A 51 6.57 15.35 -2.38
C LYS A 51 7.63 15.11 -3.46
N SER A 52 8.38 14.05 -3.36
CA SER A 52 9.43 13.79 -4.38
C SER A 52 9.73 12.29 -4.53
N LYS A 53 9.19 11.44 -3.70
CA LYS A 53 9.47 9.99 -3.86
C LYS A 53 8.21 9.29 -4.36
N GLY A 54 7.13 10.03 -4.47
CA GLY A 54 5.87 9.43 -4.95
C GLY A 54 5.56 8.20 -4.12
N ILE A 55 5.98 8.18 -2.89
CA ILE A 55 5.69 6.99 -2.05
C ILE A 55 4.49 7.26 -1.14
N ALA A 56 3.78 6.25 -0.73
CA ALA A 56 2.59 6.49 0.14
C ALA A 56 2.29 5.25 0.99
N TYR A 57 1.78 5.45 2.18
CA TYR A 57 1.45 4.28 3.04
C TYR A 57 -0.05 3.99 2.97
N ILE A 58 -0.45 3.08 2.12
CA ILE A 58 -1.90 2.77 1.98
C ILE A 58 -2.29 1.57 2.84
N GLU A 59 -3.16 1.76 3.79
CA GLU A 59 -3.58 0.62 4.65
C GLU A 59 -4.90 0.05 4.14
N PHE A 60 -4.85 -1.05 3.42
CA PHE A 60 -6.11 -1.63 2.89
C PHE A 60 -6.85 -2.39 4.00
N LYS A 61 -7.97 -2.96 3.68
CA LYS A 61 -8.75 -3.71 4.70
C LYS A 61 -8.01 -4.97 5.14
N SER A 62 -7.06 -5.41 4.34
CA SER A 62 -6.31 -6.64 4.71
C SER A 62 -5.29 -6.97 3.61
N GLU A 63 -4.30 -7.76 3.92
CA GLU A 63 -3.28 -8.11 2.89
C GLU A 63 -3.96 -8.52 1.59
N ALA A 64 -5.04 -9.25 1.67
CA ALA A 64 -5.74 -9.68 0.44
C ALA A 64 -6.23 -8.44 -0.32
N ASP A 65 -6.71 -7.46 0.40
CA ASP A 65 -7.19 -6.22 -0.27
C ASP A 65 -5.97 -5.49 -0.84
N ALA A 66 -5.02 -5.18 0.00
CA ALA A 66 -3.80 -4.50 -0.48
C ALA A 66 -3.12 -5.37 -1.55
N GLU A 67 -3.12 -6.66 -1.36
CA GLU A 67 -2.48 -7.56 -2.36
C GLU A 67 -3.27 -7.51 -3.66
N LYS A 68 -4.57 -7.60 -3.59
CA LYS A 68 -5.40 -7.55 -4.82
C LYS A 68 -5.15 -6.22 -5.53
N ASN A 69 -5.00 -5.16 -4.77
CA ASN A 69 -4.75 -3.83 -5.39
C ASN A 69 -3.34 -3.82 -6.00
N LEU A 70 -2.39 -4.41 -5.32
CA LEU A 70 -1.00 -4.44 -5.87
C LEU A 70 -0.91 -5.44 -7.01
N GLU A 71 -1.83 -6.37 -7.09
CA GLU A 71 -1.78 -7.36 -8.19
C GLU A 71 -2.77 -6.97 -9.30
N GLU A 72 -3.71 -6.11 -9.00
CA GLU A 72 -4.69 -5.70 -10.03
C GLU A 72 -4.71 -4.18 -10.18
N LYS A 73 -4.14 -3.47 -9.25
CA LYS A 73 -4.13 -1.98 -9.34
C LYS A 73 -2.70 -1.47 -9.55
N GLN A 74 -1.74 -2.35 -9.58
CA GLN A 74 -0.33 -1.90 -9.79
C GLN A 74 -0.26 -0.99 -11.02
N GLY A 75 -0.42 0.28 -10.83
CA GLY A 75 -0.37 1.23 -11.97
C GLY A 75 -1.71 1.96 -12.09
N ALA A 76 -2.79 1.22 -12.21
CA ALA A 76 -4.13 1.86 -12.32
C ALA A 76 -4.09 3.06 -13.28
N GLU A 77 -3.16 3.07 -14.20
CA GLU A 77 -3.06 4.20 -15.18
C GLU A 77 -3.50 5.52 -14.53
N ILE A 78 -2.62 6.16 -13.81
CA ILE A 78 -3.00 7.45 -13.17
C ILE A 78 -1.89 8.48 -13.36
N ASP A 79 -2.16 9.72 -13.06
CA ASP A 79 -1.12 10.77 -13.23
C ASP A 79 -0.36 10.55 -14.54
N GLY A 80 -1.05 10.20 -15.59
CA GLY A 80 -0.38 9.97 -16.89
C GLY A 80 0.69 8.88 -16.73
N ARG A 81 0.45 7.95 -15.84
CA ARG A 81 1.45 6.85 -15.63
C ARG A 81 0.87 5.80 -14.68
N SER A 82 1.60 4.76 -14.41
CA SER A 82 1.10 3.71 -13.49
C SER A 82 1.68 3.89 -12.09
N VAL A 83 0.84 3.94 -11.09
CA VAL A 83 1.34 4.10 -9.70
C VAL A 83 1.86 2.76 -9.17
N SER A 84 2.82 2.79 -8.29
CA SER A 84 3.38 1.51 -7.76
C SER A 84 2.64 1.08 -6.49
N LEU A 85 2.62 -0.20 -6.22
CA LEU A 85 1.92 -0.70 -5.00
C LEU A 85 2.69 -1.88 -4.41
N TYR A 86 3.29 -1.73 -3.25
CA TYR A 86 4.05 -2.85 -2.66
C TYR A 86 3.71 -3.04 -1.17
N TYR A 87 2.84 -3.94 -0.84
CA TYR A 87 2.52 -4.16 0.58
C TYR A 87 3.73 -4.72 1.31
N THR A 88 3.60 -4.95 2.60
CA THR A 88 4.76 -5.48 3.37
C THR A 88 4.32 -5.94 4.75
N GLY A 89 3.60 -7.03 4.82
CA GLY A 89 3.14 -7.55 6.15
C GLY A 89 3.38 -9.04 6.25
N GLU A 90 4.01 -9.59 5.27
CA GLU A 90 4.29 -11.05 5.28
C GLU A 90 5.01 -11.45 3.98
N LYS A 91 4.54 -10.99 2.87
CA LYS A 91 5.20 -11.35 1.58
C LYS A 91 6.33 -10.36 1.27
N GLY A 92 6.02 -9.11 1.11
CA GLY A 92 7.08 -8.10 0.81
C GLY A 92 8.27 -8.32 1.74
N GLY A 93 9.38 -7.70 1.45
CA GLY A 93 10.57 -7.87 2.33
C GLY A 93 11.43 -9.03 1.81
N THR A 94 12.53 -9.30 2.45
CA THR A 94 13.40 -10.42 2.00
C THR A 94 13.48 -11.51 3.06
N ARG A 95 12.53 -11.55 3.95
CA ARG A 95 12.53 -12.57 5.03
C ARG A 95 12.99 -13.93 4.47
N GLY A 96 13.82 -14.63 5.19
CA GLY A 96 14.29 -15.95 4.71
C GLY A 96 15.68 -16.25 5.29
N SER A 1 -4.77 1.70 22.35
CA SER A 1 -4.74 1.71 23.85
C SER A 1 -3.31 1.95 24.35
N HIS A 2 -2.34 1.37 23.68
CA HIS A 2 -0.93 1.55 24.12
C HIS A 2 -0.70 0.92 25.49
N MET A 3 0.46 0.40 25.74
CA MET A 3 0.74 -0.24 27.06
C MET A 3 2.24 -0.17 27.38
N LEU A 4 2.70 -1.00 28.27
CA LEU A 4 4.15 -0.98 28.63
C LEU A 4 4.85 -2.23 28.07
N GLU A 5 4.41 -2.71 26.94
CA GLU A 5 5.05 -3.91 26.35
C GLU A 5 5.08 -3.80 24.82
N ASP A 6 5.48 -4.84 24.15
CA ASP A 6 5.54 -4.80 22.66
C ASP A 6 4.28 -4.12 22.11
N PRO A 7 4.49 -2.99 21.47
CA PRO A 7 3.35 -2.22 20.91
C PRO A 7 2.95 -2.77 19.54
N CYS A 8 3.22 -4.03 19.28
CA CYS A 8 2.84 -4.62 17.96
C CYS A 8 2.44 -6.09 18.14
N THR A 9 3.40 -6.97 18.26
CA THR A 9 3.06 -8.41 18.44
C THR A 9 2.48 -9.00 17.15
N SER A 10 2.40 -8.21 16.12
CA SER A 10 1.83 -8.72 14.83
C SER A 10 2.52 -8.03 13.65
N LYS A 11 3.82 -8.04 13.61
CA LYS A 11 4.54 -7.38 12.49
C LYS A 11 4.11 -7.99 11.14
N LYS A 12 4.16 -9.28 11.02
CA LYS A 12 3.75 -9.92 9.74
C LYS A 12 2.23 -9.94 9.62
N VAL A 13 1.55 -9.40 10.58
CA VAL A 13 0.06 -9.38 10.52
C VAL A 13 -0.40 -8.09 9.86
N ARG A 14 0.05 -6.97 10.34
CA ARG A 14 -0.34 -5.67 9.72
C ARG A 14 0.28 -5.57 8.33
N ALA A 15 1.29 -6.35 8.07
CA ALA A 15 1.94 -6.31 6.73
C ALA A 15 1.00 -6.86 5.66
N ALA A 16 0.13 -7.75 6.03
CA ALA A 16 -0.82 -8.32 5.04
C ALA A 16 -2.12 -7.53 5.02
N ARG A 17 -2.03 -6.31 5.39
CA ARG A 17 -3.24 -5.44 5.43
C ARG A 17 -2.82 -4.03 5.06
N THR A 18 -1.65 -3.89 4.51
CA THR A 18 -1.15 -2.55 4.12
C THR A 18 0.08 -2.68 3.20
N LEU A 19 0.31 -1.69 2.38
CA LEU A 19 1.48 -1.73 1.46
C LEU A 19 2.01 -0.31 1.22
N LEU A 20 3.22 -0.18 0.76
CA LEU A 20 3.80 1.18 0.52
C LEU A 20 3.74 1.53 -0.97
N ALA A 21 2.96 2.53 -1.33
CA ALA A 21 2.90 2.91 -2.76
C ALA A 21 4.19 3.63 -3.17
N LYS A 22 4.58 3.55 -4.41
CA LYS A 22 5.83 4.24 -4.83
C LYS A 22 5.72 4.72 -6.27
N ASN A 23 6.73 5.38 -6.76
CA ASN A 23 6.71 5.88 -8.15
C ASN A 23 5.48 6.78 -8.38
N LEU A 24 4.86 7.23 -7.32
CA LEU A 24 3.68 8.12 -7.48
C LEU A 24 4.12 9.52 -7.92
N SER A 25 3.71 9.95 -9.08
CA SER A 25 4.11 11.31 -9.54
C SER A 25 4.00 12.31 -8.40
N PHE A 26 4.96 13.18 -8.27
CA PHE A 26 4.91 14.19 -7.19
C PHE A 26 3.60 14.99 -7.27
N ASN A 27 2.99 15.01 -8.42
CA ASN A 27 1.71 15.75 -8.57
C ASN A 27 0.58 14.96 -7.95
N ILE A 28 0.74 13.67 -7.83
CA ILE A 28 -0.35 12.84 -7.23
C ILE A 28 -0.31 12.97 -5.70
N THR A 29 -1.30 12.46 -5.03
CA THR A 29 -1.33 12.56 -3.54
C THR A 29 -2.24 11.50 -2.93
N GLU A 30 -2.42 11.55 -1.64
CA GLU A 30 -3.31 10.56 -0.98
C GLU A 30 -4.69 10.58 -1.63
N ASP A 31 -5.06 11.71 -2.18
CA ASP A 31 -6.39 11.80 -2.84
C ASP A 31 -6.45 10.80 -3.99
N GLU A 32 -5.50 10.86 -4.87
CA GLU A 32 -5.48 9.90 -6.02
C GLU A 32 -5.22 8.49 -5.48
N LEU A 33 -4.40 8.38 -4.48
CA LEU A 33 -4.11 7.05 -3.89
C LEU A 33 -5.37 6.58 -3.17
N LYS A 34 -6.09 7.50 -2.61
CA LYS A 34 -7.35 7.13 -1.91
C LYS A 34 -8.42 6.83 -2.94
N GLU A 35 -8.30 7.43 -4.09
CA GLU A 35 -9.28 7.20 -5.18
C GLU A 35 -8.98 5.86 -5.85
N VAL A 36 -7.73 5.49 -5.91
CA VAL A 36 -7.38 4.18 -6.53
C VAL A 36 -7.54 3.07 -5.51
N PHE A 37 -7.28 3.36 -4.26
CA PHE A 37 -7.42 2.33 -3.21
C PHE A 37 -8.78 2.46 -2.52
N GLU A 38 -9.85 2.30 -3.24
CA GLU A 38 -11.21 2.43 -2.62
C GLU A 38 -11.51 1.21 -1.75
N ASP A 39 -10.61 0.27 -1.67
CA ASP A 39 -10.85 -0.94 -0.83
C ASP A 39 -9.95 -0.93 0.40
N ALA A 40 -9.32 0.17 0.68
CA ALA A 40 -8.42 0.23 1.87
C ALA A 40 -8.98 1.22 2.90
N LEU A 41 -8.56 1.11 4.13
CA LEU A 41 -9.08 2.06 5.17
C LEU A 41 -8.54 3.45 4.88
N GLU A 42 -7.31 3.54 4.47
CA GLU A 42 -6.72 4.87 4.18
C GLU A 42 -5.29 4.72 3.64
N ILE A 43 -4.75 5.78 3.11
CA ILE A 43 -3.37 5.70 2.56
C ILE A 43 -2.52 6.87 3.05
N ARG A 44 -1.23 6.67 3.17
CA ARG A 44 -0.34 7.77 3.62
C ARG A 44 0.46 8.28 2.41
N LEU A 45 1.00 9.46 2.50
CA LEU A 45 1.79 10.00 1.35
C LEU A 45 3.24 10.20 1.74
N VAL A 46 4.13 9.50 1.10
CA VAL A 46 5.57 9.65 1.42
C VAL A 46 6.26 10.50 0.35
N SER A 47 6.72 11.65 0.75
CA SER A 47 7.41 12.57 -0.20
C SER A 47 8.46 13.39 0.55
N GLN A 48 9.16 14.25 -0.14
CA GLN A 48 10.20 15.08 0.55
C GLN A 48 9.54 16.16 1.39
N ASP A 49 9.31 17.31 0.82
CA ASP A 49 8.66 18.40 1.59
C ASP A 49 7.14 18.29 1.47
N GLY A 50 6.66 17.41 0.65
CA GLY A 50 5.19 17.25 0.49
C GLY A 50 4.88 16.34 -0.70
N LYS A 51 5.76 16.29 -1.67
CA LYS A 51 5.52 15.43 -2.86
C LYS A 51 6.79 15.33 -3.72
N SER A 52 7.71 14.49 -3.36
CA SER A 52 8.95 14.36 -4.16
C SER A 52 9.48 12.91 -4.16
N LYS A 53 8.88 12.02 -3.42
CA LYS A 53 9.36 10.62 -3.43
C LYS A 53 8.30 9.74 -4.08
N GLY A 54 7.19 10.33 -4.45
CA GLY A 54 6.10 9.56 -5.09
C GLY A 54 5.84 8.30 -4.28
N ILE A 55 6.05 8.33 -3.00
CA ILE A 55 5.79 7.10 -2.20
C ILE A 55 4.60 7.32 -1.26
N ALA A 56 4.04 6.26 -0.73
CA ALA A 56 2.87 6.42 0.17
C ALA A 56 2.60 5.11 0.91
N TYR A 57 1.79 5.14 1.92
CA TYR A 57 1.48 3.89 2.67
C TYR A 57 0.00 3.54 2.52
N ILE A 58 -0.29 2.42 1.92
CA ILE A 58 -1.72 2.01 1.73
C ILE A 58 -2.11 0.95 2.76
N GLU A 59 -3.10 1.22 3.57
CA GLU A 59 -3.51 0.19 4.59
C GLU A 59 -4.95 -0.25 4.33
N PHE A 60 -5.19 -1.53 4.25
CA PHE A 60 -6.58 -2.01 4.00
C PHE A 60 -7.17 -2.65 5.26
N LYS A 61 -8.42 -3.02 5.21
CA LYS A 61 -9.06 -3.65 6.40
C LYS A 61 -8.88 -5.17 6.35
N SER A 62 -8.20 -5.67 5.35
CA SER A 62 -8.00 -7.14 5.26
C SER A 62 -7.01 -7.47 4.13
N GLU A 63 -6.34 -8.58 4.23
CA GLU A 63 -5.37 -8.97 3.16
C GLU A 63 -6.08 -9.02 1.81
N ALA A 64 -7.31 -9.45 1.78
CA ALA A 64 -8.05 -9.53 0.50
C ALA A 64 -8.21 -8.13 -0.09
N ASP A 65 -8.51 -7.16 0.74
CA ASP A 65 -8.66 -5.78 0.22
C ASP A 65 -7.29 -5.27 -0.23
N ALA A 66 -6.32 -5.36 0.64
CA ALA A 66 -4.94 -4.91 0.26
C ALA A 66 -4.42 -5.74 -0.91
N GLU A 67 -4.74 -7.01 -0.93
CA GLU A 67 -4.25 -7.88 -2.04
C GLU A 67 -5.00 -7.55 -3.33
N LYS A 68 -6.30 -7.53 -3.28
CA LYS A 68 -7.09 -7.20 -4.50
C LYS A 68 -6.68 -5.84 -5.02
N ASN A 69 -6.42 -4.92 -4.13
CA ASN A 69 -6.01 -3.56 -4.56
C ASN A 69 -4.51 -3.56 -4.92
N LEU A 70 -3.70 -4.15 -4.09
CA LEU A 70 -2.25 -4.19 -4.38
C LEU A 70 -2.00 -4.86 -5.74
N GLU A 71 -2.87 -5.75 -6.13
CA GLU A 71 -2.70 -6.43 -7.44
C GLU A 71 -3.44 -5.66 -8.54
N GLU A 72 -4.69 -5.35 -8.32
CA GLU A 72 -5.48 -4.62 -9.35
C GLU A 72 -5.00 -3.16 -9.46
N LYS A 73 -4.56 -2.58 -8.38
CA LYS A 73 -4.10 -1.16 -8.42
C LYS A 73 -2.64 -1.09 -8.85
N GLN A 74 -1.83 -2.03 -8.44
CA GLN A 74 -0.40 -2.03 -8.81
C GLN A 74 -0.22 -1.58 -10.27
N GLY A 75 -0.02 -0.31 -10.48
CA GLY A 75 0.15 0.20 -11.86
C GLY A 75 -0.75 1.41 -12.08
N ALA A 76 -2.04 1.21 -12.15
CA ALA A 76 -2.99 2.35 -12.35
C ALA A 76 -2.36 3.42 -13.27
N GLU A 77 -2.59 3.32 -14.55
CA GLU A 77 -2.01 4.34 -15.49
C GLU A 77 -2.57 5.74 -15.15
N ILE A 78 -1.88 6.47 -14.32
CA ILE A 78 -2.37 7.83 -13.95
C ILE A 78 -1.20 8.81 -13.88
N ASP A 79 -1.47 10.04 -13.55
CA ASP A 79 -0.38 11.06 -13.44
C ASP A 79 0.63 10.87 -14.58
N GLY A 80 0.18 10.43 -15.73
CA GLY A 80 1.08 10.24 -16.88
C GLY A 80 1.93 8.98 -16.70
N ARG A 81 1.47 8.03 -15.93
CA ARG A 81 2.28 6.78 -15.74
C ARG A 81 1.59 5.86 -14.73
N SER A 82 2.17 4.72 -14.46
CA SER A 82 1.53 3.79 -13.50
C SER A 82 2.18 3.89 -12.11
N VAL A 83 1.40 3.79 -11.07
CA VAL A 83 1.95 3.88 -9.70
C VAL A 83 2.43 2.49 -9.25
N SER A 84 3.44 2.44 -8.42
CA SER A 84 3.95 1.12 -7.96
C SER A 84 3.55 0.89 -6.50
N LEU A 85 3.28 -0.34 -6.14
CA LEU A 85 2.89 -0.63 -4.73
C LEU A 85 3.94 -1.54 -4.08
N TYR A 86 4.34 -1.22 -2.88
CA TYR A 86 5.35 -2.07 -2.20
C TYR A 86 4.77 -2.65 -0.92
N TYR A 87 4.18 -3.81 -1.01
CA TYR A 87 3.58 -4.44 0.18
C TYR A 87 4.63 -4.53 1.29
N THR A 88 4.34 -5.27 2.32
CA THR A 88 5.33 -5.40 3.44
C THR A 88 5.26 -6.81 4.06
N GLY A 89 5.31 -7.83 3.26
CA GLY A 89 5.25 -9.22 3.81
C GLY A 89 4.39 -10.11 2.94
N GLU A 90 3.74 -9.53 1.99
CA GLU A 90 2.87 -10.31 1.08
C GLU A 90 3.63 -10.68 -0.19
N LYS A 91 4.24 -9.70 -0.83
CA LYS A 91 5.01 -10.00 -2.07
C LYS A 91 6.52 -9.93 -1.80
N GLY A 92 7.00 -8.79 -1.39
CA GLY A 92 8.45 -8.64 -1.10
C GLY A 92 9.26 -9.34 -2.19
N GLY A 93 10.46 -9.75 -1.88
CA GLY A 93 11.30 -10.45 -2.90
C GLY A 93 11.38 -11.93 -2.58
N THR A 94 10.25 -12.60 -2.51
CA THR A 94 10.27 -14.06 -2.19
C THR A 94 11.24 -14.79 -3.13
N ARG A 95 11.27 -16.10 -3.04
CA ARG A 95 12.19 -16.89 -3.91
C ARG A 95 12.20 -16.30 -5.33
N GLY A 96 13.22 -15.54 -5.66
CA GLY A 96 13.29 -14.94 -7.02
C GLY A 96 14.75 -14.91 -7.48
N SER A 1 -0.21 -25.20 25.86
CA SER A 1 -0.77 -24.79 24.55
C SER A 1 -1.54 -23.47 24.68
N HIS A 2 -2.47 -23.41 25.60
CA HIS A 2 -3.26 -22.16 25.78
C HIS A 2 -4.05 -21.85 24.52
N MET A 3 -4.84 -20.81 24.54
CA MET A 3 -5.64 -20.46 23.33
C MET A 3 -5.41 -18.99 22.95
N LEU A 4 -4.66 -18.28 23.75
CA LEU A 4 -4.39 -16.84 23.43
C LEU A 4 -3.26 -16.73 22.41
N GLU A 5 -3.58 -16.33 21.20
CA GLU A 5 -2.52 -16.19 20.17
C GLU A 5 -1.42 -15.25 20.66
N ASP A 6 -0.28 -15.78 21.05
CA ASP A 6 0.81 -14.91 21.54
C ASP A 6 0.98 -13.69 20.64
N PRO A 7 0.47 -12.58 21.10
CA PRO A 7 0.54 -11.31 20.34
C PRO A 7 1.89 -10.62 20.57
N CYS A 8 2.92 -11.35 20.87
CA CYS A 8 4.25 -10.73 21.12
C CYS A 8 4.75 -10.01 19.86
N THR A 9 4.78 -10.68 18.75
CA THR A 9 5.27 -10.04 17.51
C THR A 9 4.21 -9.07 16.97
N SER A 10 3.12 -9.59 16.51
CA SER A 10 2.03 -8.71 15.97
C SER A 10 2.64 -7.55 15.17
N LYS A 11 3.79 -7.75 14.60
CA LYS A 11 4.42 -6.68 13.79
C LYS A 11 4.29 -7.00 12.30
N LYS A 12 4.34 -8.24 11.95
CA LYS A 12 4.21 -8.62 10.52
C LYS A 12 2.75 -9.01 10.22
N VAL A 13 1.88 -8.81 11.16
CA VAL A 13 0.45 -9.15 10.93
C VAL A 13 -0.33 -7.89 10.58
N ARG A 14 0.05 -6.78 11.15
CA ARG A 14 -0.67 -5.50 10.84
C ARG A 14 -0.14 -4.91 9.54
N ALA A 15 1.02 -5.36 9.11
CA ALA A 15 1.60 -4.84 7.85
C ALA A 15 0.91 -5.48 6.64
N ALA A 16 0.32 -6.63 6.82
CA ALA A 16 -0.37 -7.30 5.69
C ALA A 16 -1.74 -6.68 5.44
N ARG A 17 -2.05 -5.63 6.14
CA ARG A 17 -3.36 -4.95 5.93
C ARG A 17 -3.08 -3.57 5.31
N THR A 18 -1.83 -3.21 5.22
CA THR A 18 -1.47 -1.89 4.64
C THR A 18 -0.23 -2.03 3.74
N LEU A 19 -0.04 -1.12 2.83
CA LEU A 19 1.14 -1.20 1.94
C LEU A 19 1.68 0.20 1.62
N LEU A 20 2.88 0.28 1.13
CA LEU A 20 3.48 1.61 0.82
C LEU A 20 3.44 1.88 -0.69
N ALA A 21 2.73 2.89 -1.12
CA ALA A 21 2.68 3.19 -2.58
C ALA A 21 3.91 4.00 -2.98
N LYS A 22 4.43 3.78 -4.15
CA LYS A 22 5.64 4.53 -4.59
C LYS A 22 5.47 5.01 -6.03
N ASN A 23 6.44 5.74 -6.55
CA ASN A 23 6.34 6.23 -7.95
C ASN A 23 5.05 7.04 -8.13
N LEU A 24 4.45 7.45 -7.05
CA LEU A 24 3.19 8.26 -7.16
C LEU A 24 3.49 9.64 -7.73
N SER A 25 2.49 10.47 -7.84
CA SER A 25 2.71 11.84 -8.37
C SER A 25 2.25 12.87 -7.34
N PHE A 26 3.09 13.81 -7.00
CA PHE A 26 2.69 14.83 -5.98
C PHE A 26 1.42 15.56 -6.44
N ASN A 27 1.06 15.42 -7.69
CA ASN A 27 -0.18 16.10 -8.18
C ASN A 27 -1.39 15.27 -7.78
N ILE A 28 -1.17 14.03 -7.44
CA ILE A 28 -2.29 13.15 -7.03
C ILE A 28 -2.53 13.30 -5.53
N THR A 29 -3.54 12.66 -4.99
CA THR A 29 -3.81 12.79 -3.54
C THR A 29 -4.62 11.58 -3.03
N GLU A 30 -4.96 11.58 -1.77
CA GLU A 30 -5.75 10.45 -1.22
C GLU A 30 -6.96 10.18 -2.12
N ASP A 31 -7.47 11.21 -2.74
CA ASP A 31 -8.64 11.03 -3.64
C ASP A 31 -8.30 10.02 -4.72
N GLU A 32 -7.23 10.26 -5.43
CA GLU A 32 -6.81 9.31 -6.49
C GLU A 32 -6.40 7.99 -5.86
N LEU A 33 -5.78 8.05 -4.72
CA LEU A 33 -5.36 6.80 -4.03
C LEU A 33 -6.62 6.09 -3.53
N LYS A 34 -7.63 6.86 -3.22
CA LYS A 34 -8.90 6.25 -2.75
C LYS A 34 -9.70 5.79 -3.97
N GLU A 35 -9.44 6.39 -5.08
CA GLU A 35 -10.16 6.01 -6.33
C GLU A 35 -9.53 4.75 -6.90
N VAL A 36 -8.25 4.59 -6.75
CA VAL A 36 -7.56 3.37 -7.27
C VAL A 36 -7.67 2.27 -6.21
N PHE A 37 -7.49 2.62 -4.97
CA PHE A 37 -7.56 1.61 -3.89
C PHE A 37 -8.97 1.60 -3.28
N GLU A 38 -9.98 1.49 -4.09
CA GLU A 38 -11.37 1.49 -3.56
C GLU A 38 -11.48 0.54 -2.36
N ASP A 39 -10.66 -0.47 -2.32
CA ASP A 39 -10.72 -1.43 -1.18
C ASP A 39 -9.84 -0.96 -0.03
N ALA A 40 -9.14 0.13 -0.21
CA ALA A 40 -8.26 0.64 0.88
C ALA A 40 -9.07 1.48 1.86
N LEU A 41 -8.81 1.36 3.13
CA LEU A 41 -9.57 2.16 4.14
C LEU A 41 -8.95 3.54 4.27
N GLU A 42 -7.65 3.59 4.39
CA GLU A 42 -6.96 4.91 4.55
C GLU A 42 -5.70 4.96 3.69
N ILE A 43 -5.15 6.12 3.50
CA ILE A 43 -3.92 6.25 2.68
C ILE A 43 -3.13 7.49 3.10
N ARG A 44 -1.84 7.43 3.04
CA ARG A 44 -1.01 8.61 3.43
C ARG A 44 0.03 8.88 2.32
N LEU A 45 0.62 10.04 2.32
CA LEU A 45 1.63 10.35 1.27
C LEU A 45 3.04 10.26 1.84
N VAL A 46 4.03 10.15 1.01
CA VAL A 46 5.43 10.05 1.53
C VAL A 46 6.44 10.53 0.49
N SER A 47 7.53 11.06 0.94
CA SER A 47 8.58 11.55 0.00
C SER A 47 9.97 11.25 0.57
N GLN A 48 10.98 11.96 0.10
CA GLN A 48 12.35 11.71 0.62
C GLN A 48 13.34 12.69 -0.02
N ASP A 49 13.65 12.51 -1.27
CA ASP A 49 14.61 13.42 -1.95
C ASP A 49 14.32 14.88 -1.57
N GLY A 50 13.10 15.18 -1.20
CA GLY A 50 12.76 16.57 -0.83
C GLY A 50 11.24 16.75 -0.88
N LYS A 51 10.52 15.93 -0.17
CA LYS A 51 9.04 16.02 -0.17
C LYS A 51 8.52 15.85 -1.59
N SER A 52 8.90 14.78 -2.22
CA SER A 52 8.47 14.52 -3.61
C SER A 52 9.02 13.17 -4.09
N LYS A 53 8.87 12.15 -3.32
CA LYS A 53 9.39 10.83 -3.74
C LYS A 53 8.25 9.97 -4.30
N GLY A 54 7.10 10.57 -4.50
CA GLY A 54 5.96 9.81 -5.06
C GLY A 54 5.63 8.63 -4.16
N ILE A 55 5.84 8.76 -2.87
CA ILE A 55 5.53 7.61 -1.97
C ILE A 55 4.23 7.90 -1.21
N ALA A 56 3.60 6.88 -0.68
CA ALA A 56 2.33 7.12 0.06
C ALA A 56 1.89 5.84 0.79
N TYR A 57 1.48 5.96 2.03
CA TYR A 57 1.05 4.75 2.77
C TYR A 57 -0.39 4.37 2.37
N ILE A 58 -0.74 3.12 2.48
CA ILE A 58 -2.11 2.70 2.09
C ILE A 58 -2.59 1.54 2.97
N GLU A 59 -3.68 1.72 3.67
CA GLU A 59 -4.20 0.63 4.54
C GLU A 59 -5.50 0.07 3.95
N PHE A 60 -5.70 -1.22 4.04
CA PHE A 60 -6.95 -1.81 3.49
C PHE A 60 -7.74 -2.52 4.58
N LYS A 61 -8.92 -2.96 4.24
CA LYS A 61 -9.77 -3.68 5.24
C LYS A 61 -9.18 -5.05 5.57
N SER A 62 -8.31 -5.55 4.73
CA SER A 62 -7.70 -6.87 5.01
C SER A 62 -6.60 -7.17 3.99
N GLU A 63 -5.83 -8.20 4.23
CA GLU A 63 -4.74 -8.55 3.28
C GLU A 63 -5.32 -8.80 1.88
N ALA A 64 -6.47 -9.41 1.80
CA ALA A 64 -7.08 -9.66 0.47
C ALA A 64 -7.37 -8.33 -0.22
N ASP A 65 -7.79 -7.35 0.51
CA ASP A 65 -8.07 -6.03 -0.11
C ASP A 65 -6.74 -5.40 -0.53
N ALA A 66 -5.85 -5.27 0.41
CA ALA A 66 -4.51 -4.69 0.08
C ALA A 66 -3.79 -5.58 -0.94
N GLU A 67 -3.94 -6.87 -0.82
CA GLU A 67 -3.28 -7.79 -1.77
C GLU A 67 -4.02 -7.77 -3.12
N LYS A 68 -5.32 -7.85 -3.08
CA LYS A 68 -6.09 -7.81 -4.35
C LYS A 68 -5.72 -6.55 -5.10
N ASN A 69 -5.64 -5.45 -4.42
CA ASN A 69 -5.27 -4.18 -5.10
C ASN A 69 -3.79 -4.23 -5.50
N LEU A 70 -2.95 -4.73 -4.62
CA LEU A 70 -1.50 -4.80 -4.96
C LEU A 70 -1.31 -5.58 -6.25
N GLU A 71 -2.11 -6.59 -6.47
CA GLU A 71 -1.98 -7.40 -7.73
C GLU A 71 -2.99 -6.94 -8.76
N GLU A 72 -3.98 -6.18 -8.36
CA GLU A 72 -5.00 -5.71 -9.32
C GLU A 72 -4.60 -4.37 -9.96
N LYS A 73 -3.68 -3.65 -9.35
CA LYS A 73 -3.27 -2.35 -9.92
C LYS A 73 -1.76 -2.33 -10.17
N GLN A 74 -0.99 -2.32 -9.11
CA GLN A 74 0.50 -2.30 -9.26
C GLN A 74 0.91 -1.45 -10.47
N GLY A 75 1.10 -0.17 -10.28
CA GLY A 75 1.50 0.69 -11.43
C GLY A 75 0.44 1.77 -11.63
N ALA A 76 -0.82 1.41 -11.46
CA ALA A 76 -1.95 2.39 -11.63
C ALA A 76 -1.55 3.60 -12.48
N GLU A 77 -1.91 3.61 -13.73
CA GLU A 77 -1.56 4.77 -14.60
C GLU A 77 -2.37 6.00 -14.18
N ILE A 78 -1.77 6.90 -13.45
CA ILE A 78 -2.51 8.12 -13.01
C ILE A 78 -1.59 9.34 -13.09
N ASP A 79 -2.13 10.52 -12.97
CA ASP A 79 -1.28 11.73 -13.03
C ASP A 79 -0.25 11.60 -14.16
N GLY A 80 -0.64 11.03 -15.26
CA GLY A 80 0.30 10.88 -16.40
C GLY A 80 1.49 10.01 -15.97
N ARG A 81 1.32 9.23 -14.93
CA ARG A 81 2.43 8.35 -14.46
C ARG A 81 1.86 7.05 -13.89
N SER A 82 2.56 6.40 -13.00
CA SER A 82 2.05 5.13 -12.43
C SER A 82 2.25 5.11 -10.91
N VAL A 83 1.40 4.42 -10.21
CA VAL A 83 1.53 4.34 -8.73
C VAL A 83 1.85 2.90 -8.31
N SER A 84 3.05 2.66 -7.87
CA SER A 84 3.42 1.27 -7.45
C SER A 84 2.94 1.00 -6.02
N LEU A 85 2.89 -0.24 -5.63
CA LEU A 85 2.43 -0.58 -4.25
C LEU A 85 3.44 -1.47 -3.54
N TYR A 86 3.92 -1.04 -2.40
CA TYR A 86 4.91 -1.87 -1.66
C TYR A 86 4.32 -2.33 -0.33
N TYR A 87 3.83 -3.54 -0.27
CA TYR A 87 3.24 -4.03 1.00
C TYR A 87 4.25 -3.86 2.13
N THR A 88 3.99 -4.46 3.26
CA THR A 88 4.93 -4.32 4.41
C THR A 88 5.10 -5.66 5.14
N GLY A 89 5.30 -6.72 4.41
CA GLY A 89 5.47 -8.05 5.06
C GLY A 89 4.81 -9.15 4.22
N GLU A 90 4.08 -8.75 3.26
CA GLU A 90 3.39 -9.74 2.37
C GLU A 90 3.57 -9.34 0.91
N LYS A 91 4.56 -9.87 0.26
CA LYS A 91 4.79 -9.53 -1.17
C LYS A 91 4.88 -10.80 -2.02
N GLY A 92 4.00 -11.74 -1.80
CA GLY A 92 4.04 -13.00 -2.58
C GLY A 92 5.46 -13.57 -2.57
N GLY A 93 5.67 -14.68 -3.22
CA GLY A 93 7.03 -15.28 -3.25
C GLY A 93 7.40 -15.65 -4.69
N THR A 94 6.77 -15.04 -5.65
CA THR A 94 7.08 -15.35 -7.07
C THR A 94 8.52 -14.94 -7.41
N ARG A 95 9.49 -15.62 -6.86
CA ARG A 95 10.91 -15.26 -7.15
C ARG A 95 11.14 -13.78 -6.89
N GLY A 96 11.25 -13.39 -5.65
CA GLY A 96 11.48 -11.95 -5.33
C GLY A 96 12.85 -11.51 -5.86
N SER A 1 -10.49 -28.65 4.61
CA SER A 1 -10.68 -28.10 3.24
C SER A 1 -9.67 -26.98 2.97
N HIS A 2 -9.05 -26.47 4.01
CA HIS A 2 -8.05 -25.37 3.82
C HIS A 2 -7.02 -25.40 4.95
N MET A 3 -6.14 -24.44 4.98
CA MET A 3 -5.10 -24.41 6.06
C MET A 3 -5.78 -24.32 7.43
N LEU A 4 -5.01 -24.32 8.48
CA LEU A 4 -5.60 -24.23 9.85
C LEU A 4 -4.61 -23.59 10.82
N GLU A 5 -3.46 -24.17 10.96
CA GLU A 5 -2.44 -23.59 11.90
C GLU A 5 -2.36 -22.07 11.73
N ASP A 6 -3.10 -21.33 12.51
CA ASP A 6 -3.07 -19.85 12.39
C ASP A 6 -1.65 -19.33 12.60
N PRO A 7 -1.03 -19.81 13.65
CA PRO A 7 0.35 -19.39 13.99
C PRO A 7 1.38 -20.18 13.17
N CYS A 8 1.01 -20.66 12.03
CA CYS A 8 1.99 -21.43 11.20
C CYS A 8 2.95 -20.47 10.50
N THR A 9 2.68 -19.20 10.55
CA THR A 9 3.58 -18.21 9.90
C THR A 9 2.97 -16.81 9.99
N SER A 10 1.78 -16.64 9.49
CA SER A 10 1.11 -15.31 9.54
C SER A 10 2.12 -14.21 9.18
N LYS A 11 3.10 -14.53 8.38
CA LYS A 11 4.11 -13.51 7.99
C LYS A 11 3.67 -12.78 6.72
N LYS A 12 3.32 -13.51 5.70
CA LYS A 12 2.87 -12.87 4.44
C LYS A 12 1.39 -12.52 4.53
N VAL A 13 0.81 -12.64 5.69
CA VAL A 13 -0.64 -12.31 5.85
C VAL A 13 -0.78 -10.89 6.39
N ARG A 14 0.16 -10.47 7.19
CA ARG A 14 0.10 -9.08 7.74
C ARG A 14 0.48 -8.07 6.65
N ALA A 15 1.41 -8.42 5.81
CA ALA A 15 1.81 -7.49 4.73
C ALA A 15 0.66 -7.31 3.73
N ALA A 16 -0.37 -8.09 3.85
CA ALA A 16 -1.53 -7.95 2.91
C ALA A 16 -2.58 -7.00 3.49
N ARG A 17 -2.25 -6.35 4.56
CA ARG A 17 -3.21 -5.38 5.16
C ARG A 17 -2.70 -3.97 4.92
N THR A 18 -1.48 -3.88 4.46
CA THR A 18 -0.89 -2.53 4.20
C THR A 18 0.20 -2.60 3.12
N LEU A 19 0.43 -1.52 2.45
CA LEU A 19 1.48 -1.50 1.38
C LEU A 19 2.00 -0.08 1.21
N LEU A 20 2.89 0.13 0.27
CA LEU A 20 3.43 1.49 0.06
C LEU A 20 3.31 1.88 -1.42
N ALA A 21 2.59 2.92 -1.71
CA ALA A 21 2.45 3.35 -3.13
C ALA A 21 3.70 4.10 -3.58
N LYS A 22 4.31 3.66 -4.65
CA LYS A 22 5.54 4.34 -5.12
C LYS A 22 5.37 4.80 -6.57
N ASN A 23 6.33 5.49 -7.11
CA ASN A 23 6.22 5.97 -8.51
C ASN A 23 5.02 6.91 -8.65
N LEU A 24 4.46 7.35 -7.56
CA LEU A 24 3.29 8.27 -7.64
C LEU A 24 3.67 9.52 -8.44
N SER A 25 2.92 10.58 -8.28
CA SER A 25 3.25 11.83 -9.03
C SER A 25 3.25 13.02 -8.07
N PHE A 26 3.85 14.11 -8.48
CA PHE A 26 3.89 15.30 -7.60
C PHE A 26 2.48 15.92 -7.49
N ASN A 27 1.59 15.51 -8.34
CA ASN A 27 0.21 16.07 -8.29
C ASN A 27 -0.73 15.11 -7.56
N ILE A 28 -0.68 13.85 -7.88
CA ILE A 28 -1.58 12.88 -7.18
C ILE A 28 -1.58 13.13 -5.68
N THR A 29 -2.47 12.50 -4.96
CA THR A 29 -2.52 12.71 -3.48
C THR A 29 -3.36 11.62 -2.83
N GLU A 30 -3.57 11.70 -1.54
CA GLU A 30 -4.39 10.67 -0.85
C GLU A 30 -5.72 10.51 -1.59
N ASP A 31 -6.22 11.57 -2.15
CA ASP A 31 -7.50 11.48 -2.90
C ASP A 31 -7.36 10.49 -4.04
N GLU A 32 -6.44 10.72 -4.93
CA GLU A 32 -6.23 9.77 -6.07
C GLU A 32 -5.90 8.39 -5.52
N LEU A 33 -5.20 8.34 -4.41
CA LEU A 33 -4.86 7.03 -3.82
C LEU A 33 -6.13 6.43 -3.22
N LYS A 34 -6.99 7.27 -2.71
CA LYS A 34 -8.26 6.76 -2.14
C LYS A 34 -9.17 6.34 -3.29
N GLU A 35 -8.99 6.93 -4.42
CA GLU A 35 -9.81 6.58 -5.61
C GLU A 35 -9.23 5.32 -6.26
N VAL A 36 -7.95 5.15 -6.17
CA VAL A 36 -7.31 3.94 -6.76
C VAL A 36 -7.42 2.79 -5.76
N PHE A 37 -7.18 3.05 -4.51
CA PHE A 37 -7.27 2.00 -3.48
C PHE A 37 -8.59 2.10 -2.72
N GLU A 38 -9.67 2.32 -3.42
CA GLU A 38 -10.98 2.43 -2.73
C GLU A 38 -11.28 1.18 -1.91
N ASP A 39 -10.55 0.11 -2.15
CA ASP A 39 -10.79 -1.14 -1.37
C ASP A 39 -9.86 -1.19 -0.16
N ALA A 40 -9.33 -0.07 0.24
CA ALA A 40 -8.42 -0.06 1.42
C ALA A 40 -9.04 0.75 2.57
N LEU A 41 -8.50 0.62 3.76
CA LEU A 41 -9.06 1.37 4.91
C LEU A 41 -8.56 2.81 4.88
N GLU A 42 -7.32 3.01 4.53
CA GLU A 42 -6.76 4.38 4.49
C GLU A 42 -5.47 4.43 3.66
N ILE A 43 -5.02 5.61 3.32
CA ILE A 43 -3.77 5.73 2.52
C ILE A 43 -2.95 6.94 2.99
N ARG A 44 -1.65 6.87 2.86
CA ARG A 44 -0.81 8.01 3.29
C ARG A 44 0.16 8.38 2.15
N LEU A 45 0.84 9.49 2.26
CA LEU A 45 1.78 9.88 1.18
C LEU A 45 3.22 9.84 1.70
N VAL A 46 4.18 9.87 0.83
CA VAL A 46 5.59 9.83 1.28
C VAL A 46 6.53 10.43 0.21
N SER A 47 7.41 11.30 0.64
CA SER A 47 8.36 11.94 -0.32
C SER A 47 9.80 11.65 0.09
N GLN A 48 10.73 12.43 -0.39
CA GLN A 48 12.16 12.20 -0.02
C GLN A 48 12.48 12.88 1.31
N ASP A 49 13.65 13.45 1.43
CA ASP A 49 14.02 14.12 2.71
C ASP A 49 13.32 15.48 2.81
N GLY A 50 12.66 15.90 1.76
CA GLY A 50 11.95 17.21 1.80
C GLY A 50 11.46 17.57 0.40
N LYS A 51 10.79 16.66 -0.26
CA LYS A 51 10.30 16.95 -1.63
C LYS A 51 9.52 15.74 -2.17
N SER A 52 8.34 15.96 -2.68
CA SER A 52 7.54 14.81 -3.20
C SER A 52 8.44 13.83 -3.94
N LYS A 53 8.31 12.57 -3.63
CA LYS A 53 9.16 11.54 -4.30
C LYS A 53 8.27 10.53 -5.00
N GLY A 54 7.00 10.54 -4.70
CA GLY A 54 6.07 9.58 -5.36
C GLY A 54 5.87 8.36 -4.46
N ILE A 55 5.98 8.51 -3.17
CA ILE A 55 5.77 7.34 -2.28
C ILE A 55 4.52 7.54 -1.43
N ALA A 56 3.94 6.48 -0.93
CA ALA A 56 2.71 6.63 -0.10
C ALA A 56 2.40 5.33 0.64
N TYR A 57 1.63 5.41 1.69
CA TYR A 57 1.29 4.16 2.45
C TYR A 57 -0.16 3.77 2.18
N ILE A 58 -0.46 2.51 2.09
CA ILE A 58 -1.85 2.09 1.80
C ILE A 58 -2.26 0.94 2.73
N GLU A 59 -3.26 1.15 3.56
CA GLU A 59 -3.71 0.07 4.48
C GLU A 59 -5.02 -0.53 3.97
N PHE A 60 -5.18 -1.82 4.00
CA PHE A 60 -6.44 -2.42 3.51
C PHE A 60 -7.17 -3.16 4.64
N LYS A 61 -8.35 -3.62 4.36
CA LYS A 61 -9.14 -4.35 5.39
C LYS A 61 -8.67 -5.80 5.48
N SER A 62 -8.00 -6.29 4.47
CA SER A 62 -7.52 -7.69 4.50
C SER A 62 -6.61 -7.98 3.30
N GLU A 63 -6.00 -9.14 3.29
CA GLU A 63 -5.12 -9.50 2.14
C GLU A 63 -5.90 -9.45 0.83
N ALA A 64 -7.13 -9.88 0.85
CA ALA A 64 -7.93 -9.87 -0.40
C ALA A 64 -8.05 -8.45 -0.92
N ASP A 65 -8.23 -7.50 -0.04
CA ASP A 65 -8.33 -6.09 -0.49
C ASP A 65 -6.95 -5.64 -0.96
N ALA A 66 -5.97 -5.73 -0.10
CA ALA A 66 -4.60 -5.33 -0.49
C ALA A 66 -4.15 -6.16 -1.70
N GLU A 67 -4.59 -7.39 -1.78
CA GLU A 67 -4.20 -8.24 -2.94
C GLU A 67 -5.05 -7.89 -4.16
N LYS A 68 -6.35 -7.85 -3.99
CA LYS A 68 -7.23 -7.50 -5.14
C LYS A 68 -6.72 -6.20 -5.75
N ASN A 69 -6.24 -5.32 -4.93
CA ASN A 69 -5.71 -4.04 -5.45
C ASN A 69 -4.31 -4.26 -6.05
N LEU A 70 -3.42 -4.85 -5.31
CA LEU A 70 -2.06 -5.11 -5.85
C LEU A 70 -2.15 -5.77 -7.22
N GLU A 71 -3.21 -6.51 -7.46
CA GLU A 71 -3.36 -7.19 -8.77
C GLU A 71 -4.10 -6.29 -9.76
N GLU A 72 -5.19 -5.70 -9.35
CA GLU A 72 -5.96 -4.82 -10.27
C GLU A 72 -5.70 -3.35 -9.97
N LYS A 73 -4.57 -3.04 -9.37
CA LYS A 73 -4.27 -1.61 -9.04
C LYS A 73 -2.79 -1.32 -9.24
N GLN A 74 -1.94 -2.26 -8.91
CA GLN A 74 -0.47 -2.05 -9.08
C GLN A 74 -0.18 -1.34 -10.41
N GLY A 75 -0.11 -0.04 -10.38
CA GLY A 75 0.17 0.72 -11.63
C GLY A 75 -0.94 1.74 -11.86
N ALA A 76 -2.17 1.29 -11.97
CA ALA A 76 -3.30 2.24 -12.20
C ALA A 76 -2.87 3.38 -13.14
N GLU A 77 -3.14 3.23 -14.41
CA GLU A 77 -2.75 4.30 -15.38
C GLU A 77 -3.43 5.63 -15.01
N ILE A 78 -2.79 6.42 -14.20
CA ILE A 78 -3.41 7.73 -13.80
C ILE A 78 -2.35 8.83 -13.85
N ASP A 79 -2.75 10.06 -13.62
CA ASP A 79 -1.76 11.18 -13.65
C ASP A 79 -0.80 10.99 -14.81
N GLY A 80 -1.28 10.48 -15.91
CA GLY A 80 -0.39 10.27 -17.08
C GLY A 80 0.76 9.34 -16.68
N ARG A 81 0.50 8.39 -15.83
CA ARG A 81 1.58 7.45 -15.40
C ARG A 81 0.98 6.28 -14.61
N SER A 82 1.76 5.65 -13.77
CA SER A 82 1.22 4.51 -12.98
C SER A 82 1.74 4.57 -11.54
N VAL A 83 0.99 4.06 -10.61
CA VAL A 83 1.44 4.08 -9.19
C VAL A 83 1.91 2.69 -8.78
N SER A 84 3.11 2.61 -8.24
CA SER A 84 3.64 1.29 -7.81
C SER A 84 3.00 0.85 -6.49
N LEU A 85 2.95 -0.43 -6.24
CA LEU A 85 2.34 -0.91 -4.97
C LEU A 85 3.33 -1.80 -4.22
N TYR A 86 3.68 -1.43 -3.01
CA TYR A 86 4.65 -2.26 -2.24
C TYR A 86 4.00 -2.83 -0.98
N TYR A 87 3.74 -4.11 -0.97
CA TYR A 87 3.14 -4.75 0.21
C TYR A 87 4.03 -4.61 1.44
N THR A 88 5.23 -4.17 1.21
CA THR A 88 6.21 -4.00 2.32
C THR A 88 6.78 -5.37 2.74
N GLY A 89 6.81 -6.29 1.83
CA GLY A 89 7.36 -7.63 2.16
C GLY A 89 6.41 -8.34 3.11
N GLU A 90 6.71 -8.25 4.36
CA GLU A 90 5.87 -8.92 5.39
C GLU A 90 5.75 -8.03 6.64
N LYS A 91 5.45 -6.78 6.46
CA LYS A 91 5.32 -5.88 7.64
C LYS A 91 3.94 -5.22 7.65
N GLY A 92 3.25 -5.23 6.54
CA GLY A 92 1.90 -4.60 6.50
C GLY A 92 1.10 -5.04 7.73
N GLY A 93 0.21 -4.22 8.19
CA GLY A 93 -0.61 -4.61 9.38
C GLY A 93 0.14 -4.22 10.65
N THR A 94 0.69 -3.04 10.70
CA THR A 94 1.43 -2.61 11.91
C THR A 94 0.46 -2.43 13.08
N ARG A 95 0.53 -3.28 14.06
CA ARG A 95 -0.39 -3.17 15.23
C ARG A 95 -0.57 -1.70 15.62
N GLY A 96 -1.78 -1.31 15.93
CA GLY A 96 -2.02 0.10 16.33
C GLY A 96 -3.52 0.34 16.48
N SER A 1 11.96 -21.05 20.01
CA SER A 1 10.80 -20.54 20.79
C SER A 1 11.24 -20.09 22.19
N HIS A 2 11.90 -18.96 22.28
CA HIS A 2 12.36 -18.46 23.60
C HIS A 2 11.41 -17.38 24.12
N MET A 3 10.29 -17.20 23.48
CA MET A 3 9.32 -16.16 23.93
C MET A 3 8.12 -16.81 24.63
N LEU A 4 7.33 -16.04 25.32
CA LEU A 4 6.15 -16.61 26.01
C LEU A 4 5.01 -16.85 25.03
N GLU A 5 3.80 -16.99 25.51
CA GLU A 5 2.65 -17.23 24.59
C GLU A 5 1.97 -15.90 24.26
N ASP A 6 2.74 -14.86 24.07
CA ASP A 6 2.14 -13.53 23.74
C ASP A 6 1.05 -13.69 22.66
N PRO A 7 0.00 -12.95 22.82
CA PRO A 7 -1.13 -13.00 21.87
C PRO A 7 -0.86 -12.12 20.64
N CYS A 8 0.39 -11.86 20.34
CA CYS A 8 0.71 -11.01 19.16
C CYS A 8 0.88 -11.89 17.92
N THR A 9 0.38 -13.09 17.95
CA THR A 9 0.51 -13.98 16.78
C THR A 9 0.18 -13.22 15.49
N SER A 10 -0.61 -12.19 15.59
CA SER A 10 -0.97 -11.41 14.37
C SER A 10 0.08 -10.33 14.09
N LYS A 11 1.33 -10.63 14.33
CA LYS A 11 2.40 -9.62 14.08
C LYS A 11 2.59 -9.44 12.57
N LYS A 12 2.84 -10.50 11.85
CA LYS A 12 3.02 -10.38 10.38
C LYS A 12 1.66 -10.41 9.70
N VAL A 13 0.61 -10.32 10.46
CA VAL A 13 -0.76 -10.33 9.86
C VAL A 13 -1.26 -8.89 9.71
N ARG A 14 -0.80 -8.01 10.55
CA ARG A 14 -1.23 -6.59 10.45
C ARG A 14 -0.52 -5.91 9.28
N ALA A 15 0.71 -6.27 9.03
CA ALA A 15 1.46 -5.65 7.90
C ALA A 15 0.94 -6.19 6.57
N ALA A 16 0.02 -7.12 6.60
CA ALA A 16 -0.51 -7.69 5.33
C ALA A 16 -1.67 -6.83 4.82
N ARG A 17 -2.29 -6.08 5.68
CA ARG A 17 -3.43 -5.22 5.23
C ARG A 17 -2.96 -3.79 5.00
N THR A 18 -1.68 -3.61 4.77
CA THR A 18 -1.17 -2.22 4.54
C THR A 18 0.01 -2.25 3.56
N LEU A 19 0.08 -1.28 2.68
CA LEU A 19 1.19 -1.24 1.69
C LEU A 19 1.66 0.21 1.49
N LEU A 20 2.87 0.39 1.04
CA LEU A 20 3.38 1.78 0.82
C LEU A 20 3.37 2.13 -0.67
N ALA A 21 2.52 3.03 -1.07
CA ALA A 21 2.49 3.41 -2.52
C ALA A 21 3.76 4.19 -2.85
N LYS A 22 4.34 3.96 -4.00
CA LYS A 22 5.58 4.70 -4.35
C LYS A 22 5.56 5.13 -5.81
N ASN A 23 6.50 5.94 -6.19
CA ASN A 23 6.56 6.41 -7.61
C ASN A 23 5.31 7.21 -7.98
N LEU A 24 4.88 8.09 -7.10
CA LEU A 24 3.67 8.91 -7.41
C LEU A 24 4.09 10.28 -7.94
N SER A 25 3.14 11.15 -8.16
CA SER A 25 3.47 12.51 -8.68
C SER A 25 2.93 13.58 -7.73
N PHE A 26 3.30 14.81 -7.95
CA PHE A 26 2.80 15.91 -7.06
C PHE A 26 1.35 16.22 -7.39
N ASN A 27 0.82 15.66 -8.43
CA ASN A 27 -0.59 15.93 -8.80
C ASN A 27 -1.53 14.93 -8.11
N ILE A 28 -1.08 13.72 -7.94
CA ILE A 28 -1.94 12.70 -7.28
C ILE A 28 -2.06 13.00 -5.78
N THR A 29 -2.98 12.36 -5.11
CA THR A 29 -3.13 12.61 -3.64
C THR A 29 -3.92 11.47 -2.98
N GLU A 30 -4.30 11.65 -1.75
CA GLU A 30 -5.07 10.58 -1.05
C GLU A 30 -6.35 10.26 -1.82
N ASP A 31 -7.07 11.28 -2.21
CA ASP A 31 -8.32 11.03 -2.98
C ASP A 31 -8.02 10.15 -4.19
N GLU A 32 -6.94 10.43 -4.86
CA GLU A 32 -6.57 9.61 -6.05
C GLU A 32 -6.18 8.20 -5.59
N LEU A 33 -5.53 8.11 -4.47
CA LEU A 33 -5.14 6.77 -3.95
C LEU A 33 -6.38 6.08 -3.42
N LYS A 34 -7.25 6.82 -2.78
CA LYS A 34 -8.50 6.20 -2.27
C LYS A 34 -9.40 5.87 -3.44
N GLU A 35 -9.23 6.58 -4.53
CA GLU A 35 -10.05 6.33 -5.74
C GLU A 35 -9.38 5.24 -6.57
N VAL A 36 -8.09 5.09 -6.43
CA VAL A 36 -7.37 4.04 -7.19
C VAL A 36 -7.54 2.69 -6.48
N PHE A 37 -7.58 2.71 -5.18
CA PHE A 37 -7.74 1.45 -4.42
C PHE A 37 -9.23 1.12 -4.25
N GLU A 38 -10.03 2.12 -4.05
CA GLU A 38 -11.50 1.89 -3.90
C GLU A 38 -11.76 0.62 -3.07
N ASP A 39 -10.87 0.29 -2.19
CA ASP A 39 -11.07 -0.94 -1.36
C ASP A 39 -10.33 -0.82 -0.03
N ALA A 40 -9.18 -0.21 -0.03
CA ALA A 40 -8.41 -0.07 1.23
C ALA A 40 -9.22 0.72 2.27
N LEU A 41 -8.65 0.99 3.40
CA LEU A 41 -9.39 1.76 4.45
C LEU A 41 -8.97 3.22 4.38
N GLU A 42 -7.70 3.46 4.22
CA GLU A 42 -7.19 4.86 4.16
C GLU A 42 -5.82 4.90 3.49
N ILE A 43 -5.36 6.06 3.13
CA ILE A 43 -4.03 6.16 2.48
C ILE A 43 -3.22 7.34 3.04
N ARG A 44 -1.95 7.17 3.17
CA ARG A 44 -1.09 8.27 3.69
C ARG A 44 -0.11 8.71 2.61
N LEU A 45 0.49 9.86 2.77
CA LEU A 45 1.45 10.35 1.75
C LEU A 45 2.89 10.33 2.29
N VAL A 46 3.86 10.33 1.42
CA VAL A 46 5.28 10.33 1.88
C VAL A 46 6.21 10.85 0.77
N SER A 47 7.03 11.80 1.11
CA SER A 47 7.99 12.36 0.10
C SER A 47 9.03 11.31 -0.28
N GLN A 48 9.39 11.27 -1.54
CA GLN A 48 10.41 10.28 -1.98
C GLN A 48 11.82 10.84 -1.79
N ASP A 49 12.81 10.21 -2.35
CA ASP A 49 14.20 10.71 -2.19
C ASP A 49 14.26 12.21 -2.47
N GLY A 50 13.30 12.73 -3.20
CA GLY A 50 13.29 14.19 -3.50
C GLY A 50 11.89 14.62 -3.91
N LYS A 51 10.88 13.98 -3.37
CA LYS A 51 9.48 14.35 -3.72
C LYS A 51 8.70 14.75 -2.47
N SER A 52 7.48 15.14 -2.64
CA SER A 52 6.65 15.55 -1.47
C SER A 52 5.50 14.56 -1.27
N LYS A 53 5.65 13.38 -1.81
CA LYS A 53 4.62 12.32 -1.69
C LYS A 53 4.75 11.33 -2.84
N GLY A 54 5.89 11.26 -3.48
CA GLY A 54 6.04 10.26 -4.57
C GLY A 54 5.54 8.95 -3.99
N ILE A 55 5.58 8.85 -2.68
CA ILE A 55 5.08 7.64 -2.02
C ILE A 55 3.80 7.96 -1.23
N ALA A 56 3.09 6.96 -0.81
CA ALA A 56 1.84 7.18 -0.02
C ALA A 56 1.47 5.88 0.69
N TYR A 57 1.25 5.91 1.97
CA TYR A 57 0.89 4.65 2.68
C TYR A 57 -0.56 4.27 2.38
N ILE A 58 -0.89 3.01 2.50
CA ILE A 58 -2.29 2.59 2.20
C ILE A 58 -2.68 1.39 3.06
N GLU A 59 -3.65 1.57 3.93
CA GLU A 59 -4.08 0.43 4.80
C GLU A 59 -5.39 -0.14 4.29
N PHE A 60 -5.49 -1.44 4.16
CA PHE A 60 -6.76 -2.02 3.65
C PHE A 60 -7.47 -2.77 4.78
N LYS A 61 -8.67 -3.20 4.53
CA LYS A 61 -9.45 -3.93 5.57
C LYS A 61 -8.83 -5.31 5.81
N SER A 62 -8.13 -5.83 4.85
CA SER A 62 -7.50 -7.17 5.03
C SER A 62 -6.41 -7.40 3.97
N GLU A 63 -5.57 -8.38 4.17
CA GLU A 63 -4.50 -8.65 3.17
C GLU A 63 -5.12 -8.90 1.79
N ALA A 64 -6.27 -9.51 1.76
CA ALA A 64 -6.92 -9.78 0.44
C ALA A 64 -7.24 -8.45 -0.25
N ASP A 65 -7.71 -7.50 0.49
CA ASP A 65 -8.01 -6.18 -0.12
C ASP A 65 -6.70 -5.51 -0.52
N ALA A 66 -5.80 -5.38 0.42
CA ALA A 66 -4.48 -4.75 0.09
C ALA A 66 -3.78 -5.57 -1.00
N GLU A 67 -4.02 -6.85 -1.04
CA GLU A 67 -3.37 -7.70 -2.09
C GLU A 67 -4.01 -7.44 -3.45
N LYS A 68 -5.32 -7.54 -3.52
CA LYS A 68 -6.01 -7.30 -4.82
C LYS A 68 -5.70 -5.89 -5.31
N ASN A 69 -5.60 -4.95 -4.41
CA ASN A 69 -5.29 -3.56 -4.81
C ASN A 69 -3.79 -3.43 -5.10
N LEU A 70 -2.97 -4.05 -4.29
CA LEU A 70 -1.50 -3.98 -4.53
C LEU A 70 -1.11 -4.81 -5.74
N GLU A 71 -1.98 -5.68 -6.19
CA GLU A 71 -1.66 -6.52 -7.37
C GLU A 71 -2.50 -6.09 -8.58
N GLU A 72 -3.60 -5.43 -8.34
CA GLU A 72 -4.46 -5.00 -9.46
C GLU A 72 -4.41 -3.47 -9.62
N LYS A 73 -3.81 -2.78 -8.70
CA LYS A 73 -3.74 -1.29 -8.82
C LYS A 73 -2.29 -0.83 -8.96
N GLN A 74 -1.35 -1.63 -8.52
CA GLN A 74 0.09 -1.24 -8.63
C GLN A 74 0.38 -0.65 -10.01
N GLY A 75 0.26 0.65 -10.14
CA GLY A 75 0.53 1.28 -11.46
C GLY A 75 -0.48 2.40 -11.70
N ALA A 76 -1.73 2.08 -11.84
CA ALA A 76 -2.77 3.12 -12.08
C ALA A 76 -2.24 4.19 -13.03
N GLU A 77 -2.48 4.03 -14.31
CA GLU A 77 -1.98 5.04 -15.29
C GLU A 77 -2.52 6.43 -14.93
N ILE A 78 -1.81 7.16 -14.10
CA ILE A 78 -2.28 8.52 -13.72
C ILE A 78 -1.12 9.50 -13.72
N ASP A 79 -1.38 10.75 -13.48
CA ASP A 79 -0.28 11.76 -13.47
C ASP A 79 0.69 11.48 -14.62
N GLY A 80 0.20 10.95 -15.70
CA GLY A 80 1.08 10.65 -16.86
C GLY A 80 2.15 9.64 -16.43
N ARG A 81 1.80 8.74 -15.54
CA ARG A 81 2.79 7.72 -15.08
C ARG A 81 2.11 6.66 -14.23
N SER A 82 2.78 5.56 -13.98
CA SER A 82 2.17 4.48 -13.16
C SER A 82 2.74 4.52 -11.74
N VAL A 83 1.90 4.38 -10.75
CA VAL A 83 2.40 4.41 -9.34
C VAL A 83 2.70 2.98 -8.88
N SER A 84 3.66 2.81 -8.01
CA SER A 84 3.99 1.44 -7.53
C SER A 84 3.52 1.26 -6.09
N LEU A 85 3.29 0.05 -5.67
CA LEU A 85 2.82 -0.19 -4.28
C LEU A 85 3.83 -1.05 -3.53
N TYR A 86 4.30 -0.59 -2.41
CA TYR A 86 5.28 -1.40 -1.62
C TYR A 86 4.59 -2.00 -0.41
N TYR A 87 4.12 -3.21 -0.53
CA TYR A 87 3.44 -3.86 0.60
C TYR A 87 4.31 -3.80 1.84
N THR A 88 3.94 -4.50 2.88
CA THR A 88 4.75 -4.49 4.12
C THR A 88 4.49 -5.75 4.93
N GLY A 89 4.25 -6.85 4.27
CA GLY A 89 3.99 -8.12 5.00
C GLY A 89 5.10 -9.12 4.72
N GLU A 90 6.04 -8.73 3.94
CA GLU A 90 7.18 -9.62 3.58
C GLU A 90 6.66 -11.03 3.26
N LYS A 91 5.77 -11.14 2.31
CA LYS A 91 5.23 -12.48 1.95
C LYS A 91 5.85 -12.96 0.64
N GLY A 92 6.29 -12.06 -0.20
CA GLY A 92 6.90 -12.47 -1.49
C GLY A 92 7.87 -13.64 -1.24
N GLY A 93 8.14 -14.42 -2.26
CA GLY A 93 9.06 -15.58 -2.08
C GLY A 93 8.28 -16.79 -1.59
N THR A 94 7.70 -17.54 -2.50
CA THR A 94 6.92 -18.73 -2.10
C THR A 94 7.85 -19.93 -1.87
N ARG A 95 7.97 -20.38 -0.65
CA ARG A 95 8.87 -21.53 -0.35
C ARG A 95 8.76 -22.59 -1.46
N GLY A 96 9.87 -22.93 -2.06
CA GLY A 96 9.84 -23.96 -3.14
C GLY A 96 10.27 -23.32 -4.46
N SER A 1 -10.48 -23.31 0.04
CA SER A 1 -9.73 -22.02 0.15
C SER A 1 -8.66 -22.12 1.23
N HIS A 2 -9.02 -22.56 2.41
CA HIS A 2 -8.02 -22.68 3.50
C HIS A 2 -8.71 -23.08 4.81
N MET A 3 -7.96 -23.30 5.85
CA MET A 3 -8.58 -23.69 7.15
C MET A 3 -8.15 -22.72 8.26
N LEU A 4 -9.05 -22.36 9.12
CA LEU A 4 -8.69 -21.42 10.23
C LEU A 4 -9.13 -21.99 11.58
N GLU A 5 -8.22 -22.12 12.50
CA GLU A 5 -8.59 -22.68 13.84
C GLU A 5 -8.60 -21.56 14.89
N ASP A 6 -7.45 -21.18 15.37
CA ASP A 6 -7.40 -20.09 16.39
C ASP A 6 -8.19 -18.88 15.91
N PRO A 7 -8.23 -17.87 16.75
CA PRO A 7 -8.96 -16.63 16.41
C PRO A 7 -8.11 -15.71 15.54
N CYS A 8 -7.12 -16.23 14.89
CA CYS A 8 -6.25 -15.38 14.03
C CYS A 8 -5.16 -16.23 13.37
N THR A 9 -4.16 -16.62 14.13
CA THR A 9 -3.07 -17.45 13.55
C THR A 9 -2.25 -16.66 12.53
N SER A 10 -2.54 -15.40 12.37
CA SER A 10 -1.79 -14.58 11.39
C SER A 10 -1.64 -13.13 11.89
N LYS A 11 -0.93 -12.95 12.98
CA LYS A 11 -0.74 -11.57 13.50
C LYS A 11 0.09 -10.75 12.52
N LYS A 12 1.15 -11.31 12.00
CA LYS A 12 1.98 -10.56 11.03
C LYS A 12 1.26 -10.47 9.69
N VAL A 13 0.12 -11.10 9.58
CA VAL A 13 -0.64 -11.04 8.32
C VAL A 13 -1.13 -9.61 8.09
N ARG A 14 -1.49 -8.93 9.15
CA ARG A 14 -1.97 -7.54 9.02
C ARG A 14 -1.03 -6.74 8.11
N ALA A 15 0.26 -6.90 8.28
CA ALA A 15 1.21 -6.15 7.41
C ALA A 15 0.79 -6.29 5.95
N ALA A 16 0.07 -7.33 5.63
CA ALA A 16 -0.36 -7.54 4.21
C ALA A 16 -1.28 -6.40 3.76
N ARG A 17 -2.29 -6.12 4.52
CA ARG A 17 -3.21 -5.02 4.12
C ARG A 17 -2.44 -3.69 4.07
N THR A 18 -1.23 -3.66 4.55
CA THR A 18 -0.44 -2.39 4.51
C THR A 18 0.67 -2.49 3.47
N LEU A 19 0.46 -1.95 2.30
CA LEU A 19 1.53 -2.00 1.26
C LEU A 19 2.07 -0.60 1.01
N LEU A 20 3.14 -0.50 0.27
CA LEU A 20 3.73 0.85 0.02
C LEU A 20 3.49 1.31 -1.43
N ALA A 21 2.83 2.42 -1.61
CA ALA A 21 2.59 2.92 -3.00
C ALA A 21 3.86 3.59 -3.53
N LYS A 22 4.13 3.46 -4.80
CA LYS A 22 5.37 4.09 -5.35
C LYS A 22 5.13 4.56 -6.79
N ASN A 23 6.13 5.13 -7.40
CA ASN A 23 5.97 5.61 -8.81
C ASN A 23 4.86 6.67 -8.88
N LEU A 24 4.45 7.18 -7.75
CA LEU A 24 3.38 8.21 -7.75
C LEU A 24 3.87 9.48 -8.45
N SER A 25 3.13 10.55 -8.33
CA SER A 25 3.55 11.82 -8.99
C SER A 25 3.58 12.96 -7.97
N PHE A 26 3.88 14.16 -8.40
CA PHE A 26 3.92 15.31 -7.46
C PHE A 26 2.52 15.89 -7.28
N ASN A 27 1.60 15.51 -8.11
CA ASN A 27 0.22 16.04 -7.99
C ASN A 27 -0.69 15.02 -7.29
N ILE A 28 -0.56 13.76 -7.64
CA ILE A 28 -1.42 12.72 -7.00
C ILE A 28 -1.46 12.92 -5.48
N THR A 29 -2.36 12.25 -4.81
CA THR A 29 -2.46 12.42 -3.33
C THR A 29 -3.30 11.29 -2.74
N GLU A 30 -3.43 11.24 -1.44
CA GLU A 30 -4.25 10.18 -0.81
C GLU A 30 -5.62 10.12 -1.49
N ASP A 31 -6.10 11.23 -1.95
CA ASP A 31 -7.42 11.25 -2.64
C ASP A 31 -7.36 10.33 -3.87
N GLU A 32 -6.46 10.59 -4.76
CA GLU A 32 -6.34 9.73 -5.97
C GLU A 32 -5.98 8.30 -5.55
N LEU A 33 -5.26 8.16 -4.46
CA LEU A 33 -4.91 6.81 -3.98
C LEU A 33 -6.17 6.18 -3.40
N LYS A 34 -6.93 6.94 -2.69
CA LYS A 34 -8.18 6.40 -2.12
C LYS A 34 -9.18 6.18 -3.25
N GLU A 35 -8.99 6.87 -4.33
CA GLU A 35 -9.88 6.73 -5.49
C GLU A 35 -9.37 5.60 -6.38
N VAL A 36 -8.09 5.31 -6.30
CA VAL A 36 -7.52 4.22 -7.13
C VAL A 36 -7.77 2.89 -6.43
N PHE A 37 -7.61 2.85 -5.14
CA PHE A 37 -7.85 1.59 -4.40
C PHE A 37 -9.33 1.42 -4.10
N GLU A 38 -10.00 2.51 -3.79
CA GLU A 38 -11.46 2.46 -3.49
C GLU A 38 -11.82 1.17 -2.73
N ASP A 39 -10.91 0.64 -1.97
CA ASP A 39 -11.20 -0.61 -1.22
C ASP A 39 -10.41 -0.65 0.08
N ALA A 40 -9.21 -0.14 0.07
CA ALA A 40 -8.39 -0.15 1.32
C ALA A 40 -9.01 0.75 2.38
N LEU A 41 -8.43 0.81 3.55
CA LEU A 41 -8.98 1.67 4.61
C LEU A 41 -8.54 3.11 4.40
N GLU A 42 -7.27 3.32 4.21
CA GLU A 42 -6.76 4.71 3.99
C GLU A 42 -5.40 4.68 3.30
N ILE A 43 -4.97 5.79 2.75
CA ILE A 43 -3.65 5.82 2.07
C ILE A 43 -2.83 7.00 2.59
N ARG A 44 -1.54 6.82 2.67
CA ARG A 44 -0.67 7.92 3.15
C ARG A 44 0.36 8.24 2.05
N LEU A 45 0.94 9.40 2.08
CA LEU A 45 1.93 9.76 1.02
C LEU A 45 3.35 9.66 1.58
N VAL A 46 4.33 9.63 0.72
CA VAL A 46 5.73 9.53 1.20
C VAL A 46 6.70 10.11 0.17
N SER A 47 7.57 10.97 0.62
CA SER A 47 8.55 11.61 -0.30
C SER A 47 9.97 11.46 0.27
N GLN A 48 10.85 12.36 -0.08
CA GLN A 48 12.25 12.29 0.45
C GLN A 48 12.36 13.09 1.75
N ASP A 49 13.56 13.36 2.20
CA ASP A 49 13.72 14.15 3.45
C ASP A 49 12.80 15.38 3.42
N GLY A 50 12.44 15.82 2.25
CA GLY A 50 11.54 17.01 2.15
C GLY A 50 11.27 17.32 0.68
N LYS A 51 10.88 16.33 -0.09
CA LYS A 51 10.61 16.57 -1.53
C LYS A 51 9.85 15.38 -2.11
N SER A 52 8.63 15.60 -2.55
CA SER A 52 7.82 14.49 -3.12
C SER A 52 8.70 13.50 -3.89
N LYS A 53 8.60 12.25 -3.57
CA LYS A 53 9.41 11.22 -4.28
C LYS A 53 8.48 10.28 -5.04
N GLY A 54 7.22 10.29 -4.71
CA GLY A 54 6.25 9.41 -5.41
C GLY A 54 5.99 8.15 -4.57
N ILE A 55 6.10 8.24 -3.27
CA ILE A 55 5.85 7.03 -2.44
C ILE A 55 4.63 7.28 -1.55
N ALA A 56 4.03 6.25 -1.03
CA ALA A 56 2.84 6.44 -0.15
C ALA A 56 2.53 5.15 0.63
N TYR A 57 1.96 5.27 1.79
CA TYR A 57 1.64 4.05 2.59
C TYR A 57 0.15 3.73 2.44
N ILE A 58 -0.17 2.56 1.99
CA ILE A 58 -1.61 2.21 1.80
C ILE A 58 -2.01 1.08 2.76
N GLU A 59 -3.04 1.28 3.53
CA GLU A 59 -3.49 0.23 4.48
C GLU A 59 -4.89 -0.25 4.08
N PHE A 60 -5.01 -1.47 3.64
CA PHE A 60 -6.34 -1.97 3.23
C PHE A 60 -7.06 -2.65 4.39
N LYS A 61 -8.27 -3.10 4.17
CA LYS A 61 -9.03 -3.76 5.26
C LYS A 61 -8.55 -5.21 5.43
N SER A 62 -7.89 -5.74 4.44
CA SER A 62 -7.40 -7.15 4.54
C SER A 62 -6.36 -7.43 3.46
N GLU A 63 -5.53 -8.41 3.67
CA GLU A 63 -4.49 -8.73 2.65
C GLU A 63 -5.14 -8.93 1.28
N ALA A 64 -6.30 -9.52 1.26
CA ALA A 64 -6.99 -9.73 -0.04
C ALA A 64 -7.31 -8.39 -0.68
N ASP A 65 -7.73 -7.43 0.11
CA ASP A 65 -8.03 -6.09 -0.46
C ASP A 65 -6.72 -5.47 -0.95
N ALA A 66 -5.74 -5.39 -0.08
CA ALA A 66 -4.43 -4.82 -0.49
C ALA A 66 -3.83 -5.69 -1.60
N GLU A 67 -3.93 -6.98 -1.48
CA GLU A 67 -3.37 -7.88 -2.51
C GLU A 67 -4.21 -7.80 -3.79
N LYS A 68 -5.51 -7.81 -3.66
CA LYS A 68 -6.38 -7.72 -4.86
C LYS A 68 -6.10 -6.42 -5.60
N ASN A 69 -5.88 -5.35 -4.87
CA ASN A 69 -5.59 -4.05 -5.52
C ASN A 69 -4.20 -4.11 -6.16
N LEU A 70 -3.21 -4.51 -5.41
CA LEU A 70 -1.84 -4.60 -5.97
C LEU A 70 -1.86 -5.40 -7.27
N GLU A 71 -2.58 -6.49 -7.28
CA GLU A 71 -2.68 -7.31 -8.50
C GLU A 71 -3.72 -6.71 -9.45
N GLU A 72 -4.79 -6.19 -8.90
CA GLU A 72 -5.84 -5.58 -9.75
C GLU A 72 -5.22 -4.58 -10.73
N LYS A 73 -4.46 -3.65 -10.23
CA LYS A 73 -3.83 -2.64 -11.14
C LYS A 73 -2.89 -1.72 -10.36
N GLN A 74 -2.11 -2.27 -9.47
CA GLN A 74 -1.17 -1.44 -8.67
C GLN A 74 -1.82 -0.10 -8.29
N GLY A 75 -1.62 0.92 -9.07
CA GLY A 75 -2.22 2.23 -8.73
C GLY A 75 -2.89 2.87 -9.94
N ALA A 76 -3.59 2.10 -10.73
CA ALA A 76 -4.31 2.66 -11.93
C ALA A 76 -3.44 3.64 -12.73
N GLU A 77 -3.11 3.30 -13.94
CA GLU A 77 -2.28 4.21 -14.78
C GLU A 77 -2.90 5.62 -14.79
N ILE A 78 -2.51 6.46 -13.86
CA ILE A 78 -3.07 7.84 -13.83
C ILE A 78 -1.92 8.85 -13.68
N ASP A 79 -2.23 10.12 -13.63
CA ASP A 79 -1.13 11.11 -13.50
C ASP A 79 0.01 10.77 -14.45
N GLY A 80 -0.29 10.11 -15.54
CA GLY A 80 0.77 9.75 -16.51
C GLY A 80 1.49 8.49 -16.05
N ARG A 81 0.87 7.70 -15.20
CA ARG A 81 1.52 6.45 -14.72
C ARG A 81 0.69 5.81 -13.60
N SER A 82 0.71 4.51 -13.52
CA SER A 82 -0.09 3.83 -12.45
C SER A 82 0.69 3.87 -11.13
N VAL A 83 0.07 4.24 -10.05
CA VAL A 83 0.81 4.27 -8.76
C VAL A 83 1.25 2.84 -8.41
N SER A 84 2.53 2.62 -8.30
CA SER A 84 3.04 1.25 -8.00
C SER A 84 2.75 0.84 -6.57
N LEU A 85 2.45 -0.42 -6.36
CA LEU A 85 2.17 -0.90 -4.98
C LEU A 85 3.31 -1.80 -4.51
N TYR A 86 3.93 -1.47 -3.41
CA TYR A 86 5.03 -2.30 -2.89
C TYR A 86 4.57 -3.06 -1.66
N TYR A 87 3.81 -4.08 -1.87
CA TYR A 87 3.29 -4.88 -0.74
C TYR A 87 4.30 -5.94 -0.35
N THR A 88 4.07 -6.55 0.77
CA THR A 88 4.98 -7.64 1.25
C THR A 88 4.76 -7.95 2.73
N GLY A 89 3.56 -7.80 3.22
CA GLY A 89 3.31 -8.10 4.65
C GLY A 89 4.37 -7.42 5.51
N GLU A 90 4.93 -6.39 4.99
CA GLU A 90 5.99 -5.65 5.74
C GLU A 90 5.89 -4.16 5.44
N LYS A 91 4.69 -3.63 5.38
CA LYS A 91 4.51 -2.18 5.11
C LYS A 91 5.55 -1.71 4.09
N GLY A 92 5.63 -2.40 2.98
CA GLY A 92 6.60 -2.02 1.93
C GLY A 92 7.97 -2.60 2.27
N GLY A 93 8.78 -2.86 1.28
CA GLY A 93 10.13 -3.42 1.55
C GLY A 93 11.21 -2.40 1.15
N THR A 94 10.91 -1.56 0.21
CA THR A 94 11.92 -0.54 -0.22
C THR A 94 13.26 -1.22 -0.54
N ARG A 95 14.10 -1.37 0.46
CA ARG A 95 15.42 -2.03 0.23
C ARG A 95 16.01 -1.62 -1.13
N GLY A 96 15.87 -0.37 -1.49
CA GLY A 96 16.42 0.08 -2.79
C GLY A 96 15.27 0.36 -3.76
N SER A 1 -15.61 -20.93 12.28
CA SER A 1 -16.29 -20.57 13.56
C SER A 1 -15.50 -19.49 14.29
N HIS A 2 -15.29 -18.36 13.67
CA HIS A 2 -14.51 -17.27 14.33
C HIS A 2 -14.55 -16.00 13.48
N MET A 3 -15.00 -14.91 14.03
CA MET A 3 -15.06 -13.65 13.25
C MET A 3 -13.92 -12.70 13.67
N LEU A 4 -13.46 -12.82 14.88
CA LEU A 4 -12.34 -11.94 15.34
C LEU A 4 -11.23 -12.78 15.96
N GLU A 5 -10.02 -12.31 15.88
CA GLU A 5 -8.88 -13.08 16.46
C GLU A 5 -7.79 -12.13 16.97
N ASP A 6 -8.14 -10.89 17.19
CA ASP A 6 -7.12 -9.91 17.68
C ASP A 6 -6.31 -10.52 18.84
N PRO A 7 -5.02 -10.57 18.66
CA PRO A 7 -4.12 -11.14 19.68
C PRO A 7 -3.78 -10.09 20.75
N CYS A 8 -4.67 -9.19 21.01
CA CYS A 8 -4.41 -8.13 22.05
C CYS A 8 -3.38 -7.12 21.55
N THR A 9 -3.29 -6.95 20.25
CA THR A 9 -2.33 -5.98 19.69
C THR A 9 -2.33 -6.05 18.16
N SER A 10 -2.44 -7.24 17.62
CA SER A 10 -2.45 -7.39 16.14
C SER A 10 -1.41 -6.46 15.50
N LYS A 11 -0.32 -6.22 16.18
CA LYS A 11 0.72 -5.33 15.60
C LYS A 11 1.20 -5.86 14.26
N LYS A 12 1.46 -7.13 14.15
CA LYS A 12 1.92 -7.71 12.86
C LYS A 12 0.72 -8.20 12.05
N VAL A 13 -0.46 -7.85 12.48
CA VAL A 13 -1.68 -8.27 11.74
C VAL A 13 -2.25 -7.08 10.96
N ARG A 14 -1.93 -5.89 11.38
CA ARG A 14 -2.44 -4.69 10.67
C ARG A 14 -1.48 -4.31 9.54
N ALA A 15 -0.22 -4.63 9.69
CA ALA A 15 0.77 -4.27 8.63
C ALA A 15 0.69 -5.30 7.49
N ALA A 16 0.02 -6.39 7.70
CA ALA A 16 -0.07 -7.43 6.64
C ALA A 16 -1.03 -6.97 5.53
N ARG A 17 -2.12 -6.37 5.90
CA ARG A 17 -3.10 -5.89 4.87
C ARG A 17 -2.72 -4.48 4.42
N THR A 18 -1.49 -4.09 4.59
CA THR A 18 -1.08 -2.73 4.17
C THR A 18 0.02 -2.80 3.11
N LEU A 19 0.16 -1.77 2.31
CA LEU A 19 1.20 -1.77 1.25
C LEU A 19 1.73 -0.36 1.03
N LEU A 20 2.89 -0.22 0.47
CA LEU A 20 3.46 1.14 0.23
C LEU A 20 3.35 1.50 -1.26
N ALA A 21 2.68 2.57 -1.58
CA ALA A 21 2.55 2.97 -3.01
C ALA A 21 3.75 3.82 -3.42
N LYS A 22 4.21 3.68 -4.63
CA LYS A 22 5.38 4.48 -5.07
C LYS A 22 5.29 4.77 -6.57
N ASN A 23 6.26 5.48 -7.10
CA ASN A 23 6.24 5.79 -8.56
C ASN A 23 5.07 6.73 -8.89
N LEU A 24 4.45 7.30 -7.89
CA LEU A 24 3.31 8.22 -8.15
C LEU A 24 3.83 9.52 -8.78
N SER A 25 3.11 10.60 -8.62
CA SER A 25 3.57 11.89 -9.20
C SER A 25 4.16 12.77 -8.11
N PHE A 26 4.54 13.98 -8.43
CA PHE A 26 5.12 14.88 -7.40
C PHE A 26 4.00 15.66 -6.70
N ASN A 27 2.80 15.54 -7.17
CA ASN A 27 1.68 16.27 -6.54
C ASN A 27 0.59 15.29 -6.07
N ILE A 28 0.64 14.06 -6.50
CA ILE A 28 -0.40 13.07 -6.08
C ILE A 28 -0.67 13.20 -4.58
N THR A 29 -1.84 12.86 -4.13
CA THR A 29 -2.15 12.98 -2.68
C THR A 29 -3.07 11.84 -2.23
N GLU A 30 -3.38 11.78 -0.96
CA GLU A 30 -4.27 10.70 -0.46
C GLU A 30 -5.55 10.67 -1.29
N ASP A 31 -5.95 11.80 -1.83
CA ASP A 31 -7.18 11.82 -2.66
C ASP A 31 -7.01 10.85 -3.83
N GLU A 32 -5.98 11.03 -4.60
CA GLU A 32 -5.74 10.11 -5.75
C GLU A 32 -5.45 8.71 -5.22
N LEU A 33 -4.77 8.62 -4.11
CA LEU A 33 -4.46 7.29 -3.53
C LEU A 33 -5.77 6.70 -3.02
N LYS A 34 -6.65 7.53 -2.55
CA LYS A 34 -7.95 7.03 -2.05
C LYS A 34 -8.88 6.80 -3.24
N GLU A 35 -8.58 7.45 -4.33
CA GLU A 35 -9.43 7.28 -5.54
C GLU A 35 -9.05 5.99 -6.25
N VAL A 36 -7.79 5.65 -6.24
CA VAL A 36 -7.34 4.39 -6.90
C VAL A 36 -7.48 3.22 -5.91
N PHE A 37 -7.14 3.46 -4.67
CA PHE A 37 -7.24 2.38 -3.66
C PHE A 37 -8.57 2.47 -2.92
N GLU A 38 -9.65 2.65 -3.64
CA GLU A 38 -10.99 2.76 -2.99
C GLU A 38 -11.30 1.49 -2.19
N ASP A 39 -10.55 0.45 -2.41
CA ASP A 39 -10.80 -0.83 -1.67
C ASP A 39 -9.93 -0.88 -0.41
N ALA A 40 -9.40 0.24 0.00
CA ALA A 40 -8.55 0.24 1.23
C ALA A 40 -9.23 1.05 2.34
N LEU A 41 -8.79 0.89 3.56
CA LEU A 41 -9.40 1.66 4.68
C LEU A 41 -8.82 3.07 4.71
N GLU A 42 -7.53 3.18 4.61
CA GLU A 42 -6.89 4.52 4.65
C GLU A 42 -5.59 4.51 3.84
N ILE A 43 -5.06 5.67 3.56
CA ILE A 43 -3.79 5.73 2.79
C ILE A 43 -2.88 6.82 3.33
N ARG A 44 -1.61 6.55 3.39
CA ARG A 44 -0.65 7.57 3.89
C ARG A 44 0.18 8.09 2.71
N LEU A 45 0.78 9.24 2.84
CA LEU A 45 1.57 9.80 1.72
C LEU A 45 3.05 9.87 2.11
N VAL A 46 3.91 9.75 1.14
CA VAL A 46 5.37 9.81 1.45
C VAL A 46 6.13 10.54 0.35
N SER A 47 7.07 11.36 0.76
CA SER A 47 7.90 12.14 -0.19
C SER A 47 7.14 13.39 -0.63
N GLN A 48 7.58 14.03 -1.69
CA GLN A 48 6.88 15.27 -2.14
C GLN A 48 7.19 16.42 -1.18
N ASP A 49 6.89 16.24 0.07
CA ASP A 49 7.17 17.31 1.07
C ASP A 49 8.68 17.50 1.21
N GLY A 50 9.43 16.45 1.00
CA GLY A 50 10.90 16.54 1.11
C GLY A 50 11.53 16.20 -0.25
N LYS A 51 11.09 15.14 -0.85
CA LYS A 51 11.63 14.74 -2.18
C LYS A 51 10.54 14.00 -2.95
N SER A 52 9.79 14.71 -3.73
CA SER A 52 8.70 14.09 -4.49
C SER A 52 9.11 12.73 -5.03
N LYS A 53 8.81 11.70 -4.30
CA LYS A 53 9.13 10.33 -4.78
C LYS A 53 7.79 9.62 -4.98
N GLY A 54 6.73 10.38 -5.03
CA GLY A 54 5.39 9.79 -5.22
C GLY A 54 5.26 8.57 -4.32
N ILE A 55 5.56 8.69 -3.05
CA ILE A 55 5.43 7.51 -2.17
C ILE A 55 4.19 7.65 -1.27
N ALA A 56 3.63 6.57 -0.82
CA ALA A 56 2.43 6.69 0.06
C ALA A 56 2.11 5.32 0.67
N TYR A 57 1.65 5.30 1.89
CA TYR A 57 1.33 4.00 2.53
C TYR A 57 -0.14 3.66 2.30
N ILE A 58 -0.47 2.41 2.19
CA ILE A 58 -1.90 2.04 1.94
C ILE A 58 -2.31 0.91 2.88
N GLU A 59 -3.36 1.10 3.63
CA GLU A 59 -3.80 0.01 4.56
C GLU A 59 -5.21 -0.44 4.18
N PHE A 60 -5.34 -1.65 3.69
CA PHE A 60 -6.69 -2.15 3.29
C PHE A 60 -7.37 -2.87 4.45
N LYS A 61 -8.58 -3.33 4.24
CA LYS A 61 -9.31 -4.05 5.33
C LYS A 61 -8.66 -5.41 5.60
N SER A 62 -7.87 -5.88 4.69
CA SER A 62 -7.21 -7.21 4.89
C SER A 62 -6.24 -7.50 3.73
N GLU A 63 -5.31 -8.38 3.94
CA GLU A 63 -4.34 -8.71 2.87
C GLU A 63 -5.09 -9.02 1.57
N ALA A 64 -6.22 -9.66 1.66
CA ALA A 64 -7.00 -9.98 0.43
C ALA A 64 -7.43 -8.69 -0.26
N ASP A 65 -7.82 -7.70 0.50
CA ASP A 65 -8.22 -6.41 -0.12
C ASP A 65 -6.98 -5.73 -0.68
N ALA A 66 -5.98 -5.55 0.14
CA ALA A 66 -4.73 -4.91 -0.36
C ALA A 66 -4.09 -5.78 -1.44
N GLU A 67 -4.26 -7.08 -1.36
CA GLU A 67 -3.68 -7.97 -2.40
C GLU A 67 -4.47 -7.85 -3.70
N LYS A 68 -5.77 -7.98 -3.62
CA LYS A 68 -6.60 -7.85 -4.85
C LYS A 68 -6.36 -6.48 -5.47
N ASN A 69 -6.23 -5.47 -4.66
CA ASN A 69 -5.99 -4.11 -5.19
C ASN A 69 -4.53 -3.98 -5.65
N LEU A 70 -3.60 -4.37 -4.80
CA LEU A 70 -2.16 -4.28 -5.17
C LEU A 70 -1.92 -5.02 -6.48
N GLU A 71 -2.67 -6.05 -6.74
CA GLU A 71 -2.48 -6.82 -8.00
C GLU A 71 -3.30 -6.20 -9.14
N GLU A 72 -4.52 -5.81 -8.85
CA GLU A 72 -5.37 -5.20 -9.91
C GLU A 72 -5.21 -3.68 -9.92
N LYS A 73 -4.29 -3.15 -9.17
CA LYS A 73 -4.11 -1.67 -9.16
C LYS A 73 -2.64 -1.29 -9.39
N GLN A 74 -1.74 -2.19 -9.11
CA GLN A 74 -0.29 -1.88 -9.31
C GLN A 74 -0.07 -1.26 -10.69
N GLY A 75 -0.14 0.04 -10.77
CA GLY A 75 0.06 0.71 -12.09
C GLY A 75 -1.00 1.81 -12.27
N ALA A 76 -2.21 1.43 -12.58
CA ALA A 76 -3.28 2.44 -12.77
C ALA A 76 -2.74 3.66 -13.53
N GLU A 77 -2.88 3.67 -14.83
CA GLU A 77 -2.37 4.84 -15.63
C GLU A 77 -3.02 6.14 -15.12
N ILE A 78 -2.43 6.75 -14.14
CA ILE A 78 -3.00 8.02 -13.60
C ILE A 78 -1.89 9.04 -13.37
N ASP A 79 -2.23 10.22 -12.91
CA ASP A 79 -1.18 11.24 -12.67
C ASP A 79 -0.19 11.25 -13.83
N GLY A 80 -0.66 10.90 -15.01
CA GLY A 80 0.23 10.88 -16.19
C GLY A 80 1.29 9.80 -16.01
N ARG A 81 0.97 8.72 -15.33
CA ARG A 81 1.98 7.65 -15.13
C ARG A 81 1.37 6.50 -14.33
N SER A 82 2.00 5.36 -14.34
CA SER A 82 1.46 4.20 -13.57
C SER A 82 2.05 4.18 -12.16
N VAL A 83 1.22 4.05 -11.16
CA VAL A 83 1.73 4.02 -9.76
C VAL A 83 2.08 2.58 -9.36
N SER A 84 3.13 2.41 -8.61
CA SER A 84 3.52 1.04 -8.18
C SER A 84 3.06 0.77 -6.75
N LEU A 85 2.84 -0.46 -6.41
CA LEU A 85 2.39 -0.80 -5.03
C LEU A 85 3.38 -1.74 -4.36
N TYR A 86 3.90 -1.36 -3.22
CA TYR A 86 4.87 -2.25 -2.52
C TYR A 86 4.24 -2.84 -1.27
N TYR A 87 3.63 -3.99 -1.41
CA TYR A 87 2.98 -4.62 -0.23
C TYR A 87 3.93 -4.67 0.96
N THR A 88 3.50 -5.25 2.03
CA THR A 88 4.36 -5.33 3.24
C THR A 88 4.10 -6.66 3.95
N GLY A 89 3.74 -6.61 5.19
CA GLY A 89 3.45 -7.86 5.94
C GLY A 89 4.74 -8.64 6.15
N GLU A 90 5.83 -8.05 5.84
CA GLU A 90 7.15 -8.73 6.00
C GLU A 90 7.09 -10.12 5.34
N LYS A 91 6.55 -10.21 4.16
CA LYS A 91 6.46 -11.53 3.48
C LYS A 91 7.28 -11.51 2.17
N GLY A 92 7.34 -10.39 1.52
CA GLY A 92 8.11 -10.30 0.25
C GLY A 92 7.75 -11.49 -0.64
N GLY A 93 8.47 -11.68 -1.71
CA GLY A 93 8.17 -12.83 -2.62
C GLY A 93 9.44 -13.22 -3.39
N THR A 94 10.57 -13.25 -2.73
CA THR A 94 11.83 -13.62 -3.44
C THR A 94 12.64 -14.59 -2.57
N ARG A 95 12.19 -15.81 -2.48
CA ARG A 95 12.93 -16.81 -1.66
C ARG A 95 14.45 -16.66 -1.84
N GLY A 96 15.14 -16.24 -0.82
CA GLY A 96 16.62 -16.07 -0.94
C GLY A 96 17.09 -15.10 0.14
N SER A 1 -2.07 -20.67 31.15
CA SER A 1 -0.85 -20.39 30.34
C SER A 1 0.14 -19.53 31.13
N HIS A 2 1.40 -19.70 30.90
CA HIS A 2 2.42 -18.90 31.66
C HIS A 2 2.29 -17.43 31.29
N MET A 3 3.30 -16.65 31.58
CA MET A 3 3.24 -15.19 31.25
C MET A 3 2.94 -15.00 29.76
N LEU A 4 3.97 -14.92 28.94
CA LEU A 4 3.74 -14.73 27.49
C LEU A 4 2.64 -13.70 27.25
N GLU A 5 2.73 -12.57 27.88
CA GLU A 5 1.69 -11.51 27.70
C GLU A 5 2.09 -10.58 26.54
N ASP A 6 1.41 -9.46 26.42
CA ASP A 6 1.73 -8.51 25.32
C ASP A 6 1.60 -9.19 23.95
N PRO A 7 0.77 -8.61 23.12
CA PRO A 7 0.53 -9.17 21.77
C PRO A 7 1.62 -8.72 20.79
N CYS A 8 2.80 -8.45 21.28
CA CYS A 8 3.92 -8.01 20.38
C CYS A 8 3.61 -6.62 19.81
N THR A 9 2.54 -6.00 20.24
CA THR A 9 2.21 -4.64 19.72
C THR A 9 1.80 -4.71 18.24
N SER A 10 1.74 -5.89 17.68
CA SER A 10 1.36 -6.01 16.25
C SER A 10 2.20 -5.06 15.38
N LYS A 11 3.41 -4.80 15.79
CA LYS A 11 4.29 -3.89 15.00
C LYS A 11 4.40 -4.39 13.55
N LYS A 12 4.76 -5.63 13.36
CA LYS A 12 4.87 -6.16 11.97
C LYS A 12 3.49 -6.59 11.46
N VAL A 13 2.46 -6.26 12.18
CA VAL A 13 1.09 -6.63 11.73
C VAL A 13 0.45 -5.43 11.05
N ARG A 14 0.95 -4.25 11.31
CA ARG A 14 0.37 -3.04 10.67
C ARG A 14 0.93 -2.88 9.25
N ALA A 15 2.05 -3.50 8.97
CA ALA A 15 2.64 -3.39 7.62
C ALA A 15 1.94 -4.35 6.64
N ALA A 16 1.09 -5.20 7.14
CA ALA A 16 0.39 -6.16 6.24
C ALA A 16 -0.87 -5.53 5.66
N ARG A 17 -1.79 -5.13 6.50
CA ARG A 17 -3.03 -4.50 5.98
C ARG A 17 -2.71 -3.15 5.32
N THR A 18 -1.48 -2.72 5.39
CA THR A 18 -1.09 -1.43 4.77
C THR A 18 -0.11 -1.65 3.63
N LEU A 19 -0.37 -1.08 2.48
CA LEU A 19 0.56 -1.26 1.34
C LEU A 19 1.39 0.00 1.14
N LEU A 20 2.54 -0.12 0.56
CA LEU A 20 3.39 1.09 0.33
C LEU A 20 3.33 1.51 -1.13
N ALA A 21 2.46 2.43 -1.46
CA ALA A 21 2.37 2.89 -2.88
C ALA A 21 3.65 3.64 -3.25
N LYS A 22 4.07 3.53 -4.48
CA LYS A 22 5.32 4.25 -4.88
C LYS A 22 5.28 4.60 -6.37
N ASN A 23 6.26 5.31 -6.85
CA ASN A 23 6.27 5.69 -8.29
C ASN A 23 5.10 6.63 -8.60
N LEU A 24 4.54 7.25 -7.60
CA LEU A 24 3.39 8.18 -7.83
C LEU A 24 3.89 9.49 -8.45
N SER A 25 3.10 10.51 -8.40
CA SER A 25 3.53 11.81 -9.00
C SER A 25 3.68 12.86 -7.89
N PHE A 26 3.90 14.10 -8.27
CA PHE A 26 4.05 15.16 -7.24
C PHE A 26 2.71 15.84 -6.99
N ASN A 27 1.79 15.74 -7.91
CA ASN A 27 0.47 16.38 -7.71
C ASN A 27 -0.54 15.36 -7.19
N ILE A 28 -0.37 14.10 -7.53
CA ILE A 28 -1.32 13.05 -7.05
C ILE A 28 -1.60 13.26 -5.55
N THR A 29 -2.65 12.66 -5.04
CA THR A 29 -2.97 12.83 -3.60
C THR A 29 -3.88 11.69 -3.12
N GLU A 30 -4.26 11.73 -1.87
CA GLU A 30 -5.15 10.65 -1.34
C GLU A 30 -6.40 10.55 -2.21
N ASP A 31 -6.77 11.61 -2.86
CA ASP A 31 -7.96 11.57 -3.75
C ASP A 31 -7.73 10.54 -4.86
N GLU A 32 -6.68 10.71 -5.60
CA GLU A 32 -6.39 9.74 -6.71
C GLU A 32 -6.09 8.38 -6.10
N LEU A 33 -5.39 8.35 -5.00
CA LEU A 33 -5.09 7.05 -4.34
C LEU A 33 -6.39 6.49 -3.80
N LYS A 34 -7.27 7.36 -3.40
CA LYS A 34 -8.58 6.89 -2.87
C LYS A 34 -9.47 6.51 -4.05
N GLU A 35 -9.18 7.06 -5.19
CA GLU A 35 -9.97 6.74 -6.40
C GLU A 35 -9.52 5.40 -6.96
N VAL A 36 -8.26 5.11 -6.87
CA VAL A 36 -7.74 3.80 -7.37
C VAL A 36 -7.99 2.72 -6.33
N PHE A 37 -7.80 3.05 -5.08
CA PHE A 37 -8.02 2.06 -4.01
C PHE A 37 -9.30 2.36 -3.24
N GLU A 38 -10.42 2.34 -3.91
CA GLU A 38 -11.72 2.64 -3.22
C GLU A 38 -12.10 1.47 -2.30
N ASP A 39 -11.32 0.42 -2.31
CA ASP A 39 -11.64 -0.75 -1.43
C ASP A 39 -10.75 -0.75 -0.20
N ALA A 40 -10.04 0.33 0.05
CA ALA A 40 -9.16 0.38 1.25
C ALA A 40 -9.79 1.27 2.33
N LEU A 41 -9.27 1.20 3.53
CA LEU A 41 -9.83 2.04 4.62
C LEU A 41 -9.42 3.49 4.41
N GLU A 42 -8.17 3.70 4.12
CA GLU A 42 -7.67 5.08 3.90
C GLU A 42 -6.30 5.05 3.24
N ILE A 43 -5.83 6.17 2.77
CA ILE A 43 -4.50 6.20 2.11
C ILE A 43 -3.68 7.38 2.60
N ARG A 44 -2.40 7.20 2.72
CA ARG A 44 -1.53 8.31 3.19
C ARG A 44 -0.43 8.55 2.15
N LEU A 45 0.17 9.71 2.16
CA LEU A 45 1.24 10.00 1.16
C LEU A 45 2.61 9.84 1.80
N VAL A 46 3.64 9.67 1.02
CA VAL A 46 4.99 9.51 1.59
C VAL A 46 6.07 9.95 0.60
N SER A 47 7.10 10.58 1.08
CA SER A 47 8.19 11.05 0.18
C SER A 47 9.55 10.88 0.87
N GLN A 48 10.60 11.33 0.24
CA GLN A 48 11.95 11.20 0.85
C GLN A 48 12.06 12.06 2.10
N ASP A 49 13.21 12.09 2.72
CA ASP A 49 13.38 12.92 3.95
C ASP A 49 12.72 14.29 3.76
N GLY A 50 12.62 14.74 2.54
CA GLY A 50 11.99 16.06 2.29
C GLY A 50 11.83 16.28 0.78
N LYS A 51 11.26 15.33 0.10
CA LYS A 51 11.08 15.49 -1.38
C LYS A 51 10.06 14.47 -1.88
N SER A 52 8.94 14.93 -2.37
CA SER A 52 7.90 14.02 -2.88
C SER A 52 8.53 12.87 -3.66
N LYS A 53 8.49 11.68 -3.14
CA LYS A 53 9.08 10.52 -3.85
C LYS A 53 7.97 9.67 -4.48
N GLY A 54 6.75 10.13 -4.41
CA GLY A 54 5.62 9.37 -5.00
C GLY A 54 5.32 8.14 -4.14
N ILE A 55 5.52 8.23 -2.86
CA ILE A 55 5.22 7.05 -1.99
C ILE A 55 3.92 7.30 -1.21
N ALA A 56 3.27 6.27 -0.76
CA ALA A 56 2.00 6.49 -0.01
C ALA A 56 1.69 5.30 0.90
N TYR A 57 1.12 5.54 2.05
CA TYR A 57 0.77 4.41 2.97
C TYR A 57 -0.70 4.05 2.79
N ILE A 58 -0.97 3.09 1.97
CA ILE A 58 -2.39 2.68 1.72
C ILE A 58 -2.79 1.56 2.68
N GLU A 59 -3.87 1.72 3.40
CA GLU A 59 -4.30 0.66 4.34
C GLU A 59 -5.69 0.15 3.98
N PHE A 60 -5.81 -1.12 3.70
CA PHE A 60 -7.14 -1.67 3.34
C PHE A 60 -7.82 -2.30 4.55
N LYS A 61 -8.99 -2.82 4.35
CA LYS A 61 -9.71 -3.46 5.50
C LYS A 61 -8.94 -4.69 5.97
N SER A 62 -8.01 -5.16 5.17
CA SER A 62 -7.22 -6.35 5.56
C SER A 62 -6.18 -6.67 4.48
N GLU A 63 -5.09 -7.26 4.85
CA GLU A 63 -4.05 -7.59 3.83
C GLU A 63 -4.70 -8.23 2.61
N ALA A 64 -5.82 -8.89 2.78
CA ALA A 64 -6.50 -9.52 1.62
C ALA A 64 -7.03 -8.43 0.69
N ASP A 65 -7.74 -7.48 1.23
CA ASP A 65 -8.26 -6.38 0.38
C ASP A 65 -7.08 -5.61 -0.21
N ALA A 66 -6.12 -5.28 0.61
CA ALA A 66 -4.92 -4.56 0.11
C ALA A 66 -4.20 -5.41 -0.94
N GLU A 67 -4.03 -6.68 -0.67
CA GLU A 67 -3.35 -7.57 -1.64
C GLU A 67 -4.19 -7.69 -2.92
N LYS A 68 -5.48 -7.83 -2.77
CA LYS A 68 -6.35 -7.95 -3.97
C LYS A 68 -6.19 -6.70 -4.82
N ASN A 69 -6.23 -5.56 -4.20
CA ASN A 69 -6.07 -4.29 -4.97
C ASN A 69 -4.62 -4.17 -5.42
N LEU A 70 -3.70 -4.66 -4.63
CA LEU A 70 -2.26 -4.60 -5.00
C LEU A 70 -2.04 -5.30 -6.33
N GLU A 71 -2.45 -6.52 -6.44
CA GLU A 71 -2.27 -7.27 -7.72
C GLU A 71 -3.34 -6.86 -8.72
N GLU A 72 -4.47 -6.41 -8.25
CA GLU A 72 -5.56 -6.01 -9.17
C GLU A 72 -5.18 -4.75 -9.95
N LYS A 73 -4.47 -3.84 -9.33
CA LYS A 73 -4.09 -2.59 -10.06
C LYS A 73 -2.58 -2.55 -10.29
N GLN A 74 -1.81 -2.53 -9.25
CA GLN A 74 -0.33 -2.47 -9.40
C GLN A 74 0.05 -1.53 -10.55
N GLY A 75 0.32 -0.29 -10.25
CA GLY A 75 0.68 0.67 -11.33
C GLY A 75 -0.54 1.52 -11.69
N ALA A 76 -1.58 0.89 -12.17
CA ALA A 76 -2.81 1.64 -12.54
C ALA A 76 -2.45 2.95 -13.25
N GLU A 77 -2.50 2.98 -14.55
CA GLU A 77 -2.17 4.22 -15.30
C GLU A 77 -2.87 5.43 -14.67
N ILE A 78 -2.22 6.11 -13.78
CA ILE A 78 -2.83 7.31 -13.14
C ILE A 78 -1.75 8.39 -13.02
N ASP A 79 -2.10 9.55 -12.54
CA ASP A 79 -1.08 10.62 -12.40
C ASP A 79 -0.19 10.65 -13.65
N GLY A 80 -0.71 10.22 -14.76
CA GLY A 80 0.09 10.21 -16.02
C GLY A 80 1.24 9.22 -15.89
N ARG A 81 1.19 8.35 -14.92
CA ARG A 81 2.28 7.35 -14.73
C ARG A 81 1.74 6.11 -14.02
N SER A 82 2.56 5.12 -13.84
CA SER A 82 2.09 3.89 -13.13
C SER A 82 2.45 3.96 -11.65
N VAL A 83 1.51 3.78 -10.78
CA VAL A 83 1.79 3.83 -9.32
C VAL A 83 2.08 2.42 -8.80
N SER A 84 3.24 2.21 -8.25
CA SER A 84 3.59 0.86 -7.73
C SER A 84 3.09 0.69 -6.30
N LEU A 85 2.78 -0.52 -5.92
CA LEU A 85 2.29 -0.76 -4.53
C LEU A 85 3.18 -1.81 -3.84
N TYR A 86 3.87 -1.42 -2.81
CA TYR A 86 4.75 -2.39 -2.11
C TYR A 86 4.26 -2.59 -0.68
N TYR A 87 3.40 -3.54 -0.48
CA TYR A 87 2.87 -3.76 0.86
C TYR A 87 3.68 -4.79 1.67
N THR A 88 3.26 -4.99 2.88
CA THR A 88 3.93 -5.98 3.76
C THR A 88 5.45 -5.96 3.57
N GLY A 89 6.12 -5.00 4.15
CA GLY A 89 7.60 -4.92 4.01
C GLY A 89 7.98 -4.47 2.62
N GLU A 90 7.01 -4.16 1.82
CA GLU A 90 7.28 -3.70 0.43
C GLU A 90 7.76 -4.88 -0.44
N LYS A 91 7.71 -6.07 0.09
CA LYS A 91 8.17 -7.25 -0.70
C LYS A 91 7.49 -7.25 -2.08
N GLY A 92 6.36 -6.61 -2.19
CA GLY A 92 5.65 -6.58 -3.50
C GLY A 92 5.66 -7.98 -4.12
N GLY A 93 5.43 -8.06 -5.40
CA GLY A 93 5.42 -9.41 -6.06
C GLY A 93 6.80 -10.05 -5.92
N THR A 94 7.52 -10.18 -7.02
CA THR A 94 8.87 -10.79 -6.95
C THR A 94 9.96 -9.71 -6.92
N ARG A 95 9.73 -8.66 -6.17
CA ARG A 95 10.74 -7.57 -6.10
C ARG A 95 11.26 -7.24 -7.51
N GLY A 96 10.43 -6.68 -8.35
CA GLY A 96 10.88 -6.33 -9.73
C GLY A 96 10.85 -4.82 -9.91
#